data_5XF9
#
_entry.id   5XF9
#
_cell.length_a   131.590
_cell.length_b   190.090
_cell.length_c   124.580
_cell.angle_alpha   90.00
_cell.angle_beta   109.44
_cell.angle_gamma   90.00
#
_symmetry.space_group_name_H-M   'C 1 2 1'
#
loop_
_entity.id
_entity.type
_entity.pdbx_description
1 polymer 'NAD-reducing hydrogenase'
2 polymer 'NAD-reducing hydrogenase'
3 polymer 'NAD-reducing hydrogenase'
4 polymer 'NAD-reducing hydrogenase'
5 non-polymer 'FLAVIN MONONUCLEOTIDE'
6 non-polymer 'IRON/SULFUR CLUSTER'
7 non-polymer 'FE2/S2 (INORGANIC) CLUSTER'
8 non-polymer 'CARBONMONOXIDE-(DICYANO) IRON'
9 non-polymer 'NICKEL (III) ION'
10 non-polymer 'MAGNESIUM ION'
11 water water
#
loop_
_entity_poly.entity_id
_entity_poly.type
_entity_poly.pdbx_seq_one_letter_code
_entity_poly.pdbx_strand_id
1 'polypeptide(L)'
;MTTERQRTAPGLLAALHQARSRFGRPLDAQALAELSTAFSLPPGEIAATASFYHFFQTPPARYQIHFVDHVVDHHAGVAA
LCNHLCAAFAIQPGQRTADARLFVGWTACAGLSDQAPAALINGRPMPRLDAARIDALIEKIQAQIPMDQWPTEWFAVTNA
IHRHGPLLTWLDTTPAEAVFEHPTAHDPDAILQAVTDAGLRGRGGAGFPTATKWRFCRENADPERFLICNADEGEPGTFK
DRVLLTRYPEHLFAGMILAARAIGADKAILYLRYEYQYLLPQLEAARERIASAQATVPQAERVTLEIALGAGAYVCGEES
ALIESLEGKPGRPRVRPPYPVTQGYLGHPTVVNNVETLVAVAAIVGNGAAWWRALGTPDSSGPKLFCVSGDVAQPGLYEF
PYGVALGDVVTAARPLGTRYAVQVSGPSGTLLPATPEQLARPLAFEALPCNGTVMVFDVRRDPVAIVHHFARFFAHESCG
FCTPCRVGTQLIAKTFEKIAAGYATRFDLERLAPALEAMRLASNCGFGLSAGNPVRDLIAHFRQQLEAQLQPHDFIPAFS
LDAELAATRRLTGRDDPHAHLAQFEQPEVTR
;
A,E
2 'polypeptide(L)'
;MRPTTPPFASETFTLDEESIPFVPGQTVLEAALAAGRYIPHLCWHPEMGNHGSCRLCVVEANGRIQASCALPAQPGLQVV
SKSETLTRVRRTLLEMLFAEGNHFCPGCEKSGDCLLQALAYAHGMTASHFDPFYPQRRIDASHPDLWLDPNRCILCGLCV
RASLAEGKEALVIGGRGIASRLLATSASGRLGDTALAATDRAARICPVGALNFKAAGFTTPIGKRRFDHRPPEAMSDKER
YT
;
B,F
3 'polypeptide(L)'
;MTSAAPSAMPPRKIRIATASLAGCFGCHMSFADIDTRLLALAEWVTFDRSPLTDWKTVGECDIALIEGGVCNAENVEVLR
AYRRAARILVAVGACAINGGLPAQRNQHRVERLLTQVFEADRHLAPGSRVPNDPELPLLLEHVHPIHEIVRVDYYLPGCP
PTAEVIWTFLTDLLVGREPHFPYPTLRYD
;
C,G
4 'polypeptide(L)'
;MTQHAPQAVSPRPSLPANATRRVAIDPLSRVEGHGKVTIWLDDDGQVVEARLHIVEFRGFEAFIVGRPYWEAPVVVQRLC
GICPVSHHLAAAKALDRLVGVTQLPPTAEKMRRLMHYGQVLQSHALHFFYLAAPDLLLGFSADPAQRNVFGLAAQKRELA
RQGILVRQFGQECIEATAGKRIHGTSAVPGGIHKNLSRRERMALLSRAPEIRSWCEAAVALIERLFTEHAPFFAQFGSFQ
TKTFSLVAADGSLDLYDGTFRVKEANGAILIDHYDPNDYDQLLVEAVRPWSYMKFPYLKAYGEPDGFYRVGPSARLINCD
RLTTARAEAARQRFLTFDQGTVAHSTLGYHWARLIEMLHCAELIEALLTDADLEGGELRARGQRQHRGVGVIEAPRGTLI
HHYEVGDDDLITYCNLIVSTTHNNAVMNQAVTTAAKAFLSGVTLTEALLNHIEVAVRAFDPCLSCATH
;
D,H
#
# COMPACT_ATOMS: atom_id res chain seq x y z
N THR A 2 -15.42 -15.36 27.04
CA THR A 2 -14.64 -15.93 28.18
C THR A 2 -13.14 -15.74 27.90
N THR A 3 -12.46 -15.02 28.79
CA THR A 3 -11.00 -14.88 28.73
C THR A 3 -10.31 -15.91 29.63
N GLU A 4 -8.99 -15.97 29.53
CA GLU A 4 -8.16 -16.80 30.41
C GLU A 4 -8.39 -16.49 31.90
N ARG A 5 -8.64 -15.23 32.21
CA ARG A 5 -8.84 -14.79 33.58
C ARG A 5 -10.09 -15.39 34.22
N GLN A 6 -11.08 -15.72 33.39
CA GLN A 6 -12.34 -16.24 33.89
C GLN A 6 -12.35 -17.77 33.92
N ARG A 7 -11.18 -18.40 33.82
CA ARG A 7 -11.07 -19.86 33.87
C ARG A 7 -10.64 -20.28 35.29
N THR A 8 -11.55 -20.03 36.24
CA THR A 8 -11.27 -20.19 37.67
C THR A 8 -11.42 -21.62 38.13
N ALA A 9 -10.63 -21.98 39.13
CA ALA A 9 -10.73 -23.29 39.78
C ALA A 9 -10.29 -23.12 41.24
N PRO A 10 -11.13 -22.47 42.08
CA PRO A 10 -10.77 -22.04 43.45
C PRO A 10 -10.04 -23.05 44.36
N GLY A 11 -10.58 -24.25 44.54
CA GLY A 11 -9.88 -25.25 45.37
C GLY A 11 -8.57 -25.83 44.84
N LEU A 12 -8.22 -25.52 43.59
CA LEU A 12 -7.17 -26.24 42.86
C LEU A 12 -5.79 -26.22 43.50
N LEU A 13 -5.39 -25.08 44.05
CA LEU A 13 -4.07 -25.00 44.67
C LEU A 13 -3.95 -26.06 45.76
N ALA A 14 -4.92 -26.08 46.67
CA ALA A 14 -4.97 -27.07 47.76
C ALA A 14 -5.08 -28.48 47.23
N ALA A 15 -5.86 -28.65 46.17
CA ALA A 15 -5.98 -29.94 45.52
C ALA A 15 -4.66 -30.44 44.93
N LEU A 16 -3.83 -29.52 44.44
CA LEU A 16 -2.50 -29.86 43.94
C LEU A 16 -1.56 -30.23 45.09
N HIS A 17 -1.66 -29.52 46.22
CA HIS A 17 -0.96 -29.91 47.44
C HIS A 17 -1.33 -31.33 47.88
N GLN A 18 -2.63 -31.61 47.91
CA GLN A 18 -3.14 -32.93 48.30
C GLN A 18 -2.68 -34.05 47.39
N ALA A 19 -2.56 -33.76 46.09
CA ALA A 19 -2.21 -34.78 45.11
C ALA A 19 -0.72 -35.17 45.13
N ARG A 20 0.06 -34.49 45.96
CA ARG A 20 1.49 -34.78 46.09
C ARG A 20 1.86 -35.32 47.48
N SER A 21 1.04 -36.22 48.02
CA SER A 21 1.37 -36.85 49.32
C SER A 21 0.48 -38.04 49.67
N PRO A 26 3.52 -38.82 42.09
CA PRO A 26 3.85 -37.72 41.19
C PRO A 26 2.63 -37.21 40.43
N LEU A 27 2.71 -36.02 39.85
CA LEU A 27 1.59 -35.41 39.11
C LEU A 27 1.37 -36.08 37.76
N ASP A 28 0.91 -37.33 37.78
CA ASP A 28 0.78 -38.14 36.57
C ASP A 28 -0.53 -37.88 35.81
N ALA A 29 -0.63 -38.44 34.61
CA ALA A 29 -1.81 -38.28 33.75
C ALA A 29 -3.11 -38.84 34.36
N GLN A 30 -2.98 -39.85 35.23
CA GLN A 30 -4.13 -40.39 35.97
C GLN A 30 -4.57 -39.44 37.12
N ALA A 31 -3.62 -38.74 37.72
CA ALA A 31 -3.94 -37.71 38.73
C ALA A 31 -4.46 -36.42 38.07
N LEU A 32 -3.95 -36.10 36.89
CA LEU A 32 -4.43 -34.94 36.12
C LEU A 32 -5.85 -35.16 35.62
N ALA A 33 -6.12 -36.35 35.09
CA ALA A 33 -7.46 -36.72 34.61
C ALA A 33 -8.52 -36.62 35.72
N GLU A 34 -8.10 -36.88 36.95
CA GLU A 34 -8.97 -36.78 38.12
C GLU A 34 -9.29 -35.32 38.46
N LEU A 35 -8.25 -34.49 38.50
CA LEU A 35 -8.43 -33.04 38.74
C LEU A 35 -9.14 -32.36 37.59
N SER A 36 -8.87 -32.85 36.38
CA SER A 36 -9.56 -32.41 35.18
C SER A 36 -11.08 -32.63 35.31
N THR A 37 -11.47 -33.82 35.79
CA THR A 37 -12.87 -34.11 36.07
C THR A 37 -13.42 -33.14 37.11
N ALA A 38 -12.74 -33.04 38.25
CA ALA A 38 -13.23 -32.30 39.40
C ALA A 38 -13.42 -30.81 39.13
N PHE A 39 -12.47 -30.19 38.43
CA PHE A 39 -12.49 -28.74 38.20
C PHE A 39 -12.98 -28.34 36.80
N SER A 40 -13.30 -29.33 35.95
CA SER A 40 -13.85 -29.10 34.61
C SER A 40 -12.91 -28.22 33.80
N LEU A 41 -11.69 -28.70 33.68
CA LEU A 41 -10.64 -28.04 32.91
C LEU A 41 -9.80 -29.14 32.29
N PRO A 42 -9.22 -28.88 31.11
CA PRO A 42 -8.43 -29.95 30.51
C PRO A 42 -7.15 -30.21 31.29
N PRO A 43 -6.59 -31.43 31.18
CA PRO A 43 -5.44 -31.81 31.99
C PRO A 43 -4.21 -30.93 31.78
N GLY A 44 -3.94 -30.56 30.53
CA GLY A 44 -2.80 -29.70 30.19
C GLY A 44 -2.94 -28.28 30.75
N GLU A 45 -4.19 -27.84 30.91
CA GLU A 45 -4.47 -26.54 31.52
C GLU A 45 -4.18 -26.55 33.02
N ILE A 46 -4.46 -27.67 33.68
CA ILE A 46 -4.14 -27.83 35.10
C ILE A 46 -2.63 -27.97 35.28
N ALA A 47 -2.00 -28.74 34.43
CA ALA A 47 -0.54 -28.89 34.46
C ALA A 47 0.15 -27.55 34.24
N ALA A 48 -0.35 -26.74 33.32
CA ALA A 48 0.20 -25.42 33.06
C ALA A 48 0.15 -24.51 34.29
N THR A 49 -0.96 -24.55 35.02
CA THR A 49 -1.11 -23.78 36.25
C THR A 49 -0.16 -24.29 37.33
N ALA A 50 0.04 -25.60 37.38
CA ALA A 50 0.97 -26.19 38.32
C ALA A 50 2.39 -25.74 38.01
N SER A 51 2.75 -25.67 36.74
CA SER A 51 4.13 -25.31 36.36
C SER A 51 4.55 -23.93 36.89
N PHE A 52 3.59 -23.06 37.18
CA PHE A 52 3.88 -21.72 37.68
C PHE A 52 4.60 -21.70 39.03
N TYR A 53 4.38 -22.75 39.82
CA TYR A 53 4.78 -22.77 41.21
C TYR A 53 6.04 -23.58 41.38
N HIS A 54 7.02 -22.97 42.06
CA HIS A 54 8.35 -23.55 42.17
C HIS A 54 8.34 -24.94 42.77
N PHE A 55 7.50 -25.14 43.79
CA PHE A 55 7.49 -26.41 44.52
C PHE A 55 6.59 -27.49 43.90
N PHE A 56 5.79 -27.14 42.90
CA PHE A 56 5.13 -28.19 42.09
C PHE A 56 6.00 -28.65 40.92
N GLN A 57 7.16 -28.05 40.73
CA GLN A 57 8.05 -28.44 39.63
C GLN A 57 9.14 -29.43 40.02
N THR A 58 9.32 -29.67 41.31
CA THR A 58 10.40 -30.56 41.75
C THR A 58 10.23 -31.96 41.20
N PRO A 59 11.30 -32.53 40.61
CA PRO A 59 11.25 -33.96 40.32
C PRO A 59 10.97 -34.75 41.60
N PRO A 60 10.11 -35.76 41.53
CA PRO A 60 9.76 -36.54 42.72
C PRO A 60 10.91 -37.39 43.26
N ALA A 61 11.12 -37.33 44.57
CA ALA A 61 12.21 -38.04 45.23
C ALA A 61 11.96 -38.15 46.73
N ARG A 62 12.54 -39.16 47.37
CA ARG A 62 12.29 -39.43 48.78
C ARG A 62 12.66 -38.26 49.70
N TYR A 63 13.79 -37.63 49.41
CA TYR A 63 14.24 -36.41 50.08
C TYR A 63 14.42 -35.31 49.05
N GLN A 64 13.74 -34.19 49.24
CA GLN A 64 13.82 -33.07 48.31
C GLN A 64 14.43 -31.87 48.99
N ILE A 65 15.71 -31.62 48.71
CA ILE A 65 16.46 -30.58 49.40
C ILE A 65 16.57 -29.35 48.50
N HIS A 66 16.18 -28.20 49.04
CA HIS A 66 16.29 -26.93 48.35
C HIS A 66 17.17 -26.01 49.19
N PHE A 67 18.39 -25.74 48.72
CA PHE A 67 19.26 -24.80 49.40
C PHE A 67 18.75 -23.40 49.14
N VAL A 68 18.86 -22.53 50.12
CA VAL A 68 18.35 -21.19 50.00
C VAL A 68 19.36 -20.34 49.21
N ASP A 69 18.94 -19.95 48.01
CA ASP A 69 19.72 -19.10 47.12
C ASP A 69 19.42 -17.65 47.44
N HIS A 70 19.97 -17.17 48.55
CA HIS A 70 19.77 -15.81 49.05
C HIS A 70 21.14 -15.19 49.34
N VAL A 71 21.28 -13.91 49.09
CA VAL A 71 22.60 -13.23 49.19
C VAL A 71 23.31 -13.49 50.52
N VAL A 72 22.56 -13.48 51.61
CA VAL A 72 23.10 -13.67 52.95
C VAL A 72 23.57 -15.10 53.15
N ASP A 73 22.81 -16.07 52.63
CA ASP A 73 23.21 -17.48 52.69
C ASP A 73 24.49 -17.73 51.90
N HIS A 74 24.63 -17.07 50.75
CA HIS A 74 25.86 -17.17 49.95
C HIS A 74 27.06 -16.68 50.74
N HIS A 75 26.92 -15.51 51.36
CA HIS A 75 27.97 -14.99 52.24
C HIS A 75 28.33 -15.94 53.39
N ALA A 76 27.34 -16.63 53.92
CA ALA A 76 27.58 -17.63 54.94
C ALA A 76 27.94 -19.01 54.37
N GLY A 77 28.37 -19.06 53.12
CA GLY A 77 28.95 -20.27 52.54
C GLY A 77 28.00 -21.39 52.12
N VAL A 78 26.78 -21.04 51.70
CA VAL A 78 25.79 -22.07 51.34
C VAL A 78 26.18 -22.84 50.08
N ALA A 79 26.89 -22.17 49.17
CA ALA A 79 27.26 -22.78 47.89
C ALA A 79 28.17 -23.98 48.12
N ALA A 80 29.19 -23.79 48.96
CA ALA A 80 30.11 -24.86 49.31
C ALA A 80 29.38 -26.06 49.95
N LEU A 81 28.37 -25.78 50.77
CA LEU A 81 27.59 -26.83 51.42
C LEU A 81 26.72 -27.58 50.39
N CYS A 82 26.14 -26.85 49.44
CA CYS A 82 25.35 -27.45 48.38
C CYS A 82 26.21 -28.43 47.56
N ASN A 83 27.42 -28.00 47.20
CA ASN A 83 28.35 -28.83 46.45
C ASN A 83 28.86 -30.01 47.25
N HIS A 84 29.08 -29.80 48.54
CA HIS A 84 29.55 -30.84 49.46
C HIS A 84 28.58 -32.03 49.51
N LEU A 85 27.28 -31.73 49.57
CA LEU A 85 26.25 -32.76 49.56
C LEU A 85 26.06 -33.35 48.17
N CYS A 86 26.01 -32.49 47.16
CA CYS A 86 25.87 -32.90 45.76
C CYS A 86 26.99 -33.85 45.33
N ALA A 87 28.22 -33.52 45.71
CA ALA A 87 29.39 -34.32 45.35
C ALA A 87 29.32 -35.74 45.92
N ALA A 88 28.80 -35.85 47.15
CA ALA A 88 28.65 -37.15 47.80
C ALA A 88 27.75 -38.11 47.03
N PHE A 89 26.76 -37.58 46.33
CA PHE A 89 25.83 -38.42 45.56
C PHE A 89 26.05 -38.35 44.03
N ALA A 90 27.11 -37.66 43.62
CA ALA A 90 27.47 -37.55 42.20
C ALA A 90 26.38 -36.90 41.33
N ILE A 91 25.73 -35.87 41.88
CA ILE A 91 24.68 -35.13 41.17
C ILE A 91 24.97 -33.64 41.22
N GLN A 92 24.46 -32.91 40.23
CA GLN A 92 24.59 -31.46 40.17
C GLN A 92 23.34 -30.82 40.76
N PRO A 93 23.47 -29.58 41.27
CA PRO A 93 22.27 -28.91 41.75
C PRO A 93 21.26 -28.80 40.63
N GLY A 94 20.01 -29.11 40.93
CA GLY A 94 18.95 -29.06 39.92
C GLY A 94 18.52 -30.43 39.41
N GLN A 95 19.24 -31.48 39.79
CA GLN A 95 18.89 -32.82 39.33
C GLN A 95 18.80 -33.85 40.45
N ARG A 96 18.45 -35.07 40.05
CA ARG A 96 18.03 -36.12 40.96
C ARG A 96 18.87 -37.39 40.76
N THR A 97 19.04 -38.16 41.83
CA THR A 97 19.79 -39.42 41.75
C THR A 97 19.03 -40.47 40.94
N ALA A 98 19.76 -41.35 40.27
CA ALA A 98 19.18 -42.40 39.42
C ALA A 98 18.12 -43.25 40.14
N ASP A 99 18.29 -43.44 41.45
CA ASP A 99 17.33 -44.23 42.25
C ASP A 99 16.17 -43.40 42.83
N ALA A 100 16.13 -42.10 42.54
CA ALA A 100 15.08 -41.20 43.02
C ALA A 100 15.05 -41.05 44.55
N ARG A 101 16.18 -41.26 45.20
CA ARG A 101 16.28 -41.08 46.64
C ARG A 101 16.42 -39.60 46.99
N LEU A 102 17.19 -38.88 46.20
CA LEU A 102 17.55 -37.51 46.55
C LEU A 102 17.46 -36.57 45.35
N PHE A 103 16.78 -35.45 45.56
CA PHE A 103 16.87 -34.29 44.68
C PHE A 103 17.50 -33.15 45.45
N VAL A 104 18.46 -32.48 44.83
CA VAL A 104 19.06 -31.28 45.39
C VAL A 104 18.86 -30.11 44.44
N GLY A 105 18.35 -29.00 44.98
CA GLY A 105 18.07 -27.83 44.18
C GLY A 105 18.20 -26.55 44.97
N TRP A 106 17.67 -25.48 44.39
CA TRP A 106 17.72 -24.17 44.99
C TRP A 106 16.31 -23.62 45.12
N THR A 107 16.16 -22.67 46.03
CA THR A 107 14.96 -21.85 46.10
C THR A 107 15.40 -20.46 46.56
N ALA A 108 14.55 -19.46 46.35
CA ALA A 108 14.81 -18.12 46.84
C ALA A 108 14.72 -18.04 48.37
N CYS A 109 14.99 -16.86 48.92
CA CYS A 109 14.92 -16.64 50.37
C CYS A 109 13.65 -17.28 50.95
N ALA A 110 13.82 -18.11 51.99
CA ALA A 110 12.72 -18.84 52.60
C ALA A 110 12.32 -18.27 53.98
N GLY A 111 12.58 -16.99 54.19
CA GLY A 111 12.32 -16.34 55.47
C GLY A 111 13.21 -16.84 56.58
N LEU A 112 14.51 -16.96 56.31
CA LEU A 112 15.47 -17.45 57.28
C LEU A 112 16.78 -16.66 57.19
N SER A 113 16.70 -15.38 56.86
CA SER A 113 17.88 -14.56 56.61
C SER A 113 18.70 -14.32 57.88
N ASP A 114 18.04 -14.40 59.03
CA ASP A 114 18.70 -14.26 60.33
C ASP A 114 19.36 -15.56 60.85
N GLN A 115 19.27 -16.63 60.05
CA GLN A 115 19.73 -17.96 60.46
C GLN A 115 20.43 -18.68 59.29
N ALA A 116 21.09 -17.91 58.44
CA ALA A 116 21.78 -18.47 57.27
C ALA A 116 23.02 -19.25 57.71
N PRO A 117 23.49 -20.20 56.90
CA PRO A 117 22.86 -20.64 55.65
C PRO A 117 21.78 -21.72 55.91
N ALA A 118 20.84 -21.88 54.98
CA ALA A 118 19.67 -22.71 55.23
C ALA A 118 19.27 -23.51 54.01
N ALA A 119 18.33 -24.44 54.23
CA ALA A 119 17.75 -25.24 53.17
C ALA A 119 16.40 -25.72 53.63
N LEU A 120 15.53 -26.06 52.67
CA LEU A 120 14.27 -26.70 52.98
C LEU A 120 14.39 -28.15 52.54
N ILE A 121 13.94 -29.07 53.38
CA ILE A 121 13.97 -30.48 53.05
C ILE A 121 12.56 -31.00 53.21
N ASN A 122 11.99 -31.52 52.13
CA ASN A 122 10.58 -31.90 52.11
C ASN A 122 9.70 -30.88 52.85
N GLY A 123 9.86 -29.61 52.50
CA GLY A 123 9.02 -28.53 53.03
C GLY A 123 9.26 -28.13 54.48
N ARG A 124 10.35 -28.62 55.06
CA ARG A 124 10.68 -28.34 56.44
C ARG A 124 12.01 -27.58 56.50
N PRO A 125 12.06 -26.46 57.24
CA PRO A 125 13.26 -25.64 57.26
C PRO A 125 14.38 -26.23 58.09
N MET A 126 15.60 -26.11 57.60
CA MET A 126 16.78 -26.56 58.30
C MET A 126 17.80 -25.44 58.27
N PRO A 127 17.76 -24.53 59.28
CA PRO A 127 18.68 -23.38 59.27
C PRO A 127 20.05 -23.68 59.86
N ARG A 128 20.91 -22.64 59.87
CA ARG A 128 22.28 -22.72 60.44
C ARG A 128 23.01 -23.99 60.05
N LEU A 129 23.05 -24.28 58.75
CA LEU A 129 23.74 -25.45 58.26
C LEU A 129 25.24 -25.24 58.38
N ASP A 130 25.98 -26.35 58.44
CA ASP A 130 27.44 -26.31 58.36
C ASP A 130 27.96 -27.64 57.87
N ALA A 131 29.27 -27.71 57.63
CA ALA A 131 29.92 -28.92 57.13
C ALA A 131 29.55 -30.16 57.94
N ALA A 132 29.49 -30.00 59.26
CA ALA A 132 29.12 -31.09 60.17
C ALA A 132 27.72 -31.63 59.90
N ARG A 133 26.75 -30.71 59.77
CA ARG A 133 25.36 -31.08 59.53
C ARG A 133 25.16 -31.79 58.18
N ILE A 134 25.86 -31.31 57.15
CA ILE A 134 25.78 -31.95 55.83
C ILE A 134 26.34 -33.36 55.88
N ASP A 135 27.41 -33.58 56.64
CA ASP A 135 28.00 -34.92 56.78
C ASP A 135 27.03 -35.87 57.45
N ALA A 136 26.33 -35.39 58.47
CA ALA A 136 25.28 -36.18 59.15
C ALA A 136 24.11 -36.40 58.20
N LEU A 137 23.72 -35.32 57.54
CA LEU A 137 22.66 -35.36 56.53
C LEU A 137 22.93 -36.45 55.49
N ILE A 138 24.16 -36.51 54.98
CA ILE A 138 24.55 -37.55 54.03
C ILE A 138 24.34 -38.94 54.60
N GLU A 139 24.75 -39.15 55.86
CA GLU A 139 24.62 -40.46 56.51
C GLU A 139 23.17 -40.91 56.61
N LYS A 140 22.28 -39.98 56.97
CA LYS A 140 20.85 -40.25 57.08
C LYS A 140 20.28 -40.69 55.73
N ILE A 141 20.72 -40.03 54.67
CA ILE A 141 20.22 -40.30 53.32
C ILE A 141 20.77 -41.62 52.75
N GLN A 142 22.08 -41.81 52.86
CA GLN A 142 22.73 -43.06 52.48
C GLN A 142 22.11 -44.28 53.17
N ALA A 143 21.69 -44.09 54.42
CA ALA A 143 21.10 -45.16 55.23
C ALA A 143 19.58 -45.18 55.17
N GLN A 144 18.97 -44.23 54.45
CA GLN A 144 17.53 -44.25 54.17
C GLN A 144 16.65 -43.99 55.40
N ILE A 145 17.20 -43.30 56.41
CA ILE A 145 16.43 -43.03 57.63
C ILE A 145 15.29 -42.05 57.34
N PRO A 146 14.05 -42.40 57.73
CA PRO A 146 12.92 -41.46 57.58
C PRO A 146 13.09 -40.18 58.40
N MET A 147 12.52 -39.08 57.91
CA MET A 147 12.69 -37.78 58.57
C MET A 147 12.00 -37.70 59.94
N ASP A 148 10.97 -38.51 60.18
CA ASP A 148 10.33 -38.71 61.50
C ASP A 148 11.37 -38.76 62.60
N GLN A 149 12.43 -39.49 62.31
CA GLN A 149 13.42 -39.87 63.29
C GLN A 149 14.67 -38.99 63.28
N TRP A 150 14.69 -37.95 62.44
CA TRP A 150 15.80 -37.01 62.42
C TRP A 150 15.68 -36.09 63.63
N PRO A 151 16.83 -35.71 64.22
CA PRO A 151 16.80 -34.88 65.44
C PRO A 151 15.95 -33.61 65.27
N THR A 152 14.86 -33.51 66.02
CA THR A 152 13.97 -32.35 65.95
C THR A 152 14.68 -30.98 65.96
N GLU A 153 15.82 -30.87 66.64
CA GLU A 153 16.49 -29.57 66.80
C GLU A 153 17.20 -29.10 65.52
N TRP A 154 17.38 -30.02 64.58
CA TRP A 154 17.83 -29.67 63.22
C TRP A 154 16.86 -28.71 62.53
N PHE A 155 15.57 -28.79 62.89
CA PHE A 155 14.53 -27.98 62.28
C PHE A 155 14.08 -26.77 63.11
N ALA A 156 14.80 -26.47 64.18
CA ALA A 156 14.41 -25.40 65.09
C ALA A 156 14.72 -24.03 64.51
N VAL A 157 13.69 -23.21 64.31
CA VAL A 157 13.83 -21.86 63.77
C VAL A 157 13.76 -20.88 64.92
N THR A 158 14.80 -20.06 65.08
CA THR A 158 14.78 -19.02 66.12
C THR A 158 13.97 -17.81 65.66
N ASN A 159 13.57 -17.00 66.63
CA ASN A 159 12.80 -15.77 66.40
C ASN A 159 13.25 -14.71 67.40
N ALA A 160 14.56 -14.52 67.46
CA ALA A 160 15.17 -13.63 68.44
C ALA A 160 14.71 -12.19 68.25
N ILE A 161 14.25 -11.59 69.34
CA ILE A 161 13.81 -10.20 69.35
C ILE A 161 14.77 -9.42 70.23
N HIS A 162 15.52 -8.50 69.62
CA HIS A 162 16.61 -7.81 70.30
C HIS A 162 16.27 -6.37 70.69
N ARG A 163 15.01 -5.98 70.52
CA ARG A 163 14.54 -4.70 71.01
C ARG A 163 13.02 -4.72 71.03
N HIS A 164 12.48 -4.63 72.24
CA HIS A 164 11.03 -4.52 72.41
C HIS A 164 10.65 -3.05 72.46
N GLY A 165 9.54 -2.72 71.81
CA GLY A 165 8.92 -1.42 71.90
C GLY A 165 7.52 -1.62 72.44
N PRO A 166 6.65 -0.62 72.24
CA PRO A 166 5.26 -0.67 72.72
C PRO A 166 4.42 -1.82 72.17
N LEU A 167 4.51 -2.03 70.85
CA LEU A 167 3.70 -3.06 70.17
C LEU A 167 4.02 -4.46 70.66
N LEU A 168 5.31 -4.77 70.73
CA LEU A 168 5.72 -6.09 71.21
C LEU A 168 5.36 -6.32 72.66
N THR A 169 5.60 -5.31 73.49
CA THR A 169 5.26 -5.38 74.91
C THR A 169 3.77 -5.65 75.06
N TRP A 170 2.97 -4.85 74.36
CA TRP A 170 1.52 -4.99 74.36
CA TRP A 170 1.52 -4.99 74.34
C TRP A 170 1.08 -6.40 73.96
N LEU A 171 1.69 -6.93 72.89
CA LEU A 171 1.38 -8.29 72.44
C LEU A 171 1.67 -9.36 73.51
N ASP A 172 2.74 -9.16 74.27
CA ASP A 172 3.12 -10.09 75.35
C ASP A 172 2.17 -9.96 76.55
N THR A 173 1.98 -8.73 77.01
CA THR A 173 1.11 -8.39 78.14
C THR A 173 -0.33 -8.87 77.95
N THR A 174 -0.91 -8.49 76.81
CA THR A 174 -2.33 -8.68 76.54
C THR A 174 -2.62 -10.03 75.91
N PRO A 175 -3.74 -10.68 76.31
CA PRO A 175 -4.22 -11.83 75.54
C PRO A 175 -4.87 -11.37 74.25
N ALA A 176 -4.89 -12.23 73.24
CA ALA A 176 -5.41 -11.85 71.92
C ALA A 176 -6.86 -11.39 72.02
N GLU A 177 -7.69 -12.21 72.65
CA GLU A 177 -9.15 -11.97 72.75
C GLU A 177 -9.56 -10.82 73.68
N ALA A 178 -8.63 -10.25 74.43
CA ALA A 178 -8.90 -9.08 75.27
C ALA A 178 -9.46 -7.89 74.49
N VAL A 179 -9.16 -7.82 73.19
CA VAL A 179 -9.63 -6.73 72.34
C VAL A 179 -11.14 -6.77 72.11
N PHE A 180 -11.73 -7.96 72.19
CA PHE A 180 -13.16 -8.14 71.90
C PHE A 180 -14.10 -7.65 73.01
N GLU A 181 -13.56 -7.37 74.21
CA GLU A 181 -14.35 -6.76 75.28
C GLU A 181 -14.52 -5.26 75.03
N HIS A 182 -13.51 -4.64 74.40
CA HIS A 182 -13.50 -3.21 74.09
C HIS A 182 -14.78 -2.81 73.35
N PRO A 183 -15.27 -1.57 73.57
CA PRO A 183 -16.49 -1.14 72.87
C PRO A 183 -16.31 -1.06 71.35
N THR A 184 -15.15 -0.60 70.91
CA THR A 184 -14.85 -0.42 69.48
C THR A 184 -14.99 -1.71 68.66
N ALA A 185 -14.62 -2.85 69.26
CA ALA A 185 -14.68 -4.15 68.57
C ALA A 185 -16.10 -4.57 68.16
N HIS A 186 -17.12 -4.04 68.84
CA HIS A 186 -18.52 -4.31 68.51
C HIS A 186 -18.95 -3.59 67.22
N ASP A 187 -18.50 -2.34 67.05
CA ASP A 187 -19.00 -1.45 66.00
C ASP A 187 -18.03 -1.34 64.80
N PRO A 188 -18.45 -1.84 63.61
CA PRO A 188 -17.67 -1.74 62.37
C PRO A 188 -17.19 -0.33 62.00
N ASP A 189 -18.08 0.65 62.09
CA ASP A 189 -17.73 2.04 61.79
C ASP A 189 -16.68 2.58 62.75
N ALA A 190 -16.74 2.12 64.00
CA ALA A 190 -15.81 2.59 65.04
C ALA A 190 -14.39 2.12 64.76
N ILE A 191 -14.27 0.84 64.38
CA ILE A 191 -12.98 0.25 63.99
C ILE A 191 -12.36 1.04 62.84
N LEU A 192 -13.14 1.19 61.76
CA LEU A 192 -12.73 1.99 60.62
C LEU A 192 -12.27 3.38 61.07
N GLN A 193 -13.07 4.01 61.92
CA GLN A 193 -12.75 5.35 62.42
C GLN A 193 -11.46 5.34 63.24
N ALA A 194 -11.29 4.32 64.05
CA ALA A 194 -10.07 4.15 64.85
C ALA A 194 -8.86 4.06 63.93
N VAL A 195 -8.93 3.12 62.97
CA VAL A 195 -7.84 2.89 62.02
C VAL A 195 -7.55 4.15 61.20
N THR A 196 -8.63 4.80 60.77
CA THR A 196 -8.52 6.05 60.02
C THR A 196 -7.73 7.08 60.81
N ASP A 197 -8.11 7.26 62.07
CA ASP A 197 -7.50 8.28 62.93
C ASP A 197 -6.04 8.00 63.21
N ALA A 198 -5.74 6.71 63.43
CA ALA A 198 -4.37 6.24 63.65
C ALA A 198 -3.42 6.65 62.52
N GLY A 199 -3.91 6.63 61.28
CA GLY A 199 -3.10 6.94 60.09
C GLY A 199 -2.32 5.75 59.60
N LEU A 200 -2.86 4.55 59.85
CA LEU A 200 -2.16 3.30 59.57
C LEU A 200 -1.89 3.14 58.08
N ARG A 201 -0.62 3.02 57.72
CA ARG A 201 -0.23 2.76 56.33
C ARG A 201 0.29 1.33 56.22
N GLY A 202 0.08 0.72 55.05
CA GLY A 202 0.41 -0.69 54.83
C GLY A 202 1.84 -1.09 55.14
N ARG A 203 2.00 -2.24 55.78
CA ARG A 203 3.31 -2.76 56.17
C ARG A 203 3.83 -3.80 55.16
N GLY A 204 3.15 -3.95 54.04
CA GLY A 204 3.52 -4.90 52.99
C GLY A 204 4.62 -4.39 52.08
N GLY A 205 4.83 -3.09 52.05
CA GLY A 205 5.91 -2.49 51.25
C GLY A 205 5.44 -1.39 50.34
N ALA A 206 4.13 -1.30 50.11
CA ALA A 206 3.54 -0.26 49.29
C ALA A 206 3.27 1.01 50.10
N GLY A 207 2.77 0.83 51.32
CA GLY A 207 2.51 1.95 52.22
C GLY A 207 1.29 2.77 51.82
N PHE A 208 0.19 2.07 51.56
CA PHE A 208 -1.08 2.70 51.21
C PHE A 208 -1.94 2.81 52.46
N PRO A 209 -2.62 3.96 52.66
CA PRO A 209 -3.48 4.12 53.83
C PRO A 209 -4.55 3.04 53.91
N THR A 210 -4.63 2.38 55.05
CA THR A 210 -5.50 1.23 55.24
C THR A 210 -6.97 1.62 55.30
N ALA A 211 -7.22 2.84 55.78
CA ALA A 211 -8.58 3.35 55.92
C ALA A 211 -9.20 3.61 54.55
N THR A 212 -8.46 4.32 53.70
CA THR A 212 -8.87 4.58 52.32
C THR A 212 -9.22 3.30 51.59
N LYS A 213 -8.35 2.29 51.75
CA LYS A 213 -8.51 0.98 51.14
C LYS A 213 -9.76 0.25 51.66
N TRP A 214 -10.04 0.42 52.95
CA TRP A 214 -11.24 -0.15 53.57
C TRP A 214 -12.52 0.56 53.11
N ARG A 215 -12.43 1.88 52.89
CA ARG A 215 -13.58 2.64 52.39
C ARG A 215 -13.96 2.23 50.97
N PHE A 216 -12.97 2.09 50.09
CA PHE A 216 -13.20 1.59 48.73
C PHE A 216 -13.98 0.28 48.72
N CYS A 217 -13.68 -0.60 49.67
CA CYS A 217 -14.35 -1.90 49.74
C CYS A 217 -15.78 -1.80 50.32
N ARG A 218 -16.02 -0.84 51.20
CA ARG A 218 -17.35 -0.63 51.80
C ARG A 218 -18.34 0.03 50.83
N GLU A 219 -17.83 0.95 50.01
CA GLU A 219 -18.63 1.70 49.04
C GLU A 219 -19.27 0.89 47.90
N ASN A 220 -19.15 -0.43 47.92
CA ASN A 220 -19.71 -1.26 46.87
C ASN A 220 -21.06 -1.83 47.29
N ALA A 221 -21.96 -1.92 46.32
CA ALA A 221 -23.29 -2.50 46.54
C ALA A 221 -23.23 -3.96 46.97
N ASP A 222 -22.24 -4.70 46.47
CA ASP A 222 -22.16 -6.13 46.72
C ASP A 222 -22.06 -6.41 48.22
N PRO A 223 -23.03 -7.18 48.76
CA PRO A 223 -22.94 -7.55 50.18
C PRO A 223 -21.75 -8.47 50.48
N GLU A 224 -21.54 -9.50 49.67
CA GLU A 224 -20.44 -10.46 49.84
C GLU A 224 -19.10 -9.75 49.70
N ARG A 225 -18.25 -9.89 50.72
CA ARG A 225 -16.87 -9.39 50.65
C ARG A 225 -15.90 -10.39 51.29
N PHE A 226 -14.61 -10.09 51.13
CA PHE A 226 -13.54 -10.93 51.67
C PHE A 226 -12.41 -10.05 52.22
N LEU A 227 -11.83 -10.50 53.33
CA LEU A 227 -10.54 -9.98 53.80
C LEU A 227 -9.49 -11.08 53.63
N ILE A 228 -8.37 -10.71 53.03
CA ILE A 228 -7.27 -11.64 52.86
C ILE A 228 -6.07 -11.11 53.62
N CYS A 229 -5.46 -11.99 54.41
CA CYS A 229 -4.21 -11.66 55.07
C CYS A 229 -3.06 -12.23 54.25
N ASN A 230 -2.13 -11.33 53.89
CA ASN A 230 -0.98 -11.67 53.10
C ASN A 230 0.18 -12.13 53.98
N ALA A 231 0.43 -13.43 53.98
CA ALA A 231 1.61 -13.99 54.62
C ALA A 231 2.44 -14.75 53.58
N ASP A 232 2.66 -14.13 52.43
CA ASP A 232 3.51 -14.72 51.40
C ASP A 232 4.75 -13.86 51.51
N GLU A 233 5.38 -13.85 52.68
CA GLU A 233 6.51 -12.96 52.93
C GLU A 233 7.70 -13.35 52.06
N GLY A 234 7.74 -12.81 50.84
CA GLY A 234 8.66 -13.26 49.80
C GLY A 234 9.85 -12.36 49.52
N GLU A 235 9.76 -11.10 49.92
CA GLU A 235 10.88 -10.17 49.78
C GLU A 235 12.12 -10.72 50.50
N PRO A 236 13.21 -10.98 49.75
CA PRO A 236 14.39 -11.55 50.37
C PRO A 236 14.95 -10.71 51.51
N GLY A 237 15.33 -11.35 52.61
CA GLY A 237 15.77 -10.66 53.80
C GLY A 237 14.67 -10.38 54.80
N THR A 238 13.42 -10.59 54.40
CA THR A 238 12.28 -10.24 55.24
C THR A 238 11.80 -11.45 56.02
N PHE A 239 11.73 -11.28 57.34
CA PHE A 239 11.18 -12.30 58.23
C PHE A 239 10.31 -11.71 59.35
N LYS A 240 9.94 -10.43 59.24
CA LYS A 240 9.15 -9.78 60.27
C LYS A 240 7.82 -10.49 60.49
N ASP A 241 7.16 -10.88 59.40
CA ASP A 241 5.88 -11.58 59.50
C ASP A 241 6.04 -13.00 60.04
N ARG A 242 7.23 -13.58 59.87
CA ARG A 242 7.49 -14.92 60.39
C ARG A 242 7.40 -14.92 61.91
N VAL A 243 8.04 -13.94 62.53
CA VAL A 243 8.00 -13.81 63.98
C VAL A 243 6.55 -13.69 64.44
N LEU A 244 5.86 -12.67 63.92
CA LEU A 244 4.47 -12.42 64.29
C LEU A 244 3.62 -13.66 64.13
N LEU A 245 3.79 -14.37 63.02
CA LEU A 245 3.05 -15.60 62.77
C LEU A 245 3.38 -16.70 63.79
N THR A 246 4.64 -16.76 64.22
CA THR A 246 5.10 -17.78 65.16
C THR A 246 4.67 -17.44 66.59
N ARG A 247 5.09 -16.26 67.05
CA ARG A 247 4.86 -15.84 68.43
C ARG A 247 3.45 -15.30 68.72
N TYR A 248 2.83 -14.62 67.75
CA TYR A 248 1.56 -13.94 67.99
C TYR A 248 0.47 -14.26 66.97
N PRO A 249 0.22 -15.55 66.70
CA PRO A 249 -0.79 -15.91 65.71
C PRO A 249 -2.21 -15.50 66.10
N GLU A 250 -2.59 -15.73 67.36
CA GLU A 250 -3.92 -15.38 67.85
C GLU A 250 -4.22 -13.88 67.66
N HIS A 251 -3.23 -13.02 67.90
CA HIS A 251 -3.39 -11.59 67.65
C HIS A 251 -3.63 -11.27 66.17
N LEU A 252 -2.98 -12.01 65.28
CA LEU A 252 -3.16 -11.83 63.84
C LEU A 252 -4.61 -12.16 63.46
N PHE A 253 -5.06 -13.35 63.85
CA PHE A 253 -6.43 -13.77 63.59
C PHE A 253 -7.49 -12.85 64.22
N ALA A 254 -7.14 -12.17 65.31
CA ALA A 254 -8.01 -11.17 65.89
C ALA A 254 -8.08 -9.95 64.97
N GLY A 255 -6.91 -9.45 64.57
CA GLY A 255 -6.82 -8.36 63.60
C GLY A 255 -7.48 -8.66 62.26
N MET A 256 -7.50 -9.94 61.87
CA MET A 256 -8.23 -10.38 60.69
C MET A 256 -9.74 -10.30 60.89
N ILE A 257 -10.21 -10.63 62.09
CA ILE A 257 -11.64 -10.55 62.40
C ILE A 257 -12.12 -9.11 62.52
N LEU A 258 -11.30 -8.25 63.09
CA LEU A 258 -11.66 -6.84 63.23
C LEU A 258 -11.72 -6.15 61.87
N ALA A 259 -10.73 -6.43 61.03
CA ALA A 259 -10.68 -5.89 59.67
C ALA A 259 -11.84 -6.39 58.83
N ALA A 260 -12.19 -7.66 59.01
CA ALA A 260 -13.32 -8.26 58.28
C ALA A 260 -14.66 -7.63 58.67
N ARG A 261 -14.86 -7.40 59.97
CA ARG A 261 -16.06 -6.74 60.48
C ARG A 261 -16.16 -5.31 59.96
N ALA A 262 -15.03 -4.61 59.99
CA ALA A 262 -14.97 -3.23 59.50
C ALA A 262 -15.43 -3.08 58.05
N ILE A 263 -15.09 -4.05 57.20
CA ILE A 263 -15.47 -4.01 55.77
C ILE A 263 -16.76 -4.77 55.47
N GLY A 264 -17.19 -5.64 56.38
CA GLY A 264 -18.42 -6.40 56.22
C GLY A 264 -18.21 -7.72 55.49
N ALA A 265 -17.19 -8.46 55.92
CA ALA A 265 -16.79 -9.69 55.25
C ALA A 265 -17.28 -10.91 55.99
N ASP A 266 -18.07 -11.74 55.31
CA ASP A 266 -18.53 -13.02 55.86
C ASP A 266 -17.37 -14.00 56.04
N LYS A 267 -16.32 -13.86 55.21
CA LYS A 267 -15.21 -14.80 55.18
C LYS A 267 -13.86 -14.10 55.19
N ALA A 268 -12.88 -14.73 55.83
CA ALA A 268 -11.50 -14.24 55.86
C ALA A 268 -10.53 -15.38 55.55
N ILE A 269 -9.43 -15.05 54.87
CA ILE A 269 -8.48 -16.04 54.37
C ILE A 269 -7.05 -15.60 54.64
N LEU A 270 -6.29 -16.45 55.35
CA LEU A 270 -4.86 -16.25 55.53
C LEU A 270 -4.11 -16.94 54.40
N TYR A 271 -3.37 -16.15 53.62
CA TYR A 271 -2.55 -16.69 52.56
C TYR A 271 -1.12 -16.86 53.08
N LEU A 272 -0.75 -18.11 53.32
CA LEU A 272 0.54 -18.44 53.90
C LEU A 272 1.46 -19.06 52.85
N ARG A 273 2.68 -18.54 52.74
CA ARG A 273 3.66 -19.08 51.80
C ARG A 273 4.01 -20.52 52.13
N TYR A 274 4.33 -21.28 51.11
CA TYR A 274 4.75 -22.69 51.25
C TYR A 274 5.87 -22.89 52.27
N GLU A 275 6.82 -21.96 52.25
CA GLU A 275 8.01 -22.03 53.10
C GLU A 275 7.71 -21.97 54.60
N TYR A 276 6.54 -21.44 54.97
CA TYR A 276 6.09 -21.39 56.38
C TYR A 276 5.05 -22.45 56.74
N GLN A 277 4.95 -23.54 55.98
CA GLN A 277 3.97 -24.60 56.30
C GLN A 277 4.28 -25.33 57.61
N TYR A 278 5.51 -25.21 58.10
CA TYR A 278 5.88 -25.74 59.42
C TYR A 278 5.11 -25.06 60.55
N LEU A 279 4.71 -23.81 60.33
CA LEU A 279 3.89 -23.06 61.28
C LEU A 279 2.41 -23.43 61.24
N LEU A 280 2.01 -24.33 60.36
CA LEU A 280 0.59 -24.55 60.07
C LEU A 280 -0.17 -25.12 61.28
N PRO A 281 0.39 -26.13 61.96
CA PRO A 281 -0.27 -26.69 63.16
C PRO A 281 -0.54 -25.67 64.26
N GLN A 282 0.41 -24.77 64.51
CA GLN A 282 0.24 -23.69 65.47
C GLN A 282 -0.82 -22.71 65.04
N LEU A 283 -0.82 -22.37 63.76
CA LEU A 283 -1.78 -21.41 63.22
C LEU A 283 -3.21 -21.98 63.25
N GLU A 284 -3.35 -23.25 62.92
CA GLU A 284 -4.65 -23.92 62.97
C GLU A 284 -5.24 -23.90 64.38
N ALA A 285 -4.41 -24.25 65.37
CA ALA A 285 -4.82 -24.24 66.78
C ALA A 285 -5.20 -22.84 67.23
N ALA A 286 -4.43 -21.83 66.80
CA ALA A 286 -4.70 -20.43 67.15
C ALA A 286 -5.92 -19.86 66.43
N ARG A 287 -6.27 -20.47 65.30
CA ARG A 287 -7.46 -20.11 64.55
C ARG A 287 -8.70 -20.63 65.27
N GLU A 288 -8.68 -21.92 65.63
CA GLU A 288 -9.72 -22.55 66.45
C GLU A 288 -10.09 -21.71 67.68
N ARG A 289 -9.06 -21.27 68.41
CA ARG A 289 -9.26 -20.51 69.65
C ARG A 289 -9.88 -19.14 69.43
N ILE A 290 -9.39 -18.41 68.43
CA ILE A 290 -9.91 -17.07 68.15
C ILE A 290 -11.26 -17.11 67.40
N ALA A 291 -11.58 -18.24 66.79
CA ALA A 291 -12.91 -18.42 66.18
C ALA A 291 -14.03 -18.28 67.22
N SER A 292 -13.81 -18.86 68.40
CA SER A 292 -14.80 -18.86 69.48
C SER A 292 -14.84 -17.56 70.29
N ALA A 293 -13.85 -16.68 70.13
CA ALA A 293 -13.82 -15.40 70.85
C ALA A 293 -14.51 -14.26 70.09
N GLN A 294 -15.33 -14.59 69.09
CA GLN A 294 -16.06 -13.60 68.33
C GLN A 294 -17.39 -13.24 68.99
N ALA A 295 -17.50 -12.00 69.46
CA ALA A 295 -18.75 -11.46 69.96
C ALA A 295 -18.67 -9.92 69.99
N THR A 296 -19.59 -9.19 69.36
CA THR A 296 -20.78 -9.69 68.65
C THR A 296 -20.41 -10.07 67.18
N VAL A 297 -21.32 -10.63 66.36
CA VAL A 297 -22.71 -10.99 66.68
C VAL A 297 -23.04 -12.41 66.16
N PRO A 298 -22.35 -13.45 66.63
CA PRO A 298 -22.70 -14.82 66.22
C PRO A 298 -24.21 -15.08 66.22
N GLN A 299 -24.71 -16.04 65.44
CA GLN A 299 -23.94 -16.99 64.63
C GLN A 299 -23.91 -16.66 63.13
N ALA A 300 -24.74 -15.71 62.71
CA ALA A 300 -24.86 -15.35 61.31
C ALA A 300 -23.98 -14.18 60.89
N GLU A 301 -23.44 -13.44 61.86
CA GLU A 301 -22.59 -12.28 61.58
C GLU A 301 -21.09 -12.58 61.77
N ARG A 302 -20.76 -13.76 62.29
CA ARG A 302 -19.35 -14.12 62.53
C ARG A 302 -18.58 -14.39 61.25
N VAL A 303 -17.29 -14.09 61.31
CA VAL A 303 -16.37 -14.19 60.20
C VAL A 303 -15.74 -15.57 60.19
N THR A 304 -15.86 -16.28 59.07
CA THR A 304 -15.17 -17.55 58.90
C THR A 304 -13.68 -17.27 58.68
N LEU A 305 -12.82 -18.05 59.33
CA LEU A 305 -11.38 -17.95 59.13
C LEU A 305 -10.89 -19.18 58.39
N GLU A 306 -10.03 -18.95 57.40
CA GLU A 306 -9.53 -20.02 56.55
C GLU A 306 -8.04 -19.77 56.26
N ILE A 307 -7.32 -20.85 55.94
CA ILE A 307 -5.90 -20.77 55.66
C ILE A 307 -5.60 -21.46 54.33
N ALA A 308 -4.97 -20.73 53.43
CA ALA A 308 -4.55 -21.26 52.12
C ALA A 308 -3.04 -21.33 52.07
N LEU A 309 -2.51 -22.45 51.58
CA LEU A 309 -1.06 -22.60 51.44
C LEU A 309 -0.60 -22.34 49.99
N GLY A 310 0.32 -21.38 49.83
CA GLY A 310 0.96 -21.13 48.54
C GLY A 310 1.86 -22.26 48.09
N ALA A 311 2.59 -22.06 47.00
CA ALA A 311 3.43 -23.13 46.44
C ALA A 311 4.76 -22.67 45.81
N GLY A 312 5.24 -21.49 46.17
CA GLY A 312 6.57 -21.05 45.74
C GLY A 312 6.56 -20.08 44.59
N ALA A 313 6.42 -18.79 44.92
CA ALA A 313 6.31 -17.72 43.94
C ALA A 313 6.28 -16.37 44.64
N TYR A 314 7.36 -15.59 44.51
CA TYR A 314 7.45 -14.25 45.07
C TYR A 314 6.34 -13.34 44.58
N VAL A 315 5.98 -13.49 43.29
CA VAL A 315 4.99 -12.62 42.68
C VAL A 315 3.58 -12.81 43.28
N CYS A 316 3.27 -14.02 43.75
CA CYS A 316 2.00 -14.25 44.44
C CYS A 316 1.84 -13.42 45.72
N GLY A 317 2.91 -12.78 46.18
CA GLY A 317 2.79 -11.76 47.22
C GLY A 317 2.13 -10.48 46.74
N GLU A 318 2.12 -10.27 45.43
CA GLU A 318 1.45 -9.10 44.85
C GLU A 318 -0.06 -9.26 45.02
N GLU A 319 -0.71 -8.19 45.47
CA GLU A 319 -2.13 -8.20 45.87
C GLU A 319 -3.06 -9.02 44.96
N SER A 320 -3.09 -8.67 43.68
CA SER A 320 -3.99 -9.32 42.71
C SER A 320 -3.54 -10.72 42.33
N ALA A 321 -2.22 -10.91 42.21
CA ALA A 321 -1.64 -12.23 41.91
C ALA A 321 -1.99 -13.25 42.96
N LEU A 322 -2.06 -12.79 44.21
CA LEU A 322 -2.46 -13.60 45.35
C LEU A 322 -3.90 -14.12 45.15
N ILE A 323 -4.80 -13.21 44.83
CA ILE A 323 -6.19 -13.57 44.55
C ILE A 323 -6.28 -14.57 43.40
N GLU A 324 -5.51 -14.34 42.33
CA GLU A 324 -5.52 -15.22 41.15
C GLU A 324 -5.05 -16.62 41.53
N SER A 325 -4.06 -16.66 42.42
CA SER A 325 -3.56 -17.91 42.97
C SER A 325 -4.66 -18.64 43.72
N LEU A 326 -5.38 -17.90 44.57
CA LEU A 326 -6.53 -18.45 45.31
C LEU A 326 -7.67 -18.93 44.40
N GLU A 327 -7.84 -18.25 43.26
CA GLU A 327 -8.82 -18.66 42.24
C GLU A 327 -8.36 -19.87 41.40
N GLY A 328 -7.19 -20.42 41.68
CA GLY A 328 -6.73 -21.64 41.00
C GLY A 328 -6.08 -21.41 39.65
N LYS A 329 -5.54 -20.20 39.47
CA LYS A 329 -4.86 -19.83 38.24
C LYS A 329 -3.39 -19.52 38.52
N PRO A 330 -2.60 -19.34 37.45
CA PRO A 330 -1.24 -18.84 37.62
C PRO A 330 -1.25 -17.49 38.35
N GLY A 331 -0.21 -17.24 39.14
CA GLY A 331 -0.11 -16.00 39.92
C GLY A 331 0.30 -14.79 39.11
N ARG A 332 -0.51 -14.43 38.13
CA ARG A 332 -0.22 -13.25 37.31
C ARG A 332 -1.03 -12.08 37.84
N PRO A 333 -0.35 -10.97 38.18
CA PRO A 333 -1.08 -9.76 38.50
C PRO A 333 -2.13 -9.41 37.46
N ARG A 334 -3.28 -8.92 37.94
CA ARG A 334 -4.41 -8.60 37.07
C ARG A 334 -4.13 -7.35 36.27
N VAL A 335 -4.96 -7.15 35.24
CA VAL A 335 -4.98 -5.93 34.46
C VAL A 335 -6.07 -5.06 35.09
N ARG A 336 -5.65 -3.93 35.64
CA ARG A 336 -6.54 -3.10 36.46
C ARG A 336 -6.75 -1.70 35.83
N PRO A 337 -7.96 -1.14 35.94
CA PRO A 337 -9.11 -1.70 36.69
C PRO A 337 -9.85 -2.78 35.91
N PRO A 338 -10.81 -3.48 36.52
CA PRO A 338 -11.25 -3.31 37.93
C PRO A 338 -10.26 -3.77 39.00
N TYR A 339 -10.16 -2.99 40.08
CA TYR A 339 -9.30 -3.32 41.22
C TYR A 339 -9.99 -4.30 42.14
N PRO A 340 -9.19 -5.05 42.94
CA PRO A 340 -9.78 -6.04 43.85
C PRO A 340 -10.78 -5.46 44.86
N VAL A 341 -10.56 -4.23 45.32
CA VAL A 341 -11.49 -3.57 46.24
C VAL A 341 -12.92 -3.49 45.67
N THR A 342 -13.02 -3.28 44.35
CA THR A 342 -14.29 -3.29 43.64
C THR A 342 -14.67 -4.71 43.21
N GLN A 343 -13.75 -5.38 42.52
CA GLN A 343 -13.95 -6.76 42.07
C GLN A 343 -12.68 -7.57 42.30
N GLY A 344 -12.69 -8.40 43.34
CA GLY A 344 -11.53 -9.18 43.74
C GLY A 344 -11.79 -10.67 43.66
N TYR A 345 -11.65 -11.35 44.80
CA TYR A 345 -11.77 -12.81 44.85
C TYR A 345 -13.18 -13.25 44.44
N LEU A 346 -13.25 -13.95 43.31
CA LEU A 346 -14.51 -14.38 42.68
C LEU A 346 -15.44 -13.20 42.37
N GLY A 347 -14.84 -12.07 42.00
CA GLY A 347 -15.59 -10.89 41.58
C GLY A 347 -16.10 -10.02 42.71
N HIS A 348 -16.01 -10.51 43.94
CA HIS A 348 -16.57 -9.79 45.09
C HIS A 348 -15.55 -8.83 45.67
N PRO A 349 -16.00 -7.67 46.17
CA PRO A 349 -15.07 -6.70 46.75
C PRO A 349 -14.14 -7.37 47.77
N THR A 350 -12.84 -7.09 47.67
CA THR A 350 -11.85 -7.82 48.46
C THR A 350 -10.77 -6.88 48.94
N VAL A 351 -10.34 -7.06 50.19
CA VAL A 351 -9.19 -6.32 50.71
C VAL A 351 -8.10 -7.30 51.09
N VAL A 352 -6.88 -6.98 50.64
CA VAL A 352 -5.69 -7.71 51.04
C VAL A 352 -4.88 -6.83 52.00
N ASN A 353 -4.59 -7.35 53.18
CA ASN A 353 -3.70 -6.65 54.09
C ASN A 353 -2.59 -7.56 54.59
N ASN A 354 -1.45 -6.95 54.84
CA ASN A 354 -0.26 -7.64 55.29
C ASN A 354 -0.40 -8.05 56.75
N VAL A 355 0.26 -9.14 57.13
CA VAL A 355 0.24 -9.68 58.51
C VAL A 355 0.44 -8.60 59.58
N GLU A 356 1.50 -7.81 59.45
CA GLU A 356 1.81 -6.76 60.39
C GLU A 356 0.75 -5.67 60.40
N THR A 357 0.18 -5.37 59.24
CA THR A 357 -0.85 -4.33 59.13
C THR A 357 -2.08 -4.75 59.94
N LEU A 358 -2.45 -6.02 59.82
CA LEU A 358 -3.58 -6.56 60.56
C LEU A 358 -3.31 -6.72 62.06
N VAL A 359 -2.07 -7.04 62.41
CA VAL A 359 -1.64 -7.06 63.81
C VAL A 359 -1.68 -5.63 64.39
N ALA A 360 -1.32 -4.65 63.58
CA ALA A 360 -1.44 -3.25 63.98
C ALA A 360 -2.89 -2.85 64.24
N VAL A 361 -3.80 -3.37 63.42
CA VAL A 361 -5.23 -3.12 63.63
C VAL A 361 -5.72 -3.65 64.99
N ALA A 362 -5.31 -4.86 65.35
CA ALA A 362 -5.65 -5.42 66.66
C ALA A 362 -5.16 -4.52 67.80
N ALA A 363 -3.98 -3.94 67.62
CA ALA A 363 -3.42 -3.02 68.60
C ALA A 363 -4.26 -1.75 68.67
N ILE A 364 -4.54 -1.15 67.51
CA ILE A 364 -5.24 0.13 67.46
C ILE A 364 -6.64 0.05 68.09
N VAL A 365 -7.37 -1.03 67.85
CA VAL A 365 -8.65 -1.25 68.51
C VAL A 365 -8.47 -1.41 70.03
N GLY A 366 -7.37 -2.04 70.44
CA GLY A 366 -7.06 -2.23 71.85
C GLY A 366 -6.72 -0.97 72.66
N ASN A 367 -5.91 -0.06 72.11
CA ASN A 367 -5.55 1.18 72.84
C ASN A 367 -5.84 2.49 72.09
N GLY A 368 -6.64 2.42 71.03
CA GLY A 368 -7.12 3.64 70.36
C GLY A 368 -6.10 4.33 69.47
N ALA A 369 -6.60 5.29 68.70
CA ALA A 369 -5.80 5.96 67.66
C ALA A 369 -4.71 6.86 68.21
N ALA A 370 -5.01 7.57 69.30
CA ALA A 370 -4.04 8.49 69.91
C ALA A 370 -2.77 7.76 70.29
N TRP A 371 -2.95 6.54 70.81
N TRP A 371 -2.94 6.54 70.82
CA TRP A 371 -1.84 5.69 71.18
CA TRP A 371 -1.83 5.67 71.20
C TRP A 371 -0.88 5.46 70.02
C TRP A 371 -0.87 5.44 70.03
N TRP A 372 -1.45 5.13 68.87
CA TRP A 372 -0.68 4.82 67.66
C TRP A 372 0.01 6.05 67.08
N ARG A 373 -0.78 7.07 66.78
CA ARG A 373 -0.28 8.30 66.13
C ARG A 373 0.79 9.00 66.96
N ALA A 374 0.76 8.78 68.27
CA ALA A 374 1.82 9.24 69.17
C ALA A 374 3.21 8.92 68.64
N LEU A 375 3.39 7.66 68.26
CA LEU A 375 4.70 7.14 67.87
C LEU A 375 4.97 7.36 66.39
N GLY A 376 6.25 7.44 66.05
CA GLY A 376 6.66 7.65 64.68
C GLY A 376 6.46 9.08 64.22
N THR A 377 6.50 9.29 62.91
CA THR A 377 6.37 10.62 62.31
C THR A 377 4.89 10.90 62.00
N PRO A 378 4.57 12.15 61.58
CA PRO A 378 3.17 12.43 61.23
C PRO A 378 2.67 11.60 60.05
N ASP A 379 3.47 11.53 58.98
CA ASP A 379 3.12 10.78 57.76
C ASP A 379 3.25 9.26 57.96
N SER A 380 4.35 8.84 58.57
CA SER A 380 4.60 7.43 58.90
C SER A 380 4.29 7.17 60.38
N SER A 381 3.04 6.80 60.66
CA SER A 381 2.56 6.70 62.02
C SER A 381 2.75 5.31 62.59
N GLY A 382 3.05 5.23 63.88
CA GLY A 382 3.10 3.98 64.63
C GLY A 382 4.51 3.41 64.78
N PRO A 383 4.62 2.30 65.52
CA PRO A 383 5.86 1.55 65.60
C PRO A 383 6.04 0.64 64.37
N LYS A 384 7.29 0.30 64.08
CA LYS A 384 7.60 -0.55 62.94
C LYS A 384 8.60 -1.66 63.33
N LEU A 385 8.33 -2.88 62.88
CA LEU A 385 9.25 -4.01 63.08
C LEU A 385 10.32 -4.02 62.00
N PHE A 386 11.57 -4.21 62.40
CA PHE A 386 12.70 -4.24 61.47
C PHE A 386 13.44 -5.58 61.58
N CYS A 387 13.41 -6.35 60.50
CA CYS A 387 14.13 -7.61 60.40
C CYS A 387 15.54 -7.39 59.85
N VAL A 388 16.53 -7.44 60.73
CA VAL A 388 17.93 -7.15 60.39
C VAL A 388 18.74 -8.44 60.27
N SER A 389 19.61 -8.49 59.27
CA SER A 389 20.49 -9.64 59.07
C SER A 389 21.69 -9.26 58.23
N GLY A 390 22.57 -10.23 57.99
CA GLY A 390 23.77 -10.03 57.19
C GLY A 390 25.01 -10.05 58.07
N ASP A 391 25.99 -9.22 57.74
CA ASP A 391 27.21 -9.13 58.52
C ASP A 391 26.97 -8.32 59.81
N VAL A 392 26.25 -8.94 60.74
CA VAL A 392 25.92 -8.34 62.02
C VAL A 392 25.98 -9.40 63.10
N ALA A 393 26.36 -8.98 64.30
CA ALA A 393 26.52 -9.90 65.43
C ALA A 393 25.18 -10.41 65.98
N GLN A 394 24.18 -9.55 66.10
CA GLN A 394 22.84 -10.02 66.49
C GLN A 394 21.77 -9.79 65.40
N PRO A 395 21.64 -10.75 64.46
CA PRO A 395 20.50 -10.71 63.55
C PRO A 395 19.19 -11.05 64.26
N GLY A 396 18.11 -10.38 63.87
CA GLY A 396 16.77 -10.65 64.42
C GLY A 396 15.81 -9.48 64.29
N LEU A 397 14.71 -9.54 65.03
CA LEU A 397 13.66 -8.52 64.99
C LEU A 397 13.94 -7.35 65.98
N TYR A 398 13.81 -6.12 65.49
CA TYR A 398 14.01 -4.91 66.29
C TYR A 398 12.84 -3.97 66.11
N GLU A 399 12.01 -3.80 67.14
CA GLU A 399 10.95 -2.78 67.08
C GLU A 399 11.55 -1.39 67.26
N PHE A 400 11.20 -0.49 66.36
CA PHE A 400 11.57 0.92 66.47
C PHE A 400 10.37 1.76 66.04
N PRO A 401 10.40 3.08 66.34
CA PRO A 401 9.40 3.97 65.77
C PRO A 401 9.77 4.39 64.34
N TYR A 402 8.77 4.56 63.49
CA TYR A 402 8.99 5.12 62.16
C TYR A 402 9.70 6.46 62.28
N GLY A 403 10.79 6.64 61.55
CA GLY A 403 11.56 7.87 61.59
C GLY A 403 12.93 7.64 62.19
N VAL A 404 13.13 6.45 62.77
CA VAL A 404 14.44 6.06 63.28
C VAL A 404 15.50 6.12 62.19
N ALA A 405 16.66 6.68 62.52
CA ALA A 405 17.76 6.77 61.57
C ALA A 405 18.23 5.37 61.21
N LEU A 406 18.63 5.19 59.95
CA LEU A 406 19.11 3.91 59.47
C LEU A 406 20.27 3.40 60.33
N GLY A 407 21.25 4.28 60.53
CA GLY A 407 22.42 3.99 61.37
C GLY A 407 22.12 3.52 62.78
N ASP A 408 21.04 4.04 63.37
CA ASP A 408 20.60 3.55 64.68
C ASP A 408 20.28 2.06 64.60
N VAL A 409 19.51 1.68 63.59
CA VAL A 409 19.06 0.29 63.41
C VAL A 409 20.24 -0.59 63.04
N VAL A 410 21.13 -0.07 62.20
CA VAL A 410 22.34 -0.80 61.82
C VAL A 410 23.25 -1.01 63.02
N THR A 411 23.46 0.07 63.80
CA THR A 411 24.32 0.02 64.98
C THR A 411 23.74 -0.91 66.03
N ALA A 412 22.43 -0.84 66.24
CA ALA A 412 21.75 -1.66 67.24
C ALA A 412 21.94 -3.17 67.03
N ALA A 413 22.34 -3.58 65.83
CA ALA A 413 22.59 -4.99 65.53
C ALA A 413 24.07 -5.39 65.67
N ARG A 414 24.93 -4.40 65.91
CA ARG A 414 26.37 -4.62 66.14
C ARG A 414 27.07 -5.23 64.91
N PRO A 415 27.37 -4.38 63.89
CA PRO A 415 28.05 -4.78 62.65
C PRO A 415 29.37 -5.51 62.86
N LEU A 416 29.64 -6.52 62.03
CA LEU A 416 30.82 -7.37 62.21
C LEU A 416 32.09 -6.70 61.70
N GLY A 417 32.27 -6.63 60.39
CA GLY A 417 33.45 -5.95 59.83
C GLY A 417 33.26 -4.45 59.90
N THR A 418 33.92 -3.74 58.99
CA THR A 418 33.75 -2.30 58.89
C THR A 418 32.62 -2.08 57.87
N ARG A 419 31.67 -1.22 58.23
CA ARG A 419 30.46 -1.00 57.42
C ARG A 419 30.83 -0.62 55.99
N TYR A 420 30.02 -1.03 55.02
CA TYR A 420 30.32 -0.80 53.60
C TYR A 420 29.07 -0.51 52.79
N ALA A 421 28.07 -1.40 52.90
CA ALA A 421 26.81 -1.24 52.17
C ALA A 421 25.63 -1.85 52.91
N VAL A 422 24.45 -1.27 52.72
CA VAL A 422 23.23 -1.74 53.35
C VAL A 422 22.10 -1.82 52.34
N GLN A 423 21.40 -2.96 52.30
CA GLN A 423 20.19 -3.09 51.47
C GLN A 423 18.97 -2.83 52.33
N VAL A 424 18.25 -1.77 52.00
CA VAL A 424 17.08 -1.36 52.76
C VAL A 424 15.82 -1.80 52.05
N SER A 425 14.95 -2.49 52.77
CA SER A 425 13.66 -2.92 52.26
C SER A 425 13.74 -4.06 51.25
N GLY A 426 14.80 -4.86 51.35
CA GLY A 426 15.02 -5.98 50.43
C GLY A 426 15.49 -5.49 49.07
N PRO A 427 15.73 -6.42 48.13
CA PRO A 427 16.20 -6.05 46.79
C PRO A 427 15.30 -5.07 46.04
N SER A 428 13.99 -5.10 46.32
CA SER A 428 13.04 -4.13 45.79
C SER A 428 13.37 -2.69 46.20
N GLY A 429 13.99 -2.51 47.36
CA GLY A 429 14.28 -1.20 47.90
C GLY A 429 15.58 -0.60 47.38
N THR A 430 16.48 -0.27 48.30
CA THR A 430 17.63 0.56 47.99
C THR A 430 18.94 -0.05 48.52
N LEU A 431 19.92 -0.20 47.64
CA LEU A 431 21.26 -0.54 48.03
C LEU A 431 22.00 0.77 48.26
N LEU A 432 22.59 0.92 49.44
CA LEU A 432 23.22 2.17 49.83
C LEU A 432 24.62 1.91 50.35
N PRO A 433 25.55 2.84 50.12
CA PRO A 433 26.83 2.75 50.80
C PRO A 433 26.68 3.19 52.24
N ALA A 434 27.40 2.55 53.16
CA ALA A 434 27.33 2.88 54.58
C ALA A 434 28.17 4.13 54.88
N THR A 435 27.56 5.28 54.59
CA THR A 435 28.19 6.58 54.80
C THR A 435 27.33 7.34 55.81
N PRO A 436 27.93 8.31 56.52
CA PRO A 436 27.20 9.01 57.57
C PRO A 436 25.92 9.70 57.11
N GLU A 437 25.98 10.35 55.95
CA GLU A 437 24.82 11.07 55.41
C GLU A 437 23.68 10.12 55.03
N GLN A 438 24.03 8.94 54.49
CA GLN A 438 23.03 7.90 54.20
C GLN A 438 22.46 7.34 55.50
N LEU A 439 23.34 7.03 56.45
CA LEU A 439 22.95 6.43 57.72
C LEU A 439 22.13 7.37 58.62
N ALA A 440 22.24 8.68 58.38
CA ALA A 440 21.44 9.67 59.11
C ALA A 440 19.97 9.69 58.65
N ARG A 441 19.67 9.08 57.51
CA ARG A 441 18.35 9.18 56.90
C ARG A 441 17.29 8.44 57.70
N PRO A 442 16.16 9.11 57.99
CA PRO A 442 15.08 8.46 58.74
C PRO A 442 14.34 7.41 57.92
N LEU A 443 14.17 6.22 58.48
CA LEU A 443 13.41 5.17 57.84
C LEU A 443 11.93 5.47 57.94
N ALA A 444 11.35 5.94 56.84
CA ALA A 444 9.94 6.31 56.80
C ALA A 444 9.49 6.47 55.35
N PHE A 445 8.18 6.32 55.14
CA PHE A 445 7.57 6.46 53.81
C PHE A 445 7.92 7.80 53.14
N GLU A 446 8.01 8.85 53.95
CA GLU A 446 8.31 10.19 53.46
C GLU A 446 9.79 10.44 53.11
N ALA A 447 10.69 9.56 53.54
CA ALA A 447 12.14 9.83 53.39
C ALA A 447 12.90 8.67 52.72
N LEU A 448 13.22 7.64 53.49
CA LEU A 448 13.86 6.41 52.97
C LEU A 448 12.92 5.25 53.33
N PRO A 449 12.14 4.77 52.35
CA PRO A 449 11.11 3.80 52.73
C PRO A 449 11.71 2.48 53.14
N CYS A 450 11.00 1.75 53.98
CA CYS A 450 11.49 0.46 54.48
C CYS A 450 10.34 -0.40 54.97
N ASN A 451 10.22 -1.58 54.38
CA ASN A 451 9.26 -2.57 54.83
C ASN A 451 9.73 -3.28 56.10
N GLY A 452 10.88 -2.87 56.64
CA GLY A 452 11.46 -3.49 57.84
C GLY A 452 12.76 -4.23 57.57
N THR A 453 12.95 -4.72 56.35
CA THR A 453 14.14 -5.47 56.04
C THR A 453 15.33 -4.52 55.96
N VAL A 454 16.42 -4.91 56.64
CA VAL A 454 17.70 -4.21 56.55
C VAL A 454 18.80 -5.25 56.55
N MET A 455 19.57 -5.32 55.46
CA MET A 455 20.65 -6.28 55.35
C MET A 455 21.97 -5.55 55.33
N VAL A 456 22.88 -5.90 56.24
CA VAL A 456 24.16 -5.22 56.34
C VAL A 456 25.27 -6.03 55.68
N PHE A 457 26.08 -5.35 54.89
CA PHE A 457 27.22 -5.95 54.21
C PHE A 457 28.48 -5.15 54.53
N ASP A 458 29.53 -5.85 54.97
CA ASP A 458 30.79 -5.20 55.33
C ASP A 458 31.73 -5.16 54.11
N VAL A 459 33.00 -4.80 54.33
CA VAL A 459 33.95 -4.56 53.26
C VAL A 459 34.38 -5.80 52.46
N ARG A 460 34.14 -7.00 53.00
CA ARG A 460 34.41 -8.25 52.26
C ARG A 460 33.51 -8.45 51.05
N ARG A 461 32.39 -7.71 50.99
CA ARG A 461 31.34 -7.97 50.00
C ARG A 461 31.48 -7.10 48.76
N ASP A 462 31.39 -7.74 47.60
CA ASP A 462 31.36 -7.06 46.31
C ASP A 462 29.92 -6.61 46.00
N PRO A 463 29.69 -5.30 45.81
CA PRO A 463 28.34 -4.83 45.45
C PRO A 463 27.85 -5.33 44.08
N VAL A 464 28.76 -5.58 43.16
CA VAL A 464 28.42 -6.10 41.84
C VAL A 464 27.88 -7.52 41.94
N ALA A 465 28.46 -8.33 42.83
CA ALA A 465 28.03 -9.71 43.03
C ALA A 465 26.70 -9.78 43.78
N ILE A 466 26.44 -8.82 44.65
CA ILE A 466 25.16 -8.73 45.37
C ILE A 466 24.01 -8.44 44.39
N VAL A 467 24.25 -7.52 43.45
CA VAL A 467 23.24 -7.16 42.47
C VAL A 467 23.01 -8.31 41.49
N HIS A 468 24.07 -9.05 41.19
CA HIS A 468 23.93 -10.23 40.37
C HIS A 468 23.02 -11.28 41.05
N HIS A 469 23.15 -11.44 42.37
CA HIS A 469 22.25 -12.34 43.11
C HIS A 469 20.79 -11.90 42.98
N PHE A 470 20.53 -10.63 43.27
CA PHE A 470 19.20 -10.07 43.12
C PHE A 470 18.69 -10.15 41.68
N ALA A 471 19.58 -9.99 40.70
CA ALA A 471 19.21 -10.08 39.29
C ALA A 471 18.63 -11.46 38.91
N ARG A 472 19.27 -12.52 39.40
CA ARG A 472 18.81 -13.87 39.14
C ARG A 472 17.48 -14.12 39.83
N PHE A 473 17.33 -13.55 41.01
CA PHE A 473 16.07 -13.61 41.74
C PHE A 473 14.93 -13.03 40.91
N PHE A 474 15.05 -11.78 40.53
CA PHE A 474 14.00 -11.12 39.76
C PHE A 474 13.71 -11.84 38.45
N ALA A 475 14.75 -12.32 37.77
CA ALA A 475 14.58 -13.06 36.52
C ALA A 475 13.79 -14.36 36.70
N HIS A 476 14.07 -15.07 37.78
CA HIS A 476 13.38 -16.31 38.07
C HIS A 476 11.95 -16.08 38.60
N GLU A 477 11.70 -14.91 39.20
CA GLU A 477 10.42 -14.71 39.89
C GLU A 477 9.34 -13.99 39.06
N SER A 478 9.77 -13.22 38.06
CA SER A 478 8.86 -12.57 37.12
C SER A 478 7.77 -13.54 36.66
N CYS A 479 6.51 -13.14 36.78
CA CYS A 479 5.39 -14.03 36.44
C CYS A 479 5.37 -14.33 34.93
N GLY A 480 5.96 -13.44 34.14
CA GLY A 480 6.13 -13.65 32.70
C GLY A 480 5.02 -13.08 31.84
N PHE A 481 4.12 -12.34 32.46
CA PHE A 481 2.92 -11.84 31.76
C PHE A 481 3.19 -10.73 30.76
N CYS A 482 3.96 -9.72 31.15
CA CYS A 482 4.14 -8.55 30.31
C CYS A 482 5.57 -8.38 29.79
N THR A 483 5.66 -7.78 28.61
CA THR A 483 6.89 -7.70 27.85
C THR A 483 8.09 -7.17 28.63
N PRO A 484 7.99 -5.93 29.16
CA PRO A 484 9.22 -5.30 29.68
C PRO A 484 9.84 -6.04 30.86
N CYS A 485 9.01 -6.65 31.69
CA CYS A 485 9.47 -7.39 32.85
C CYS A 485 9.91 -8.79 32.49
N ARG A 486 9.08 -9.54 31.76
CA ARG A 486 9.48 -10.89 31.32
C ARG A 486 10.88 -10.84 30.69
N VAL A 487 11.08 -9.90 29.78
CA VAL A 487 12.29 -9.86 28.98
C VAL A 487 13.39 -9.05 29.65
N GLY A 488 13.03 -7.94 30.29
CA GLY A 488 14.02 -7.03 30.88
C GLY A 488 14.78 -7.66 32.02
N THR A 489 14.06 -8.39 32.84
CA THR A 489 14.61 -9.05 33.99
C THR A 489 15.68 -10.08 33.53
N GLN A 490 15.43 -10.70 32.38
CA GLN A 490 16.31 -11.68 31.79
C GLN A 490 17.57 -10.98 31.21
N LEU A 491 17.36 -9.84 30.55
CA LEU A 491 18.45 -9.03 30.01
C LEU A 491 19.43 -8.61 31.08
N ILE A 492 18.91 -8.18 32.22
CA ILE A 492 19.77 -7.73 33.32
C ILE A 492 20.61 -8.91 33.82
N ALA A 493 19.96 -10.02 34.14
CA ALA A 493 20.64 -11.23 34.59
C ALA A 493 21.77 -11.65 33.63
N LYS A 494 21.49 -11.63 32.32
CA LYS A 494 22.47 -12.08 31.32
C LYS A 494 23.63 -11.11 31.17
N THR A 495 23.40 -9.82 31.41
CA THR A 495 24.49 -8.86 31.42
C THR A 495 25.43 -9.20 32.57
N PHE A 496 24.85 -9.48 33.75
CA PHE A 496 25.66 -9.83 34.92
C PHE A 496 26.36 -11.21 34.81
N GLU A 497 25.83 -12.14 34.01
CA GLU A 497 26.58 -13.33 33.64
C GLU A 497 27.88 -12.93 32.94
N LYS A 498 27.79 -11.97 32.03
CA LYS A 498 28.95 -11.51 31.26
C LYS A 498 29.98 -10.81 32.11
N ILE A 499 29.52 -10.05 33.09
CA ILE A 499 30.41 -9.35 34.02
C ILE A 499 31.19 -10.36 34.86
N ALA A 500 30.47 -11.30 35.46
CA ALA A 500 31.07 -12.39 36.22
C ALA A 500 32.08 -13.19 35.41
N ALA A 501 31.80 -13.37 34.12
CA ALA A 501 32.70 -14.09 33.21
C ALA A 501 33.89 -13.24 32.73
N GLY A 502 33.85 -11.95 33.04
CA GLY A 502 35.00 -11.06 32.83
C GLY A 502 35.20 -10.54 31.43
N TYR A 503 34.20 -10.65 30.57
CA TYR A 503 34.32 -10.10 29.21
C TYR A 503 33.24 -9.07 28.88
N ALA A 504 32.54 -8.58 29.90
CA ALA A 504 31.52 -7.55 29.70
C ALA A 504 32.17 -6.21 29.37
N THR A 505 31.56 -5.47 28.45
CA THR A 505 32.05 -4.17 28.03
C THR A 505 31.18 -3.08 28.63
N ARG A 506 31.55 -1.83 28.39
CA ARG A 506 30.73 -0.71 28.82
C ARG A 506 29.40 -0.67 28.03
N PHE A 507 29.45 -1.08 26.77
CA PHE A 507 28.25 -1.19 25.93
C PHE A 507 27.25 -2.17 26.54
N ASP A 508 27.75 -3.33 26.98
CA ASP A 508 26.92 -4.33 27.66
C ASP A 508 26.10 -3.72 28.79
N LEU A 509 26.67 -2.78 29.53
CA LEU A 509 25.95 -2.13 30.64
C LEU A 509 25.03 -1.00 30.18
N GLU A 510 25.51 -0.13 29.30
CA GLU A 510 24.73 1.05 28.90
C GLU A 510 23.44 0.67 28.16
N ARG A 511 23.49 -0.42 27.42
CA ARG A 511 22.33 -0.90 26.67
C ARG A 511 21.16 -1.37 27.55
N LEU A 512 21.39 -1.54 28.86
CA LEU A 512 20.30 -1.86 29.79
C LEU A 512 19.41 -0.65 30.11
N ALA A 513 19.91 0.56 29.87
CA ALA A 513 19.21 1.78 30.27
C ALA A 513 17.77 1.85 29.74
N PRO A 514 17.57 1.65 28.44
CA PRO A 514 16.20 1.71 27.93
C PRO A 514 15.31 0.60 28.47
N ALA A 515 15.90 -0.56 28.77
CA ALA A 515 15.17 -1.68 29.34
C ALA A 515 14.65 -1.32 30.72
N LEU A 516 15.50 -0.66 31.51
CA LEU A 516 15.12 -0.21 32.87
C LEU A 516 13.98 0.79 32.80
N GLU A 517 14.08 1.72 31.86
CA GLU A 517 13.02 2.72 31.67
C GLU A 517 11.69 2.03 31.36
N ALA A 518 11.72 1.13 30.38
CA ALA A 518 10.50 0.42 29.96
C ALA A 518 9.90 -0.41 31.09
N MET A 519 10.75 -1.07 31.87
CA MET A 519 10.30 -1.84 33.03
C MET A 519 9.59 -0.95 34.05
N ARG A 520 10.17 0.20 34.31
CA ARG A 520 9.62 1.19 35.23
C ARG A 520 8.25 1.69 34.77
N LEU A 521 8.14 2.04 33.49
CA LEU A 521 6.96 2.72 32.94
C LEU A 521 5.89 1.79 32.39
N ALA A 522 6.28 0.74 31.68
CA ALA A 522 5.32 -0.03 30.86
C ALA A 522 4.83 -1.32 31.51
N SER A 523 5.36 -1.66 32.68
CA SER A 523 5.00 -2.90 33.35
C SER A 523 3.59 -2.85 33.90
N ASN A 524 3.02 -4.03 34.12
CA ASN A 524 1.63 -4.19 34.53
C ASN A 524 1.46 -4.25 36.04
N CYS A 525 2.54 -4.50 36.77
CA CYS A 525 2.53 -4.47 38.24
C CYS A 525 3.85 -3.92 38.79
N GLY A 526 3.92 -3.82 40.11
CA GLY A 526 5.05 -3.16 40.76
C GLY A 526 6.39 -3.84 40.57
N PHE A 527 6.36 -5.13 40.31
CA PHE A 527 7.57 -5.95 40.12
C PHE A 527 8.59 -5.33 39.16
N GLY A 528 8.10 -4.80 38.04
CA GLY A 528 8.96 -4.25 37.00
C GLY A 528 9.81 -3.06 37.40
N LEU A 529 9.24 -2.16 38.18
CA LEU A 529 10.00 -1.07 38.80
C LEU A 529 11.00 -1.64 39.78
N SER A 530 10.50 -2.43 40.73
CA SER A 530 11.34 -3.03 41.75
C SER A 530 12.59 -3.65 41.17
N ALA A 531 12.43 -4.40 40.08
CA ALA A 531 13.53 -5.24 39.58
C ALA A 531 14.67 -4.46 38.96
N GLY A 532 14.48 -3.18 38.70
CA GLY A 532 15.54 -2.36 38.14
C GLY A 532 16.36 -1.63 39.19
N ASN A 533 15.88 -1.63 40.44
CA ASN A 533 16.48 -0.82 41.50
C ASN A 533 17.91 -1.20 41.87
N PRO A 534 18.19 -2.51 42.06
CA PRO A 534 19.56 -2.87 42.37
C PRO A 534 20.59 -2.30 41.38
N VAL A 535 20.36 -2.40 40.07
CA VAL A 535 21.34 -1.87 39.12
C VAL A 535 21.35 -0.34 39.11
N ARG A 536 20.18 0.27 39.27
CA ARG A 536 20.10 1.73 39.37
C ARG A 536 20.92 2.22 40.57
N ASP A 537 20.73 1.59 41.72
CA ASP A 537 21.51 1.92 42.92
C ASP A 537 22.98 1.61 42.74
N LEU A 538 23.28 0.49 42.08
CA LEU A 538 24.66 0.11 41.85
C LEU A 538 25.40 1.17 41.06
N ILE A 539 24.73 1.76 40.07
CA ILE A 539 25.36 2.77 39.22
C ILE A 539 25.40 4.13 39.92
N ALA A 540 24.38 4.41 40.73
CA ALA A 540 24.36 5.63 41.54
C ALA A 540 25.52 5.71 42.54
N HIS A 541 25.80 4.60 43.22
CA HIS A 541 26.71 4.61 44.36
C HIS A 541 27.97 3.75 44.25
N PHE A 542 28.06 2.93 43.22
CA PHE A 542 29.19 2.01 43.08
C PHE A 542 29.70 1.96 41.64
N ARG A 543 29.49 3.07 40.93
CA ARG A 543 29.94 3.23 39.55
C ARG A 543 31.36 2.71 39.30
N GLN A 544 32.31 3.12 40.14
CA GLN A 544 33.73 2.78 39.93
C GLN A 544 34.04 1.30 40.16
N GLN A 545 33.44 0.72 41.20
CA GLN A 545 33.52 -0.72 41.45
C GLN A 545 33.02 -1.49 40.24
N LEU A 546 31.89 -1.03 39.67
CA LEU A 546 31.30 -1.65 38.49
C LEU A 546 32.20 -1.50 37.28
N GLU A 547 32.54 -0.26 36.94
CA GLU A 547 33.37 0.05 35.77
C GLU A 547 34.72 -0.69 35.80
N ALA A 548 35.22 -0.97 37.00
CA ALA A 548 36.49 -1.67 37.18
C ALA A 548 36.50 -3.07 36.56
N GLN A 549 35.33 -3.69 36.47
CA GLN A 549 35.20 -5.05 35.94
C GLN A 549 34.82 -5.09 34.45
N LEU A 550 34.69 -3.93 33.81
CA LEU A 550 34.25 -3.84 32.41
C LEU A 550 35.39 -3.58 31.43
N GLN A 551 35.29 -4.16 30.25
CA GLN A 551 36.22 -3.90 29.14
C GLN A 551 35.90 -2.54 28.52
N PRO A 552 36.80 -2.03 27.66
CA PRO A 552 36.52 -0.75 26.99
C PRO A 552 35.60 -0.89 25.75
N HIS A 553 34.77 0.15 25.53
CA HIS A 553 33.85 0.20 24.40
C HIS A 553 33.28 1.61 24.34
N ASP A 554 33.33 2.23 23.16
CA ASP A 554 33.01 3.66 23.02
C ASP A 554 31.58 3.96 22.52
N PHE A 555 30.63 3.11 22.91
CA PHE A 555 29.25 3.20 22.41
C PHE A 555 28.60 4.47 22.92
N ILE A 556 27.96 5.22 22.02
CA ILE A 556 27.23 6.44 22.41
C ILE A 556 25.73 6.11 22.58
N PRO A 557 25.25 6.11 23.84
CA PRO A 557 23.83 5.81 24.05
C PRO A 557 22.94 6.98 23.65
N ALA A 558 21.76 6.69 23.14
CA ALA A 558 20.73 7.71 22.92
C ALA A 558 20.07 8.00 24.27
N PHE A 559 19.82 6.93 25.02
CA PHE A 559 19.32 7.02 26.38
C PHE A 559 20.33 6.30 27.28
N SER A 560 21.07 7.07 28.07
CA SER A 560 22.17 6.54 28.88
C SER A 560 21.71 6.18 30.29
N LEU A 561 22.56 5.45 31.00
CA LEU A 561 22.27 5.07 32.39
C LEU A 561 22.05 6.30 33.27
N ASP A 562 22.79 7.37 32.99
CA ASP A 562 22.65 8.64 33.72
C ASP A 562 21.25 9.23 33.57
N ALA A 563 20.67 9.11 32.37
CA ALA A 563 19.31 9.60 32.12
C ALA A 563 18.27 8.76 32.85
N GLU A 564 18.56 7.48 33.05
CA GLU A 564 17.68 6.59 33.81
C GLU A 564 17.72 6.98 35.29
N LEU A 565 18.91 7.29 35.78
CA LEU A 565 19.08 7.77 37.16
C LEU A 565 18.45 9.15 37.38
N ALA A 566 18.57 10.03 36.39
CA ALA A 566 17.94 11.35 36.45
C ALA A 566 16.41 11.26 36.59
N ALA A 567 15.81 10.19 36.08
CA ALA A 567 14.36 9.98 36.13
C ALA A 567 13.85 9.28 37.39
N THR A 568 14.74 8.80 38.26
CA THR A 568 14.35 7.96 39.40
C THR A 568 14.92 8.39 40.78
N ARG A 569 16.17 8.00 41.06
CA ARG A 569 16.75 8.20 42.40
C ARG A 569 17.06 9.67 42.74
N ARG A 570 17.23 10.50 41.72
CA ARG A 570 17.68 11.88 41.89
C ARG A 570 16.52 12.86 41.74
N LEU A 571 15.48 12.72 42.57
CA LEU A 571 14.31 13.60 42.51
C LEU A 571 14.33 14.69 43.60
N HIS A 580 3.79 5.57 45.38
CA HIS A 580 4.50 5.42 44.12
C HIS A 580 4.45 3.97 43.61
N LEU A 581 4.59 3.00 44.53
CA LEU A 581 4.41 1.58 44.19
C LEU A 581 2.94 1.17 44.32
N ALA A 582 2.19 1.93 45.12
CA ALA A 582 0.74 1.76 45.20
C ALA A 582 0.02 2.27 43.95
N GLN A 583 0.76 2.96 43.07
CA GLN A 583 0.25 3.39 41.76
C GLN A 583 -0.31 2.21 40.98
N PHE A 584 0.38 1.07 41.03
CA PHE A 584 -0.01 -0.14 40.30
C PHE A 584 -1.18 -0.89 40.94
N GLU A 585 -1.34 -0.75 42.25
CA GLU A 585 -2.21 -1.64 43.03
C GLU A 585 -3.60 -1.12 43.36
N GLN A 586 -3.73 0.20 43.48
CA GLN A 586 -4.95 0.83 44.00
C GLN A 586 -5.36 2.04 43.15
N PRO A 587 -6.68 2.33 43.09
CA PRO A 587 -7.12 3.56 42.41
C PRO A 587 -6.66 4.80 43.19
N GLU A 588 -6.85 5.99 42.62
CA GLU A 588 -6.25 7.19 43.21
C GLU A 588 -7.29 7.92 44.03
N VAL A 589 -6.82 8.83 44.90
CA VAL A 589 -7.68 9.78 45.61
C VAL A 589 -7.45 11.21 45.12
N ALA B 9 -22.34 7.58 21.15
CA ALA B 9 -21.27 8.37 21.85
C ALA B 9 -21.76 9.77 22.25
N SER B 10 -21.86 10.00 23.57
CA SER B 10 -22.28 11.28 24.14
C SER B 10 -21.12 12.03 24.81
N GLU B 11 -20.43 11.31 25.69
CA GLU B 11 -19.34 11.88 26.47
C GLU B 11 -18.06 12.05 25.65
N THR B 12 -17.10 12.82 26.15
CA THR B 12 -15.84 13.07 25.43
C THR B 12 -14.60 13.16 26.32
N PHE B 13 -13.44 12.87 25.75
CA PHE B 13 -12.16 13.11 26.42
C PHE B 13 -11.11 13.62 25.41
N THR B 14 -9.90 13.85 25.87
CA THR B 14 -8.87 14.48 25.05
C THR B 14 -7.69 13.56 24.82
N LEU B 15 -7.40 13.33 23.54
CA LEU B 15 -6.27 12.52 23.12
C LEU B 15 -5.39 13.38 22.22
N ASP B 16 -4.17 13.66 22.69
CA ASP B 16 -3.26 14.52 21.95
C ASP B 16 -3.94 15.84 21.59
N GLU B 17 -4.47 16.50 22.62
CA GLU B 17 -5.14 17.81 22.48
C GLU B 17 -6.23 17.80 21.40
N GLU B 18 -6.98 16.71 21.33
CA GLU B 18 -8.05 16.56 20.35
C GLU B 18 -9.22 15.80 20.98
N SER B 19 -10.43 16.23 20.67
CA SER B 19 -11.62 15.73 21.37
C SER B 19 -12.12 14.42 20.77
N ILE B 20 -12.25 13.40 21.61
CA ILE B 20 -12.61 12.05 21.18
C ILE B 20 -13.89 11.64 21.88
N PRO B 21 -14.93 11.27 21.11
CA PRO B 21 -16.15 10.78 21.75
C PRO B 21 -15.94 9.40 22.35
N PHE B 22 -16.78 9.02 23.32
CA PHE B 22 -16.74 7.66 23.86
C PHE B 22 -18.06 7.23 24.49
N VAL B 23 -18.28 5.93 24.55
CA VAL B 23 -19.43 5.34 25.23
C VAL B 23 -18.92 4.81 26.57
N PRO B 24 -19.64 5.09 27.68
CA PRO B 24 -19.22 4.47 28.95
C PRO B 24 -19.61 2.98 29.03
N GLY B 25 -18.71 2.07 29.43
CA GLY B 25 -17.33 2.36 29.85
C GLY B 25 -16.29 1.80 28.88
N GLN B 26 -16.10 2.48 27.77
CA GLN B 26 -15.03 2.15 26.85
C GLN B 26 -13.70 2.56 27.45
N THR B 27 -12.64 1.87 27.03
CA THR B 27 -11.29 2.23 27.46
C THR B 27 -10.79 3.28 26.50
N VAL B 28 -9.68 3.92 26.83
CA VAL B 28 -9.09 4.91 25.94
C VAL B 28 -8.76 4.31 24.58
N LEU B 29 -8.27 3.07 24.58
CA LEU B 29 -7.88 2.43 23.32
C LEU B 29 -9.10 2.15 22.45
N GLU B 30 -10.14 1.58 23.03
CA GLU B 30 -11.37 1.29 22.30
C GLU B 30 -11.96 2.55 21.67
N ALA B 31 -12.00 3.64 22.44
CA ALA B 31 -12.55 4.89 21.96
C ALA B 31 -11.67 5.51 20.90
N ALA B 32 -10.38 5.59 21.17
CA ALA B 32 -9.41 6.12 20.21
C ALA B 32 -9.51 5.44 18.84
N LEU B 33 -9.57 4.12 18.84
CA LEU B 33 -9.61 3.36 17.60
C LEU B 33 -10.94 3.51 16.86
N ALA B 34 -12.05 3.58 17.60
CA ALA B 34 -13.38 3.83 17.01
C ALA B 34 -13.44 5.20 16.33
N ALA B 35 -12.70 6.16 16.88
CA ALA B 35 -12.61 7.51 16.30
C ALA B 35 -11.59 7.64 15.17
N GLY B 36 -10.95 6.53 14.79
CA GLY B 36 -9.95 6.55 13.72
C GLY B 36 -8.58 7.06 14.12
N ARG B 37 -8.29 7.06 15.42
CA ARG B 37 -7.00 7.54 15.92
C ARG B 37 -6.20 6.35 16.45
N TYR B 38 -5.00 6.17 15.91
CA TYR B 38 -4.19 5.01 16.22
C TYR B 38 -3.37 5.17 17.48
N ILE B 39 -3.43 4.14 18.32
CA ILE B 39 -2.44 3.90 19.38
C ILE B 39 -1.87 2.50 19.13
N PRO B 40 -0.54 2.36 19.09
CA PRO B 40 0.05 1.05 18.83
C PRO B 40 -0.46 -0.02 19.77
N HIS B 41 -0.68 -1.21 19.22
CA HIS B 41 -1.05 -2.37 20.03
C HIS B 41 -0.79 -3.68 19.30
N LEU B 42 -0.56 -4.73 20.09
CA LEU B 42 -0.37 -6.08 19.56
C LEU B 42 -1.40 -7.06 20.09
N CYS B 43 -1.75 -6.95 21.37
CA CYS B 43 -2.62 -7.95 21.99
C CYS B 43 -4.05 -7.49 22.19
N TRP B 44 -4.43 -6.38 21.56
CA TRP B 44 -5.85 -5.99 21.47
C TRP B 44 -6.42 -6.43 20.14
N HIS B 45 -7.61 -7.02 20.20
CA HIS B 45 -8.32 -7.46 19.01
C HIS B 45 -9.81 -7.15 19.18
N PRO B 46 -10.51 -6.73 18.11
CA PRO B 46 -11.91 -6.26 18.20
C PRO B 46 -12.91 -7.28 18.75
N GLU B 47 -12.73 -8.54 18.39
CA GLU B 47 -13.52 -9.64 18.92
C GLU B 47 -13.06 -10.19 20.27
N MET B 48 -11.80 -9.98 20.63
CA MET B 48 -11.21 -10.67 21.81
C MET B 48 -10.88 -9.76 22.99
N GLY B 49 -10.80 -8.46 22.75
CA GLY B 49 -10.46 -7.52 23.80
C GLY B 49 -8.97 -7.47 24.04
N ASN B 50 -8.59 -6.93 25.19
CA ASN B 50 -7.20 -6.70 25.52
C ASN B 50 -6.66 -7.75 26.47
N HIS B 51 -5.55 -8.38 26.07
CA HIS B 51 -4.87 -9.33 26.94
C HIS B 51 -4.18 -8.60 28.10
N GLY B 52 -3.56 -7.46 27.79
CA GLY B 52 -2.80 -6.69 28.78
C GLY B 52 -1.30 -6.98 28.84
N SER B 53 -0.83 -7.87 27.99
CA SER B 53 0.56 -8.34 27.99
C SER B 53 1.58 -7.51 27.21
N CYS B 54 1.20 -7.06 26.02
CA CYS B 54 2.21 -6.51 25.07
C CYS B 54 2.83 -5.18 25.53
N ARG B 55 1.97 -4.32 26.10
CA ARG B 55 2.32 -3.00 26.64
C ARG B 55 2.65 -1.92 25.59
N LEU B 56 2.39 -2.18 24.32
CA LEU B 56 2.65 -1.18 23.27
C LEU B 56 1.73 0.02 23.34
N CYS B 57 0.56 -0.16 23.95
CA CYS B 57 -0.47 0.85 23.99
C CYS B 57 -0.35 1.80 25.18
N VAL B 58 0.83 1.89 25.78
CA VAL B 58 1.03 2.80 26.90
C VAL B 58 0.79 4.25 26.47
N VAL B 59 0.21 5.02 27.39
CA VAL B 59 -0.05 6.46 27.20
C VAL B 59 0.15 7.19 28.52
N GLU B 60 0.38 8.50 28.45
CA GLU B 60 0.52 9.35 29.64
C GLU B 60 -0.85 9.86 30.09
N ALA B 61 -1.20 9.63 31.36
CA ALA B 61 -2.46 10.13 31.92
C ALA B 61 -2.46 10.00 33.45
N ASN B 62 -2.78 11.09 34.14
CA ASN B 62 -3.03 11.10 35.60
C ASN B 62 -1.90 10.80 36.62
N GLY B 63 -0.71 11.37 36.52
CA GLY B 63 -0.10 11.84 35.30
C GLY B 63 1.08 10.89 35.18
N ARG B 64 0.74 9.62 34.93
CA ARG B 64 1.72 8.57 34.79
C ARG B 64 1.50 7.82 33.47
N ILE B 65 2.50 7.03 33.10
CA ILE B 65 2.42 6.18 31.93
C ILE B 65 1.72 4.88 32.29
N GLN B 66 0.67 4.55 31.54
CA GLN B 66 -0.15 3.35 31.79
C GLN B 66 -0.78 2.85 30.49
N ALA B 67 -1.31 1.64 30.53
CA ALA B 67 -1.85 0.98 29.33
C ALA B 67 -3.21 1.53 28.92
N SER B 68 -3.30 2.08 27.70
CA SER B 68 -4.54 2.59 27.14
C SER B 68 -5.64 1.53 27.06
N CYS B 69 -5.28 0.26 26.86
CA CYS B 69 -6.27 -0.80 26.75
C CYS B 69 -6.92 -1.16 28.08
N ALA B 70 -6.34 -0.68 29.18
CA ALA B 70 -6.89 -0.89 30.53
C ALA B 70 -7.42 0.40 31.16
N LEU B 71 -6.96 1.55 30.67
CA LEU B 71 -7.42 2.86 31.14
C LEU B 71 -8.84 3.19 30.66
N PRO B 72 -9.83 3.20 31.58
CA PRO B 72 -11.18 3.56 31.15
C PRO B 72 -11.28 5.06 30.82
N ALA B 73 -12.09 5.39 29.82
CA ALA B 73 -12.23 6.77 29.37
C ALA B 73 -13.17 7.47 30.33
N GLN B 74 -12.74 8.65 30.79
CA GLN B 74 -13.56 9.49 31.65
C GLN B 74 -13.69 10.86 31.00
N PRO B 75 -14.80 11.57 31.28
CA PRO B 75 -15.00 12.90 30.72
C PRO B 75 -13.85 13.85 31.03
N GLY B 76 -13.40 14.59 30.03
CA GLY B 76 -12.31 15.54 30.18
C GLY B 76 -10.93 14.94 30.44
N LEU B 77 -10.81 13.61 30.45
CA LEU B 77 -9.53 12.95 30.71
C LEU B 77 -8.49 13.37 29.69
N GLN B 78 -7.31 13.72 30.18
CA GLN B 78 -6.22 14.25 29.36
C GLN B 78 -5.20 13.16 29.06
N VAL B 79 -5.20 12.67 27.82
CA VAL B 79 -4.34 11.57 27.43
C VAL B 79 -3.34 12.01 26.39
N VAL B 80 -2.07 11.65 26.59
CA VAL B 80 -1.04 11.81 25.57
C VAL B 80 -0.57 10.43 25.14
N SER B 81 -0.72 10.14 23.84
CA SER B 81 -0.25 8.90 23.26
C SER B 81 0.99 9.08 22.38
N LYS B 82 1.36 10.33 22.10
CA LYS B 82 2.53 10.62 21.28
C LYS B 82 3.49 11.52 22.03
N SER B 83 4.70 11.03 22.26
CA SER B 83 5.77 11.83 22.83
C SER B 83 7.09 11.15 22.53
N GLU B 84 8.19 11.81 22.86
CA GLU B 84 9.51 11.24 22.67
C GLU B 84 9.70 10.04 23.60
N THR B 85 9.24 10.19 24.84
CA THR B 85 9.32 9.12 25.84
C THR B 85 8.56 7.87 25.37
N LEU B 86 7.31 8.05 24.96
CA LEU B 86 6.46 6.92 24.58
C LEU B 86 6.99 6.22 23.32
N THR B 87 7.52 6.99 22.39
CA THR B 87 8.13 6.41 21.20
C THR B 87 9.30 5.53 21.59
N ARG B 88 10.12 6.00 22.52
CA ARG B 88 11.30 5.24 22.96
C ARG B 88 10.91 4.00 23.76
N VAL B 89 9.91 4.13 24.64
CA VAL B 89 9.44 2.98 25.38
C VAL B 89 8.86 1.90 24.44
N ARG B 90 8.04 2.31 23.48
CA ARG B 90 7.51 1.38 22.51
C ARG B 90 8.61 0.74 21.66
N ARG B 91 9.60 1.52 21.22
CA ARG B 91 10.77 0.95 20.53
C ARG B 91 11.44 -0.14 21.37
N THR B 92 11.67 0.16 22.63
CA THR B 92 12.32 -0.77 23.52
C THR B 92 11.52 -2.06 23.63
N LEU B 93 10.19 -1.93 23.80
CA LEU B 93 9.31 -3.08 23.93
C LEU B 93 9.36 -3.98 22.70
N LEU B 94 9.43 -3.38 21.53
CA LEU B 94 9.52 -4.13 20.30
C LEU B 94 10.88 -4.83 20.21
N GLU B 95 11.94 -4.12 20.59
CA GLU B 95 13.28 -4.71 20.59
C GLU B 95 13.39 -5.90 21.55
N MET B 96 12.59 -5.86 22.62
CA MET B 96 12.53 -6.95 23.59
C MET B 96 11.82 -8.17 23.03
N LEU B 97 10.75 -7.95 22.26
CA LEU B 97 10.02 -9.04 21.64
C LEU B 97 10.91 -9.73 20.60
N PHE B 98 11.67 -8.93 19.86
CA PHE B 98 12.64 -9.48 18.92
C PHE B 98 13.73 -10.28 19.62
N ALA B 99 14.23 -9.74 20.73
CA ALA B 99 15.31 -10.36 21.49
C ALA B 99 14.93 -11.71 22.07
N GLU B 100 13.69 -11.86 22.56
CA GLU B 100 13.33 -13.05 23.33
C GLU B 100 13.04 -14.25 22.44
N GLY B 101 12.55 -13.99 21.23
CA GLY B 101 12.28 -15.05 20.28
C GLY B 101 13.37 -15.17 19.24
N ASN B 102 13.16 -16.10 18.31
CA ASN B 102 13.98 -16.21 17.14
C ASN B 102 13.27 -15.57 15.98
N HIS B 103 13.32 -14.25 15.94
CA HIS B 103 12.65 -13.51 14.89
C HIS B 103 13.62 -13.22 13.78
N PHE B 104 13.89 -14.28 13.02
CA PHE B 104 14.72 -14.22 11.85
C PHE B 104 13.79 -14.08 10.64
N CYS B 105 13.43 -12.84 10.32
CA CYS B 105 12.46 -12.54 9.27
C CYS B 105 12.81 -13.09 7.89
N PRO B 106 14.09 -13.01 7.49
CA PRO B 106 14.44 -13.51 6.16
C PRO B 106 13.99 -14.97 5.91
N GLY B 107 14.00 -15.79 6.95
CA GLY B 107 13.52 -17.16 6.86
C GLY B 107 12.09 -17.39 7.30
N CYS B 108 11.31 -16.32 7.45
CA CYS B 108 9.94 -16.40 8.00
C CYS B 108 8.89 -16.11 6.95
N GLU B 109 7.88 -16.98 6.86
CA GLU B 109 6.86 -16.84 5.84
C GLU B 109 5.82 -15.75 6.15
N LYS B 110 5.80 -15.26 7.38
CA LYS B 110 4.86 -14.19 7.75
C LYS B 110 5.43 -12.81 7.44
N SER B 111 6.69 -12.72 6.97
CA SER B 111 7.30 -11.46 6.60
C SER B 111 6.46 -10.67 5.61
N GLY B 112 6.17 -9.42 5.95
CA GLY B 112 5.30 -8.57 5.16
C GLY B 112 3.84 -8.75 5.52
N ASP B 113 3.55 -9.70 6.38
CA ASP B 113 2.19 -10.03 6.80
C ASP B 113 2.14 -10.11 8.32
N CYS B 114 3.10 -9.46 8.97
CA CYS B 114 3.37 -9.62 10.39
C CYS B 114 3.23 -8.28 11.11
N LEU B 115 2.37 -8.24 12.12
CA LEU B 115 2.11 -7.02 12.87
C LEU B 115 3.33 -6.58 13.70
N LEU B 116 4.03 -7.52 14.34
CA LEU B 116 5.25 -7.22 15.07
C LEU B 116 6.27 -6.56 14.15
N GLN B 117 6.54 -7.20 13.02
CA GLN B 117 7.48 -6.66 12.05
C GLN B 117 7.04 -5.27 11.60
N ALA B 118 5.77 -5.12 11.27
CA ALA B 118 5.24 -3.85 10.75
C ALA B 118 5.37 -2.73 11.78
N LEU B 119 5.04 -3.04 13.03
CA LEU B 119 5.22 -2.08 14.12
C LEU B 119 6.67 -1.68 14.35
N ALA B 120 7.60 -2.63 14.24
CA ALA B 120 9.01 -2.29 14.31
C ALA B 120 9.42 -1.36 13.16
N TYR B 121 8.98 -1.66 11.94
CA TYR B 121 9.26 -0.77 10.82
C TYR B 121 8.78 0.66 11.14
N ALA B 122 7.53 0.75 11.60
CA ALA B 122 6.91 2.04 11.89
C ALA B 122 7.57 2.82 13.04
N HIS B 123 8.31 2.12 13.89
CA HIS B 123 9.05 2.78 14.97
C HIS B 123 10.52 2.99 14.62
N GLY B 124 10.85 2.92 13.33
CA GLY B 124 12.21 3.13 12.87
C GLY B 124 13.24 2.20 13.49
N MET B 125 12.82 0.98 13.83
CA MET B 125 13.72 0.03 14.49
C MET B 125 14.74 -0.48 13.48
N THR B 126 15.90 0.15 13.50
CA THR B 126 16.96 -0.12 12.54
C THR B 126 17.81 -1.30 13.02
N ALA B 127 17.78 -1.54 14.32
CA ALA B 127 18.49 -2.65 14.93
C ALA B 127 18.04 -2.82 16.37
N SER B 128 17.82 -4.07 16.79
CA SER B 128 17.57 -4.38 18.20
C SER B 128 18.90 -4.32 18.94
N HIS B 129 18.99 -3.46 19.94
CA HIS B 129 20.24 -3.30 20.68
C HIS B 129 20.46 -4.33 21.78
N PHE B 130 19.48 -5.21 22.01
CA PHE B 130 19.60 -6.23 23.04
C PHE B 130 20.23 -7.53 22.53
N ASP B 131 21.03 -8.15 23.39
CA ASP B 131 21.65 -9.43 23.09
C ASP B 131 20.55 -10.51 23.01
N PRO B 132 20.40 -11.18 21.86
CA PRO B 132 19.24 -12.07 21.71
C PRO B 132 19.40 -13.37 22.51
N PHE B 133 18.28 -14.05 22.76
CA PHE B 133 18.23 -15.17 23.69
C PHE B 133 18.49 -16.50 23.00
N TYR B 134 18.20 -16.58 21.70
CA TYR B 134 18.31 -17.83 20.96
C TYR B 134 17.69 -19.01 21.71
N PRO B 135 16.37 -18.96 21.96
CA PRO B 135 15.66 -20.08 22.59
C PRO B 135 15.64 -21.31 21.70
N GLN B 136 15.42 -22.48 22.30
CA GLN B 136 15.58 -23.75 21.61
C GLN B 136 14.33 -24.61 21.57
N ARG B 137 13.16 -23.99 21.58
CA ARG B 137 11.91 -24.75 21.57
C ARG B 137 11.64 -25.32 20.18
N ARG B 138 10.93 -26.43 20.14
CA ARG B 138 10.67 -27.12 18.88
C ARG B 138 9.24 -26.89 18.42
N ILE B 139 9.06 -26.94 17.11
CA ILE B 139 7.76 -26.76 16.51
C ILE B 139 6.83 -27.89 16.93
N ASP B 140 5.59 -27.54 17.29
CA ASP B 140 4.54 -28.54 17.39
C ASP B 140 3.87 -28.65 16.02
N ALA B 141 4.18 -29.73 15.30
CA ALA B 141 3.57 -30.02 14.00
C ALA B 141 2.69 -31.29 14.03
N SER B 142 2.25 -31.68 15.21
CA SER B 142 1.39 -32.86 15.36
C SER B 142 0.03 -32.74 14.65
N HIS B 143 -0.48 -31.52 14.53
CA HIS B 143 -1.78 -31.31 13.90
C HIS B 143 -1.64 -31.45 12.39
N PRO B 144 -2.58 -32.14 11.73
CA PRO B 144 -2.41 -32.40 10.29
C PRO B 144 -2.52 -31.18 9.37
N ASP B 145 -3.12 -30.09 9.84
CA ASP B 145 -3.29 -28.84 9.06
C ASP B 145 -2.63 -27.61 9.65
N LEU B 146 -2.06 -27.72 10.85
CA LEU B 146 -1.57 -26.54 11.57
C LEU B 146 -0.25 -26.84 12.23
N TRP B 147 0.53 -25.77 12.43
CA TRP B 147 1.76 -25.88 13.20
C TRP B 147 2.01 -24.65 14.06
N LEU B 148 2.77 -24.86 15.13
CA LEU B 148 3.08 -23.81 16.09
C LEU B 148 4.57 -23.69 16.26
N ASP B 149 5.10 -22.48 16.04
CA ASP B 149 6.49 -22.17 16.33
C ASP B 149 6.56 -21.29 17.57
N PRO B 150 6.91 -21.87 18.72
CA PRO B 150 6.86 -21.07 19.94
C PRO B 150 7.92 -19.97 20.00
N ASN B 151 9.01 -20.12 19.24
CA ASN B 151 10.08 -19.12 19.23
C ASN B 151 9.70 -17.85 18.49
N ARG B 152 8.54 -17.84 17.81
CA ARG B 152 7.99 -16.63 17.20
C ARG B 152 6.77 -16.08 17.94
N CYS B 153 6.28 -16.81 18.93
CA CYS B 153 5.12 -16.41 19.69
C CYS B 153 5.44 -15.23 20.64
N ILE B 154 4.59 -14.20 20.60
CA ILE B 154 4.75 -13.01 21.47
C ILE B 154 3.80 -13.04 22.68
N LEU B 155 3.18 -14.20 22.91
CA LEU B 155 2.39 -14.43 24.11
C LEU B 155 1.30 -13.38 24.26
N CYS B 156 0.59 -13.12 23.15
CA CYS B 156 -0.45 -12.10 23.09
C CYS B 156 -1.79 -12.63 23.59
N GLY B 157 -1.93 -13.95 23.72
CA GLY B 157 -3.13 -14.56 24.26
C GLY B 157 -4.31 -14.68 23.30
N LEU B 158 -4.21 -14.09 22.12
CA LEU B 158 -5.38 -14.01 21.23
C LEU B 158 -5.86 -15.39 20.78
N CYS B 159 -4.97 -16.30 20.43
CA CYS B 159 -5.37 -17.67 20.04
C CYS B 159 -6.11 -18.39 21.18
N VAL B 160 -5.64 -18.20 22.41
CA VAL B 160 -6.21 -18.88 23.56
C VAL B 160 -7.65 -18.39 23.74
N ARG B 161 -7.83 -17.07 23.67
CA ARG B 161 -9.13 -16.44 23.79
C ARG B 161 -10.10 -16.85 22.70
N ALA B 162 -9.64 -16.90 21.46
CA ALA B 162 -10.47 -17.33 20.34
C ALA B 162 -10.95 -18.76 20.54
N SER B 163 -10.06 -19.63 20.99
CA SER B 163 -10.38 -21.02 21.21
C SER B 163 -11.34 -21.19 22.39
N LEU B 164 -11.21 -20.34 23.41
CA LEU B 164 -12.14 -20.36 24.53
C LEU B 164 -13.50 -19.85 24.12
N ALA B 165 -13.53 -18.74 23.41
CA ALA B 165 -14.78 -18.11 22.99
C ALA B 165 -15.60 -19.00 22.07
N GLU B 166 -14.93 -19.82 21.27
CA GLU B 166 -15.64 -20.72 20.36
C GLU B 166 -15.84 -22.11 20.98
N GLY B 167 -15.37 -22.31 22.20
CA GLY B 167 -15.68 -23.51 22.99
C GLY B 167 -14.81 -24.74 22.77
N LYS B 168 -13.64 -24.58 22.15
CA LYS B 168 -12.73 -25.71 21.91
C LYS B 168 -11.70 -25.90 23.03
N GLU B 169 -11.42 -24.83 23.77
CA GLU B 169 -10.44 -24.83 24.89
C GLU B 169 -9.14 -25.62 24.62
N ALA B 170 -8.60 -25.45 23.42
CA ALA B 170 -7.49 -26.27 22.95
C ALA B 170 -6.11 -25.74 23.35
N LEU B 171 -6.06 -24.52 23.86
CA LEU B 171 -4.80 -23.81 24.06
C LEU B 171 -4.71 -23.16 25.42
N VAL B 172 -3.49 -23.04 25.92
CA VAL B 172 -3.23 -22.39 27.21
C VAL B 172 -1.78 -21.87 27.23
N ILE B 173 -1.58 -20.71 27.83
CA ILE B 173 -0.23 -20.21 28.08
C ILE B 173 0.21 -20.67 29.48
N GLY B 174 1.29 -21.44 29.54
CA GLY B 174 1.78 -21.97 30.82
C GLY B 174 3.24 -21.64 31.07
N GLY B 175 3.69 -21.88 32.30
CA GLY B 175 5.05 -21.61 32.70
C GLY B 175 5.19 -20.22 33.29
N ARG B 176 6.27 -20.01 34.02
CA ARG B 176 6.53 -18.74 34.68
C ARG B 176 7.72 -18.05 34.05
N GLY B 177 7.71 -16.73 34.10
CA GLY B 177 8.79 -15.92 33.54
C GLY B 177 9.10 -16.29 32.10
N ILE B 178 10.38 -16.48 31.83
CA ILE B 178 10.84 -16.76 30.49
C ILE B 178 10.42 -18.18 30.03
N ALA B 179 10.03 -19.03 30.98
CA ALA B 179 9.51 -20.37 30.64
C ALA B 179 8.12 -20.33 30.03
N SER B 180 7.46 -19.16 30.09
CA SER B 180 6.13 -19.02 29.56
C SER B 180 6.04 -19.39 28.08
N ARG B 181 5.07 -20.22 27.73
CA ARG B 181 4.82 -20.55 26.32
C ARG B 181 3.42 -21.07 26.08
N LEU B 182 3.03 -21.05 24.82
CA LEU B 182 1.76 -21.61 24.40
C LEU B 182 1.85 -23.14 24.38
N LEU B 183 0.81 -23.78 24.93
CA LEU B 183 0.74 -25.23 25.01
C LEU B 183 -0.64 -25.74 24.63
N ALA B 184 -0.72 -27.01 24.22
CA ALA B 184 -2.01 -27.65 23.98
C ALA B 184 -2.56 -28.05 25.33
N THR B 185 -3.89 -28.10 25.43
CA THR B 185 -4.54 -28.51 26.67
C THR B 185 -4.76 -30.03 26.75
N SER B 186 -4.36 -30.78 25.71
CA SER B 186 -4.47 -32.24 25.70
C SER B 186 -3.56 -32.86 26.77
N ALA B 187 -3.79 -34.13 27.06
CA ALA B 187 -3.02 -34.84 28.07
C ALA B 187 -1.63 -35.13 27.54
N SER B 188 -1.54 -35.40 26.23
CA SER B 188 -0.25 -35.62 25.56
C SER B 188 0.54 -34.33 25.35
N GLY B 189 -0.15 -33.19 25.34
CA GLY B 189 0.46 -31.90 25.06
C GLY B 189 0.76 -31.69 23.57
N ARG B 190 0.09 -32.45 22.71
CA ARG B 190 0.19 -32.28 21.27
C ARG B 190 -1.05 -31.58 20.73
N LEU B 191 -0.88 -30.60 19.84
CA LEU B 191 -2.03 -29.88 19.28
C LEU B 191 -2.93 -30.84 18.53
N GLY B 192 -2.32 -31.82 17.88
CA GLY B 192 -3.08 -32.87 17.18
C GLY B 192 -4.12 -33.63 18.01
N ASP B 193 -3.90 -33.71 19.32
CA ASP B 193 -4.79 -34.41 20.24
C ASP B 193 -5.84 -33.51 20.86
N THR B 194 -5.89 -32.26 20.45
CA THR B 194 -6.93 -31.38 20.92
C THR B 194 -8.05 -31.37 19.91
N ALA B 195 -9.09 -30.62 20.20
CA ALA B 195 -10.19 -30.43 19.27
C ALA B 195 -9.96 -29.26 18.32
N LEU B 196 -8.76 -28.67 18.34
CA LEU B 196 -8.43 -27.57 17.44
C LEU B 196 -8.58 -28.03 15.99
N ALA B 197 -9.08 -27.16 15.13
CA ALA B 197 -9.31 -27.49 13.74
C ALA B 197 -8.96 -26.30 12.87
N ALA B 198 -8.58 -26.58 11.63
CA ALA B 198 -8.16 -25.57 10.67
C ALA B 198 -9.20 -24.49 10.39
N THR B 199 -10.47 -24.78 10.67
CA THR B 199 -11.55 -23.82 10.49
C THR B 199 -11.81 -22.94 11.73
N ASP B 200 -11.19 -23.27 12.86
CA ASP B 200 -11.36 -22.48 14.09
C ASP B 200 -10.83 -21.06 13.94
N ARG B 201 -11.51 -20.14 14.62
CA ARG B 201 -11.08 -18.76 14.75
C ARG B 201 -9.63 -18.65 15.23
N ALA B 202 -9.30 -19.44 16.25
CA ALA B 202 -7.96 -19.45 16.83
C ALA B 202 -6.87 -19.82 15.85
N ALA B 203 -7.19 -20.65 14.86
CA ALA B 203 -6.23 -21.10 13.85
C ALA B 203 -5.75 -20.00 12.90
N ARG B 204 -6.46 -18.88 12.86
CA ARG B 204 -6.13 -17.80 11.92
C ARG B 204 -6.00 -16.41 12.54
N ILE B 205 -5.98 -16.32 13.87
CA ILE B 205 -5.98 -15.02 14.55
C ILE B 205 -4.58 -14.50 14.86
N CYS B 206 -3.58 -15.35 14.76
CA CYS B 206 -2.25 -14.98 15.21
C CYS B 206 -1.67 -13.83 14.39
N PRO B 207 -1.30 -12.72 15.07
CA PRO B 207 -0.77 -11.54 14.39
C PRO B 207 0.68 -11.65 13.90
N VAL B 208 1.38 -12.70 14.32
CA VAL B 208 2.77 -12.93 13.94
C VAL B 208 2.90 -14.30 13.25
N GLY B 209 4.11 -14.85 13.18
CA GLY B 209 4.33 -16.12 12.48
C GLY B 209 4.38 -17.37 13.33
N ALA B 210 3.58 -17.39 14.40
CA ALA B 210 3.71 -18.43 15.42
C ALA B 210 2.74 -19.60 15.21
N LEU B 211 1.44 -19.33 15.16
CA LEU B 211 0.41 -20.37 14.93
C LEU B 211 -0.12 -20.27 13.51
N ASN B 212 0.31 -21.20 12.67
CA ASN B 212 0.22 -21.04 11.22
C ASN B 212 -0.53 -22.21 10.59
N PHE B 213 -1.04 -22.01 9.39
CA PHE B 213 -1.47 -23.12 8.54
C PHE B 213 -0.26 -23.83 7.92
N LYS B 214 -0.39 -25.13 7.68
CA LYS B 214 0.66 -25.88 6.97
C LYS B 214 0.54 -25.70 5.48
N ALA B 215 1.68 -25.65 4.78
CA ALA B 215 1.74 -25.67 3.31
C ALA B 215 0.88 -24.57 2.67
N ALA B 216 0.98 -23.38 3.24
CA ALA B 216 0.28 -22.21 2.73
C ALA B 216 1.22 -21.01 2.69
N GLY B 217 2.52 -21.26 2.65
CA GLY B 217 3.52 -20.20 2.77
C GLY B 217 4.05 -19.66 1.45
N PHE B 218 4.46 -18.40 1.48
CA PHE B 218 5.06 -17.74 0.32
C PHE B 218 4.17 -17.81 -0.92
N THR B 219 2.90 -17.48 -0.74
CA THR B 219 1.94 -17.40 -1.84
C THR B 219 1.74 -15.98 -2.38
N THR B 220 2.17 -14.97 -1.60
CA THR B 220 1.99 -13.57 -1.99
C THR B 220 3.31 -12.94 -2.42
N PRO B 221 3.37 -12.41 -3.64
CA PRO B 221 4.60 -11.79 -4.11
C PRO B 221 5.07 -10.59 -3.29
N ILE B 222 6.37 -10.36 -3.27
CA ILE B 222 6.95 -9.18 -2.66
C ILE B 222 6.38 -7.96 -3.37
N GLY B 223 6.04 -6.94 -2.57
CA GLY B 223 5.33 -5.78 -3.08
C GLY B 223 3.82 -5.88 -3.02
N LYS B 224 3.27 -7.04 -2.66
CA LYS B 224 1.82 -7.18 -2.55
C LYS B 224 1.38 -7.80 -1.22
N ARG B 225 2.26 -7.76 -0.23
CA ARG B 225 1.99 -8.35 1.06
C ARG B 225 1.31 -7.27 1.92
N ARG B 226 0.60 -7.72 2.93
CA ARG B 226 -0.30 -6.87 3.69
C ARG B 226 0.31 -5.56 4.23
N PHE B 227 1.55 -5.59 4.70
CA PHE B 227 2.19 -4.41 5.30
C PHE B 227 3.27 -3.80 4.39
N ASP B 228 3.31 -4.19 3.12
CA ASP B 228 4.36 -3.72 2.21
C ASP B 228 4.27 -2.23 1.90
N HIS B 229 3.06 -1.70 1.86
CA HIS B 229 2.87 -0.33 1.41
C HIS B 229 2.45 0.63 2.51
N ARG B 230 1.44 0.26 3.29
CA ARG B 230 1.02 1.08 4.41
C ARG B 230 1.45 0.48 5.74
N PRO B 231 1.68 1.32 6.75
CA PRO B 231 1.87 0.85 8.11
C PRO B 231 0.53 0.59 8.82
N PRO B 232 0.56 -0.04 10.01
CA PRO B 232 -0.64 -0.33 10.80
C PRO B 232 -1.53 0.89 11.06
N GLU B 233 -0.92 2.05 11.30
CA GLU B 233 -1.65 3.33 11.49
C GLU B 233 -2.70 3.55 10.40
N ALA B 234 -2.29 3.33 9.16
CA ALA B 234 -3.08 3.72 7.99
C ALA B 234 -3.90 2.58 7.39
N MET B 235 -4.27 1.58 8.19
CA MET B 235 -5.01 0.42 7.69
C MET B 235 -6.40 0.31 8.31
N SER B 236 -7.31 -0.27 7.55
CA SER B 236 -8.67 -0.51 8.04
C SER B 236 -8.65 -1.66 9.03
N ASP B 237 -9.78 -1.92 9.67
CA ASP B 237 -9.89 -3.07 10.57
C ASP B 237 -9.95 -4.38 9.78
N LYS B 238 -10.51 -4.35 8.58
CA LYS B 238 -10.52 -5.52 7.69
C LYS B 238 -9.11 -6.08 7.51
N GLU B 239 -8.13 -5.18 7.38
CA GLU B 239 -6.77 -5.55 7.01
C GLU B 239 -5.78 -5.64 8.18
N ARG B 240 -6.04 -4.90 9.26
CA ARG B 240 -5.09 -4.88 10.38
C ARG B 240 -5.21 -6.10 11.29
N TYR B 241 -6.40 -6.68 11.36
CA TYR B 241 -6.66 -7.82 12.24
C TYR B 241 -7.05 -9.03 11.42
N THR B 242 -6.84 -10.23 11.96
CA THR B 242 -7.23 -11.46 11.26
C THR B 242 -8.07 -12.35 12.18
N ARG C 12 41.41 16.14 -1.56
CA ARG C 12 41.37 14.74 -1.05
C ARG C 12 40.01 14.09 -1.35
N LYS C 13 40.03 12.81 -1.72
CA LYS C 13 38.80 12.05 -1.93
C LYS C 13 38.45 11.27 -0.67
N ILE C 14 37.15 11.00 -0.48
CA ILE C 14 36.71 10.23 0.67
C ILE C 14 37.06 8.76 0.44
N ARG C 15 37.53 8.10 1.49
CA ARG C 15 38.06 6.75 1.38
C ARG C 15 37.17 5.73 2.09
N ILE C 16 36.80 4.67 1.38
CA ILE C 16 35.87 3.66 1.89
C ILE C 16 36.51 2.28 1.88
N ALA C 17 36.39 1.57 3.00
CA ALA C 17 36.76 0.16 3.07
C ALA C 17 35.48 -0.67 3.27
N THR C 18 35.52 -1.94 2.87
CA THR C 18 34.42 -2.85 3.10
C THR C 18 34.93 -4.22 3.54
N ALA C 19 34.18 -4.87 4.40
CA ALA C 19 34.51 -6.22 4.85
C ALA C 19 33.30 -7.12 4.67
N SER C 20 33.53 -8.38 4.32
CA SER C 20 32.48 -9.39 4.33
C SER C 20 32.99 -10.35 5.38
N LEU C 21 32.36 -10.35 6.55
CA LEU C 21 32.73 -11.23 7.64
C LEU C 21 31.89 -12.52 7.59
N ALA C 22 31.00 -12.74 8.55
CA ALA C 22 30.12 -13.91 8.50
C ALA C 22 28.83 -13.54 7.76
N GLY C 23 28.97 -13.44 6.44
CA GLY C 23 27.89 -13.03 5.55
C GLY C 23 27.92 -13.88 4.31
N CYS C 24 26.96 -13.67 3.41
CA CYS C 24 26.82 -14.48 2.20
C CYS C 24 27.39 -13.79 0.98
N PHE C 25 27.85 -12.55 1.15
CA PHE C 25 28.37 -11.70 0.06
C PHE C 25 27.26 -10.91 -0.61
N GLY C 26 26.01 -11.13 -0.17
CA GLY C 26 24.83 -10.57 -0.83
C GLY C 26 24.63 -9.09 -0.58
N CYS C 27 25.13 -8.60 0.54
CA CYS C 27 25.09 -7.15 0.81
C CYS C 27 26.07 -6.41 -0.09
N HIS C 28 27.18 -7.05 -0.43
CA HIS C 28 28.11 -6.50 -1.42
C HIS C 28 27.55 -6.51 -2.84
N MET C 29 26.77 -7.53 -3.18
CA MET C 29 26.11 -7.56 -4.51
C MET C 29 24.95 -6.57 -4.61
N SER C 30 24.29 -6.28 -3.50
CA SER C 30 23.26 -5.23 -3.48
C SER C 30 23.91 -3.85 -3.62
N PHE C 31 25.06 -3.66 -2.99
CA PHE C 31 25.89 -2.49 -3.22
C PHE C 31 26.21 -2.38 -4.72
N ALA C 32 26.65 -3.48 -5.34
CA ALA C 32 26.86 -3.49 -6.78
C ALA C 32 25.59 -3.24 -7.60
N ASP C 33 24.41 -3.54 -7.04
CA ASP C 33 23.14 -3.29 -7.74
C ASP C 33 22.78 -1.81 -7.90
N ILE C 34 23.64 -0.90 -7.43
CA ILE C 34 23.54 0.50 -7.84
C ILE C 34 23.89 0.66 -9.33
N ASP C 35 24.51 -0.37 -9.91
CA ASP C 35 24.72 -0.47 -11.35
C ASP C 35 25.71 0.60 -11.82
N THR C 36 25.38 1.41 -12.81
CA THR C 36 26.35 2.35 -13.37
C THR C 36 26.62 3.51 -12.42
N ARG C 37 25.82 3.65 -11.37
CA ARG C 37 26.12 4.63 -10.30
C ARG C 37 27.42 4.31 -9.57
N LEU C 38 27.93 3.09 -9.75
CA LEU C 38 29.25 2.73 -9.23
C LEU C 38 30.37 3.51 -9.94
N LEU C 39 30.18 3.81 -11.22
CA LEU C 39 31.13 4.63 -11.97
C LEU C 39 31.18 6.05 -11.40
N ALA C 40 30.00 6.60 -11.12
CA ALA C 40 29.92 7.92 -10.48
C ALA C 40 30.54 7.92 -9.10
N LEU C 41 30.32 6.83 -8.36
CA LEU C 41 30.87 6.70 -7.01
C LEU C 41 32.39 6.66 -7.07
N ALA C 42 32.92 5.93 -8.05
CA ALA C 42 34.38 5.78 -8.21
C ALA C 42 35.12 7.09 -8.53
N GLU C 43 34.38 8.13 -8.91
CA GLU C 43 34.95 9.47 -9.08
C GLU C 43 35.09 10.20 -7.74
N TRP C 44 34.15 9.96 -6.83
CA TRP C 44 34.13 10.65 -5.54
C TRP C 44 34.95 9.94 -4.47
N VAL C 45 35.20 8.65 -4.62
CA VAL C 45 35.83 7.87 -3.55
C VAL C 45 36.94 6.97 -4.06
N THR C 46 37.86 6.69 -3.15
CA THR C 46 38.91 5.69 -3.37
C THR C 46 38.61 4.53 -2.42
N PHE C 47 38.84 3.31 -2.89
CA PHE C 47 38.50 2.14 -2.10
C PHE C 47 39.74 1.53 -1.43
N ASP C 48 39.61 1.23 -0.15
CA ASP C 48 40.70 0.63 0.61
C ASP C 48 40.54 -0.90 0.54
N ARG C 49 40.84 -1.62 1.63
CA ARG C 49 40.61 -3.06 1.66
C ARG C 49 39.14 -3.33 1.37
N SER C 50 38.89 -4.39 0.62
CA SER C 50 37.56 -4.76 0.16
C SER C 50 37.66 -6.09 -0.57
N PRO C 51 36.55 -6.85 -0.65
CA PRO C 51 36.62 -8.02 -1.53
C PRO C 51 36.80 -7.67 -3.01
N LEU C 52 36.52 -6.42 -3.37
CA LEU C 52 36.69 -5.93 -4.74
C LEU C 52 38.11 -5.43 -5.06
N THR C 53 38.91 -5.15 -4.03
CA THR C 53 40.29 -4.73 -4.22
C THR C 53 41.23 -5.81 -3.73
N ASP C 54 42.54 -5.61 -3.90
CA ASP C 54 43.52 -6.63 -3.55
C ASP C 54 44.30 -6.31 -2.27
N TRP C 55 43.98 -5.20 -1.61
CA TRP C 55 44.63 -4.84 -0.36
C TRP C 55 44.32 -5.88 0.72
N LYS C 56 45.34 -6.62 1.16
CA LYS C 56 45.16 -7.65 2.19
C LYS C 56 45.00 -7.09 3.61
N THR C 57 45.31 -5.81 3.79
CA THR C 57 45.29 -5.20 5.12
C THR C 57 44.68 -3.79 5.05
N VAL C 58 43.91 -3.44 6.07
CA VAL C 58 43.10 -2.23 6.02
C VAL C 58 43.73 -0.98 6.62
N GLY C 59 43.44 0.16 5.99
CA GLY C 59 43.33 1.45 6.70
C GLY C 59 44.32 2.51 6.27
N GLU C 60 44.19 3.74 6.74
CA GLU C 60 43.01 4.23 7.48
C GLU C 60 42.03 4.80 6.48
N CYS C 61 40.77 4.95 6.89
CA CYS C 61 39.71 5.36 5.99
C CYS C 61 38.61 6.14 6.69
N ASP C 62 37.67 6.65 5.91
CA ASP C 62 36.58 7.46 6.42
C ASP C 62 35.35 6.63 6.76
N ILE C 63 34.95 5.77 5.84
CA ILE C 63 33.77 4.92 6.02
C ILE C 63 34.15 3.46 5.85
N ALA C 64 33.72 2.62 6.79
CA ALA C 64 33.89 1.18 6.66
C ALA C 64 32.50 0.52 6.59
N LEU C 65 32.25 -0.21 5.51
CA LEU C 65 30.98 -0.93 5.34
C LEU C 65 31.15 -2.40 5.70
N ILE C 66 30.57 -2.81 6.81
CA ILE C 66 30.75 -4.18 7.30
C ILE C 66 29.53 -5.03 7.02
N GLU C 67 29.71 -6.02 6.14
CA GLU C 67 28.72 -7.08 5.93
C GLU C 67 29.10 -8.25 6.82
N GLY C 68 28.10 -8.94 7.38
CA GLY C 68 28.34 -10.15 8.15
C GLY C 68 28.61 -9.90 9.63
N GLY C 69 28.34 -10.90 10.46
CA GLY C 69 28.67 -10.82 11.88
C GLY C 69 30.03 -11.44 12.14
N VAL C 70 30.22 -11.98 13.35
CA VAL C 70 31.46 -12.66 13.69
C VAL C 70 31.19 -14.08 14.16
N CYS C 71 31.85 -15.05 13.52
CA CYS C 71 31.69 -16.48 13.82
C CYS C 71 32.98 -17.16 14.25
N ASN C 72 34.11 -16.46 14.16
CA ASN C 72 35.41 -17.01 14.55
C ASN C 72 36.34 -15.89 14.99
N ALA C 73 37.51 -16.26 15.52
CA ALA C 73 38.45 -15.28 16.08
C ALA C 73 39.09 -14.36 15.04
N GLU C 74 39.26 -14.85 13.81
CA GLU C 74 39.82 -14.05 12.74
C GLU C 74 38.87 -12.91 12.35
N ASN C 75 37.60 -13.26 12.15
CA ASN C 75 36.56 -12.26 11.88
C ASN C 75 36.58 -11.14 12.92
N VAL C 76 36.83 -11.50 14.18
CA VAL C 76 36.86 -10.52 15.27
C VAL C 76 38.08 -9.59 15.14
N GLU C 77 39.23 -10.15 14.80
CA GLU C 77 40.43 -9.34 14.57
C GLU C 77 40.19 -8.34 13.44
N VAL C 78 39.71 -8.85 12.31
CA VAL C 78 39.46 -8.00 11.15
C VAL C 78 38.48 -6.89 11.53
N LEU C 79 37.39 -7.26 12.18
CA LEU C 79 36.37 -6.28 12.61
C LEU C 79 36.97 -5.17 13.49
N ARG C 80 37.76 -5.57 14.49
CA ARG C 80 38.43 -4.61 15.38
C ARG C 80 39.41 -3.75 14.61
N ALA C 81 40.15 -4.36 13.69
CA ALA C 81 41.07 -3.62 12.80
C ALA C 81 40.33 -2.56 12.01
N TYR C 82 39.22 -2.97 11.38
CA TYR C 82 38.36 -2.07 10.61
C TYR C 82 37.85 -0.91 11.46
N ARG C 83 37.52 -1.16 12.72
CA ARG C 83 37.05 -0.10 13.61
C ARG C 83 38.12 0.96 13.86
N ARG C 84 39.31 0.50 14.27
CA ARG C 84 40.44 1.40 14.47
C ARG C 84 40.65 2.28 13.25
N ALA C 85 40.75 1.63 12.08
CA ALA C 85 41.06 2.31 10.83
C ALA C 85 40.00 3.32 10.38
N ALA C 86 38.73 2.99 10.62
CA ALA C 86 37.63 3.76 10.04
C ALA C 86 37.08 4.81 11.00
N ARG C 87 36.80 6.00 10.47
CA ARG C 87 36.12 7.03 11.26
C ARG C 87 34.66 6.64 11.53
N ILE C 88 33.94 6.30 10.45
CA ILE C 88 32.56 5.84 10.53
C ILE C 88 32.48 4.36 10.14
N LEU C 89 31.86 3.57 11.01
CA LEU C 89 31.67 2.14 10.76
C LEU C 89 30.18 1.84 10.67
N VAL C 90 29.80 1.16 9.59
CA VAL C 90 28.40 0.90 9.29
C VAL C 90 28.13 -0.60 9.28
N ALA C 91 27.13 -1.01 10.06
CA ALA C 91 26.65 -2.37 10.02
C ALA C 91 25.64 -2.50 8.86
N VAL C 92 26.03 -3.22 7.82
CA VAL C 92 25.21 -3.37 6.62
C VAL C 92 24.61 -4.77 6.60
N GLY C 93 23.30 -4.84 6.70
CA GLY C 93 22.59 -6.10 6.53
C GLY C 93 22.31 -6.85 7.81
N ALA C 94 21.35 -7.77 7.73
CA ALA C 94 20.87 -8.50 8.87
C ALA C 94 21.98 -9.24 9.64
N CYS C 95 22.91 -9.84 8.90
CA CYS C 95 23.97 -10.65 9.50
C CYS C 95 24.82 -9.80 10.44
N ALA C 96 25.25 -8.65 9.97
CA ALA C 96 26.04 -7.73 10.79
C ALA C 96 25.20 -7.11 11.90
N ILE C 97 23.94 -6.80 11.60
CA ILE C 97 23.09 -6.12 12.57
C ILE C 97 22.61 -7.04 13.69
N ASN C 98 22.15 -8.25 13.34
CA ASN C 98 21.57 -9.17 14.34
C ASN C 98 22.06 -10.63 14.28
N GLY C 99 23.05 -10.92 13.45
CA GLY C 99 23.56 -12.28 13.32
C GLY C 99 23.05 -13.01 12.09
N GLY C 100 21.83 -12.71 11.66
CA GLY C 100 21.29 -13.28 10.43
C GLY C 100 21.28 -14.79 10.39
N LEU C 101 21.47 -15.35 9.19
CA LEU C 101 21.39 -16.80 8.99
C LEU C 101 22.48 -17.56 9.74
N PRO C 102 23.72 -17.06 9.72
CA PRO C 102 24.75 -17.78 10.44
C PRO C 102 24.38 -17.98 11.91
N ALA C 103 23.76 -16.97 12.52
CA ALA C 103 23.39 -17.05 13.93
C ALA C 103 22.25 -18.00 14.20
N GLN C 104 21.67 -18.59 13.16
CA GLN C 104 20.66 -19.63 13.38
C GLN C 104 21.28 -20.92 13.94
N ARG C 105 22.61 -21.03 13.89
CA ARG C 105 23.29 -22.13 14.58
C ARG C 105 23.34 -21.95 16.10
N ASN C 106 23.12 -20.73 16.58
CA ASN C 106 23.21 -20.44 18.02
C ASN C 106 22.18 -21.18 18.88
N GLN C 107 21.13 -21.74 18.25
CA GLN C 107 20.18 -22.61 18.94
C GLN C 107 20.79 -23.96 19.28
N HIS C 108 21.94 -24.28 18.68
CA HIS C 108 22.58 -25.57 18.87
C HIS C 108 24.03 -25.41 19.33
N ARG C 109 24.59 -26.51 19.83
CA ARG C 109 26.01 -26.55 20.13
C ARG C 109 26.74 -26.84 18.83
N VAL C 110 27.69 -25.97 18.49
CA VAL C 110 28.42 -26.07 17.23
C VAL C 110 29.17 -27.40 17.05
N GLU C 111 29.61 -27.99 18.16
CA GLU C 111 30.30 -29.27 18.15
C GLU C 111 29.43 -30.35 17.51
N ARG C 112 28.17 -30.44 17.93
CA ARG C 112 27.23 -31.43 17.38
C ARG C 112 26.96 -31.20 15.89
N LEU C 113 26.90 -29.93 15.48
CA LEU C 113 26.71 -29.61 14.07
C LEU C 113 27.87 -30.10 13.22
N LEU C 114 29.10 -29.89 13.69
CA LEU C 114 30.26 -30.41 12.98
C LEU C 114 30.19 -31.94 12.86
N THR C 115 29.97 -32.61 13.99
CA THR C 115 29.86 -34.07 14.02
C THR C 115 28.80 -34.55 13.04
N GLN C 116 27.69 -33.82 13.00
CA GLN C 116 26.59 -34.16 12.12
C GLN C 116 26.99 -34.07 10.63
N VAL C 117 27.69 -33.00 10.28
CA VAL C 117 28.07 -32.74 8.91
C VAL C 117 29.28 -33.57 8.46
N PHE C 118 30.26 -33.76 9.34
CA PHE C 118 31.57 -34.32 8.94
C PHE C 118 31.84 -35.77 9.39
N GLU C 119 31.04 -36.30 10.31
CA GLU C 119 31.18 -37.70 10.74
C GLU C 119 29.90 -38.51 10.48
N ALA C 120 28.77 -38.01 10.97
CA ALA C 120 27.52 -38.79 10.95
C ALA C 120 26.80 -38.89 9.60
N ASP C 121 27.01 -37.92 8.71
CA ASP C 121 26.22 -37.86 7.48
C ASP C 121 26.44 -39.10 6.61
N ARG C 122 25.35 -39.64 6.06
CA ARG C 122 25.37 -40.95 5.40
C ARG C 122 26.09 -41.01 4.05
N HIS C 123 26.40 -39.86 3.46
CA HIS C 123 27.10 -39.82 2.16
C HIS C 123 28.60 -39.54 2.33
N LEU C 124 29.07 -39.49 3.56
CA LEU C 124 30.48 -39.32 3.81
C LEU C 124 31.25 -40.60 3.46
N ALA C 125 32.55 -40.44 3.25
CA ALA C 125 33.43 -41.59 3.07
C ALA C 125 33.54 -42.33 4.41
N PRO C 126 33.75 -43.66 4.37
CA PRO C 126 33.99 -44.37 5.62
C PRO C 126 35.18 -43.80 6.39
N GLY C 127 35.02 -43.68 7.70
CA GLY C 127 36.06 -43.12 8.58
C GLY C 127 36.32 -41.64 8.37
N SER C 128 35.27 -40.89 8.06
CA SER C 128 35.37 -39.44 7.87
C SER C 128 35.36 -38.75 9.23
N ARG C 129 36.14 -37.67 9.37
CA ARG C 129 36.30 -36.98 10.65
C ARG C 129 36.11 -35.46 10.56
N VAL C 130 35.58 -34.89 11.64
CA VAL C 130 35.50 -33.44 11.78
C VAL C 130 36.89 -32.86 11.52
N PRO C 131 37.00 -31.91 10.58
CA PRO C 131 38.28 -31.25 10.39
C PRO C 131 38.72 -30.43 11.60
N ASN C 132 40.00 -30.54 11.95
CA ASN C 132 40.63 -29.58 12.87
C ASN C 132 42.11 -29.51 12.56
N ASP C 133 42.53 -28.36 12.07
CA ASP C 133 43.89 -28.16 11.61
C ASP C 133 44.24 -26.76 12.05
N PRO C 134 45.53 -26.52 12.33
CA PRO C 134 46.01 -25.15 12.56
C PRO C 134 45.47 -24.10 11.58
N GLU C 135 45.22 -24.52 10.34
CA GLU C 135 44.72 -23.59 9.31
C GLU C 135 43.26 -23.14 9.54
N LEU C 136 42.44 -23.99 10.17
CA LEU C 136 41.05 -23.65 10.48
C LEU C 136 40.99 -22.90 11.82
N PRO C 137 40.52 -21.64 11.82
CA PRO C 137 40.53 -20.83 13.04
C PRO C 137 39.44 -21.17 14.07
N LEU C 138 39.65 -20.65 15.28
CA LEU C 138 38.82 -20.97 16.43
C LEU C 138 37.39 -20.49 16.23
N LEU C 139 36.44 -21.42 16.31
CA LEU C 139 35.02 -21.09 16.23
C LEU C 139 34.54 -20.46 17.53
N LEU C 140 33.74 -19.41 17.42
CA LEU C 140 33.05 -18.84 18.57
C LEU C 140 31.92 -19.76 18.97
N GLU C 141 31.57 -19.75 20.24
CA GLU C 141 30.42 -20.51 20.72
C GLU C 141 29.15 -20.06 20.03
N HIS C 142 28.96 -18.74 19.98
CA HIS C 142 27.82 -18.15 19.30
C HIS C 142 28.24 -17.09 18.30
N VAL C 143 27.61 -17.12 17.13
CA VAL C 143 27.78 -16.07 16.14
C VAL C 143 27.22 -14.80 16.75
N HIS C 144 27.96 -13.71 16.65
CA HIS C 144 27.54 -12.43 17.22
C HIS C 144 27.41 -11.35 16.15
N PRO C 145 26.46 -10.42 16.34
CA PRO C 145 26.41 -9.23 15.49
C PRO C 145 27.58 -8.31 15.84
N ILE C 146 28.01 -7.50 14.88
CA ILE C 146 29.28 -6.77 15.06
C ILE C 146 29.25 -5.79 16.22
N HIS C 147 28.10 -5.20 16.53
CA HIS C 147 28.02 -4.24 17.65
C HIS C 147 28.29 -4.85 19.03
N GLU C 148 28.42 -6.18 19.09
CA GLU C 148 28.77 -6.88 20.32
C GLU C 148 30.25 -6.73 20.63
N ILE C 149 31.03 -6.52 19.57
CA ILE C 149 32.48 -6.35 19.66
C ILE C 149 32.87 -4.87 19.67
N VAL C 150 32.37 -4.12 18.68
CA VAL C 150 32.83 -2.75 18.44
C VAL C 150 31.65 -1.78 18.38
N ARG C 151 31.96 -0.48 18.39
CA ARG C 151 30.93 0.55 18.26
C ARG C 151 30.45 0.61 16.81
N VAL C 152 29.14 0.75 16.64
CA VAL C 152 28.54 0.91 15.32
C VAL C 152 27.86 2.27 15.24
N ASP C 153 28.21 3.03 14.20
CA ASP C 153 27.73 4.39 14.02
C ASP C 153 26.40 4.45 13.27
N TYR C 154 26.21 3.54 12.32
CA TYR C 154 24.97 3.46 11.54
C TYR C 154 24.62 2.01 11.21
N TYR C 155 23.34 1.70 11.27
CA TYR C 155 22.83 0.38 10.90
C TYR C 155 22.01 0.52 9.62
N LEU C 156 22.26 -0.37 8.66
CA LEU C 156 21.62 -0.33 7.36
C LEU C 156 20.82 -1.64 7.13
N PRO C 157 19.54 -1.66 7.57
CA PRO C 157 18.75 -2.92 7.65
C PRO C 157 18.40 -3.58 6.31
N GLY C 158 18.25 -4.90 6.32
CA GLY C 158 17.80 -5.64 5.14
C GLY C 158 18.56 -6.92 4.95
N CYS C 159 18.05 -7.78 4.08
CA CYS C 159 18.70 -9.03 3.74
C CYS C 159 18.45 -9.35 2.26
N PRO C 160 19.11 -8.63 1.37
CA PRO C 160 19.99 -7.50 1.70
C PRO C 160 19.23 -6.19 1.68
N PRO C 161 19.81 -5.12 2.25
CA PRO C 161 19.23 -3.80 1.98
C PRO C 161 19.30 -3.54 0.48
N THR C 162 18.27 -2.89 -0.08
CA THR C 162 18.20 -2.68 -1.53
C THR C 162 19.25 -1.69 -1.99
N ALA C 163 19.54 -1.73 -3.29
CA ALA C 163 20.50 -0.83 -3.89
C ALA C 163 20.12 0.61 -3.60
N GLU C 164 18.84 0.92 -3.71
CA GLU C 164 18.33 2.27 -3.47
C GLU C 164 18.52 2.75 -2.03
N VAL C 165 18.36 1.83 -1.07
CA VAL C 165 18.63 2.16 0.32
C VAL C 165 20.13 2.39 0.55
N ILE C 166 20.96 1.57 -0.08
CA ILE C 166 22.41 1.74 0.01
C ILE C 166 22.84 3.04 -0.65
N TRP C 167 22.29 3.32 -1.82
CA TRP C 167 22.63 4.56 -2.53
C TRP C 167 22.23 5.82 -1.76
N THR C 168 21.00 5.84 -1.26
CA THR C 168 20.47 6.97 -0.50
C THR C 168 21.32 7.21 0.73
N PHE C 169 21.63 6.13 1.44
CA PHE C 169 22.43 6.18 2.65
C PHE C 169 23.83 6.75 2.43
N LEU C 170 24.58 6.20 1.48
CA LEU C 170 25.99 6.60 1.34
C LEU C 170 26.13 7.93 0.64
N THR C 171 25.12 8.32 -0.13
CA THR C 171 25.02 9.68 -0.61
C THR C 171 24.78 10.66 0.53
N ASP C 172 23.93 10.29 1.49
CA ASP C 172 23.70 11.09 2.69
C ASP C 172 24.99 11.36 3.47
N LEU C 173 25.80 10.32 3.70
CA LEU C 173 27.06 10.48 4.43
C LEU C 173 28.05 11.36 3.67
N LEU C 174 28.13 11.14 2.35
CA LEU C 174 29.01 11.93 1.48
C LEU C 174 28.75 13.44 1.50
N VAL C 175 27.51 13.85 1.78
CA VAL C 175 27.17 15.28 1.92
C VAL C 175 26.86 15.68 3.37
N GLY C 176 27.36 14.92 4.34
CA GLY C 176 27.15 15.22 5.76
C GLY C 176 25.71 15.22 6.25
N ARG C 177 24.81 14.64 5.46
CA ARG C 177 23.37 14.61 5.76
C ARG C 177 23.09 13.38 6.64
N GLU C 178 22.21 13.55 7.63
CA GLU C 178 21.90 12.46 8.56
C GLU C 178 20.97 11.44 7.90
N PRO C 179 21.41 10.16 7.82
CA PRO C 179 20.56 9.10 7.23
C PRO C 179 19.23 8.92 7.95
N HIS C 180 18.18 8.72 7.17
CA HIS C 180 16.82 8.54 7.69
C HIS C 180 16.24 7.26 7.09
N PHE C 181 15.42 6.56 7.88
CA PHE C 181 14.85 5.27 7.47
C PHE C 181 13.32 5.27 7.51
N PRO C 182 12.68 5.88 6.50
CA PRO C 182 11.21 5.97 6.50
C PRO C 182 10.56 4.63 6.25
N TYR C 183 9.35 4.46 6.79
CA TYR C 183 8.67 3.17 6.80
C TYR C 183 8.82 2.34 5.52
N PRO C 184 8.46 2.90 4.35
CA PRO C 184 8.38 2.04 3.16
C PRO C 184 9.70 1.40 2.71
N THR C 185 10.82 2.07 2.93
CA THR C 185 12.15 1.55 2.55
C THR C 185 12.77 0.63 3.60
N LEU C 186 12.18 0.58 4.79
CA LEU C 186 12.77 -0.14 5.92
C LEU C 186 12.29 -1.60 5.95
N ARG C 187 13.22 -2.52 5.73
CA ARG C 187 12.90 -3.96 5.59
C ARG C 187 13.93 -4.84 6.33
N TYR C 188 13.48 -5.98 6.87
CA TYR C 188 14.37 -6.94 7.55
C TYR C 188 14.65 -8.17 6.72
N ASP C 189 13.97 -8.28 5.57
CA ASP C 189 14.16 -9.41 4.66
C ASP C 189 14.63 -8.94 3.28
N SER D 14 47.28 -34.51 7.21
CA SER D 14 48.59 -35.08 6.77
C SER D 14 49.26 -34.15 5.75
N LEU D 15 50.56 -33.90 5.92
CA LEU D 15 51.32 -33.04 5.00
C LEU D 15 52.76 -33.56 4.80
N PRO D 16 52.90 -34.84 4.37
CA PRO D 16 54.22 -35.47 4.16
C PRO D 16 55.07 -34.79 3.08
N ALA D 17 56.33 -34.45 3.34
CA ALA D 17 57.01 -34.62 4.65
C ALA D 17 58.24 -33.72 4.81
N ASN D 18 58.52 -32.89 3.82
CA ASN D 18 59.69 -32.01 3.83
C ASN D 18 59.32 -30.56 3.45
N ALA D 19 58.17 -30.07 3.93
CA ALA D 19 57.80 -28.67 3.74
C ALA D 19 58.24 -27.94 4.98
N THR D 20 59.10 -26.94 4.82
CA THR D 20 59.73 -26.29 5.97
C THR D 20 59.33 -24.83 6.14
N ARG D 21 58.64 -24.24 5.16
CA ARG D 21 58.21 -22.84 5.24
C ARG D 21 56.76 -22.64 4.73
N ARG D 22 56.00 -21.81 5.45
CA ARG D 22 54.58 -21.59 5.18
C ARG D 22 54.32 -20.14 4.76
N VAL D 23 53.76 -19.96 3.56
CA VAL D 23 53.30 -18.63 3.12
C VAL D 23 51.80 -18.70 2.78
N ALA D 24 51.06 -17.67 3.19
CA ALA D 24 49.60 -17.67 3.12
C ALA D 24 49.08 -16.46 2.37
N ILE D 25 48.14 -16.72 1.46
CA ILE D 25 47.34 -15.65 0.88
C ILE D 25 45.97 -15.73 1.55
N ASP D 26 45.71 -14.78 2.44
CA ASP D 26 44.54 -14.78 3.31
C ASP D 26 44.22 -13.35 3.71
N PRO D 27 43.09 -12.81 3.24
CA PRO D 27 42.09 -13.53 2.46
C PRO D 27 42.38 -13.48 0.97
N LEU D 28 41.75 -14.38 0.21
CA LEU D 28 41.72 -14.24 -1.25
C LEU D 28 40.90 -13.01 -1.61
N SER D 29 41.33 -12.29 -2.64
CA SER D 29 40.65 -11.07 -3.08
C SER D 29 39.96 -11.31 -4.41
N ARG D 30 38.95 -10.48 -4.69
CA ARG D 30 38.14 -10.61 -5.90
C ARG D 30 37.69 -12.07 -6.13
N VAL D 31 37.08 -12.61 -5.08
CA VAL D 31 36.38 -13.89 -5.15
C VAL D 31 35.08 -13.78 -4.34
N GLU D 32 34.15 -14.68 -4.61
CA GLU D 32 32.92 -14.76 -3.83
C GLU D 32 33.21 -15.40 -2.49
N GLY D 33 33.09 -14.63 -1.42
CA GLY D 33 33.23 -15.17 -0.06
C GLY D 33 34.66 -15.32 0.46
N HIS D 34 34.82 -16.12 1.51
CA HIS D 34 36.08 -16.21 2.23
C HIS D 34 36.85 -17.49 1.94
N GLY D 35 38.07 -17.32 1.44
CA GLY D 35 38.99 -18.42 1.22
C GLY D 35 40.42 -18.03 1.54
N LYS D 36 41.25 -19.07 1.73
CA LYS D 36 42.66 -18.89 2.02
C LYS D 36 43.44 -19.91 1.22
N VAL D 37 44.57 -19.48 0.65
CA VAL D 37 45.53 -20.43 0.09
C VAL D 37 46.87 -20.34 0.82
N THR D 38 47.43 -21.51 1.13
CA THR D 38 48.75 -21.61 1.71
C THR D 38 49.70 -22.32 0.75
N ILE D 39 50.92 -21.79 0.63
CA ILE D 39 51.96 -22.39 -0.19
C ILE D 39 53.05 -22.95 0.73
N TRP D 40 53.48 -24.18 0.44
CA TRP D 40 54.49 -24.88 1.25
C TRP D 40 55.81 -25.05 0.49
N LEU D 41 56.89 -24.53 1.08
CA LEU D 41 58.23 -24.54 0.48
C LEU D 41 59.22 -25.32 1.34
N ASP D 42 60.15 -26.00 0.69
CA ASP D 42 61.29 -26.64 1.39
C ASP D 42 62.40 -25.61 1.68
N ASP D 43 63.51 -26.07 2.26
CA ASP D 43 64.62 -25.18 2.64
C ASP D 43 65.19 -24.40 1.45
N ASP D 44 65.31 -25.06 0.29
CA ASP D 44 65.79 -24.41 -0.92
C ASP D 44 64.92 -23.20 -1.30
N GLY D 45 63.60 -23.37 -1.14
CA GLY D 45 62.63 -22.37 -1.57
C GLY D 45 61.91 -22.80 -2.84
N GLN D 46 61.65 -24.09 -2.96
CA GLN D 46 60.84 -24.62 -4.07
C GLN D 46 59.55 -25.22 -3.52
N VAL D 47 58.42 -24.97 -4.18
CA VAL D 47 57.13 -25.37 -3.62
C VAL D 47 56.95 -26.90 -3.66
N VAL D 48 56.66 -27.45 -2.50
CA VAL D 48 56.33 -28.86 -2.37
C VAL D 48 54.86 -29.03 -2.74
N GLU D 49 54.02 -28.19 -2.12
CA GLU D 49 52.57 -28.26 -2.30
C GLU D 49 51.93 -26.90 -2.04
N ALA D 50 50.74 -26.70 -2.60
CA ALA D 50 49.89 -25.56 -2.29
C ALA D 50 48.45 -26.02 -2.06
N ARG D 51 47.72 -25.30 -1.20
CA ARG D 51 46.39 -25.72 -0.78
C ARG D 51 45.38 -24.57 -0.72
N LEU D 52 44.15 -24.86 -1.15
CA LEU D 52 43.00 -23.95 -1.00
C LEU D 52 42.16 -24.38 0.20
N HIS D 53 41.97 -23.47 1.15
CA HIS D 53 41.26 -23.74 2.38
C HIS D 53 39.93 -23.00 2.45
N ILE D 54 38.86 -23.74 2.76
CA ILE D 54 37.59 -23.13 3.18
C ILE D 54 37.55 -23.15 4.69
N VAL D 55 37.56 -21.96 5.27
CA VAL D 55 37.90 -21.78 6.67
C VAL D 55 36.69 -21.55 7.62
N GLU D 56 35.51 -21.31 7.05
CA GLU D 56 34.34 -20.96 7.85
C GLU D 56 33.26 -22.04 7.77
N PHE D 57 32.40 -22.08 8.77
CA PHE D 57 31.41 -23.14 8.87
C PHE D 57 30.08 -22.62 9.38
N ARG D 58 28.99 -22.99 8.71
CA ARG D 58 27.66 -22.56 9.10
C ARG D 58 26.84 -23.66 9.80
N GLY D 59 26.81 -24.85 9.21
CA GLY D 59 26.06 -25.97 9.76
C GLY D 59 24.62 -26.04 9.30
N PHE D 60 24.30 -25.38 8.20
CA PHE D 60 22.93 -25.32 7.69
C PHE D 60 22.26 -26.69 7.54
N GLU D 61 22.97 -27.64 6.94
CA GLU D 61 22.45 -28.99 6.72
C GLU D 61 21.93 -29.60 8.01
N ALA D 62 22.56 -29.24 9.12
CA ALA D 62 22.17 -29.77 10.42
C ALA D 62 21.18 -28.86 11.15
N PHE D 63 21.37 -27.54 11.11
CA PHE D 63 20.47 -26.66 11.86
C PHE D 63 19.12 -26.37 11.18
N ILE D 64 19.00 -26.66 9.88
CA ILE D 64 17.73 -26.52 9.17
C ILE D 64 16.73 -27.67 9.48
N VAL D 65 17.23 -28.76 10.05
CA VAL D 65 16.41 -29.89 10.47
C VAL D 65 15.42 -29.42 11.53
N GLY D 66 14.16 -29.81 11.37
CA GLY D 66 13.11 -29.33 12.25
C GLY D 66 12.26 -28.18 11.72
N ARG D 67 12.70 -27.53 10.63
CA ARG D 67 11.93 -26.46 10.02
C ARG D 67 10.97 -27.04 9.00
N PRO D 68 9.82 -26.38 8.76
CA PRO D 68 8.90 -26.83 7.73
C PRO D 68 9.53 -26.77 6.35
N TYR D 69 9.25 -27.74 5.50
CA TYR D 69 9.90 -27.82 4.20
C TYR D 69 9.72 -26.56 3.31
N TRP D 70 8.56 -25.89 3.39
CA TRP D 70 8.29 -24.77 2.48
C TRP D 70 9.15 -23.54 2.78
N GLU D 71 9.78 -23.51 3.94
CA GLU D 71 10.75 -22.48 4.28
C GLU D 71 12.06 -22.61 3.49
N ALA D 72 12.41 -23.82 3.07
CA ALA D 72 13.75 -24.10 2.55
C ALA D 72 14.21 -23.22 1.39
N PRO D 73 13.40 -23.09 0.33
CA PRO D 73 13.90 -22.31 -0.80
C PRO D 73 14.19 -20.85 -0.47
N VAL D 74 13.48 -20.30 0.50
CA VAL D 74 13.65 -18.90 0.85
C VAL D 74 14.85 -18.68 1.78
N VAL D 75 15.08 -19.64 2.66
CA VAL D 75 16.10 -19.47 3.68
C VAL D 75 17.45 -20.02 3.24
N VAL D 76 17.44 -21.08 2.44
CA VAL D 76 18.68 -21.73 2.00
C VAL D 76 19.51 -20.79 1.14
N GLN D 77 18.83 -19.89 0.41
CA GLN D 77 19.50 -19.00 -0.52
C GLN D 77 20.34 -17.92 0.20
N ARG D 78 20.13 -17.74 1.49
CA ARG D 78 21.00 -16.85 2.28
C ARG D 78 22.43 -17.38 2.50
N LEU D 79 22.74 -18.55 1.94
CA LEU D 79 24.14 -19.03 1.93
C LEU D 79 25.00 -18.32 0.88
N CYS D 80 24.39 -17.67 -0.12
CA CYS D 80 25.10 -16.88 -1.14
C CYS D 80 24.03 -15.92 -1.79
N GLY D 81 24.21 -14.63 -2.00
CA GLY D 81 25.41 -13.94 -2.40
C GLY D 81 25.15 -13.54 -3.85
N ILE D 82 25.76 -14.32 -4.72
CA ILE D 82 25.67 -14.23 -6.16
C ILE D 82 24.75 -15.34 -6.66
N CYS D 83 24.67 -16.44 -5.91
CA CYS D 83 23.99 -17.65 -6.34
C CYS D 83 22.80 -17.93 -5.41
N PRO D 84 21.95 -16.93 -5.11
CA PRO D 84 20.73 -17.34 -4.42
C PRO D 84 19.66 -17.97 -5.32
N VAL D 85 19.55 -17.48 -6.55
CA VAL D 85 18.61 -18.09 -7.52
C VAL D 85 18.87 -19.57 -7.72
N SER D 86 20.14 -19.96 -7.80
CA SER D 86 20.48 -21.36 -8.00
C SER D 86 20.00 -22.21 -6.85
N HIS D 87 20.22 -21.73 -5.63
CA HIS D 87 19.78 -22.43 -4.42
C HIS D 87 18.27 -22.45 -4.36
N HIS D 88 17.69 -21.28 -4.61
CA HIS D 88 16.25 -21.12 -4.62
C HIS D 88 15.59 -22.15 -5.51
N LEU D 89 16.09 -22.27 -6.75
CA LEU D 89 15.51 -23.17 -7.74
C LEU D 89 15.84 -24.62 -7.48
N ALA D 90 17.04 -24.90 -6.98
CA ALA D 90 17.40 -26.28 -6.63
C ALA D 90 16.50 -26.79 -5.51
N ALA D 91 16.35 -25.99 -4.45
CA ALA D 91 15.47 -26.35 -3.34
C ALA D 91 14.03 -26.50 -3.81
N ALA D 92 13.58 -25.59 -4.66
CA ALA D 92 12.23 -25.65 -5.21
C ALA D 92 12.03 -26.93 -6.03
N LYS D 93 13.03 -27.31 -6.81
CA LYS D 93 12.98 -28.54 -7.60
C LYS D 93 12.94 -29.79 -6.72
N ALA D 94 13.75 -29.81 -5.66
CA ALA D 94 13.66 -30.88 -4.67
C ALA D 94 12.26 -30.96 -4.09
N LEU D 95 11.68 -29.80 -3.80
CA LEU D 95 10.35 -29.77 -3.18
C LEU D 95 9.22 -30.04 -4.16
N ASP D 96 9.46 -29.81 -5.46
CA ASP D 96 8.53 -30.26 -6.51
C ASP D 96 8.36 -31.77 -6.42
N ARG D 97 9.48 -32.48 -6.34
CA ARG D 97 9.48 -33.93 -6.26
C ARG D 97 8.84 -34.42 -4.95
N LEU D 98 9.13 -33.72 -3.84
CA LEU D 98 8.52 -34.04 -2.54
C LEU D 98 7.00 -34.04 -2.59
N VAL D 99 6.46 -33.10 -3.34
CA VAL D 99 5.03 -32.90 -3.47
C VAL D 99 4.44 -33.58 -4.73
N GLY D 100 5.24 -34.41 -5.38
CA GLY D 100 4.77 -35.28 -6.44
C GLY D 100 4.66 -34.63 -7.80
N VAL D 101 5.47 -33.61 -8.03
CA VAL D 101 5.50 -32.93 -9.33
C VAL D 101 6.88 -33.12 -9.92
N THR D 102 6.93 -33.53 -11.18
CA THR D 102 8.18 -33.63 -11.93
C THR D 102 8.18 -32.57 -13.02
N GLN D 103 7.34 -32.77 -14.04
CA GLN D 103 7.16 -31.78 -15.10
C GLN D 103 6.35 -30.59 -14.55
N LEU D 104 6.89 -29.39 -14.68
CA LEU D 104 6.18 -28.18 -14.28
C LEU D 104 5.22 -27.75 -15.36
N PRO D 105 4.14 -27.04 -14.96
CA PRO D 105 3.32 -26.39 -15.98
C PRO D 105 4.10 -25.24 -16.64
N PRO D 106 3.71 -24.86 -17.88
CA PRO D 106 4.50 -23.94 -18.72
C PRO D 106 4.90 -22.59 -18.11
N THR D 107 3.98 -21.93 -17.40
CA THR D 107 4.31 -20.60 -16.86
C THR D 107 5.36 -20.76 -15.79
N ALA D 108 5.17 -21.73 -14.91
CA ALA D 108 6.14 -22.03 -13.86
C ALA D 108 7.52 -22.35 -14.43
N GLU D 109 7.57 -23.23 -15.43
CA GLU D 109 8.86 -23.62 -16.03
C GLU D 109 9.59 -22.45 -16.65
N LYS D 110 8.85 -21.66 -17.42
CA LYS D 110 9.43 -20.53 -18.13
C LYS D 110 9.83 -19.35 -17.23
N MET D 111 9.07 -19.11 -16.17
CA MET D 111 9.45 -18.13 -15.14
C MET D 111 10.77 -18.56 -14.50
N ARG D 112 10.87 -19.83 -14.11
CA ARG D 112 12.10 -20.33 -13.47
C ARG D 112 13.30 -20.30 -14.42
N ARG D 113 13.07 -20.62 -15.68
CA ARG D 113 14.15 -20.60 -16.67
C ARG D 113 14.65 -19.17 -16.85
N LEU D 114 13.72 -18.24 -17.01
CA LEU D 114 14.07 -16.82 -17.13
C LEU D 114 14.85 -16.36 -15.89
N MET D 115 14.42 -16.81 -14.73
CA MET D 115 15.08 -16.47 -13.48
C MET D 115 16.51 -17.01 -13.50
N HIS D 116 16.65 -18.26 -13.91
CA HIS D 116 17.95 -18.91 -13.90
C HIS D 116 18.91 -18.38 -14.99
N TYR D 117 18.41 -18.18 -16.20
CA TYR D 117 19.25 -17.64 -17.26
C TYR D 117 19.74 -16.26 -16.88
N GLY D 118 18.88 -15.47 -16.24
CA GLY D 118 19.25 -14.11 -15.77
C GLY D 118 20.32 -14.16 -14.70
N GLN D 119 20.23 -15.17 -13.84
CA GLN D 119 21.27 -15.40 -12.85
C GLN D 119 22.63 -15.74 -13.43
N VAL D 120 22.66 -16.70 -14.34
CA VAL D 120 23.92 -17.14 -14.93
C VAL D 120 24.54 -15.98 -15.70
N LEU D 121 23.71 -15.24 -16.42
CA LEU D 121 24.16 -14.04 -17.13
C LEU D 121 24.84 -13.08 -16.17
N GLN D 122 24.16 -12.78 -15.07
CA GLN D 122 24.63 -11.74 -14.17
C GLN D 122 25.82 -12.19 -13.35
N SER D 123 25.89 -13.47 -13.01
CA SER D 123 27.02 -13.98 -12.22
C SER D 123 28.30 -14.00 -13.07
N HIS D 124 28.14 -14.41 -14.33
CA HIS D 124 29.24 -14.40 -15.29
C HIS D 124 29.71 -12.98 -15.59
N ALA D 125 28.77 -12.05 -15.79
CA ALA D 125 29.13 -10.66 -15.97
C ALA D 125 29.84 -10.11 -14.73
N LEU D 126 29.34 -10.48 -13.55
CA LEU D 126 29.94 -10.02 -12.32
C LEU D 126 31.40 -10.47 -12.24
N HIS D 127 31.62 -11.76 -12.47
CA HIS D 127 32.94 -12.32 -12.32
C HIS D 127 33.90 -11.72 -13.31
N PHE D 128 33.55 -11.77 -14.60
CA PHE D 128 34.48 -11.30 -15.61
C PHE D 128 34.80 -9.83 -15.40
N PHE D 129 33.79 -8.97 -15.38
CA PHE D 129 34.03 -7.52 -15.40
C PHE D 129 34.52 -6.95 -14.06
N TYR D 130 33.97 -7.42 -12.94
CA TYR D 130 34.32 -6.87 -11.63
C TYR D 130 35.49 -7.60 -10.99
N LEU D 131 35.63 -8.89 -11.28
CA LEU D 131 36.55 -9.74 -10.52
C LEU D 131 37.78 -10.20 -11.31
N ALA D 132 37.56 -10.76 -12.50
CA ALA D 132 38.64 -11.40 -13.27
C ALA D 132 39.36 -10.46 -14.23
N ALA D 133 38.62 -9.59 -14.92
CA ALA D 133 39.19 -8.78 -15.99
C ALA D 133 40.16 -7.68 -15.54
N PRO D 134 40.12 -7.29 -14.26
CA PRO D 134 41.20 -6.40 -13.84
C PRO D 134 42.59 -7.02 -14.00
N ASP D 135 42.72 -8.32 -13.73
CA ASP D 135 43.97 -9.02 -14.03
C ASP D 135 44.21 -9.09 -15.54
N LEU D 136 43.23 -9.65 -16.24
CA LEU D 136 43.36 -9.97 -17.66
C LEU D 136 43.51 -8.77 -18.59
N LEU D 137 43.07 -7.59 -18.16
CA LEU D 137 43.12 -6.40 -19.01
C LEU D 137 44.04 -5.27 -18.51
N LEU D 138 44.47 -5.32 -17.25
CA LEU D 138 45.44 -4.35 -16.74
C LEU D 138 46.81 -4.97 -16.44
N GLY D 139 46.93 -6.29 -16.55
CA GLY D 139 48.18 -6.98 -16.30
C GLY D 139 48.22 -7.62 -14.93
N PHE D 140 48.71 -8.86 -14.90
CA PHE D 140 48.79 -9.66 -13.66
C PHE D 140 49.67 -9.03 -12.60
N SER D 141 50.61 -8.18 -13.01
CA SER D 141 51.55 -7.55 -12.09
C SER D 141 51.30 -6.05 -11.94
N ALA D 142 50.08 -5.61 -12.27
CA ALA D 142 49.74 -4.19 -12.18
C ALA D 142 49.59 -3.78 -10.72
N ASP D 143 49.70 -2.48 -10.48
CA ASP D 143 49.65 -1.96 -9.12
C ASP D 143 48.31 -2.35 -8.45
N PRO D 144 48.36 -2.86 -7.20
CA PRO D 144 47.15 -3.18 -6.42
C PRO D 144 46.07 -2.08 -6.37
N ALA D 145 46.46 -0.82 -6.32
CA ALA D 145 45.51 0.30 -6.26
C ALA D 145 44.62 0.41 -7.53
N GLN D 146 45.11 -0.09 -8.65
CA GLN D 146 44.38 -0.02 -9.92
C GLN D 146 43.87 -1.38 -10.41
N ARG D 147 44.31 -2.47 -9.78
CA ARG D 147 44.01 -3.81 -10.23
C ARG D 147 42.67 -4.30 -9.64
N ASN D 148 41.60 -3.67 -10.11
CA ASN D 148 40.26 -3.88 -9.62
C ASN D 148 39.26 -3.21 -10.56
N VAL D 149 37.96 -3.35 -10.28
CA VAL D 149 36.93 -2.80 -11.18
C VAL D 149 37.03 -1.27 -11.34
N PHE D 150 37.57 -0.59 -10.34
CA PHE D 150 37.62 0.87 -10.33
C PHE D 150 38.74 1.41 -11.23
N GLY D 151 39.86 0.70 -11.28
CA GLY D 151 40.93 1.01 -12.22
C GLY D 151 40.57 0.65 -13.65
N LEU D 152 39.76 -0.40 -13.80
CA LEU D 152 39.27 -0.81 -15.11
C LEU D 152 38.30 0.25 -15.64
N ALA D 153 37.48 0.78 -14.76
CA ALA D 153 36.52 1.83 -15.12
C ALA D 153 37.21 3.17 -15.44
N ALA D 154 38.37 3.40 -14.83
CA ALA D 154 39.17 4.60 -15.11
C ALA D 154 39.83 4.56 -16.49
N GLN D 155 40.22 3.37 -16.94
CA GLN D 155 40.97 3.21 -18.18
C GLN D 155 40.14 2.67 -19.34
N LYS D 156 39.39 1.58 -19.10
CA LYS D 156 38.50 1.01 -20.13
C LYS D 156 37.03 1.20 -19.76
N ARG D 157 36.64 2.45 -19.55
CA ARG D 157 35.32 2.82 -19.04
C ARG D 157 34.14 2.22 -19.81
N GLU D 158 34.15 2.35 -21.13
CA GLU D 158 33.03 1.85 -21.92
C GLU D 158 32.87 0.34 -21.76
N LEU D 159 33.98 -0.38 -21.61
CA LEU D 159 33.91 -1.82 -21.40
C LEU D 159 33.28 -2.14 -20.05
N ALA D 160 33.75 -1.47 -19.01
CA ALA D 160 33.21 -1.63 -17.68
C ALA D 160 31.72 -1.30 -17.68
N ARG D 161 31.37 -0.20 -18.33
CA ARG D 161 29.98 0.25 -18.39
C ARG D 161 29.07 -0.80 -19.01
N GLN D 162 29.52 -1.42 -20.09
CA GLN D 162 28.70 -2.44 -20.74
C GLN D 162 28.53 -3.66 -19.85
N GLY D 163 29.62 -4.10 -19.23
CA GLY D 163 29.60 -5.22 -18.31
C GLY D 163 28.70 -4.98 -17.11
N ILE D 164 28.74 -3.77 -16.58
CA ILE D 164 27.84 -3.38 -15.50
C ILE D 164 26.38 -3.55 -15.95
N LEU D 165 26.07 -3.09 -17.15
CA LEU D 165 24.72 -3.16 -17.68
C LEU D 165 24.28 -4.59 -18.04
N VAL D 166 25.23 -5.46 -18.39
CA VAL D 166 24.89 -6.85 -18.68
C VAL D 166 24.50 -7.54 -17.38
N ARG D 167 25.23 -7.23 -16.31
CA ARG D 167 24.89 -7.72 -14.98
C ARG D 167 23.54 -7.20 -14.52
N GLN D 168 23.34 -5.88 -14.65
CA GLN D 168 22.08 -5.25 -14.28
C GLN D 168 20.89 -5.91 -14.95
N PHE D 169 21.01 -6.16 -16.25
CA PHE D 169 19.91 -6.77 -17.00
C PHE D 169 19.57 -8.16 -16.46
N GLY D 170 20.61 -8.97 -16.20
CA GLY D 170 20.43 -10.28 -15.60
C GLY D 170 19.71 -10.20 -14.26
N GLN D 171 20.12 -9.23 -13.43
CA GLN D 171 19.51 -9.01 -12.12
C GLN D 171 18.05 -8.55 -12.25
N GLU D 172 17.76 -7.77 -13.28
CA GLU D 172 16.41 -7.28 -13.49
C GLU D 172 15.48 -8.35 -14.03
N CYS D 173 16.03 -9.35 -14.70
CA CYS D 173 15.26 -10.55 -15.04
C CYS D 173 14.88 -11.32 -13.77
N ILE D 174 15.79 -11.36 -12.80
CA ILE D 174 15.56 -12.04 -11.54
C ILE D 174 14.52 -11.30 -10.68
N GLU D 175 14.67 -9.99 -10.56
CA GLU D 175 13.72 -9.16 -9.83
C GLU D 175 12.29 -9.36 -10.33
N ALA D 176 12.12 -9.32 -11.66
CA ALA D 176 10.84 -9.54 -12.28
C ALA D 176 10.23 -10.92 -11.96
N THR D 177 11.07 -11.94 -11.86
CA THR D 177 10.58 -13.31 -11.68
C THR D 177 10.52 -13.75 -10.22
N ALA D 178 11.48 -13.28 -9.42
CA ALA D 178 11.63 -13.72 -8.04
C ALA D 178 11.04 -12.75 -7.02
N GLY D 179 10.84 -11.49 -7.41
CA GLY D 179 10.34 -10.47 -6.50
C GLY D 179 11.37 -9.42 -6.16
N LYS D 180 12.61 -9.82 -5.97
CA LYS D 180 13.72 -8.85 -5.87
C LYS D 180 15.00 -9.43 -6.40
N ARG D 181 16.03 -8.59 -6.54
CA ARG D 181 17.26 -9.03 -7.19
C ARG D 181 17.97 -10.12 -6.42
N ILE D 182 17.98 -9.98 -5.09
CA ILE D 182 18.72 -10.90 -4.23
C ILE D 182 17.80 -11.42 -3.11
N HIS D 183 17.60 -12.73 -3.08
CA HIS D 183 16.74 -13.41 -2.12
C HIS D 183 15.23 -13.15 -2.33
N GLY D 184 14.72 -13.58 -3.48
CA GLY D 184 13.29 -13.55 -3.77
C GLY D 184 12.59 -14.76 -3.21
N THR D 185 11.34 -14.98 -3.63
CA THR D 185 10.47 -15.96 -2.98
C THR D 185 9.51 -16.71 -3.90
N SER D 186 9.58 -16.47 -5.21
CA SER D 186 8.50 -16.90 -6.11
C SER D 186 8.47 -18.38 -6.45
N ALA D 187 9.62 -19.03 -6.46
CA ALA D 187 9.68 -20.46 -6.74
C ALA D 187 9.14 -21.24 -5.55
N VAL D 188 8.02 -21.91 -5.75
CA VAL D 188 7.35 -22.66 -4.70
C VAL D 188 7.14 -24.11 -5.13
N PRO D 189 6.96 -25.03 -4.16
CA PRO D 189 6.79 -26.44 -4.52
C PRO D 189 5.61 -26.66 -5.45
N GLY D 190 5.90 -27.20 -6.64
CA GLY D 190 4.91 -27.41 -7.67
C GLY D 190 4.82 -26.31 -8.70
N GLY D 191 5.58 -25.21 -8.53
CA GLY D 191 5.61 -24.16 -9.55
C GLY D 191 6.18 -22.81 -9.16
N ILE D 192 5.41 -21.75 -9.44
CA ILE D 192 5.81 -20.35 -9.27
C ILE D 192 4.60 -19.59 -8.70
N HIS D 193 4.82 -18.57 -7.88
CA HIS D 193 3.68 -17.83 -7.26
C HIS D 193 3.24 -16.59 -8.02
N LYS D 194 3.86 -16.31 -9.16
CA LYS D 194 3.47 -15.17 -9.98
C LYS D 194 3.85 -15.37 -11.43
N ASN D 195 3.41 -14.44 -12.26
CA ASN D 195 3.84 -14.40 -13.65
C ASN D 195 4.38 -13.01 -13.97
N LEU D 196 4.62 -12.72 -15.25
CA LEU D 196 5.05 -11.39 -15.67
C LEU D 196 3.87 -10.57 -16.17
N SER D 197 3.94 -9.26 -15.93
CA SER D 197 3.05 -8.34 -16.60
C SER D 197 3.54 -8.12 -18.02
N ARG D 198 2.65 -7.58 -18.86
CA ARG D 198 2.99 -7.25 -20.23
C ARG D 198 4.11 -6.22 -20.26
N ARG D 199 4.01 -5.18 -19.44
CA ARG D 199 5.00 -4.10 -19.45
C ARG D 199 6.38 -4.55 -18.94
N GLU D 200 6.40 -5.46 -17.97
CA GLU D 200 7.67 -6.02 -17.52
C GLU D 200 8.34 -6.81 -18.65
N ARG D 201 7.58 -7.68 -19.30
CA ARG D 201 8.10 -8.53 -20.35
C ARG D 201 8.60 -7.71 -21.54
N MET D 202 7.82 -6.71 -21.94
CA MET D 202 8.20 -5.83 -23.01
C MET D 202 9.42 -4.97 -22.67
N ALA D 203 9.53 -4.56 -21.41
CA ALA D 203 10.67 -3.73 -20.98
C ALA D 203 11.96 -4.52 -21.08
N LEU D 204 11.92 -5.77 -20.63
CA LEU D 204 13.09 -6.63 -20.67
C LEU D 204 13.41 -7.03 -22.09
N LEU D 205 12.38 -7.37 -22.86
CA LEU D 205 12.58 -7.77 -24.26
C LEU D 205 13.19 -6.64 -25.08
N SER D 206 12.84 -5.40 -24.76
CA SER D 206 13.35 -4.25 -25.51
C SER D 206 14.85 -4.14 -25.35
N ARG D 207 15.36 -4.51 -24.18
CA ARG D 207 16.78 -4.39 -23.86
C ARG D 207 17.61 -5.60 -24.27
N ALA D 208 16.98 -6.75 -24.49
CA ALA D 208 17.71 -8.01 -24.65
C ALA D 208 18.70 -8.06 -25.83
N PRO D 209 18.31 -7.54 -27.01
CA PRO D 209 19.23 -7.58 -28.15
C PRO D 209 20.53 -6.81 -27.94
N GLU D 210 20.46 -5.64 -27.33
CA GLU D 210 21.65 -4.84 -27.07
C GLU D 210 22.60 -5.55 -26.09
N ILE D 211 22.03 -6.16 -25.06
CA ILE D 211 22.80 -6.91 -24.07
C ILE D 211 23.49 -8.12 -24.73
N ARG D 212 22.78 -8.80 -25.62
CA ARG D 212 23.36 -9.93 -26.33
C ARG D 212 24.51 -9.50 -27.24
N SER D 213 24.39 -8.35 -27.88
CA SER D 213 25.46 -7.88 -28.76
C SER D 213 26.71 -7.54 -27.95
N TRP D 214 26.53 -6.98 -26.76
CA TRP D 214 27.67 -6.73 -25.86
C TRP D 214 28.35 -8.01 -25.36
N CYS D 215 27.60 -9.11 -25.29
CA CYS D 215 28.16 -10.41 -24.96
C CYS D 215 28.95 -10.95 -26.16
N GLU D 216 28.42 -10.79 -27.37
CA GLU D 216 29.19 -11.10 -28.59
C GLU D 216 30.56 -10.42 -28.53
N ALA D 217 30.57 -9.12 -28.26
CA ALA D 217 31.81 -8.34 -28.16
C ALA D 217 32.77 -8.85 -27.09
N ALA D 218 32.22 -9.31 -25.97
CA ALA D 218 33.04 -9.83 -24.87
C ALA D 218 33.66 -11.17 -25.24
N VAL D 219 32.95 -11.97 -26.02
CA VAL D 219 33.50 -13.23 -26.52
C VAL D 219 34.58 -12.94 -27.56
N ALA D 220 34.36 -11.93 -28.40
CA ALA D 220 35.39 -11.48 -29.34
C ALA D 220 36.63 -10.98 -28.61
N LEU D 221 36.43 -10.26 -27.51
CA LEU D 221 37.55 -9.70 -26.73
C LEU D 221 38.41 -10.78 -26.11
N ILE D 222 37.78 -11.83 -25.59
CA ILE D 222 38.51 -12.91 -24.93
C ILE D 222 39.25 -13.80 -25.93
N GLU D 223 38.77 -13.88 -27.17
CA GLU D 223 39.51 -14.59 -28.22
C GLU D 223 40.82 -13.86 -28.50
N ARG D 224 40.72 -12.57 -28.82
CA ARG D 224 41.90 -11.73 -29.05
C ARG D 224 42.92 -11.82 -27.92
N LEU D 225 42.44 -11.91 -26.68
CA LEU D 225 43.31 -12.00 -25.51
C LEU D 225 44.04 -13.34 -25.40
N PHE D 226 43.44 -14.41 -25.92
CA PHE D 226 44.12 -15.71 -25.94
C PHE D 226 45.08 -15.81 -27.12
N THR D 227 44.67 -15.36 -28.30
CA THR D 227 45.56 -15.30 -29.46
C THR D 227 46.89 -14.60 -29.08
N GLU D 228 46.80 -13.46 -28.43
CA GLU D 228 48.00 -12.72 -28.00
C GLU D 228 48.80 -13.43 -26.91
N HIS D 229 48.14 -14.00 -25.89
CA HIS D 229 48.84 -14.53 -24.70
C HIS D 229 48.70 -16.04 -24.43
N ALA D 230 48.23 -16.83 -25.41
CA ALA D 230 48.00 -18.28 -25.21
C ALA D 230 49.19 -19.05 -24.60
N PRO D 231 50.42 -18.78 -25.08
CA PRO D 231 51.59 -19.48 -24.50
C PRO D 231 51.86 -19.10 -23.05
N PHE D 232 51.79 -17.81 -22.74
CA PHE D 232 51.90 -17.33 -21.35
C PHE D 232 50.85 -17.96 -20.44
N PHE D 233 49.60 -18.02 -20.92
CA PHE D 233 48.49 -18.59 -20.16
C PHE D 233 48.62 -20.10 -19.95
N ALA D 234 49.28 -20.79 -20.88
CA ALA D 234 49.49 -22.23 -20.76
C ALA D 234 50.34 -22.62 -19.55
N GLN D 235 51.07 -21.67 -18.98
CA GLN D 235 51.86 -21.90 -17.77
C GLN D 235 51.02 -22.28 -16.54
N PHE D 236 49.76 -21.83 -16.51
CA PHE D 236 48.85 -22.08 -15.37
C PHE D 236 48.32 -23.51 -15.28
N GLY D 237 48.50 -24.29 -16.34
CA GLY D 237 48.27 -25.72 -16.29
C GLY D 237 47.14 -26.19 -17.18
N SER D 238 47.13 -27.49 -17.46
CA SER D 238 46.02 -28.18 -18.09
C SER D 238 45.36 -29.11 -17.07
N PHE D 239 44.35 -29.85 -17.48
CA PHE D 239 43.73 -30.88 -16.64
C PHE D 239 43.62 -32.16 -17.43
N GLN D 240 43.89 -33.28 -16.76
CA GLN D 240 43.66 -34.61 -17.32
C GLN D 240 42.64 -35.30 -16.43
N THR D 241 41.56 -34.57 -16.15
CA THR D 241 40.54 -35.04 -15.24
C THR D 241 39.19 -35.16 -15.94
N LYS D 242 38.31 -35.96 -15.36
CA LYS D 242 36.97 -36.15 -15.90
C LYS D 242 36.18 -34.84 -15.81
N THR D 243 35.22 -34.67 -16.71
CA THR D 243 34.33 -33.50 -16.71
C THR D 243 32.90 -33.93 -16.36
N PHE D 244 32.35 -33.30 -15.32
CA PHE D 244 31.05 -33.64 -14.75
C PHE D 244 30.07 -32.49 -15.01
N SER D 245 28.90 -32.79 -15.57
CA SER D 245 27.85 -31.79 -15.80
C SER D 245 26.49 -32.42 -16.04
N LEU D 246 25.46 -31.57 -16.11
CA LEU D 246 24.13 -32.00 -16.56
C LEU D 246 24.05 -31.84 -18.07
N VAL D 247 23.27 -32.70 -18.69
CA VAL D 247 22.92 -32.56 -20.10
C VAL D 247 21.44 -32.90 -20.24
N ALA D 248 20.78 -32.24 -21.17
CA ALA D 248 19.40 -32.59 -21.52
C ALA D 248 19.38 -34.01 -22.06
N ALA D 249 18.20 -34.51 -22.41
CA ALA D 249 18.09 -35.82 -23.04
C ALA D 249 18.78 -35.90 -24.42
N ASP D 250 18.94 -34.75 -25.08
CA ASP D 250 19.18 -34.71 -26.53
C ASP D 250 20.61 -34.60 -27.14
N GLY D 251 21.72 -34.62 -26.39
CA GLY D 251 21.85 -34.21 -25.00
C GLY D 251 22.69 -32.95 -25.08
N SER D 252 22.02 -31.85 -25.39
CA SER D 252 22.62 -30.52 -25.42
C SER D 252 22.68 -29.95 -24.02
N LEU D 253 23.35 -28.81 -23.89
CA LEU D 253 23.43 -28.14 -22.60
C LEU D 253 22.07 -27.55 -22.22
N ASP D 254 21.64 -27.80 -20.99
CA ASP D 254 20.45 -27.16 -20.45
C ASP D 254 20.77 -26.80 -19.00
N LEU D 255 20.95 -25.51 -18.75
CA LEU D 255 21.41 -25.02 -17.45
C LEU D 255 20.40 -25.26 -16.33
N TYR D 256 19.11 -25.27 -16.66
CA TYR D 256 18.05 -25.42 -15.67
C TYR D 256 17.77 -26.87 -15.24
N ASP D 257 17.85 -27.82 -16.16
CA ASP D 257 17.45 -29.20 -15.86
C ASP D 257 18.11 -30.24 -16.76
N GLY D 258 18.41 -31.40 -16.18
CA GLY D 258 18.93 -32.54 -16.95
C GLY D 258 19.31 -33.73 -16.08
N THR D 259 20.12 -34.62 -16.66
CA THR D 259 20.63 -35.80 -15.98
C THR D 259 22.15 -35.77 -16.08
N PHE D 260 22.82 -36.51 -15.20
CA PHE D 260 24.29 -36.44 -15.10
C PHE D 260 25.01 -37.04 -16.33
N ARG D 261 26.07 -36.36 -16.74
CA ARG D 261 27.00 -36.87 -17.75
C ARG D 261 28.44 -36.67 -17.30
N VAL D 262 29.24 -37.73 -17.39
CA VAL D 262 30.67 -37.65 -17.10
C VAL D 262 31.47 -38.15 -18.30
N LYS D 263 32.53 -37.44 -18.65
CA LYS D 263 33.45 -37.85 -19.69
C LYS D 263 34.86 -37.91 -19.10
N GLU D 264 35.73 -38.72 -19.70
CA GLU D 264 37.15 -38.73 -19.31
C GLU D 264 37.86 -37.53 -19.92
N ALA D 265 39.12 -37.34 -19.55
CA ALA D 265 39.91 -36.21 -20.07
C ALA D 265 40.03 -36.26 -21.61
N ASN D 266 39.96 -37.46 -22.17
CA ASN D 266 39.85 -37.68 -23.63
C ASN D 266 38.40 -37.84 -24.10
N GLY D 267 37.48 -37.49 -23.21
CA GLY D 267 36.06 -37.87 -23.22
C GLY D 267 35.33 -38.07 -24.53
N ALA D 268 34.93 -39.29 -24.89
CA ALA D 268 34.97 -40.54 -24.11
C ALA D 268 34.02 -40.52 -22.90
N ILE D 269 32.74 -40.73 -23.21
CA ILE D 269 31.67 -40.74 -22.23
C ILE D 269 31.72 -41.99 -21.34
N LEU D 270 32.04 -41.81 -20.07
CA LEU D 270 31.93 -42.87 -19.06
C LEU D 270 30.49 -43.13 -18.66
N ILE D 271 29.83 -42.07 -18.19
CA ILE D 271 28.50 -42.16 -17.61
C ILE D 271 27.58 -41.20 -18.33
N ASP D 272 26.34 -41.61 -18.53
CA ASP D 272 25.41 -40.77 -19.27
C ASP D 272 23.96 -41.01 -18.98
N HIS D 273 23.26 -39.87 -18.91
CA HIS D 273 21.89 -39.76 -18.47
C HIS D 273 21.63 -40.45 -17.14
N TYR D 274 22.52 -40.22 -16.19
CA TYR D 274 22.37 -40.78 -14.85
C TYR D 274 21.35 -39.97 -14.04
N ASP D 275 20.33 -40.65 -13.51
CA ASP D 275 19.29 -40.02 -12.70
C ASP D 275 19.89 -39.37 -11.44
N PRO D 276 19.77 -38.03 -11.32
CA PRO D 276 20.33 -37.36 -10.15
C PRO D 276 19.59 -37.64 -8.84
N ASN D 277 18.38 -38.18 -8.92
CA ASN D 277 17.69 -38.66 -7.72
C ASN D 277 18.50 -39.77 -7.02
N ASP D 278 19.43 -40.38 -7.75
CA ASP D 278 20.33 -41.40 -7.20
C ASP D 278 21.77 -40.89 -7.12
N TYR D 279 21.96 -39.59 -6.92
CA TYR D 279 23.30 -39.02 -6.79
C TYR D 279 24.07 -39.71 -5.65
N ASP D 280 23.36 -40.20 -4.65
CA ASP D 280 23.96 -40.88 -3.49
C ASP D 280 24.65 -42.19 -3.87
N GLN D 281 24.13 -42.88 -4.87
CA GLN D 281 24.77 -44.08 -5.42
C GLN D 281 26.06 -43.69 -6.13
N LEU D 282 25.97 -42.67 -6.96
CA LEU D 282 27.04 -42.24 -7.86
C LEU D 282 28.20 -41.51 -7.19
N LEU D 283 27.93 -40.76 -6.11
CA LEU D 283 28.93 -39.89 -5.49
C LEU D 283 29.11 -40.16 -4.00
N VAL D 284 30.28 -39.77 -3.49
CA VAL D 284 30.64 -39.92 -2.08
C VAL D 284 31.55 -38.73 -1.71
N GLU D 285 31.40 -38.21 -0.51
CA GLU D 285 32.14 -37.03 -0.06
C GLU D 285 33.26 -37.39 0.93
N ALA D 286 34.48 -37.03 0.58
CA ALA D 286 35.62 -37.23 1.47
C ALA D 286 35.91 -35.93 2.21
N VAL D 287 36.61 -36.04 3.34
CA VAL D 287 36.94 -34.90 4.16
C VAL D 287 38.44 -34.88 4.45
N ARG D 288 39.06 -33.71 4.37
CA ARG D 288 40.43 -33.54 4.82
C ARG D 288 40.42 -32.67 6.08
N PRO D 289 41.44 -32.84 6.96
CA PRO D 289 41.49 -32.04 8.18
C PRO D 289 41.66 -30.52 7.99
N TRP D 290 42.13 -30.09 6.82
CA TRP D 290 42.58 -28.69 6.62
C TRP D 290 41.57 -27.79 5.87
N SER D 291 40.39 -28.32 5.57
CA SER D 291 39.35 -27.55 4.90
C SER D 291 37.98 -28.02 5.37
N TYR D 292 37.04 -27.07 5.52
CA TYR D 292 35.64 -27.42 5.75
C TYR D 292 34.92 -27.83 4.47
N MET D 293 35.54 -27.58 3.32
CA MET D 293 34.99 -28.02 2.05
C MET D 293 35.38 -29.46 1.79
N LYS D 294 34.40 -30.27 1.41
CA LYS D 294 34.59 -31.68 1.18
C LYS D 294 35.12 -31.96 -0.23
N PHE D 295 35.44 -33.23 -0.49
CA PHE D 295 36.00 -33.67 -1.76
C PHE D 295 35.14 -34.81 -2.29
N PRO D 296 34.20 -34.50 -3.19
CA PRO D 296 33.38 -35.55 -3.76
C PRO D 296 34.10 -36.30 -4.88
N TYR D 297 33.82 -37.60 -5.01
CA TYR D 297 34.39 -38.39 -6.08
C TYR D 297 33.37 -39.44 -6.46
N LEU D 298 33.56 -40.01 -7.64
CA LEU D 298 32.68 -41.08 -8.11
C LEU D 298 32.97 -42.35 -7.32
N LYS D 299 31.96 -42.84 -6.61
CA LYS D 299 32.08 -43.98 -5.70
C LYS D 299 32.77 -45.17 -6.37
N ALA D 300 32.30 -45.54 -7.55
CA ALA D 300 32.79 -46.73 -8.26
C ALA D 300 34.27 -46.67 -8.64
N TYR D 301 34.84 -45.47 -8.74
CA TYR D 301 36.24 -45.30 -9.11
C TYR D 301 37.18 -44.93 -7.95
N GLY D 302 36.62 -44.58 -6.79
CA GLY D 302 37.44 -44.19 -5.63
C GLY D 302 38.25 -42.92 -5.87
N GLU D 303 38.96 -42.46 -4.85
CA GLU D 303 39.83 -41.28 -4.98
C GLU D 303 41.27 -41.74 -5.19
N PRO D 304 42.06 -41.06 -6.03
CA PRO D 304 41.66 -39.87 -6.76
C PRO D 304 41.23 -40.13 -8.21
N ASP D 305 41.14 -41.40 -8.61
CA ASP D 305 40.73 -41.74 -9.98
C ASP D 305 39.32 -41.22 -10.28
N GLY D 306 38.46 -41.22 -9.27
CA GLY D 306 37.08 -40.79 -9.41
C GLY D 306 36.79 -39.31 -9.13
N PHE D 307 37.83 -38.49 -8.99
CA PHE D 307 37.62 -37.05 -8.93
C PHE D 307 37.17 -36.54 -10.29
N TYR D 308 36.62 -35.32 -10.29
CA TYR D 308 36.09 -34.74 -11.52
C TYR D 308 36.08 -33.21 -11.44
N ARG D 309 35.54 -32.60 -12.47
CA ARG D 309 35.64 -31.16 -12.65
C ARG D 309 34.30 -30.66 -13.19
N VAL D 310 33.87 -29.50 -12.69
CA VAL D 310 32.59 -28.89 -13.09
C VAL D 310 32.83 -27.43 -13.49
N GLY D 311 31.80 -26.79 -14.03
CA GLY D 311 31.87 -25.37 -14.39
C GLY D 311 31.77 -25.12 -15.88
N PRO D 312 31.89 -23.84 -16.30
CA PRO D 312 31.76 -23.45 -17.69
C PRO D 312 32.43 -24.37 -18.73
N SER D 313 33.73 -24.62 -18.57
CA SER D 313 34.47 -25.40 -19.57
C SER D 313 34.06 -26.89 -19.58
N ALA D 314 33.78 -27.44 -18.41
CA ALA D 314 33.26 -28.80 -18.31
C ALA D 314 31.97 -28.98 -19.12
N ARG D 315 31.08 -27.99 -19.03
CA ARG D 315 29.78 -28.03 -19.74
C ARG D 315 29.96 -27.95 -21.25
N LEU D 316 30.84 -27.05 -21.68
CA LEU D 316 31.09 -26.88 -23.11
C LEU D 316 31.70 -28.15 -23.73
N ILE D 317 32.58 -28.81 -22.99
CA ILE D 317 33.14 -30.10 -23.37
C ILE D 317 32.11 -31.23 -23.33
N ASN D 318 31.29 -31.26 -22.29
CA ASN D 318 30.33 -32.35 -22.06
C ASN D 318 29.15 -32.41 -23.02
N CYS D 319 28.67 -31.26 -23.45
CA CYS D 319 27.45 -31.22 -24.25
C CYS D 319 27.75 -31.54 -25.71
N ASP D 320 26.74 -32.05 -26.40
CA ASP D 320 26.84 -32.27 -27.85
C ASP D 320 26.67 -30.94 -28.56
N ARG D 321 25.95 -30.01 -27.94
CA ARG D 321 25.57 -28.77 -28.59
C ARG D 321 25.13 -27.71 -27.56
N LEU D 322 25.22 -26.44 -27.94
CA LEU D 322 24.49 -25.37 -27.28
C LEU D 322 23.31 -25.00 -28.17
N THR D 323 22.14 -24.81 -27.57
CA THR D 323 20.91 -24.62 -28.35
C THR D 323 20.74 -23.24 -28.97
N THR D 324 21.67 -22.32 -28.74
CA THR D 324 21.67 -21.04 -29.46
C THR D 324 22.86 -20.94 -30.42
N ALA D 325 22.64 -20.27 -31.55
CA ALA D 325 23.53 -20.35 -32.70
C ALA D 325 24.86 -19.67 -32.50
N ARG D 326 24.85 -18.42 -32.04
CA ARG D 326 26.09 -17.67 -31.87
C ARG D 326 26.97 -18.25 -30.76
N ALA D 327 26.35 -18.78 -29.72
CA ALA D 327 27.08 -19.42 -28.64
C ALA D 327 27.66 -20.74 -29.13
N GLU D 328 26.94 -21.42 -30.01
CA GLU D 328 27.41 -22.67 -30.58
C GLU D 328 28.63 -22.45 -31.49
N ALA D 329 28.55 -21.47 -32.38
CA ALA D 329 29.68 -21.10 -33.22
C ALA D 329 30.90 -20.64 -32.41
N ALA D 330 30.65 -19.94 -31.30
CA ALA D 330 31.74 -19.50 -30.42
C ALA D 330 32.39 -20.69 -29.69
N ARG D 331 31.57 -21.65 -29.29
CA ARG D 331 32.02 -22.84 -28.60
C ARG D 331 32.92 -23.69 -29.48
N GLN D 332 32.59 -23.76 -30.77
CA GLN D 332 33.35 -24.56 -31.71
C GLN D 332 34.76 -23.98 -31.82
N ARG D 333 34.85 -22.67 -32.02
CA ARG D 333 36.15 -21.97 -32.06
C ARG D 333 36.98 -22.19 -30.78
N PHE D 334 36.31 -22.21 -29.64
CA PHE D 334 36.94 -22.44 -28.33
C PHE D 334 37.51 -23.87 -28.16
N LEU D 335 36.80 -24.86 -28.70
CA LEU D 335 37.26 -26.26 -28.63
C LEU D 335 38.42 -26.54 -29.57
N THR D 336 38.37 -25.93 -30.76
CA THR D 336 39.41 -26.09 -31.78
C THR D 336 40.74 -25.47 -31.34
N PHE D 337 40.67 -24.23 -30.86
CA PHE D 337 41.83 -23.39 -30.60
C PHE D 337 43.06 -24.03 -29.97
N ASP D 338 44.13 -24.11 -30.75
CA ASP D 338 45.52 -24.13 -30.25
C ASP D 338 45.89 -25.16 -29.15
N GLN D 339 45.61 -26.44 -29.34
CA GLN D 339 44.77 -27.00 -30.39
C GLN D 339 43.88 -28.03 -29.68
N GLY D 340 42.97 -27.52 -28.85
CA GLY D 340 42.24 -28.33 -27.86
C GLY D 340 42.84 -28.20 -26.47
N THR D 341 43.93 -27.43 -26.36
CA THR D 341 44.67 -27.26 -25.11
C THR D 341 43.91 -26.37 -24.15
N VAL D 342 43.47 -25.24 -24.67
CA VAL D 342 42.81 -24.20 -23.90
C VAL D 342 41.54 -24.70 -23.20
N ALA D 343 40.79 -25.58 -23.86
CA ALA D 343 39.56 -26.14 -23.31
C ALA D 343 39.75 -26.83 -21.96
N HIS D 344 40.92 -27.45 -21.80
CA HIS D 344 41.25 -28.17 -20.57
C HIS D 344 42.23 -27.38 -19.69
N SER D 345 42.36 -26.07 -19.93
CA SER D 345 43.31 -25.24 -19.19
C SER D 345 42.62 -24.42 -18.10
N THR D 346 43.39 -24.07 -17.08
CA THR D 346 42.88 -23.33 -15.93
C THR D 346 42.24 -22.02 -16.36
N LEU D 347 42.99 -21.23 -17.13
CA LEU D 347 42.53 -19.92 -17.59
C LEU D 347 41.51 -20.01 -18.74
N GLY D 348 41.38 -21.18 -19.34
CA GLY D 348 40.36 -21.41 -20.36
C GLY D 348 38.93 -21.31 -19.86
N TYR D 349 38.74 -21.38 -18.55
CA TYR D 349 37.43 -21.17 -17.95
C TYR D 349 36.84 -19.81 -18.30
N HIS D 350 37.68 -18.77 -18.32
CA HIS D 350 37.21 -17.43 -18.66
C HIS D 350 36.54 -17.41 -20.02
N TRP D 351 37.19 -18.02 -21.01
CA TRP D 351 36.65 -18.09 -22.36
C TRP D 351 35.31 -18.86 -22.36
N ALA D 352 35.29 -20.04 -21.77
CA ALA D 352 34.05 -20.83 -21.66
C ALA D 352 32.94 -20.07 -20.94
N ARG D 353 33.32 -19.34 -19.89
CA ARG D 353 32.37 -18.57 -19.11
C ARG D 353 31.68 -17.49 -19.94
N LEU D 354 32.45 -16.77 -20.76
CA LEU D 354 31.88 -15.72 -21.61
C LEU D 354 31.04 -16.25 -22.77
N ILE D 355 31.27 -17.51 -23.14
CA ILE D 355 30.42 -18.18 -24.15
C ILE D 355 29.08 -18.51 -23.53
N GLU D 356 29.08 -18.92 -22.26
CA GLU D 356 27.84 -19.16 -21.52
C GLU D 356 27.06 -17.87 -21.30
N MET D 357 27.77 -16.80 -20.98
CA MET D 357 27.14 -15.50 -20.87
C MET D 357 26.33 -15.18 -22.14
N LEU D 358 26.98 -15.30 -23.31
CA LEU D 358 26.31 -15.07 -24.60
C LEU D 358 25.14 -16.03 -24.83
N HIS D 359 25.33 -17.30 -24.46
CA HIS D 359 24.27 -18.29 -24.55
C HIS D 359 23.04 -17.88 -23.73
N CYS D 360 23.26 -17.41 -22.50
CA CYS D 360 22.16 -16.98 -21.65
C CYS D 360 21.44 -15.78 -22.27
N ALA D 361 22.21 -14.85 -22.82
CA ALA D 361 21.66 -13.65 -23.47
C ALA D 361 20.80 -14.04 -24.68
N GLU D 362 21.26 -15.00 -25.45
CA GLU D 362 20.47 -15.53 -26.56
C GLU D 362 19.22 -16.28 -26.08
N LEU D 363 19.35 -17.05 -25.01
CA LEU D 363 18.20 -17.80 -24.45
C LEU D 363 17.11 -16.85 -23.99
N ILE D 364 17.53 -15.80 -23.29
CA ILE D 364 16.61 -14.83 -22.70
C ILE D 364 15.91 -14.05 -23.80
N GLU D 365 16.69 -13.64 -24.80
CA GLU D 365 16.18 -12.89 -25.95
C GLU D 365 15.04 -13.61 -26.65
N ALA D 366 15.14 -14.93 -26.74
CA ALA D 366 14.09 -15.75 -27.30
C ALA D 366 12.95 -16.01 -26.29
N LEU D 367 13.32 -16.35 -25.04
CA LEU D 367 12.32 -16.66 -24.01
C LEU D 367 11.36 -15.51 -23.73
N LEU D 368 11.86 -14.28 -23.80
CA LEU D 368 11.04 -13.10 -23.53
C LEU D 368 9.95 -12.82 -24.58
N THR D 369 10.01 -13.50 -25.72
CA THR D 369 8.95 -13.41 -26.74
C THR D 369 7.83 -14.42 -26.46
N ASP D 370 7.99 -15.25 -25.42
CA ASP D 370 7.04 -16.31 -25.10
C ASP D 370 5.94 -15.81 -24.17
N ALA D 371 4.70 -15.81 -24.64
CA ALA D 371 3.58 -15.26 -23.87
C ALA D 371 3.15 -16.15 -22.70
N ASP D 372 3.64 -17.38 -22.65
CA ASP D 372 3.41 -18.22 -21.49
C ASP D 372 3.95 -17.59 -20.21
N LEU D 373 4.94 -16.70 -20.36
CA LEU D 373 5.45 -15.95 -19.22
C LEU D 373 4.35 -15.12 -18.54
N GLU D 374 3.34 -14.72 -19.31
CA GLU D 374 2.17 -14.02 -18.79
C GLU D 374 0.96 -14.93 -18.49
N GLY D 375 1.14 -16.24 -18.57
CA GLY D 375 0.02 -17.18 -18.49
C GLY D 375 -0.44 -17.42 -17.07
N GLY D 376 -1.37 -18.36 -16.92
CA GLY D 376 -1.91 -18.72 -15.62
C GLY D 376 -1.83 -20.20 -15.37
N GLU D 377 -0.76 -20.83 -15.88
CA GLU D 377 -0.45 -22.23 -15.59
C GLU D 377 0.72 -22.21 -14.62
N LEU D 378 0.41 -21.81 -13.39
CA LEU D 378 1.41 -21.42 -12.38
C LEU D 378 1.93 -22.55 -11.50
N ARG D 379 1.05 -23.48 -11.16
CA ARG D 379 1.38 -24.46 -10.14
C ARG D 379 0.67 -25.79 -10.35
N ALA D 380 1.27 -26.85 -9.84
CA ALA D 380 0.73 -28.20 -9.98
C ALA D 380 0.78 -28.96 -8.66
N ARG D 381 -0.15 -29.90 -8.51
CA ARG D 381 -0.26 -30.76 -7.33
C ARG D 381 0.08 -32.18 -7.71
N GLY D 382 0.48 -32.98 -6.72
CA GLY D 382 0.83 -34.37 -6.97
C GLY D 382 0.79 -35.18 -5.70
N GLN D 383 1.37 -36.38 -5.76
CA GLN D 383 1.38 -37.31 -4.64
C GLN D 383 2.57 -37.05 -3.72
N ARG D 384 2.26 -36.79 -2.45
CA ARG D 384 3.28 -36.51 -1.45
C ARG D 384 4.22 -37.69 -1.22
N GLN D 385 5.51 -37.40 -1.12
CA GLN D 385 6.52 -38.39 -0.74
C GLN D 385 7.47 -37.77 0.28
N HIS D 386 8.40 -38.56 0.80
CA HIS D 386 9.28 -38.12 1.88
C HIS D 386 10.65 -37.62 1.43
N ARG D 387 11.03 -37.90 0.19
CA ARG D 387 12.36 -37.58 -0.31
C ARG D 387 12.31 -36.69 -1.55
N GLY D 388 13.19 -35.69 -1.61
CA GLY D 388 13.26 -34.79 -2.75
C GLY D 388 14.68 -34.36 -3.09
N VAL D 389 15.02 -34.45 -4.37
CA VAL D 389 16.34 -34.05 -4.83
C VAL D 389 16.20 -33.07 -5.97
N GLY D 390 16.95 -31.98 -5.88
CA GLY D 390 16.94 -30.95 -6.89
C GLY D 390 18.34 -30.69 -7.36
N VAL D 391 18.53 -30.76 -8.68
CA VAL D 391 19.83 -30.57 -9.29
C VAL D 391 19.69 -29.54 -10.41
N ILE D 392 20.70 -28.67 -10.50
CA ILE D 392 20.69 -27.58 -11.48
C ILE D 392 22.14 -27.17 -11.79
N GLU D 393 22.40 -26.59 -12.95
CA GLU D 393 23.73 -26.07 -13.26
C GLU D 393 23.79 -24.64 -12.79
N ALA D 394 24.42 -24.42 -11.65
CA ALA D 394 24.62 -23.08 -11.13
C ALA D 394 25.72 -22.47 -11.98
N PRO D 395 25.98 -21.16 -11.84
CA PRO D 395 26.98 -20.54 -12.70
C PRO D 395 28.35 -21.21 -12.71
N ARG D 396 28.71 -21.89 -11.61
CA ARG D 396 30.05 -22.42 -11.43
C ARG D 396 30.15 -23.95 -11.49
N GLY D 397 29.01 -24.63 -11.63
CA GLY D 397 29.00 -26.07 -11.77
C GLY D 397 27.74 -26.67 -11.20
N THR D 398 27.61 -27.97 -11.35
CA THR D 398 26.44 -28.69 -10.89
C THR D 398 26.15 -28.46 -9.40
N LEU D 399 24.88 -28.25 -9.06
CA LEU D 399 24.48 -28.03 -7.68
C LEU D 399 23.46 -29.09 -7.30
N ILE D 400 23.62 -29.66 -6.10
CA ILE D 400 22.73 -30.71 -5.63
C ILE D 400 22.12 -30.37 -4.27
N HIS D 401 20.77 -30.35 -4.23
CA HIS D 401 20.01 -30.22 -2.97
C HIS D 401 19.24 -31.49 -2.69
N HIS D 402 19.36 -32.00 -1.47
CA HIS D 402 18.65 -33.19 -1.03
C HIS D 402 17.96 -32.85 0.29
N TYR D 403 16.64 -33.00 0.32
CA TYR D 403 15.85 -32.85 1.56
C TYR D 403 14.99 -34.08 1.80
N GLU D 404 14.80 -34.42 3.07
CA GLU D 404 13.83 -35.43 3.47
C GLU D 404 12.91 -34.87 4.54
N VAL D 405 11.63 -35.21 4.46
CA VAL D 405 10.60 -34.59 5.28
C VAL D 405 9.65 -35.63 5.86
N GLY D 406 9.32 -35.50 7.13
CA GLY D 406 8.39 -36.42 7.80
C GLY D 406 6.93 -36.13 7.49
N ASP D 407 6.03 -36.97 8.02
CA ASP D 407 4.57 -36.70 8.01
C ASP D 407 4.29 -35.32 8.58
N ASP D 408 5.09 -34.94 9.57
CA ASP D 408 5.15 -33.60 10.17
C ASP D 408 5.13 -32.38 9.25
N ASP D 409 5.72 -32.55 8.06
CA ASP D 409 6.11 -31.46 7.16
C ASP D 409 7.41 -30.80 7.61
N LEU D 410 8.04 -31.33 8.65
CA LEU D 410 9.30 -30.84 9.15
C LEU D 410 10.45 -31.61 8.53
N ILE D 411 11.51 -30.88 8.16
CA ILE D 411 12.66 -31.45 7.51
C ILE D 411 13.38 -32.35 8.51
N THR D 412 13.61 -33.60 8.10
CA THR D 412 14.35 -34.55 8.93
C THR D 412 15.79 -34.67 8.49
N TYR D 413 16.05 -34.37 7.22
CA TYR D 413 17.40 -34.48 6.67
C TYR D 413 17.63 -33.48 5.54
N CYS D 414 18.84 -32.89 5.53
CA CYS D 414 19.24 -32.02 4.44
C CYS D 414 20.69 -32.29 4.06
N ASN D 415 20.96 -32.41 2.75
CA ASN D 415 22.33 -32.45 2.24
C ASN D 415 22.52 -31.54 1.03
N LEU D 416 23.54 -30.70 1.08
CA LEU D 416 23.86 -29.78 0.00
C LEU D 416 25.25 -30.09 -0.51
N ILE D 417 25.35 -30.43 -1.79
CA ILE D 417 26.65 -30.55 -2.45
C ILE D 417 26.71 -29.44 -3.48
N VAL D 418 27.64 -28.54 -3.27
CA VAL D 418 27.68 -27.27 -3.96
C VAL D 418 28.74 -27.31 -5.07
N SER D 419 28.57 -26.48 -6.09
CA SER D 419 29.40 -26.54 -7.30
C SER D 419 30.89 -26.47 -7.01
N THR D 420 31.24 -25.62 -6.06
CA THR D 420 32.64 -25.40 -5.75
C THR D 420 33.27 -26.62 -5.03
N THR D 421 32.46 -27.34 -4.25
CA THR D 421 32.88 -28.58 -3.60
C THR D 421 33.35 -29.60 -4.64
N HIS D 422 32.62 -29.68 -5.76
CA HIS D 422 32.98 -30.58 -6.84
C HIS D 422 34.36 -30.28 -7.39
N ASN D 423 34.73 -28.99 -7.44
CA ASN D 423 36.02 -28.56 -7.99
C ASN D 423 37.13 -28.44 -6.95
N ASN D 424 36.94 -29.02 -5.77
CA ASN D 424 37.91 -28.86 -4.68
C ASN D 424 39.28 -29.45 -5.05
N ALA D 425 39.29 -30.70 -5.51
CA ALA D 425 40.55 -31.38 -5.86
C ALA D 425 41.32 -30.59 -6.92
N VAL D 426 40.64 -30.32 -8.03
CA VAL D 426 41.28 -29.72 -9.20
C VAL D 426 41.72 -28.26 -8.96
N MET D 427 41.11 -27.58 -8.01
CA MET D 427 41.53 -26.22 -7.66
C MET D 427 42.83 -26.25 -6.87
N ASN D 428 42.98 -27.26 -6.00
CA ASN D 428 44.22 -27.47 -5.28
C ASN D 428 45.35 -27.80 -6.24
N GLN D 429 45.08 -28.76 -7.12
CA GLN D 429 45.98 -29.12 -8.22
C GLN D 429 46.41 -27.89 -9.05
N ALA D 430 45.46 -27.02 -9.39
CA ALA D 430 45.72 -25.84 -10.21
C ALA D 430 46.44 -24.74 -9.47
N VAL D 431 46.25 -24.66 -8.15
CA VAL D 431 47.00 -23.72 -7.32
C VAL D 431 48.44 -24.23 -7.11
N THR D 432 48.58 -25.54 -6.98
CA THR D 432 49.89 -26.21 -6.92
C THR D 432 50.67 -25.88 -8.19
N THR D 433 50.11 -26.23 -9.33
CA THR D 433 50.74 -25.96 -10.63
C THR D 433 51.20 -24.50 -10.77
N ALA D 434 50.36 -23.57 -10.37
CA ALA D 434 50.67 -22.14 -10.48
C ALA D 434 51.68 -21.68 -9.44
N ALA D 435 51.73 -22.37 -8.30
CA ALA D 435 52.68 -22.03 -7.24
C ALA D 435 54.12 -22.34 -7.66
N LYS D 436 54.33 -23.52 -8.23
CA LYS D 436 55.66 -23.91 -8.71
C LYS D 436 56.02 -23.25 -10.04
N ALA D 437 55.03 -22.86 -10.83
CA ALA D 437 55.31 -22.14 -12.08
C ALA D 437 55.81 -20.72 -11.82
N PHE D 438 55.40 -20.11 -10.70
CA PHE D 438 55.73 -18.71 -10.41
C PHE D 438 56.38 -18.41 -9.05
N LEU D 439 56.49 -19.40 -8.17
CA LEU D 439 57.09 -19.18 -6.84
C LEU D 439 58.28 -20.09 -6.47
N SER D 440 58.39 -21.27 -7.11
CA SER D 440 59.63 -22.07 -7.00
C SER D 440 60.82 -21.19 -7.37
N GLY D 441 60.59 -20.26 -8.30
CA GLY D 441 61.45 -19.11 -8.49
C GLY D 441 61.13 -18.04 -7.47
N VAL D 442 61.53 -18.27 -6.22
CA VAL D 442 61.56 -17.23 -5.19
C VAL D 442 62.40 -16.06 -5.74
N THR D 443 62.37 -14.87 -5.14
CA THR D 443 61.66 -14.56 -3.91
C THR D 443 60.24 -14.08 -4.21
N LEU D 444 59.46 -13.91 -3.15
CA LEU D 444 58.04 -13.60 -3.24
C LEU D 444 57.80 -12.11 -3.35
N THR D 445 56.85 -11.76 -4.22
CA THR D 445 56.41 -10.38 -4.40
C THR D 445 54.89 -10.37 -4.51
N GLU D 446 54.30 -9.24 -4.15
CA GLU D 446 52.86 -9.03 -4.24
C GLU D 446 52.33 -9.50 -5.59
N ALA D 447 52.94 -8.99 -6.67
CA ALA D 447 52.55 -9.35 -8.04
C ALA D 447 52.64 -10.86 -8.37
N LEU D 448 53.65 -11.53 -7.83
CA LEU D 448 53.83 -12.97 -8.09
C LEU D 448 52.83 -13.83 -7.32
N LEU D 449 52.46 -13.39 -6.12
CA LEU D 449 51.40 -14.05 -5.36
C LEU D 449 50.04 -13.88 -6.06
N ASN D 450 49.81 -12.69 -6.61
CA ASN D 450 48.61 -12.43 -7.42
C ASN D 450 48.42 -13.42 -8.57
N HIS D 451 49.51 -13.96 -9.11
CA HIS D 451 49.45 -15.01 -10.12
C HIS D 451 48.79 -16.27 -9.60
N ILE D 452 48.97 -16.55 -8.31
CA ILE D 452 48.33 -17.71 -7.68
C ILE D 452 46.84 -17.43 -7.57
N GLU D 453 46.51 -16.19 -7.19
CA GLU D 453 45.13 -15.75 -7.11
C GLU D 453 44.44 -15.79 -8.47
N VAL D 454 45.18 -15.41 -9.51
CA VAL D 454 44.68 -15.50 -10.88
C VAL D 454 44.25 -16.93 -11.21
N ALA D 455 45.01 -17.92 -10.75
CA ALA D 455 44.67 -19.32 -10.99
C ALA D 455 43.36 -19.72 -10.30
N VAL D 456 43.15 -19.18 -9.11
CA VAL D 456 41.95 -19.44 -8.31
C VAL D 456 40.74 -18.77 -8.96
N ARG D 457 40.88 -17.47 -9.22
CA ARG D 457 39.82 -16.69 -9.87
C ARG D 457 39.33 -17.33 -11.16
N ALA D 458 40.23 -17.98 -11.89
CA ALA D 458 39.87 -18.68 -13.12
C ALA D 458 38.66 -19.59 -12.93
N PHE D 459 38.57 -20.21 -11.76
CA PHE D 459 37.45 -21.10 -11.46
C PHE D 459 36.22 -20.35 -10.99
N ASP D 460 36.40 -19.11 -10.53
CA ASP D 460 35.32 -18.32 -9.98
C ASP D 460 34.66 -19.15 -8.88
N PRO D 461 35.39 -19.43 -7.79
CA PRO D 461 34.87 -20.34 -6.79
C PRO D 461 33.78 -19.70 -5.92
N CYS D 462 32.69 -20.44 -5.68
CA CYS D 462 31.65 -20.01 -4.74
C CYS D 462 32.08 -20.35 -3.33
N LEU D 463 32.83 -19.46 -2.71
CA LEU D 463 33.28 -19.75 -1.37
C LEU D 463 32.16 -19.50 -0.35
N SER D 464 31.25 -18.58 -0.65
CA SER D 464 30.06 -18.42 0.18
C SER D 464 29.21 -19.69 0.17
N CYS D 465 28.86 -20.20 -1.01
CA CYS D 465 28.08 -21.43 -1.12
C CYS D 465 28.75 -22.61 -0.44
N ALA D 466 30.07 -22.67 -0.54
CA ALA D 466 30.85 -23.75 0.07
C ALA D 466 30.83 -23.66 1.59
N THR D 467 30.72 -22.44 2.08
CA THR D 467 30.61 -22.15 3.51
C THR D 467 29.16 -22.36 3.94
N HIS D 468 28.78 -23.61 4.20
CA HIS D 468 27.41 -23.93 4.60
C HIS D 468 27.35 -24.90 5.78
N THR E 2 15.57 14.55 -27.61
CA THR E 2 14.80 15.38 -28.58
C THR E 2 13.36 15.50 -28.10
N THR E 3 12.91 16.74 -27.87
CA THR E 3 11.50 17.01 -27.59
C THR E 3 10.77 17.41 -28.86
N GLU E 4 9.45 17.49 -28.78
CA GLU E 4 8.60 17.99 -29.86
C GLU E 4 9.02 19.40 -30.34
N ARG E 5 9.48 20.23 -29.41
CA ARG E 5 9.87 21.60 -29.71
C ARG E 5 11.08 21.70 -30.63
N GLN E 6 11.93 20.68 -30.59
CA GLN E 6 13.15 20.69 -31.38
C GLN E 6 12.98 20.01 -32.73
N ARG E 7 11.73 19.79 -33.14
CA ARG E 7 11.46 19.20 -34.45
C ARG E 7 11.06 20.27 -35.45
N THR E 8 12.07 21.06 -35.79
CA THR E 8 11.91 22.25 -36.60
C THR E 8 11.90 21.94 -38.09
N ALA E 9 11.17 22.74 -38.85
CA ALA E 9 11.16 22.70 -40.30
C ALA E 9 10.88 24.10 -40.81
N PRO E 10 11.88 25.01 -40.68
CA PRO E 10 11.74 26.42 -41.02
C PRO E 10 11.29 26.57 -42.49
N GLY E 11 10.25 27.36 -42.74
CA GLY E 11 9.80 27.55 -44.11
C GLY E 11 8.86 26.47 -44.64
N LEU E 12 8.62 25.41 -43.85
CA LEU E 12 7.50 24.50 -44.09
C LEU E 12 6.19 25.25 -44.29
N LEU E 13 5.99 26.32 -43.53
CA LEU E 13 4.76 27.09 -43.67
C LEU E 13 4.59 27.56 -45.12
N ALA E 14 5.61 28.23 -45.65
CA ALA E 14 5.63 28.69 -47.05
C ALA E 14 5.52 27.53 -48.03
N ALA E 15 6.16 26.41 -47.72
CA ALA E 15 6.07 25.22 -48.54
C ALA E 15 4.65 24.65 -48.57
N LEU E 16 3.92 24.79 -47.47
CA LEU E 16 2.51 24.36 -47.43
C LEU E 16 1.64 25.29 -48.25
N HIS E 17 1.92 26.60 -48.20
CA HIS E 17 1.27 27.57 -49.09
C HIS E 17 1.49 27.22 -50.57
N GLN E 18 2.74 26.95 -50.93
CA GLN E 18 3.12 26.57 -52.30
C GLN E 18 2.45 25.28 -52.80
N ALA E 19 2.27 24.32 -51.90
CA ALA E 19 1.70 23.02 -52.26
C ALA E 19 0.19 23.06 -52.49
N ARG E 20 -0.44 24.21 -52.26
CA ARG E 20 -1.87 24.37 -52.47
C ARG E 20 -2.21 25.36 -53.60
N SER E 21 -1.46 25.24 -54.71
CA SER E 21 -1.66 25.99 -55.94
C SER E 21 -1.75 25.01 -57.11
N PRO E 26 -5.12 20.62 -52.11
CA PRO E 26 -5.10 19.17 -52.32
C PRO E 26 -3.86 18.48 -51.67
N LEU E 27 -3.82 18.55 -50.33
CA LEU E 27 -2.68 18.06 -49.56
C LEU E 27 -2.66 16.52 -49.50
N ASP E 28 -2.33 15.90 -50.61
CA ASP E 28 -2.38 14.43 -50.76
C ASP E 28 -1.14 13.72 -50.20
N ALA E 29 -1.22 12.39 -50.07
CA ALA E 29 -0.08 11.56 -49.63
C ALA E 29 1.15 11.63 -50.54
N GLN E 30 0.95 11.92 -51.83
CA GLN E 30 2.07 12.18 -52.75
C GLN E 30 2.73 13.56 -52.53
N ALA E 31 1.92 14.56 -52.15
CA ALA E 31 2.45 15.88 -51.78
C ALA E 31 3.09 15.87 -50.38
N LEU E 32 2.53 15.06 -49.48
CA LEU E 32 3.11 14.88 -48.14
C LEU E 32 4.45 14.15 -48.19
N ALA E 33 4.52 13.08 -48.97
CA ALA E 33 5.75 12.32 -49.18
C ALA E 33 6.90 13.20 -49.70
N GLU E 34 6.54 14.19 -50.51
CA GLU E 34 7.50 15.14 -51.06
C GLU E 34 8.04 16.08 -49.98
N LEU E 35 7.14 16.67 -49.20
CA LEU E 35 7.52 17.54 -48.10
C LEU E 35 8.23 16.75 -46.99
N SER E 36 7.81 15.50 -46.81
CA SER E 36 8.46 14.58 -45.90
C SER E 36 9.94 14.36 -46.27
N THR E 37 10.20 14.19 -47.56
CA THR E 37 11.56 14.09 -48.08
C THR E 37 12.32 15.38 -47.79
N ALA E 38 11.74 16.51 -48.22
CA ALA E 38 12.42 17.81 -48.15
C ALA E 38 12.78 18.27 -46.74
N PHE E 39 11.87 18.07 -45.78
CA PHE E 39 12.05 18.56 -44.41
C PHE E 39 12.49 17.49 -43.41
N SER E 40 12.61 16.25 -43.88
CA SER E 40 13.08 15.15 -43.05
C SER E 40 12.21 15.00 -41.80
N LEU E 41 10.92 14.81 -42.07
CA LEU E 41 9.90 14.59 -41.06
C LEU E 41 8.87 13.63 -41.65
N PRO E 42 8.25 12.80 -40.80
CA PRO E 42 7.28 11.87 -41.38
C PRO E 42 6.04 12.61 -41.89
N PRO E 43 5.33 12.02 -42.86
CA PRO E 43 4.20 12.69 -43.49
C PRO E 43 3.07 13.09 -42.52
N GLY E 44 2.76 12.22 -41.56
CA GLY E 44 1.71 12.49 -40.58
C GLY E 44 2.07 13.63 -39.65
N GLU E 45 3.38 13.82 -39.44
CA GLU E 45 3.87 14.91 -38.61
C GLU E 45 3.70 16.25 -39.32
N ILE E 46 3.89 16.24 -40.64
CA ILE E 46 3.67 17.45 -41.44
C ILE E 46 2.17 17.75 -41.53
N ALA E 47 1.37 16.72 -41.74
CA ALA E 47 -0.08 16.85 -41.79
C ALA E 47 -0.62 17.40 -40.47
N ALA E 48 -0.10 16.92 -39.35
CA ALA E 48 -0.51 17.40 -38.03
C ALA E 48 -0.25 18.90 -37.87
N THR E 49 0.91 19.35 -38.32
CA THR E 49 1.28 20.77 -38.27
C THR E 49 0.36 21.60 -39.17
N ALA E 50 0.00 21.05 -40.32
CA ALA E 50 -0.92 21.72 -41.21
C ALA E 50 -2.29 21.87 -40.54
N SER E 51 -2.74 20.83 -39.82
CA SER E 51 -4.06 20.86 -39.14
C SER E 51 -4.28 22.08 -38.27
N PHE E 52 -3.20 22.62 -37.73
CA PHE E 52 -3.26 23.72 -36.78
C PHE E 52 -3.87 24.98 -37.40
N TYR E 53 -3.73 25.12 -38.71
CA TYR E 53 -3.99 26.39 -39.38
C TYR E 53 -5.32 26.35 -40.10
N HIS E 54 -6.15 27.36 -39.84
CA HIS E 54 -7.52 27.39 -40.32
C HIS E 54 -7.64 27.25 -41.82
N PHE E 55 -6.75 27.91 -42.55
CA PHE E 55 -6.83 27.94 -44.00
C PHE E 55 -6.14 26.76 -44.69
N PHE E 56 -5.39 25.93 -43.95
CA PHE E 56 -4.95 24.64 -44.50
C PHE E 56 -5.97 23.54 -44.29
N GLN E 57 -7.06 23.83 -43.60
CA GLN E 57 -8.08 22.81 -43.35
C GLN E 57 -9.23 22.83 -44.35
N THR E 58 -9.32 23.87 -45.17
CA THR E 58 -10.46 24.03 -46.08
C THR E 58 -10.49 22.92 -47.15
N PRO E 59 -11.66 22.28 -47.36
CA PRO E 59 -11.77 21.34 -48.48
C PRO E 59 -11.48 22.05 -49.80
N PRO E 60 -10.75 21.38 -50.72
CA PRO E 60 -10.35 22.03 -51.96
C PRO E 60 -11.53 22.27 -52.92
N ALA E 61 -11.60 23.48 -53.47
CA ALA E 61 -12.70 23.88 -54.35
C ALA E 61 -12.31 25.10 -55.18
N ARG E 62 -12.96 25.27 -56.34
CA ARG E 62 -12.63 26.37 -57.27
C ARG E 62 -12.80 27.76 -56.64
N TYR E 63 -13.88 27.94 -55.88
CA TYR E 63 -14.11 29.15 -55.11
C TYR E 63 -14.25 28.78 -53.64
N GLN E 64 -13.43 29.38 -52.78
CA GLN E 64 -13.45 29.11 -51.34
C GLN E 64 -13.86 30.35 -50.59
N ILE E 65 -15.12 30.39 -50.16
CA ILE E 65 -15.69 31.57 -49.52
C ILE E 65 -15.75 31.38 -48.00
N HIS E 66 -15.18 32.33 -47.27
CA HIS E 66 -15.20 32.34 -45.81
C HIS E 66 -15.87 33.61 -45.36
N PHE E 67 -17.08 33.48 -44.81
CA PHE E 67 -17.76 34.65 -44.25
C PHE E 67 -17.10 34.99 -42.93
N VAL E 68 -17.01 36.29 -42.64
CA VAL E 68 -16.35 36.74 -41.42
C VAL E 68 -17.30 36.58 -40.23
N ASP E 69 -16.95 35.65 -39.34
CA ASP E 69 -17.68 35.39 -38.11
C ASP E 69 -17.16 36.32 -37.01
N HIS E 70 -17.54 37.59 -37.09
CA HIS E 70 -17.11 38.63 -36.14
C HIS E 70 -18.36 39.36 -35.65
N VAL E 71 -18.33 39.79 -34.38
CA VAL E 71 -19.52 40.39 -33.75
C VAL E 71 -20.14 41.52 -34.58
N VAL E 72 -19.30 42.37 -35.15
CA VAL E 72 -19.75 43.53 -35.94
C VAL E 72 -20.39 43.09 -37.25
N ASP E 73 -19.82 42.08 -37.90
CA ASP E 73 -20.41 41.52 -39.12
C ASP E 73 -21.76 40.88 -38.87
N HIS E 74 -21.92 40.21 -37.74
CA HIS E 74 -23.21 39.64 -37.36
C HIS E 74 -24.26 40.74 -37.20
N HIS E 75 -23.91 41.80 -36.48
CA HIS E 75 -24.79 42.97 -36.35
C HIS E 75 -25.20 43.55 -37.71
N ALA E 76 -24.26 43.57 -38.66
CA ALA E 76 -24.56 44.01 -40.02
C ALA E 76 -25.14 42.90 -40.91
N GLY E 77 -25.69 41.84 -40.32
CA GLY E 77 -26.46 40.82 -41.08
C GLY E 77 -25.70 39.81 -41.94
N VAL E 78 -24.49 39.45 -41.53
CA VAL E 78 -23.67 38.53 -42.33
C VAL E 78 -24.27 37.13 -42.38
N ALA E 79 -24.96 36.73 -41.32
CA ALA E 79 -25.52 35.39 -41.22
C ALA E 79 -26.55 35.13 -42.31
N ALA E 80 -27.45 36.09 -42.50
CA ALA E 80 -28.46 36.02 -43.55
C ALA E 80 -27.84 35.90 -44.95
N LEU E 81 -26.73 36.62 -45.17
CA LEU E 81 -26.02 36.57 -46.44
C LEU E 81 -25.37 35.22 -46.67
N CYS E 82 -24.79 34.65 -45.61
CA CYS E 82 -24.19 33.32 -45.69
C CYS E 82 -25.21 32.27 -46.09
N ASN E 83 -26.39 32.34 -45.47
CA ASN E 83 -27.46 31.39 -45.78
C ASN E 83 -28.04 31.61 -47.17
N HIS E 84 -28.11 32.87 -47.58
CA HIS E 84 -28.62 33.24 -48.90
C HIS E 84 -27.80 32.61 -50.05
N LEU E 85 -26.48 32.64 -49.91
CA LEU E 85 -25.57 32.02 -50.88
C LEU E 85 -25.59 30.49 -50.76
N CYS E 86 -25.53 30.01 -49.52
CA CYS E 86 -25.56 28.58 -49.23
C CYS E 86 -26.81 27.90 -49.80
N ALA E 87 -27.97 28.55 -49.59
CA ALA E 87 -29.25 28.01 -50.05
C ALA E 87 -29.29 27.85 -51.56
N ALA E 88 -28.69 28.79 -52.28
CA ALA E 88 -28.65 28.76 -53.75
C ALA E 88 -27.96 27.51 -54.29
N PHE E 89 -26.95 27.01 -53.55
CA PHE E 89 -26.20 25.83 -53.99
C PHE E 89 -26.52 24.56 -53.19
N ALA E 90 -27.52 24.65 -52.32
CA ALA E 90 -28.00 23.50 -51.55
C ALA E 90 -26.92 22.89 -50.65
N ILE E 91 -26.11 23.76 -50.05
CA ILE E 91 -25.07 23.35 -49.11
C ILE E 91 -25.17 24.11 -47.79
N GLN E 92 -24.68 23.52 -46.71
CA GLN E 92 -24.65 24.17 -45.41
C GLN E 92 -23.29 24.81 -45.19
N PRO E 93 -23.22 25.86 -44.35
CA PRO E 93 -21.92 26.41 -44.05
C PRO E 93 -21.00 25.34 -43.48
N GLY E 94 -19.76 25.29 -43.97
CA GLY E 94 -18.80 24.29 -43.53
C GLY E 94 -18.56 23.17 -44.53
N GLN E 95 -19.37 23.10 -45.59
CA GLN E 95 -19.23 22.02 -46.56
C GLN E 95 -19.18 22.51 -48.01
N ARG E 96 -19.01 21.56 -48.92
CA ARG E 96 -18.64 21.82 -50.30
C ARG E 96 -19.63 21.16 -51.27
N THR E 97 -19.79 21.76 -52.45
CA THR E 97 -20.69 21.21 -53.48
C THR E 97 -20.13 19.93 -54.09
N ALA E 98 -21.03 19.04 -54.51
CA ALA E 98 -20.66 17.73 -55.08
C ALA E 98 -19.64 17.82 -56.22
N ASP E 99 -19.68 18.91 -56.99
CA ASP E 99 -18.75 19.12 -58.11
C ASP E 99 -17.45 19.86 -57.72
N ALA E 100 -17.30 20.19 -56.43
CA ALA E 100 -16.11 20.89 -55.92
C ALA E 100 -15.93 22.29 -56.51
N ARG E 101 -17.02 22.91 -56.94
CA ARG E 101 -16.97 24.26 -57.46
C ARG E 101 -16.91 25.28 -56.32
N LEU E 102 -17.66 25.04 -55.25
CA LEU E 102 -17.82 26.01 -54.19
C LEU E 102 -17.74 25.39 -52.81
N PHE E 103 -16.91 26.01 -51.96
CA PHE E 103 -16.93 25.78 -50.53
C PHE E 103 -17.36 27.06 -49.85
N VAL E 104 -18.27 26.95 -48.89
CA VAL E 104 -18.68 28.08 -48.06
C VAL E 104 -18.41 27.75 -46.59
N GLY E 105 -17.74 28.67 -45.90
CA GLY E 105 -17.41 28.49 -44.50
C GLY E 105 -17.32 29.80 -43.75
N TRP E 106 -16.72 29.73 -42.56
CA TRP E 106 -16.55 30.87 -41.69
C TRP E 106 -15.08 31.05 -41.35
N THR E 107 -14.74 32.26 -40.93
CA THR E 107 -13.45 32.54 -40.33
C THR E 107 -13.64 33.67 -39.33
N ALA E 108 -12.68 33.85 -38.41
CA ALA E 108 -12.73 34.94 -37.44
C ALA E 108 -12.50 36.29 -38.12
N CYS E 109 -12.56 37.37 -37.33
CA CYS E 109 -12.32 38.72 -37.85
C CYS E 109 -11.11 38.75 -38.77
N ALA E 110 -11.29 39.30 -39.98
CA ALA E 110 -10.24 39.33 -41.00
C ALA E 110 -9.65 40.73 -41.21
N GLY E 111 -9.72 41.56 -40.17
CA GLY E 111 -9.24 42.93 -40.24
C GLY E 111 -10.09 43.80 -41.16
N LEU E 112 -11.41 43.66 -41.04
CA LEU E 112 -12.35 44.42 -41.86
C LEU E 112 -13.55 44.89 -41.03
N SER E 113 -13.31 45.20 -39.76
CA SER E 113 -14.38 45.54 -38.82
C SER E 113 -15.04 46.88 -39.17
N ASP E 114 -14.29 47.76 -39.86
CA ASP E 114 -14.80 49.06 -40.32
C ASP E 114 -15.59 48.98 -41.64
N GLN E 115 -15.73 47.78 -42.20
CA GLN E 115 -16.34 47.57 -43.51
C GLN E 115 -17.24 46.32 -43.54
N ALA E 116 -17.88 46.04 -42.41
CA ALA E 116 -18.73 44.85 -42.29
C ALA E 116 -20.01 45.03 -43.10
N PRO E 117 -20.67 43.94 -43.53
CA PRO E 117 -20.21 42.56 -43.35
C PRO E 117 -19.27 42.14 -44.47
N ALA E 118 -18.43 41.13 -44.23
CA ALA E 118 -17.35 40.78 -45.16
C ALA E 118 -17.17 39.28 -45.32
N ALA E 119 -16.35 38.92 -46.29
CA ALA E 119 -15.98 37.54 -46.54
C ALA E 119 -14.66 37.51 -47.30
N LEU E 120 -13.94 36.41 -47.18
CA LEU E 120 -12.74 36.18 -47.99
C LEU E 120 -13.08 35.15 -49.03
N ILE E 121 -12.67 35.41 -50.27
CA ILE E 121 -12.88 34.49 -51.37
C ILE E 121 -11.52 34.18 -51.95
N ASN E 122 -11.13 32.91 -51.92
CA ASN E 122 -9.79 32.51 -52.33
C ASN E 122 -8.73 33.50 -51.84
N GLY E 123 -8.80 33.79 -50.55
CA GLY E 123 -7.82 34.61 -49.88
C GLY E 123 -7.87 36.10 -50.19
N ARG E 124 -8.93 36.54 -50.86
CA ARG E 124 -9.09 37.94 -51.25
C ARG E 124 -10.31 38.54 -50.55
N PRO E 125 -10.15 39.71 -49.93
CA PRO E 125 -11.24 40.28 -49.14
C PRO E 125 -12.34 40.90 -50.00
N MET E 126 -13.59 40.70 -49.59
CA MET E 126 -14.74 41.28 -50.26
C MET E 126 -15.62 41.92 -49.18
N PRO E 127 -15.37 43.21 -48.84
CA PRO E 127 -16.12 43.86 -47.76
C PRO E 127 -17.47 44.43 -48.20
N ARG E 128 -18.19 45.03 -47.26
CA ARG E 128 -19.49 45.68 -47.50
C ARG E 128 -20.41 44.85 -48.39
N LEU E 129 -20.59 43.59 -48.01
CA LEU E 129 -21.48 42.70 -48.77
C LEU E 129 -22.93 43.10 -48.53
N ASP E 130 -23.79 42.73 -49.49
CA ASP E 130 -25.23 42.87 -49.33
C ASP E 130 -25.96 41.87 -50.22
N ALA E 131 -27.28 41.79 -50.08
CA ALA E 131 -28.09 40.87 -50.86
C ALA E 131 -27.80 40.95 -52.37
N ALA E 132 -27.62 42.19 -52.85
CA ALA E 132 -27.32 42.43 -54.26
C ALA E 132 -26.01 41.78 -54.70
N ARG E 133 -24.95 41.97 -53.90
CA ARG E 133 -23.64 41.40 -54.21
C ARG E 133 -23.65 39.87 -54.19
N ILE E 134 -24.38 39.28 -53.25
CA ILE E 134 -24.48 37.81 -53.19
C ILE E 134 -25.19 37.28 -54.43
N ASP E 135 -26.23 37.98 -54.90
CA ASP E 135 -26.95 37.56 -56.11
C ASP E 135 -26.04 37.57 -57.34
N ALA E 136 -25.20 38.60 -57.45
CA ALA E 136 -24.21 38.69 -58.52
C ALA E 136 -23.15 37.60 -58.34
N LEU E 137 -22.70 37.46 -57.09
CA LEU E 137 -21.74 36.43 -56.71
C LEU E 137 -22.22 35.05 -57.15
N ILE E 138 -23.49 34.75 -56.90
CA ILE E 138 -24.08 33.48 -57.32
C ILE E 138 -23.97 33.29 -58.84
N GLU E 139 -24.28 34.35 -59.59
CA GLU E 139 -24.23 34.29 -61.06
C GLU E 139 -22.85 34.00 -61.60
N LYS E 140 -21.85 34.64 -61.00
CA LYS E 140 -20.45 34.42 -61.38
C LYS E 140 -20.05 32.96 -61.17
N ILE E 141 -20.51 32.39 -60.05
CA ILE E 141 -20.16 31.02 -59.69
C ILE E 141 -20.92 30.00 -60.55
N GLN E 142 -22.23 30.18 -60.69
CA GLN E 142 -23.05 29.33 -61.58
C GLN E 142 -22.49 29.31 -63.01
N ALA E 143 -21.96 30.44 -63.45
CA ALA E 143 -21.42 30.57 -64.81
C ALA E 143 -19.91 30.31 -64.89
N GLN E 144 -19.27 30.03 -63.76
CA GLN E 144 -17.87 29.57 -63.72
C GLN E 144 -16.86 30.67 -64.12
N ILE E 145 -17.23 31.93 -63.97
CA ILE E 145 -16.33 33.04 -64.37
C ILE E 145 -15.12 33.09 -63.44
N PRO E 146 -13.90 33.10 -64.02
CA PRO E 146 -12.68 33.26 -63.21
C PRO E 146 -12.64 34.60 -62.45
N MET E 147 -11.99 34.60 -61.29
CA MET E 147 -11.96 35.77 -60.42
C MET E 147 -11.15 36.95 -60.99
N ASP E 148 -10.18 36.67 -61.85
CA ASP E 148 -9.44 37.76 -62.48
C ASP E 148 -10.36 38.75 -63.22
N GLN E 149 -11.53 38.27 -63.70
CA GLN E 149 -12.48 39.09 -64.46
C GLN E 149 -13.62 39.65 -63.60
N TRP E 150 -13.60 39.38 -62.29
CA TRP E 150 -14.62 39.94 -61.39
C TRP E 150 -14.30 41.41 -61.17
N PRO E 151 -15.34 42.25 -61.05
CA PRO E 151 -15.11 43.69 -60.90
C PRO E 151 -14.14 44.03 -59.77
N THR E 152 -12.99 44.59 -60.11
CA THR E 152 -11.95 44.95 -59.12
C THR E 152 -12.48 45.68 -57.88
N GLU E 153 -13.54 46.47 -58.03
CA GLU E 153 -14.04 47.31 -56.94
C GLU E 153 -14.80 46.52 -55.86
N TRP E 154 -15.19 45.28 -56.19
CA TRP E 154 -15.71 44.32 -55.21
C TRP E 154 -14.69 44.05 -54.10
N PHE E 155 -13.40 44.14 -54.44
CA PHE E 155 -12.32 43.80 -53.51
C PHE E 155 -11.66 45.01 -52.89
N ALA E 156 -12.23 46.20 -53.10
CA ALA E 156 -11.62 47.44 -52.62
C ALA E 156 -11.82 47.59 -51.12
N VAL E 157 -10.70 47.62 -50.39
CA VAL E 157 -10.72 47.79 -48.96
C VAL E 157 -10.41 49.25 -48.67
N THR E 158 -11.29 49.94 -47.97
CA THR E 158 -11.03 51.31 -47.56
C THR E 158 -10.10 51.35 -46.37
N ASN E 159 -9.50 52.52 -46.16
CA ASN E 159 -8.60 52.77 -45.03
C ASN E 159 -8.80 54.20 -44.56
N ALA E 160 -10.07 54.55 -44.31
CA ALA E 160 -10.46 55.89 -43.97
C ALA E 160 -9.81 56.35 -42.67
N ILE E 161 -9.17 57.51 -42.71
CA ILE E 161 -8.53 58.11 -41.54
C ILE E 161 -9.30 59.39 -41.20
N HIS E 162 -9.97 59.41 -40.05
CA HIS E 162 -10.88 60.49 -39.69
C HIS E 162 -10.32 61.44 -38.64
N ARG E 163 -9.05 61.29 -38.33
CA ARG E 163 -8.35 62.25 -37.50
C ARG E 163 -6.87 62.04 -37.67
N HIS E 164 -6.20 63.06 -38.21
CA HIS E 164 -4.75 63.07 -38.33
C HIS E 164 -4.14 63.76 -37.11
N GLY E 165 -3.07 63.17 -36.60
CA GLY E 165 -2.26 63.79 -35.57
C GLY E 165 -0.85 63.96 -36.12
N PRO E 166 0.14 64.15 -35.24
CA PRO E 166 1.54 64.31 -35.62
C PRO E 166 2.15 63.16 -36.42
N LEU E 167 1.92 61.93 -35.95
CA LEU E 167 2.50 60.73 -36.57
C LEU E 167 2.02 60.54 -38.00
N LEU E 168 0.71 60.63 -38.22
CA LEU E 168 0.14 60.46 -39.55
C LEU E 168 0.60 61.57 -40.49
N THR E 169 0.58 62.81 -40.00
CA THR E 169 1.06 63.95 -40.78
C THR E 169 2.51 63.73 -41.20
N TRP E 170 3.35 63.39 -40.23
CA TRP E 170 4.77 63.10 -40.47
C TRP E 170 4.95 62.02 -41.54
N LEU E 171 4.18 60.94 -41.44
CA LEU E 171 4.24 59.85 -42.41
C LEU E 171 3.90 60.30 -43.83
N ASP E 172 2.95 61.22 -43.96
CA ASP E 172 2.54 61.77 -45.26
C ASP E 172 3.60 62.72 -45.81
N THR E 173 3.99 63.70 -45.00
CA THR E 173 4.99 64.71 -45.39
C THR E 173 6.36 64.12 -45.76
N THR E 174 6.87 63.22 -44.90
CA THR E 174 8.24 62.68 -45.05
C THR E 174 8.26 61.45 -45.95
N PRO E 175 9.31 61.31 -46.80
CA PRO E 175 9.55 60.02 -47.45
C PRO E 175 10.15 59.02 -46.46
N ALA E 176 9.96 57.73 -46.71
CA ALA E 176 10.41 56.69 -45.79
C ALA E 176 11.92 56.77 -45.55
N GLU E 177 12.67 56.80 -46.64
CA GLU E 177 14.14 56.78 -46.60
C GLU E 177 14.80 58.06 -46.09
N ALA E 178 14.03 59.13 -45.90
CA ALA E 178 14.55 60.37 -45.32
C ALA E 178 15.21 60.18 -43.97
N VAL E 179 14.81 59.13 -43.25
CA VAL E 179 15.35 58.84 -41.92
C VAL E 179 16.82 58.40 -41.98
N PHE E 180 17.23 57.81 -43.09
CA PHE E 180 18.58 57.25 -43.22
C PHE E 180 19.68 58.30 -43.43
N GLU E 181 19.31 59.54 -43.73
CA GLU E 181 20.29 60.63 -43.79
C GLU E 181 20.63 61.13 -42.38
N HIS E 182 19.66 61.04 -41.46
CA HIS E 182 19.82 61.45 -40.05
C HIS E 182 21.08 60.81 -39.44
N PRO E 183 21.76 61.52 -38.52
CA PRO E 183 22.96 60.93 -37.90
C PRO E 183 22.66 59.68 -37.07
N THR E 184 21.54 59.69 -36.36
CA THR E 184 21.14 58.58 -35.49
C THR E 184 21.01 57.23 -36.22
N ALA E 185 20.54 57.26 -37.46
CA ALA E 185 20.36 56.04 -38.27
C ALA E 185 21.65 55.26 -38.53
N HIS E 186 22.79 55.95 -38.51
CA HIS E 186 24.11 55.32 -38.69
C HIS E 186 24.51 54.48 -37.47
N ASP E 187 24.24 55.00 -36.27
CA ASP E 187 24.76 54.43 -35.02
C ASP E 187 23.71 53.59 -34.27
N PRO E 188 23.93 52.26 -34.15
CA PRO E 188 23.07 51.35 -33.38
C PRO E 188 22.77 51.78 -31.93
N ASP E 189 23.81 52.19 -31.20
CA ASP E 189 23.64 52.64 -29.81
C ASP E 189 22.78 53.91 -29.73
N ALA E 190 22.88 54.75 -30.75
CA ALA E 190 22.13 56.02 -30.77
C ALA E 190 20.63 55.76 -30.93
N ILE E 191 20.29 54.84 -31.83
CA ILE E 191 18.90 54.42 -32.05
C ILE E 191 18.30 53.89 -30.75
N LEU E 192 19.00 52.93 -30.15
CA LEU E 192 18.61 52.37 -28.87
C LEU E 192 18.40 53.48 -27.84
N GLN E 193 19.35 54.41 -27.78
CA GLN E 193 19.28 55.53 -26.85
C GLN E 193 18.08 56.44 -27.16
N ALA E 194 17.84 56.69 -28.44
CA ALA E 194 16.68 57.48 -28.86
C ALA E 194 15.39 56.83 -28.40
N VAL E 195 15.23 55.54 -28.74
CA VAL E 195 14.03 54.78 -28.39
C VAL E 195 13.86 54.69 -26.87
N THR E 196 14.97 54.46 -26.17
CA THR E 196 14.98 54.44 -24.71
C THR E 196 14.43 55.74 -24.14
N ASP E 197 14.95 56.86 -24.65
CA ASP E 197 14.58 58.19 -24.15
C ASP E 197 13.12 58.51 -24.42
N ALA E 198 12.65 58.14 -25.61
CA ALA E 198 11.25 58.31 -26.00
C ALA E 198 10.27 57.66 -25.02
N GLY E 199 10.65 56.50 -24.46
CA GLY E 199 9.80 55.74 -23.53
C GLY E 199 8.80 54.87 -24.26
N LEU E 200 9.17 54.43 -25.47
CA LEU E 200 8.27 53.69 -26.36
C LEU E 200 7.84 52.37 -25.75
N ARG E 201 6.54 52.17 -25.59
CA ARG E 201 5.99 50.92 -25.10
C ARG E 201 5.26 50.21 -26.23
N GLY E 202 5.26 48.88 -26.20
CA GLY E 202 4.70 48.06 -27.27
C GLY E 202 3.26 48.35 -27.65
N ARG E 203 3.00 48.40 -28.96
CA ARG E 203 1.67 48.67 -29.49
C ARG E 203 0.91 47.38 -29.86
N GLY E 204 1.47 46.23 -29.48
CA GLY E 204 0.86 44.93 -29.76
C GLY E 204 -0.23 44.54 -28.78
N GLY E 205 -0.26 45.18 -27.61
CA GLY E 205 -1.31 44.92 -26.62
C GLY E 205 -0.76 44.61 -25.23
N ALA E 206 0.52 44.27 -25.16
CA ALA E 206 1.16 43.95 -23.89
C ALA E 206 1.72 45.22 -23.22
N GLY E 207 2.31 46.10 -24.03
CA GLY E 207 2.80 47.37 -23.53
C GLY E 207 4.08 47.22 -22.73
N PHE E 208 5.03 46.50 -23.30
CA PHE E 208 6.35 46.32 -22.68
C PHE E 208 7.33 47.34 -23.27
N PRO E 209 8.16 47.97 -22.41
CA PRO E 209 9.15 48.92 -22.93
C PRO E 209 10.06 48.30 -23.99
N THR E 210 10.15 48.95 -25.14
CA THR E 210 10.86 48.38 -26.29
C THR E 210 12.38 48.45 -26.10
N ALA E 211 12.84 49.42 -25.32
CA ALA E 211 14.27 49.58 -25.04
C ALA E 211 14.79 48.41 -24.20
N THR E 212 14.11 48.15 -23.10
CA THR E 212 14.44 47.03 -22.21
C THR E 212 14.51 45.71 -22.98
N LYS E 213 13.52 45.50 -23.85
CA LYS E 213 13.42 44.31 -24.70
C LYS E 213 14.58 44.23 -25.70
N TRP E 214 15.01 45.38 -26.21
CA TRP E 214 16.17 45.46 -27.11
C TRP E 214 17.49 45.22 -26.38
N ARG E 215 17.58 45.66 -25.12
CA ARG E 215 18.78 45.42 -24.31
C ARG E 215 18.96 43.93 -24.00
N PHE E 216 17.87 43.27 -23.60
CA PHE E 216 17.89 41.82 -23.37
C PHE E 216 18.47 41.05 -24.56
N CYS E 217 18.15 41.50 -25.77
CA CYS E 217 18.62 40.84 -26.99
C CYS E 217 20.09 41.16 -27.31
N ARG E 218 20.56 42.35 -26.93
CA ARG E 218 21.95 42.76 -27.16
C ARG E 218 22.94 42.10 -26.21
N GLU E 219 22.52 41.93 -24.96
CA GLU E 219 23.38 41.35 -23.91
C GLU E 219 23.71 39.84 -24.07
N ASN E 220 23.39 39.23 -25.20
CA ASN E 220 23.70 37.83 -25.44
C ASN E 220 25.00 37.68 -26.23
N ALA E 221 25.76 36.64 -25.92
CA ALA E 221 27.00 36.33 -26.62
C ALA E 221 26.79 36.03 -28.10
N ASP E 222 25.65 35.43 -28.42
CA ASP E 222 25.38 34.98 -29.78
C ASP E 222 25.40 36.16 -30.76
N PRO E 223 26.29 36.11 -31.78
CA PRO E 223 26.29 37.17 -32.79
C PRO E 223 25.02 37.18 -33.65
N GLU E 224 24.59 36.00 -34.11
CA GLU E 224 23.36 35.86 -34.91
C GLU E 224 22.12 36.29 -34.13
N ARG E 225 21.35 37.23 -34.68
CA ARG E 225 20.07 37.62 -34.12
C ARG E 225 19.03 37.86 -35.21
N PHE E 226 17.79 38.07 -34.77
CA PHE E 226 16.65 38.31 -35.67
C PHE E 226 15.72 39.38 -35.10
N LEU E 227 15.20 40.22 -35.98
CA LEU E 227 14.05 41.07 -35.67
C LEU E 227 12.85 40.55 -36.45
N ILE E 228 11.73 40.39 -35.75
CA ILE E 228 10.50 39.96 -36.39
C ILE E 228 9.46 41.05 -36.21
N CYS E 229 8.80 41.41 -37.31
CA CYS E 229 7.68 42.33 -37.26
C CYS E 229 6.39 41.54 -37.25
N ASN E 230 5.57 41.81 -36.23
CA ASN E 230 4.31 41.12 -36.03
C ASN E 230 3.18 41.84 -36.77
N ALA E 231 2.74 41.24 -37.87
CA ALA E 231 1.57 41.71 -38.59
C ALA E 231 0.56 40.57 -38.68
N ASP E 232 0.32 39.90 -37.56
CA ASP E 232 -0.70 38.85 -37.50
C ASP E 232 -1.80 39.55 -36.70
N GLU E 233 -2.28 40.66 -37.22
CA GLU E 233 -3.27 41.45 -36.50
C GLU E 233 -4.58 40.69 -36.33
N GLY E 234 -4.65 39.91 -35.27
CA GLY E 234 -5.73 38.92 -35.08
C GLY E 234 -6.80 39.27 -34.07
N GLU E 235 -6.49 40.20 -33.17
CA GLU E 235 -7.48 40.69 -32.20
C GLU E 235 -8.71 41.23 -32.92
N PRO E 236 -9.89 40.61 -32.73
CA PRO E 236 -11.07 41.05 -33.45
C PRO E 236 -11.40 42.53 -33.22
N GLY E 237 -11.76 43.22 -34.30
CA GLY E 237 -11.99 44.66 -34.25
C GLY E 237 -10.76 45.50 -34.56
N THR E 238 -9.60 44.87 -34.62
CA THR E 238 -8.34 45.59 -34.81
C THR E 238 -7.96 45.64 -36.29
N PHE E 239 -7.75 46.85 -36.79
CA PHE E 239 -7.26 47.06 -38.15
C PHE E 239 -6.21 48.19 -38.24
N LYS E 240 -5.67 48.63 -37.11
CA LYS E 240 -4.72 49.72 -37.11
C LYS E 240 -3.49 49.38 -37.96
N ASP E 241 -2.99 48.16 -37.81
CA ASP E 241 -1.82 47.72 -38.56
C ASP E 241 -2.14 47.55 -40.04
N ARG E 242 -3.41 47.30 -40.37
CA ARG E 242 -3.82 47.16 -41.78
C ARG E 242 -3.57 48.46 -42.52
N VAL E 243 -4.01 49.57 -41.92
CA VAL E 243 -3.82 50.88 -42.52
C VAL E 243 -2.33 51.12 -42.74
N LEU E 244 -1.55 51.05 -41.68
CA LEU E 244 -0.11 51.29 -41.75
C LEU E 244 0.53 50.43 -42.83
N LEU E 245 0.16 49.15 -42.88
CA LEU E 245 0.69 48.24 -43.89
C LEU E 245 0.30 48.65 -45.30
N THR E 246 -0.90 49.19 -45.46
CA THR E 246 -1.40 49.58 -46.77
C THR E 246 -0.80 50.93 -47.20
N ARG E 247 -1.00 51.94 -46.36
CA ARG E 247 -0.60 53.32 -46.69
C ARG E 247 0.88 53.60 -46.49
N TYR E 248 1.51 52.99 -45.48
CA TYR E 248 2.88 53.33 -45.11
C TYR E 248 3.84 52.14 -44.97
N PRO E 249 3.86 51.24 -45.99
CA PRO E 249 4.72 50.06 -45.90
C PRO E 249 6.21 50.39 -45.84
N GLU E 250 6.66 51.31 -46.70
CA GLU E 250 8.06 51.70 -46.73
C GLU E 250 8.55 52.20 -45.36
N HIS E 251 7.72 52.96 -44.65
CA HIS E 251 8.05 53.41 -43.30
C HIS E 251 8.20 52.25 -42.31
N LEU E 252 7.37 51.21 -42.47
CA LEU E 252 7.46 50.02 -41.63
C LEU E 252 8.80 49.33 -41.84
N PHE E 253 9.11 49.04 -43.10
CA PHE E 253 10.39 48.39 -43.45
C PHE E 253 11.62 49.21 -43.05
N ALA E 254 11.46 50.53 -42.96
CA ALA E 254 12.53 51.38 -42.45
C ALA E 254 12.67 51.16 -40.95
N GLY E 255 11.56 51.21 -40.24
CA GLY E 255 11.53 50.89 -38.81
C GLY E 255 12.03 49.50 -38.47
N MET E 256 11.82 48.56 -39.38
CA MET E 256 12.37 47.21 -39.23
C MET E 256 13.89 47.19 -39.37
N ILE E 257 14.42 48.01 -40.29
CA ILE E 257 15.86 48.08 -40.50
C ILE E 257 16.55 48.79 -39.35
N LEU E 258 15.92 49.83 -38.82
CA LEU E 258 16.50 50.57 -37.69
C LEU E 258 16.53 49.71 -36.45
N ALA E 259 15.43 49.00 -36.20
CA ALA E 259 15.34 48.09 -35.05
C ALA E 259 16.34 46.96 -35.16
N ALA E 260 16.51 46.44 -36.38
CA ALA E 260 17.47 45.36 -36.63
C ALA E 260 18.92 45.78 -36.40
N ARG E 261 19.27 46.98 -36.86
CA ARG E 261 20.60 47.55 -36.63
C ARG E 261 20.84 47.76 -35.13
N ALA E 262 19.84 48.29 -34.44
CA ALA E 262 19.93 48.56 -33.02
C ALA E 262 20.27 47.30 -32.20
N ILE E 263 19.71 46.15 -32.59
CA ILE E 263 19.96 44.87 -31.89
C ILE E 263 21.09 44.04 -32.51
N GLY E 264 21.48 44.35 -33.75
CA GLY E 264 22.58 43.65 -34.41
C GLY E 264 22.10 42.42 -35.17
N ALA E 265 21.03 42.60 -35.94
CA ALA E 265 20.39 41.50 -36.63
C ALA E 265 20.77 41.48 -38.11
N ASP E 266 21.35 40.38 -38.55
CA ASP E 266 21.67 40.17 -39.96
C ASP E 266 20.40 40.04 -40.81
N LYS E 267 19.32 39.56 -40.20
CA LYS E 267 18.08 39.26 -40.92
C LYS E 267 16.84 39.81 -40.19
N ALA E 268 15.86 40.22 -40.96
CA ALA E 268 14.58 40.70 -40.44
C ALA E 268 13.42 40.05 -41.20
N ILE E 269 12.33 39.77 -40.48
CA ILE E 269 11.20 39.02 -41.03
C ILE E 269 9.87 39.69 -40.66
N LEU E 270 9.08 40.02 -41.69
CA LEU E 270 7.72 40.48 -41.50
C LEU E 270 6.78 39.28 -41.49
N TYR E 271 6.09 39.10 -40.36
CA TYR E 271 5.09 38.02 -40.24
C TYR E 271 3.72 38.60 -40.52
N LEU E 272 3.20 38.28 -41.69
CA LEU E 272 1.94 38.82 -42.17
C LEU E 272 0.86 37.76 -42.11
N ARG E 273 -0.29 38.10 -41.52
CA ARG E 273 -1.42 37.17 -41.47
C ARG E 273 -1.93 36.84 -42.85
N TYR E 274 -2.45 35.62 -43.00
CA TYR E 274 -3.02 35.13 -44.25
C TYR E 274 -4.06 36.09 -44.84
N GLU E 275 -4.87 36.66 -43.96
CA GLU E 275 -5.97 37.54 -44.35
C GLU E 275 -5.52 38.82 -45.05
N TYR E 276 -4.27 39.22 -44.86
CA TYR E 276 -3.70 40.40 -45.54
C TYR E 276 -2.78 40.07 -46.72
N GLN E 277 -2.93 38.89 -47.31
CA GLN E 277 -2.08 38.51 -48.46
C GLN E 277 -2.37 39.34 -49.73
N TYR E 278 -3.51 40.01 -49.76
CA TYR E 278 -3.82 40.96 -50.83
C TYR E 278 -2.86 42.14 -50.84
N LEU E 279 -2.32 42.48 -49.67
CA LEU E 279 -1.31 43.54 -49.54
C LEU E 279 0.09 43.10 -49.96
N LEU E 280 0.28 41.84 -50.33
CA LEU E 280 1.61 41.28 -50.51
C LEU E 280 2.39 41.96 -51.66
N PRO E 281 1.75 42.15 -52.83
CA PRO E 281 2.44 42.80 -53.96
C PRO E 281 2.96 44.21 -53.63
N GLN E 282 2.16 44.99 -52.91
CA GLN E 282 2.56 46.32 -52.46
C GLN E 282 3.71 46.25 -51.48
N LEU E 283 3.65 45.30 -50.55
CA LEU E 283 4.68 45.15 -49.53
C LEU E 283 6.00 44.70 -50.15
N GLU E 284 5.93 43.78 -51.11
CA GLU E 284 7.12 43.30 -51.81
C GLU E 284 7.83 44.44 -52.54
N ALA E 285 7.06 45.25 -53.25
CA ALA E 285 7.60 46.42 -53.97
C ALA E 285 8.22 47.44 -53.00
N ALA E 286 7.56 47.66 -51.85
CA ALA E 286 8.05 48.59 -50.84
C ALA E 286 9.26 48.04 -50.08
N ARG E 287 9.42 46.72 -50.09
CA ARG E 287 10.57 46.06 -49.49
C ARG E 287 11.79 46.24 -50.40
N GLU E 288 11.61 45.93 -51.69
CA GLU E 288 12.64 46.14 -52.72
C GLU E 288 13.23 47.55 -52.63
N ARG E 289 12.35 48.54 -52.53
CA ARG E 289 12.74 49.94 -52.53
C ARG E 289 13.51 50.36 -51.28
N ILE E 290 13.06 49.92 -50.11
CA ILE E 290 13.75 50.25 -48.85
C ILE E 290 15.00 49.39 -48.62
N ALA E 291 15.11 48.26 -49.32
CA ALA E 291 16.34 47.45 -49.29
C ALA E 291 17.55 48.26 -49.78
N SER E 292 17.35 49.03 -50.86
CA SER E 292 18.42 49.81 -51.48
C SER E 292 18.79 51.11 -50.75
N ALA E 293 18.08 51.46 -49.68
CA ALA E 293 18.43 52.66 -48.90
C ALA E 293 19.71 52.44 -48.08
N GLU E 301 22.67 47.90 -41.51
CA GLU E 301 22.57 47.18 -42.78
C GLU E 301 23.93 46.67 -43.22
N ARG E 302 23.97 45.62 -44.05
CA ARG E 302 22.79 45.12 -44.78
C ARG E 302 21.96 44.10 -44.02
N VAL E 303 20.79 44.55 -43.57
CA VAL E 303 19.79 43.71 -42.94
C VAL E 303 18.95 43.13 -44.06
N THR E 304 18.86 41.81 -44.14
CA THR E 304 17.98 41.17 -45.10
C THR E 304 16.54 41.35 -44.64
N LEU E 305 15.65 41.68 -45.57
CA LEU E 305 14.23 41.80 -45.28
C LEU E 305 13.50 40.63 -45.92
N GLU E 306 12.59 40.02 -45.17
CA GLU E 306 11.87 38.84 -45.63
C GLU E 306 10.41 38.95 -45.17
N ILE E 307 9.52 38.28 -45.89
CA ILE E 307 8.10 38.28 -45.57
C ILE E 307 7.59 36.85 -45.49
N ALA E 308 7.00 36.50 -44.35
CA ALA E 308 6.40 35.18 -44.13
C ALA E 308 4.89 35.33 -44.04
N LEU E 309 4.16 34.45 -44.73
CA LEU E 309 2.70 34.49 -44.69
C LEU E 309 2.15 33.43 -43.74
N GLY E 310 1.35 33.89 -42.77
CA GLY E 310 0.66 32.99 -41.84
C GLY E 310 -0.41 32.17 -42.54
N ALA E 311 -1.20 31.44 -41.77
CA ALA E 311 -2.22 30.56 -42.35
C ALA E 311 -3.53 30.42 -41.55
N GLY E 312 -3.82 31.38 -40.67
CA GLY E 312 -5.12 31.41 -39.98
C GLY E 312 -5.08 30.86 -38.57
N ALA E 313 -4.74 31.73 -37.62
CA ALA E 313 -4.59 31.36 -36.22
C ALA E 313 -4.29 32.61 -35.38
N TYR E 314 -5.26 33.01 -34.56
CA TYR E 314 -5.11 34.15 -33.67
C TYR E 314 -3.92 34.01 -32.70
N VAL E 315 -3.70 32.79 -32.23
CA VAL E 315 -2.65 32.53 -31.25
C VAL E 315 -1.24 32.74 -31.82
N CYS E 316 -1.07 32.54 -33.12
CA CYS E 316 0.21 32.84 -33.77
C CYS E 316 0.61 34.31 -33.70
N GLY E 317 -0.31 35.18 -33.28
CA GLY E 317 0.06 36.56 -32.91
C GLY E 317 0.85 36.65 -31.62
N GLU E 318 0.77 35.61 -30.79
CA GLU E 318 1.53 35.56 -29.54
C GLU E 318 3.02 35.42 -29.88
N GLU E 319 3.83 36.23 -29.22
CA GLU E 319 5.27 36.36 -29.52
C GLU E 319 5.98 35.03 -29.86
N SER E 320 5.94 34.08 -28.93
CA SER E 320 6.66 32.81 -29.08
C SER E 320 5.97 31.86 -30.07
N ALA E 321 4.64 31.87 -30.07
CA ALA E 321 3.85 31.07 -31.02
C ALA E 321 4.18 31.44 -32.46
N LEU E 322 4.41 32.73 -32.68
CA LEU E 322 4.79 33.26 -33.98
C LEU E 322 6.11 32.61 -34.44
N ILE E 323 7.10 32.64 -33.55
CA ILE E 323 8.40 32.03 -33.83
C ILE E 323 8.26 30.53 -34.15
N GLU E 324 7.43 29.85 -33.37
CA GLU E 324 7.19 28.42 -33.55
C GLU E 324 6.56 28.14 -34.91
N SER E 325 5.68 29.04 -35.32
CA SER E 325 5.06 29.00 -36.63
C SER E 325 6.10 29.14 -37.73
N LEU E 326 7.00 30.11 -37.56
CA LEU E 326 8.12 30.32 -38.48
C LEU E 326 9.08 29.15 -38.54
N GLU E 327 9.25 28.47 -37.40
CA GLU E 327 10.07 27.26 -37.33
C GLU E 327 9.41 26.02 -37.93
N GLY E 328 8.20 26.18 -38.46
CA GLY E 328 7.53 25.10 -39.15
C GLY E 328 6.82 24.13 -38.24
N LYS E 329 6.41 24.61 -37.06
CA LYS E 329 5.67 23.81 -36.08
C LYS E 329 4.27 24.42 -35.85
N PRO E 330 3.42 23.69 -35.10
CA PRO E 330 2.16 24.28 -34.64
C PRO E 330 2.41 25.54 -33.82
N GLY E 331 1.51 26.50 -33.91
CA GLY E 331 1.65 27.78 -33.22
C GLY E 331 1.34 27.73 -31.72
N ARG E 332 2.09 26.92 -30.99
CA ARG E 332 1.91 26.80 -29.54
C ARG E 332 2.91 27.70 -28.82
N PRO E 333 2.42 28.62 -27.99
CA PRO E 333 3.34 29.39 -27.17
C PRO E 333 4.34 28.49 -26.44
N ARG E 334 5.58 28.97 -26.32
CA ARG E 334 6.64 28.20 -25.70
C ARG E 334 6.48 28.16 -24.18
N VAL E 335 7.23 27.25 -23.57
CA VAL E 335 7.33 27.16 -22.12
C VAL E 335 8.58 27.96 -21.76
N ARG E 336 8.39 29.04 -21.01
CA ARG E 336 9.46 30.01 -20.78
C ARG E 336 9.79 30.13 -19.29
N PRO E 337 11.08 30.33 -18.95
CA PRO E 337 12.20 30.51 -19.88
C PRO E 337 12.69 29.19 -20.50
N PRO E 338 13.59 29.24 -21.50
CA PRO E 338 14.17 30.45 -22.07
C PRO E 338 13.24 31.30 -22.91
N TYR E 339 13.35 32.62 -22.77
CA TYR E 339 12.57 33.57 -23.56
C TYR E 339 13.21 33.80 -24.93
N PRO E 340 12.41 34.28 -25.90
CA PRO E 340 12.94 34.49 -27.26
C PRO E 340 14.10 35.48 -27.35
N VAL E 341 14.10 36.50 -26.49
CA VAL E 341 15.21 37.46 -26.45
C VAL E 341 16.56 36.77 -26.23
N THR E 342 16.57 35.72 -25.39
CA THR E 342 17.76 34.90 -25.14
C THR E 342 17.88 33.79 -26.18
N GLN E 343 16.82 33.01 -26.36
CA GLN E 343 16.77 31.93 -27.34
C GLN E 343 15.43 31.93 -28.05
N GLY E 344 15.42 32.44 -29.28
CA GLY E 344 14.20 32.60 -30.06
C GLY E 344 14.23 31.79 -31.33
N TYR E 345 14.11 32.47 -32.46
CA TYR E 345 14.04 31.81 -33.75
C TYR E 345 15.32 31.01 -34.03
N LEU E 346 15.18 29.70 -34.09
CA LEU E 346 16.31 28.75 -34.26
C LEU E 346 17.35 28.88 -33.15
N GLY E 347 16.88 29.19 -31.94
CA GLY E 347 17.75 29.27 -30.79
C GLY E 347 18.50 30.58 -30.64
N HIS E 348 18.43 31.44 -31.67
CA HIS E 348 19.21 32.67 -31.66
C HIS E 348 18.39 33.79 -31.02
N PRO E 349 19.05 34.71 -30.32
CA PRO E 349 18.32 35.84 -29.69
C PRO E 349 17.41 36.53 -30.71
N THR E 350 16.17 36.79 -30.32
CA THR E 350 15.15 37.29 -31.25
C THR E 350 14.27 38.32 -30.59
N VAL E 351 13.93 39.37 -31.33
CA VAL E 351 12.97 40.36 -30.85
C VAL E 351 11.77 40.41 -31.79
N VAL E 352 10.58 40.36 -31.21
CA VAL E 352 9.34 40.51 -31.97
C VAL E 352 8.77 41.87 -31.61
N ASN E 353 8.50 42.69 -32.62
CA ASN E 353 7.83 43.96 -32.41
C ASN E 353 6.64 44.12 -33.34
N ASN E 354 5.64 44.82 -32.85
CA ASN E 354 4.41 45.04 -33.57
C ASN E 354 4.63 46.09 -34.66
N VAL E 355 3.85 46.00 -35.74
CA VAL E 355 3.92 46.93 -36.88
C VAL E 355 3.97 48.40 -36.46
N GLU E 356 3.02 48.81 -35.63
CA GLU E 356 2.96 50.19 -35.15
C GLU E 356 4.16 50.56 -34.28
N THR E 357 4.66 49.60 -33.50
CA THR E 357 5.82 49.86 -32.64
C THR E 357 7.04 50.17 -33.49
N LEU E 358 7.22 49.41 -34.58
CA LEU E 358 8.34 49.62 -35.49
C LEU E 358 8.18 50.87 -36.35
N VAL E 359 6.94 51.21 -36.70
CA VAL E 359 6.64 52.48 -37.36
C VAL E 359 6.94 53.66 -36.42
N ALA E 360 6.65 53.48 -35.13
CA ALA E 360 7.00 54.49 -34.12
C ALA E 360 8.52 54.67 -34.02
N VAL E 361 9.27 53.59 -34.15
CA VAL E 361 10.74 53.66 -34.16
C VAL E 361 11.25 54.52 -35.32
N ALA E 362 10.70 54.33 -36.52
CA ALA E 362 11.07 55.13 -37.68
C ALA E 362 10.83 56.62 -37.42
N ALA E 363 9.72 56.92 -36.74
CA ALA E 363 9.39 58.30 -36.37
C ALA E 363 10.41 58.84 -35.37
N ILE E 364 10.68 58.09 -34.32
CA ILE E 364 11.55 58.55 -33.24
C ILE E 364 12.97 58.85 -33.73
N VAL E 365 13.50 58.00 -34.61
CA VAL E 365 14.81 58.28 -35.23
C VAL E 365 14.74 59.55 -36.09
N GLY E 366 13.61 59.76 -36.75
CA GLY E 366 13.39 60.95 -37.58
C GLY E 366 13.30 62.28 -36.85
N ASN E 367 12.57 62.33 -35.72
CA ASN E 367 12.33 63.56 -34.95
C ASN E 367 12.87 63.56 -33.52
N GLY E 368 13.59 62.52 -33.13
CA GLY E 368 14.18 62.46 -31.79
C GLY E 368 13.20 62.17 -30.67
N ALA E 369 13.75 61.88 -29.50
CA ALA E 369 12.97 61.43 -28.34
C ALA E 369 12.08 62.51 -27.75
N ALA E 370 12.58 63.75 -27.70
CA ALA E 370 11.81 64.86 -27.13
C ALA E 370 10.47 65.06 -27.86
N TRP E 371 10.50 64.89 -29.18
CA TRP E 371 9.32 64.96 -30.02
C TRP E 371 8.24 63.97 -29.54
N TRP E 372 8.66 62.73 -29.29
CA TRP E 372 7.76 61.66 -28.90
C TRP E 372 7.21 61.85 -27.49
N ARG E 373 8.11 61.97 -26.51
CA ARG E 373 7.73 62.08 -25.09
C ARG E 373 6.85 63.29 -24.81
N ALA E 374 6.96 64.31 -25.66
CA ALA E 374 6.07 65.47 -25.62
C ALA E 374 4.60 65.04 -25.51
N LEU E 375 4.20 64.13 -26.39
CA LEU E 375 2.81 63.72 -26.53
C LEU E 375 2.44 62.58 -25.59
N GLY E 376 1.16 62.49 -25.25
CA GLY E 376 0.66 61.46 -24.35
C GLY E 376 1.02 61.71 -22.90
N THR E 377 0.89 60.68 -22.07
CA THR E 377 1.15 60.79 -20.63
C THR E 377 2.61 60.44 -20.35
N PRO E 378 3.07 60.63 -19.09
CA PRO E 378 4.45 60.25 -18.77
C PRO E 378 4.73 58.76 -18.96
N ASP E 379 3.84 57.91 -18.45
CA ASP E 379 3.98 56.45 -18.55
C ASP E 379 3.64 55.91 -19.94
N SER E 380 2.54 56.40 -20.51
CA SER E 380 2.13 56.06 -21.87
C SER E 380 2.54 57.16 -22.85
N SER E 381 3.73 57.04 -23.42
CA SER E 381 4.35 58.10 -24.21
C SER E 381 3.99 57.97 -25.69
N GLY E 382 3.81 59.11 -26.36
CA GLY E 382 3.63 59.17 -27.80
C GLY E 382 2.19 59.24 -28.25
N PRO E 383 1.98 59.34 -29.57
CA PRO E 383 0.65 59.24 -30.17
C PRO E 383 0.22 57.78 -30.35
N LYS E 384 -1.08 57.53 -30.40
CA LYS E 384 -1.62 56.19 -30.54
C LYS E 384 -2.73 56.14 -31.59
N LEU E 385 -2.69 55.13 -32.44
CA LEU E 385 -3.74 54.91 -33.45
C LEU E 385 -4.90 54.12 -32.86
N PHE E 386 -6.12 54.58 -33.12
CA PHE E 386 -7.32 53.90 -32.63
C PHE E 386 -8.23 53.47 -33.77
N CYS E 387 -8.41 52.16 -33.92
CA CYS E 387 -9.30 51.59 -34.92
C CYS E 387 -10.72 51.41 -34.34
N VAL E 388 -11.62 52.30 -34.74
CA VAL E 388 -12.99 52.35 -34.21
C VAL E 388 -13.99 51.76 -35.21
N SER E 389 -14.95 50.99 -34.69
CA SER E 389 -15.99 50.39 -35.54
C SER E 389 -17.21 50.03 -34.72
N GLY E 390 -18.23 49.48 -35.38
CA GLY E 390 -19.46 49.05 -34.72
C GLY E 390 -20.61 49.98 -35.09
N ASP E 391 -21.50 50.24 -34.13
CA ASP E 391 -22.64 51.13 -34.34
C ASP E 391 -22.20 52.58 -34.29
N VAL E 392 -21.53 52.99 -35.36
CA VAL E 392 -20.92 54.30 -35.46
C VAL E 392 -21.01 54.78 -36.89
N ALA E 393 -21.21 56.10 -37.08
CA ALA E 393 -21.39 56.68 -38.41
C ALA E 393 -20.10 56.71 -39.23
N GLN E 394 -18.98 57.05 -38.60
CA GLN E 394 -17.69 56.98 -39.27
C GLN E 394 -16.70 56.00 -38.63
N PRO E 395 -16.77 54.72 -39.04
CA PRO E 395 -15.74 53.78 -38.66
C PRO E 395 -14.44 54.04 -39.40
N GLY E 396 -13.30 53.88 -38.70
CA GLY E 396 -11.98 54.04 -39.30
C GLY E 396 -10.89 54.37 -38.29
N LEU E 397 -9.75 54.83 -38.79
CA LEU E 397 -8.58 55.11 -37.96
C LEU E 397 -8.59 56.53 -37.41
N TYR E 398 -8.31 56.67 -36.11
CA TYR E 398 -8.27 57.96 -35.44
C TYR E 398 -6.98 58.09 -34.62
N GLU E 399 -6.06 58.94 -35.04
CA GLU E 399 -4.88 59.22 -34.22
C GLU E 399 -5.27 60.12 -33.05
N PHE E 400 -4.85 59.72 -31.85
CA PHE E 400 -5.01 60.52 -30.65
C PHE E 400 -3.75 60.37 -29.81
N PRO E 401 -3.56 61.26 -28.81
CA PRO E 401 -2.50 61.04 -27.85
C PRO E 401 -2.93 60.06 -26.77
N TYR E 402 -1.99 59.26 -26.27
CA TYR E 402 -2.26 58.40 -25.12
C TYR E 402 -2.74 59.25 -23.94
N GLY E 403 -3.86 58.86 -23.33
CA GLY E 403 -4.45 59.61 -22.23
C GLY E 403 -5.79 60.21 -22.61
N VAL E 404 -6.10 60.17 -23.91
CA VAL E 404 -7.40 60.62 -24.40
C VAL E 404 -8.53 59.85 -23.72
N ALA E 405 -9.57 60.56 -23.29
CA ALA E 405 -10.73 59.94 -22.68
C ALA E 405 -11.41 59.02 -23.69
N LEU E 406 -11.96 57.90 -23.20
CA LEU E 406 -12.66 56.95 -24.06
C LEU E 406 -13.81 57.64 -24.82
N GLY E 407 -14.62 58.39 -24.09
CA GLY E 407 -15.75 59.13 -24.65
C GLY E 407 -15.39 60.09 -25.77
N ASP E 408 -14.21 60.70 -25.69
CA ASP E 408 -13.71 61.55 -26.79
C ASP E 408 -13.60 60.72 -28.07
N VAL E 409 -12.99 59.54 -27.96
CA VAL E 409 -12.77 58.67 -29.11
C VAL E 409 -14.10 58.09 -29.60
N VAL E 410 -14.98 57.75 -28.67
CA VAL E 410 -16.30 57.24 -29.03
C VAL E 410 -17.12 58.33 -29.73
N THR E 411 -17.10 59.53 -29.16
CA THR E 411 -17.85 60.67 -29.70
C THR E 411 -17.32 61.04 -31.08
N ALA E 412 -16.00 61.06 -31.22
CA ALA E 412 -15.35 61.45 -32.48
C ALA E 412 -15.75 60.58 -33.68
N ALA E 413 -16.34 59.41 -33.41
CA ALA E 413 -16.81 58.51 -34.47
C ALA E 413 -18.30 58.67 -34.76
N ARG E 414 -19.01 59.45 -33.95
CA ARG E 414 -20.44 59.74 -34.14
C ARG E 414 -21.31 58.50 -34.02
N PRO E 415 -21.59 58.07 -32.78
CA PRO E 415 -22.44 56.91 -32.47
C PRO E 415 -23.81 56.94 -33.13
N LEU E 416 -24.30 55.78 -33.57
CA LEU E 416 -25.56 55.71 -34.31
C LEU E 416 -26.77 55.79 -33.38
N GLY E 417 -27.08 54.70 -32.68
CA GLY E 417 -28.19 54.72 -31.73
C GLY E 417 -27.80 55.45 -30.46
N THR E 418 -28.44 55.10 -29.34
CA THR E 418 -28.07 55.64 -28.04
C THR E 418 -27.00 54.71 -27.47
N ARG E 419 -25.91 55.29 -26.98
CA ARG E 419 -24.76 54.51 -26.48
C ARG E 419 -25.22 53.51 -25.42
N TYR E 420 -24.56 52.35 -25.38
CA TYR E 420 -24.96 51.28 -24.46
C TYR E 420 -23.75 50.53 -23.91
N ALA E 421 -22.88 50.06 -24.80
CA ALA E 421 -21.69 49.31 -24.40
C ALA E 421 -20.55 49.48 -25.39
N VAL E 422 -19.32 49.41 -24.87
CA VAL E 422 -18.12 49.58 -25.67
C VAL E 422 -17.10 48.49 -25.34
N GLN E 423 -16.58 47.80 -26.36
CA GLN E 423 -15.50 46.85 -26.18
C GLN E 423 -14.17 47.54 -26.45
N VAL E 424 -13.34 47.66 -25.41
CA VAL E 424 -12.06 48.34 -25.53
C VAL E 424 -10.95 47.31 -25.67
N SER E 425 -10.12 47.50 -26.68
CA SER E 425 -8.94 46.66 -26.90
C SER E 425 -9.29 45.26 -27.39
N GLY E 426 -10.44 45.12 -28.05
CA GLY E 426 -10.90 43.82 -28.57
C GLY E 426 -11.41 42.94 -27.45
N PRO E 427 -11.86 41.72 -27.77
CA PRO E 427 -12.42 40.80 -26.77
C PRO E 427 -11.47 40.49 -25.60
N SER E 428 -10.16 40.53 -25.87
CA SER E 428 -9.13 40.41 -24.84
C SER E 428 -9.21 41.49 -23.77
N GLY E 429 -9.68 42.67 -24.14
CA GLY E 429 -9.75 43.79 -23.22
C GLY E 429 -10.99 43.80 -22.34
N THR E 430 -11.74 44.89 -22.44
CA THR E 430 -12.80 45.16 -21.48
C THR E 430 -14.12 45.53 -22.17
N LEU E 431 -15.19 44.83 -21.81
CA LEU E 431 -16.54 45.22 -22.19
C LEU E 431 -17.04 46.15 -21.10
N LEU E 432 -17.47 47.35 -21.50
CA LEU E 432 -17.90 48.37 -20.57
C LEU E 432 -19.26 48.90 -20.95
N PRO E 433 -20.08 49.28 -19.95
CA PRO E 433 -21.29 50.02 -20.26
C PRO E 433 -20.93 51.47 -20.58
N ALA E 434 -21.66 52.06 -21.53
CA ALA E 434 -21.40 53.43 -21.94
C ALA E 434 -22.01 54.40 -20.93
N THR E 435 -21.28 54.61 -19.84
CA THR E 435 -21.68 55.51 -18.77
C THR E 435 -20.64 56.61 -18.66
N PRO E 436 -21.02 57.78 -18.11
CA PRO E 436 -20.10 58.92 -18.07
C PRO E 436 -18.79 58.64 -17.35
N GLU E 437 -18.86 57.94 -16.21
CA GLU E 437 -17.67 57.65 -15.42
C GLU E 437 -16.71 56.71 -16.15
N GLN E 438 -17.26 55.74 -16.89
CA GLN E 438 -16.44 54.83 -17.72
C GLN E 438 -15.84 55.61 -18.89
N LEU E 439 -16.67 56.43 -19.54
CA LEU E 439 -16.26 57.20 -20.72
C LEU E 439 -15.24 58.30 -20.39
N ALA E 440 -15.17 58.71 -19.13
CA ALA E 440 -14.18 59.69 -18.68
C ALA E 440 -12.77 59.11 -18.56
N ARG E 441 -12.67 57.78 -18.55
CA ARG E 441 -11.40 57.11 -18.27
C ARG E 441 -10.38 57.31 -19.39
N PRO E 442 -9.15 57.72 -19.03
CA PRO E 442 -8.10 57.90 -20.04
C PRO E 442 -7.57 56.57 -20.62
N LEU E 443 -7.54 56.47 -21.94
CA LEU E 443 -6.99 55.29 -22.60
C LEU E 443 -5.47 55.32 -22.52
N ALA E 444 -4.93 54.51 -21.62
CA ALA E 444 -3.50 54.46 -21.37
C ALA E 444 -3.13 53.21 -20.55
N PHE E 445 -1.89 52.77 -20.68
CA PHE E 445 -1.38 51.60 -19.96
C PHE E 445 -1.59 51.70 -18.45
N GLU E 446 -1.45 52.93 -17.93
CA GLU E 446 -1.60 53.20 -16.49
C GLU E 446 -3.06 53.24 -15.99
N ALA E 447 -4.05 53.30 -16.88
CA ALA E 447 -5.45 53.48 -16.47
C ALA E 447 -6.41 52.46 -17.08
N LEU E 448 -6.81 52.68 -18.33
CA LEU E 448 -7.64 51.75 -19.08
C LEU E 448 -6.86 51.37 -20.34
N PRO E 449 -6.25 50.19 -20.35
CA PRO E 449 -5.37 49.89 -21.47
C PRO E 449 -6.13 49.70 -22.78
N CYS E 450 -5.48 49.99 -23.90
CA CYS E 450 -6.11 49.87 -25.20
C CYS E 450 -5.05 49.72 -26.28
N ASN E 451 -5.15 48.62 -27.04
CA ASN E 451 -4.31 48.40 -28.20
C ASN E 451 -4.76 49.24 -29.40
N GLY E 452 -5.79 50.08 -29.23
CA GLY E 452 -6.32 50.90 -30.30
C GLY E 452 -7.73 50.52 -30.70
N THR E 453 -8.10 49.25 -30.53
CA THR E 453 -9.43 48.81 -30.92
C THR E 453 -10.48 49.36 -29.96
N VAL E 454 -11.54 49.93 -30.54
CA VAL E 454 -12.71 50.36 -29.78
C VAL E 454 -13.94 50.03 -30.62
N MET E 455 -14.79 49.15 -30.10
CA MET E 455 -16.02 48.77 -30.80
C MET E 455 -17.21 49.30 -30.04
N VAL E 456 -18.07 50.06 -30.73
CA VAL E 456 -19.24 50.66 -30.10
C VAL E 456 -20.51 49.86 -30.40
N PHE E 457 -21.30 49.61 -29.36
CA PHE E 457 -22.56 48.90 -29.47
C PHE E 457 -23.66 49.75 -28.85
N ASP E 458 -24.75 49.95 -29.59
CA ASP E 458 -25.86 50.75 -29.10
C ASP E 458 -26.91 49.86 -28.40
N VAL E 459 -28.08 50.40 -28.11
CA VAL E 459 -29.10 49.73 -27.29
C VAL E 459 -29.76 48.52 -27.97
N ARG E 460 -29.63 48.37 -29.28
CA ARG E 460 -30.16 47.19 -29.98
C ARG E 460 -29.41 45.90 -29.63
N ARG E 461 -28.22 46.04 -29.06
CA ARG E 461 -27.32 44.91 -28.90
C ARG E 461 -27.43 44.26 -27.53
N ASP E 462 -27.53 42.93 -27.52
CA ASP E 462 -27.55 42.14 -26.31
C ASP E 462 -26.09 41.86 -25.88
N PRO E 463 -25.70 42.28 -24.66
CA PRO E 463 -24.34 41.99 -24.18
C PRO E 463 -24.05 40.49 -23.99
N VAL E 464 -25.09 39.71 -23.70
CA VAL E 464 -24.94 38.27 -23.53
C VAL E 464 -24.59 37.61 -24.86
N ALA E 465 -25.19 38.08 -25.94
CA ALA E 465 -24.94 37.54 -27.27
C ALA E 465 -23.56 37.95 -27.80
N ILE E 466 -23.08 39.11 -27.38
CA ILE E 466 -21.75 39.59 -27.77
C ILE E 466 -20.68 38.72 -27.12
N VAL E 467 -20.88 38.39 -25.85
CA VAL E 467 -19.92 37.55 -25.13
C VAL E 467 -19.94 36.12 -25.67
N HIS E 468 -21.10 35.67 -26.09
CA HIS E 468 -21.21 34.38 -26.73
C HIS E 468 -20.40 34.34 -28.03
N HIS E 469 -20.42 35.43 -28.82
CA HIS E 469 -19.60 35.51 -30.03
C HIS E 469 -18.12 35.39 -29.67
N PHE E 470 -17.67 36.20 -28.72
CA PHE E 470 -16.29 36.15 -28.25
C PHE E 470 -15.92 34.79 -27.66
N ALA E 471 -16.87 34.13 -27.00
CA ALA E 471 -16.64 32.82 -26.40
C ALA E 471 -16.30 31.76 -27.44
N ARG E 472 -17.04 31.75 -28.56
CA ARG E 472 -16.78 30.82 -29.64
C ARG E 472 -15.44 31.11 -30.30
N PHE E 473 -15.10 32.40 -30.40
CA PHE E 473 -13.80 32.83 -30.88
C PHE E 473 -12.67 32.22 -30.05
N PHE E 474 -12.65 32.52 -28.76
CA PHE E 474 -11.60 32.01 -27.89
C PHE E 474 -11.54 30.48 -27.90
N ALA E 475 -12.68 29.82 -27.89
CA ALA E 475 -12.72 28.35 -27.91
C ALA E 475 -12.10 27.78 -29.18
N HIS E 476 -12.38 28.40 -30.32
CA HIS E 476 -11.82 27.96 -31.59
C HIS E 476 -10.35 28.35 -31.76
N GLU E 477 -9.89 29.38 -31.06
CA GLU E 477 -8.55 29.91 -31.30
C GLU E 477 -7.47 29.38 -30.35
N SER E 478 -7.86 28.95 -29.15
CA SER E 478 -6.95 28.31 -28.18
C SER E 478 -6.05 27.28 -28.86
N CYS E 479 -4.74 27.39 -28.67
CA CYS E 479 -3.81 26.51 -29.35
C CYS E 479 -3.95 25.07 -28.86
N GLY E 480 -4.49 24.90 -27.65
CA GLY E 480 -4.86 23.58 -27.14
C GLY E 480 -3.77 22.92 -26.32
N PHE E 481 -2.70 23.67 -26.05
CA PHE E 481 -1.53 23.14 -25.37
C PHE E 481 -1.78 22.81 -23.89
N CYS E 482 -2.36 23.76 -23.14
CA CYS E 482 -2.43 23.61 -21.68
C CYS E 482 -3.86 23.47 -21.16
N THR E 483 -3.97 22.77 -20.05
CA THR E 483 -5.26 22.32 -19.51
C THR E 483 -6.29 23.42 -19.35
N PRO E 484 -5.97 24.48 -18.59
CA PRO E 484 -7.06 25.40 -18.19
C PRO E 484 -7.67 26.14 -19.38
N CYS E 485 -6.84 26.46 -20.36
CA CYS E 485 -7.29 27.18 -21.54
C CYS E 485 -7.93 26.26 -22.55
N ARG E 486 -7.29 25.13 -22.88
CA ARG E 486 -7.91 24.19 -23.80
C ARG E 486 -9.34 23.87 -23.35
N VAL E 487 -9.50 23.54 -22.07
CA VAL E 487 -10.76 23.03 -21.55
C VAL E 487 -11.68 24.15 -21.09
N GLY E 488 -11.12 25.18 -20.47
CA GLY E 488 -11.90 26.29 -19.93
C GLY E 488 -12.64 27.08 -21.00
N THR E 489 -11.95 27.34 -22.11
CA THR E 489 -12.55 28.09 -23.21
C THR E 489 -13.76 27.34 -23.73
N GLN E 490 -13.67 26.01 -23.72
CA GLN E 490 -14.75 25.15 -24.23
C GLN E 490 -15.94 25.15 -23.29
N LEU E 491 -15.64 25.09 -21.99
CA LEU E 491 -16.65 25.17 -20.95
C LEU E 491 -17.46 26.45 -21.05
N ILE E 492 -16.78 27.57 -21.27
CA ILE E 492 -17.45 28.86 -21.38
C ILE E 492 -18.39 28.85 -22.59
N ALA E 493 -17.84 28.51 -23.75
CA ALA E 493 -18.63 28.41 -24.99
C ALA E 493 -19.90 27.55 -24.83
N LYS E 494 -19.74 26.38 -24.21
CA LYS E 494 -20.87 25.44 -24.05
C LYS E 494 -21.91 25.94 -23.06
N THR E 495 -21.50 26.73 -22.07
CA THR E 495 -22.44 27.35 -21.17
C THR E 495 -23.30 28.33 -21.98
N PHE E 496 -22.66 29.12 -22.83
CA PHE E 496 -23.39 30.09 -23.64
C PHE E 496 -24.25 29.46 -24.74
N GLU E 497 -23.92 28.25 -25.21
CA GLU E 497 -24.85 27.48 -26.04
C GLU E 497 -26.16 27.25 -25.28
N LYS E 498 -26.03 26.89 -24.01
CA LYS E 498 -27.19 26.60 -23.16
C LYS E 498 -28.04 27.83 -22.89
N ILE E 499 -27.39 28.98 -22.71
CA ILE E 499 -28.09 30.25 -22.47
C ILE E 499 -28.91 30.62 -23.71
N ALA E 500 -28.26 30.60 -24.87
CA ALA E 500 -28.92 30.85 -26.15
C ALA E 500 -30.10 29.90 -26.41
N ALA E 501 -29.97 28.65 -25.96
CA ALA E 501 -31.04 27.66 -26.10
C ALA E 501 -32.15 27.82 -25.05
N GLY E 502 -31.91 28.67 -24.05
CA GLY E 502 -32.94 29.08 -23.10
C GLY E 502 -33.20 28.13 -21.95
N TYR E 503 -32.30 27.18 -21.71
CA TYR E 503 -32.48 26.25 -20.59
C TYR E 503 -31.30 26.26 -19.61
N ALA E 504 -30.46 27.29 -19.70
CA ALA E 504 -29.34 27.46 -18.77
C ALA E 504 -29.84 27.88 -17.39
N THR E 505 -29.23 27.34 -16.36
CA THR E 505 -29.58 27.65 -14.97
C THR E 505 -28.52 28.56 -14.36
N ARG E 506 -28.76 29.00 -13.12
CA ARG E 506 -27.78 29.78 -12.40
C ARG E 506 -26.54 28.94 -12.09
N PHE E 507 -26.75 27.65 -11.85
CA PHE E 507 -25.64 26.71 -11.62
C PHE E 507 -24.72 26.65 -12.83
N ASP E 508 -25.32 26.55 -14.02
CA ASP E 508 -24.58 26.55 -15.27
C ASP E 508 -23.59 27.73 -15.35
N LEU E 509 -23.97 28.88 -14.81
CA LEU E 509 -23.07 30.05 -14.82
C LEU E 509 -22.05 30.06 -13.66
N GLU E 510 -22.50 29.78 -12.45
CA GLU E 510 -21.62 29.88 -11.27
C GLU E 510 -20.46 28.89 -11.33
N ARG E 511 -20.71 27.72 -11.94
CA ARG E 511 -19.67 26.71 -12.04
C ARG E 511 -18.50 27.09 -12.96
N LEU E 512 -18.64 28.16 -13.74
CA LEU E 512 -17.52 28.68 -14.53
C LEU E 512 -16.47 29.39 -13.70
N ALA E 513 -16.82 29.81 -12.48
CA ALA E 513 -15.93 30.63 -11.65
C ALA E 513 -14.55 30.01 -11.42
N PRO E 514 -14.49 28.75 -10.97
CA PRO E 514 -13.18 28.15 -10.78
C PRO E 514 -12.39 28.00 -12.10
N ALA E 515 -13.11 27.78 -13.19
CA ALA E 515 -12.46 27.65 -14.50
C ALA E 515 -11.78 28.95 -14.90
N LEU E 516 -12.47 30.07 -14.67
CA LEU E 516 -11.91 31.40 -14.93
C LEU E 516 -10.66 31.65 -14.10
N GLU E 517 -10.72 31.30 -12.81
CA GLU E 517 -9.56 31.44 -11.94
C GLU E 517 -8.37 30.66 -12.49
N ALA E 518 -8.59 29.39 -12.80
CA ALA E 518 -7.53 28.52 -13.29
C ALA E 518 -6.94 29.02 -14.60
N MET E 519 -7.80 29.52 -15.48
CA MET E 519 -7.35 30.09 -16.77
C MET E 519 -6.44 31.30 -16.56
N ARG E 520 -6.83 32.16 -15.63
CA ARG E 520 -6.07 33.32 -15.24
C ARG E 520 -4.68 32.96 -14.69
N LEU E 521 -4.65 31.99 -13.77
CA LEU E 521 -3.45 31.67 -12.98
C LEU E 521 -2.55 30.59 -13.57
N ALA E 522 -3.15 29.53 -14.11
CA ALA E 522 -2.39 28.33 -14.47
C ALA E 522 -2.03 28.20 -15.95
N SER E 523 -2.47 29.14 -16.78
CA SER E 523 -2.22 29.09 -18.22
C SER E 523 -0.76 29.36 -18.54
N ASN E 524 -0.34 28.90 -19.71
CA ASN E 524 1.06 28.99 -20.17
C ASN E 524 1.36 30.25 -20.98
N CYS E 525 0.32 30.93 -21.47
CA CYS E 525 0.48 32.21 -22.16
C CYS E 525 -0.68 33.15 -21.84
N GLY E 526 -0.62 34.35 -22.38
CA GLY E 526 -1.59 35.40 -22.06
C GLY E 526 -3.02 35.11 -22.47
N PHE E 527 -3.21 34.25 -23.47
CA PHE E 527 -4.52 33.88 -24.01
C PHE E 527 -5.51 33.52 -22.91
N GLY E 528 -5.07 32.73 -21.94
CA GLY E 528 -5.95 32.19 -20.90
C GLY E 528 -6.61 33.24 -20.01
N LEU E 529 -5.84 34.26 -19.64
CA LEU E 529 -6.38 35.41 -18.94
C LEU E 529 -7.36 36.14 -19.85
N SER E 530 -6.88 36.50 -21.03
CA SER E 530 -7.69 37.22 -22.02
C SER E 530 -9.08 36.58 -22.21
N ALA E 531 -9.11 35.26 -22.35
CA ALA E 531 -10.35 34.57 -22.72
C ALA E 531 -11.44 34.55 -21.64
N GLY E 532 -11.09 34.90 -20.41
CA GLY E 532 -12.09 34.98 -19.34
C GLY E 532 -12.68 36.36 -19.16
N ASN E 533 -12.10 37.36 -19.80
CA ASN E 533 -12.50 38.75 -19.57
C ASN E 533 -13.93 39.10 -19.99
N PRO E 534 -14.34 38.68 -21.21
CA PRO E 534 -15.72 38.97 -21.58
C PRO E 534 -16.75 38.54 -20.52
N VAL E 535 -16.66 37.32 -19.99
CA VAL E 535 -17.66 36.89 -18.98
C VAL E 535 -17.47 37.60 -17.65
N ARG E 536 -16.22 37.85 -17.26
CA ARG E 536 -15.94 38.62 -16.05
C ARG E 536 -16.56 40.01 -16.15
N ASP E 537 -16.34 40.68 -17.28
CA ASP E 537 -16.93 42.00 -17.53
C ASP E 537 -18.46 41.91 -17.62
N LEU E 538 -18.96 40.86 -18.26
CA LEU E 538 -20.40 40.68 -18.38
C LEU E 538 -21.07 40.60 -17.01
N ILE E 539 -20.43 39.93 -16.06
CA ILE E 539 -21.00 39.76 -14.72
C ILE E 539 -20.79 41.01 -13.87
N ALA E 540 -19.68 41.70 -14.09
CA ALA E 540 -19.41 42.98 -13.42
C ALA E 540 -20.45 44.05 -13.77
N HIS E 541 -20.80 44.17 -15.04
CA HIS E 541 -21.58 45.30 -15.53
C HIS E 541 -22.93 44.98 -16.15
N PHE E 542 -23.25 43.71 -16.36
CA PHE E 542 -24.50 43.31 -17.00
C PHE E 542 -25.15 42.11 -16.30
N ARG E 543 -24.88 41.99 -15.01
CA ARG E 543 -25.47 40.95 -14.15
C ARG E 543 -26.93 40.65 -14.44
N GLN E 544 -27.74 41.71 -14.42
CA GLN E 544 -29.20 41.59 -14.51
C GLN E 544 -29.67 41.13 -15.88
N GLN E 545 -29.03 41.66 -16.93
CA GLN E 545 -29.28 41.22 -18.31
C GLN E 545 -29.01 39.73 -18.43
N LEU E 546 -27.90 39.29 -17.82
CA LEU E 546 -27.51 37.89 -17.83
C LEU E 546 -28.48 37.01 -17.05
N GLU E 547 -28.69 37.35 -15.78
CA GLU E 547 -29.59 36.61 -14.89
C GLU E 547 -31.01 36.47 -15.46
N ALA E 548 -31.44 37.46 -16.24
CA ALA E 548 -32.76 37.47 -16.85
C ALA E 548 -33.02 36.26 -17.75
N GLN E 549 -31.95 35.72 -18.35
CA GLN E 549 -32.08 34.60 -19.29
C GLN E 549 -31.84 33.23 -18.65
N LEU E 550 -31.60 33.21 -17.34
CA LEU E 550 -31.29 31.96 -16.61
C LEU E 550 -32.48 31.39 -15.83
N GLN E 551 -32.56 30.06 -15.80
CA GLN E 551 -33.56 29.35 -14.98
C GLN E 551 -33.13 29.39 -13.51
N PRO E 552 -34.03 29.02 -12.59
CA PRO E 552 -33.64 28.98 -11.17
C PRO E 552 -32.87 27.70 -10.77
N HIS E 553 -31.95 27.86 -9.81
CA HIS E 553 -31.13 26.77 -9.30
C HIS E 553 -30.39 27.29 -8.06
N ASP E 554 -30.47 26.54 -6.96
CA ASP E 554 -29.98 27.02 -5.66
C ASP E 554 -28.59 26.49 -5.27
N PHE E 555 -27.71 26.33 -6.26
CA PHE E 555 -26.38 25.76 -6.05
C PHE E 555 -25.52 26.71 -5.20
N ILE E 556 -24.85 26.16 -4.18
CA ILE E 556 -23.94 26.97 -3.37
C ILE E 556 -22.51 26.79 -3.85
N PRO E 557 -21.92 27.83 -4.46
CA PRO E 557 -20.54 27.69 -4.88
C PRO E 557 -19.58 27.78 -3.71
N ALA E 558 -18.48 27.04 -3.80
CA ALA E 558 -17.38 27.20 -2.85
C ALA E 558 -16.57 28.42 -3.27
N PHE E 559 -16.36 28.56 -4.59
CA PHE E 559 -15.72 29.72 -5.20
C PHE E 559 -16.73 30.30 -6.19
N SER E 560 -17.30 31.45 -5.85
CA SER E 560 -18.38 32.06 -6.64
C SER E 560 -17.84 33.05 -7.66
N LEU E 561 -18.70 33.46 -8.57
CA LEU E 561 -18.34 34.45 -9.59
C LEU E 561 -17.86 35.75 -8.95
N ASP E 562 -18.48 36.12 -7.83
CA ASP E 562 -18.12 37.34 -7.09
C ASP E 562 -16.68 37.28 -6.61
N ALA E 563 -16.23 36.10 -6.17
CA ALA E 563 -14.85 35.93 -5.71
C ALA E 563 -13.86 36.02 -6.88
N GLU E 564 -14.29 35.63 -8.07
CA GLU E 564 -13.45 35.77 -9.26
C GLU E 564 -13.31 37.24 -9.65
N LEU E 565 -14.40 37.98 -9.53
CA LEU E 565 -14.39 39.43 -9.76
C LEU E 565 -13.57 40.16 -8.71
N ALA E 566 -13.66 39.73 -7.46
CA ALA E 566 -12.86 40.31 -6.38
C ALA E 566 -11.36 40.18 -6.61
N ALA E 567 -10.95 39.15 -7.35
CA ALA E 567 -9.55 38.89 -7.64
C ALA E 567 -9.01 39.59 -8.91
N THR E 568 -9.87 40.24 -9.68
CA THR E 568 -9.48 40.81 -10.98
C THR E 568 -9.81 42.30 -11.11
N ARG E 569 -9.67 43.05 -10.00
CA ARG E 569 -9.65 44.52 -10.03
C ARG E 569 -9.00 45.07 -8.77
N HIS E 580 1.38 43.41 -16.90
CA HIS E 580 0.50 42.37 -16.39
C HIS E 580 0.29 41.22 -17.38
N LEU E 581 0.12 41.56 -18.66
CA LEU E 581 0.05 40.56 -19.72
C LEU E 581 1.46 40.24 -20.26
N ALA E 582 2.38 41.18 -20.07
CA ALA E 582 3.80 40.96 -20.36
C ALA E 582 4.47 40.02 -19.35
N GLN E 583 3.76 39.71 -18.26
CA GLN E 583 4.21 38.72 -17.28
C GLN E 583 4.51 37.38 -17.96
N PHE E 584 3.66 36.99 -18.91
CA PHE E 584 3.79 35.72 -19.63
C PHE E 584 4.90 35.73 -20.70
N GLU E 585 5.21 36.91 -21.24
CA GLU E 585 6.02 37.03 -22.46
C GLU E 585 7.51 37.36 -22.28
N GLN E 586 7.84 38.07 -21.20
CA GLN E 586 9.18 38.64 -21.01
C GLN E 586 9.68 38.44 -19.57
N PRO E 587 11.02 38.34 -19.38
CA PRO E 587 11.57 38.29 -18.02
C PRO E 587 11.47 39.65 -17.32
N GLU E 588 11.94 39.74 -16.08
CA GLU E 588 11.99 41.01 -15.34
C GLU E 588 13.39 41.42 -14.86
N VAL E 589 13.58 42.69 -14.52
CA VAL E 589 14.90 43.18 -14.09
C VAL E 589 14.98 43.07 -12.58
N SER F 10 24.30 21.99 -2.36
CA SER F 10 25.09 23.04 -3.07
C SER F 10 24.47 24.43 -2.81
N GLU F 11 23.89 25.06 -3.83
CA GLU F 11 23.03 26.24 -3.64
C GLU F 11 21.71 25.81 -3.00
N THR F 12 20.91 26.77 -2.50
CA THR F 12 19.63 26.44 -1.86
C THR F 12 18.52 27.46 -2.13
N PHE F 13 17.28 27.01 -2.03
CA PHE F 13 16.12 27.91 -2.04
C PHE F 13 15.07 27.45 -1.03
N THR F 14 13.94 28.16 -0.98
CA THR F 14 12.94 27.90 0.03
C THR F 14 11.62 27.43 -0.57
N LEU F 15 11.18 26.25 -0.14
CA LEU F 15 9.90 25.68 -0.57
C LEU F 15 9.05 25.45 0.67
N ASP F 16 7.94 26.17 0.78
CA ASP F 16 7.07 26.07 1.94
C ASP F 16 7.89 26.29 3.22
N GLU F 17 8.60 27.41 3.26
CA GLU F 17 9.41 27.82 4.42
C GLU F 17 10.36 26.71 4.87
N GLU F 18 10.96 26.01 3.90
CA GLU F 18 11.89 24.93 4.18
C GLU F 18 13.01 24.94 3.14
N SER F 19 14.24 24.67 3.58
CA SER F 19 15.41 24.85 2.73
C SER F 19 15.66 23.63 1.85
N ILE F 20 15.74 23.86 0.55
CA ILE F 20 15.87 22.80 -0.45
C ILE F 20 17.16 23.01 -1.24
N PRO F 21 18.06 22.02 -1.24
CA PRO F 21 19.26 22.14 -2.09
C PRO F 21 18.93 22.04 -3.57
N PHE F 22 19.80 22.55 -4.43
CA PHE F 22 19.63 22.39 -5.88
C PHE F 22 20.94 22.54 -6.65
N VAL F 23 20.98 21.94 -7.83
CA VAL F 23 22.09 22.08 -8.76
C VAL F 23 21.68 23.08 -9.84
N PRO F 24 22.55 24.05 -10.18
CA PRO F 24 22.20 24.94 -11.30
C PRO F 24 22.39 24.24 -12.66
N GLY F 25 21.43 24.30 -13.60
CA GLY F 25 20.16 25.00 -13.46
C GLY F 25 18.95 24.07 -13.42
N GLN F 26 18.71 23.47 -12.26
CA GLN F 26 17.51 22.68 -12.03
C GLN F 26 16.33 23.60 -11.88
N THR F 27 15.14 23.09 -12.22
CA THR F 27 13.91 23.83 -12.00
C THR F 27 13.46 23.58 -10.57
N VAL F 28 12.48 24.33 -10.11
CA VAL F 28 11.94 24.12 -8.77
C VAL F 28 11.39 22.69 -8.61
N LEU F 29 10.74 22.18 -9.65
CA LEU F 29 10.14 20.85 -9.58
C LEU F 29 11.20 19.78 -9.48
N GLU F 30 12.21 19.85 -10.34
CA GLU F 30 13.31 18.89 -10.32
C GLU F 30 13.99 18.84 -8.96
N ALA F 31 14.25 20.01 -8.39
CA ALA F 31 14.93 20.11 -7.10
C ALA F 31 14.04 19.62 -5.98
N ALA F 32 12.80 20.09 -5.94
CA ALA F 32 11.84 19.65 -4.95
C ALA F 32 11.70 18.13 -4.90
N LEU F 33 11.57 17.50 -6.06
CA LEU F 33 11.38 16.05 -6.12
C LEU F 33 12.64 15.27 -5.72
N ALA F 34 13.80 15.78 -6.10
CA ALA F 34 15.10 15.19 -5.68
C ALA F 34 15.26 15.22 -4.16
N ALA F 35 14.74 16.27 -3.53
CA ALA F 35 14.75 16.44 -2.07
C ALA F 35 13.63 15.67 -1.34
N GLY F 36 12.82 14.92 -2.07
CA GLY F 36 11.74 14.14 -1.48
C GLY F 36 10.50 14.95 -1.13
N ARG F 37 10.33 16.11 -1.75
CA ARG F 37 9.18 16.98 -1.49
C ARG F 37 8.29 16.98 -2.72
N TYR F 38 7.03 16.59 -2.54
CA TYR F 38 6.12 16.41 -3.66
C TYR F 38 5.45 17.73 -4.07
N ILE F 39 5.48 17.98 -5.37
CA ILE F 39 4.58 18.94 -6.01
C ILE F 39 3.81 18.15 -7.08
N PRO F 40 2.47 18.23 -7.06
CA PRO F 40 1.69 17.51 -8.05
C PRO F 40 2.14 17.74 -9.49
N HIS F 41 2.14 16.68 -10.29
CA HIS F 41 2.44 16.78 -11.71
C HIS F 41 1.93 15.57 -12.49
N LEU F 42 1.65 15.80 -13.78
CA LEU F 42 1.21 14.75 -14.68
C LEU F 42 2.13 14.60 -15.88
N CYS F 43 2.64 15.70 -16.42
CA CYS F 43 3.43 15.65 -17.65
C CYS F 43 4.93 15.80 -17.44
N TRP F 44 5.40 15.72 -16.20
CA TRP F 44 6.83 15.61 -15.92
C TRP F 44 7.19 14.15 -15.72
N HIS F 45 8.29 13.75 -16.33
CA HIS F 45 8.80 12.39 -16.22
C HIS F 45 10.32 12.48 -16.13
N PRO F 46 10.95 11.64 -15.28
CA PRO F 46 12.41 11.69 -15.04
C PRO F 46 13.30 11.52 -16.28
N GLU F 47 12.90 10.65 -17.19
CA GLU F 47 13.59 10.46 -18.47
C GLU F 47 13.21 11.47 -19.55
N MET F 48 12.03 12.07 -19.46
CA MET F 48 11.49 12.88 -20.58
C MET F 48 11.41 14.38 -20.31
N GLY F 49 11.48 14.78 -19.05
CA GLY F 49 11.40 16.19 -18.69
C GLY F 49 9.96 16.68 -18.65
N ASN F 50 9.79 17.99 -18.72
CA ASN F 50 8.47 18.60 -18.58
C ASN F 50 7.91 19.01 -19.92
N HIS F 51 6.70 18.55 -20.20
CA HIS F 51 5.98 18.96 -21.40
C HIS F 51 5.52 20.41 -21.27
N GLY F 52 5.02 20.79 -20.09
CA GLY F 52 4.48 22.14 -19.86
C GLY F 52 2.96 22.27 -19.99
N SER F 53 2.28 21.18 -20.31
CA SER F 53 0.85 21.19 -20.61
C SER F 53 -0.11 21.05 -19.42
N CYS F 54 0.19 20.17 -18.48
CA CYS F 54 -0.83 19.75 -17.50
C CYS F 54 -1.21 20.85 -16.50
N ARG F 55 -0.20 21.62 -16.09
CA ARG F 55 -0.31 22.77 -15.18
C ARG F 55 -0.60 22.43 -13.71
N LEU F 56 -0.51 21.15 -13.33
CA LEU F 56 -0.74 20.72 -11.95
C LEU F 56 0.35 21.22 -11.00
N CYS F 57 1.53 21.50 -11.54
CA CYS F 57 2.69 21.85 -10.75
C CYS F 57 2.82 23.33 -10.46
N VAL F 58 1.72 24.07 -10.60
CA VAL F 58 1.76 25.51 -10.35
C VAL F 58 2.12 25.80 -8.90
N VAL F 59 2.90 26.88 -8.71
CA VAL F 59 3.36 27.33 -7.40
C VAL F 59 3.40 28.86 -7.39
N GLU F 60 3.34 29.44 -6.20
CA GLU F 60 3.45 30.91 -6.03
C GLU F 60 4.91 31.32 -5.89
N ALA F 61 5.35 32.26 -6.72
CA ALA F 61 6.72 32.79 -6.65
C ALA F 61 6.85 34.06 -7.49
N ASN F 62 7.40 35.13 -6.90
CA ASN F 62 7.80 36.36 -7.60
C ASN F 62 6.75 37.28 -8.27
N GLY F 63 5.64 37.63 -7.63
CA GLY F 63 4.97 36.88 -6.59
C GLY F 63 3.67 36.50 -7.27
N ARG F 64 3.81 35.64 -8.28
CA ARG F 64 2.67 35.18 -9.09
C ARG F 64 2.65 33.65 -9.14
N ILE F 65 1.52 33.12 -9.59
CA ILE F 65 1.37 31.69 -9.76
C ILE F 65 1.92 31.28 -11.12
N GLN F 66 2.85 30.32 -11.12
CA GLN F 66 3.51 29.84 -12.33
C GLN F 66 3.93 28.38 -12.19
N ALA F 67 4.29 27.76 -13.30
CA ALA F 67 4.61 26.34 -13.32
C ALA F 67 6.00 26.03 -12.75
N SER F 68 6.03 25.22 -11.69
CA SER F 68 7.27 24.77 -11.09
C SER F 68 8.21 24.06 -12.04
N CYS F 69 7.66 23.33 -13.01
CA CYS F 69 8.48 22.58 -13.97
C CYS F 69 9.21 23.47 -14.96
N ALA F 70 8.83 24.74 -15.03
CA ALA F 70 9.49 25.71 -15.90
C ALA F 70 10.27 26.78 -15.11
N LEU F 71 9.90 26.97 -13.84
CA LEU F 71 10.56 27.94 -12.95
C LEU F 71 11.95 27.46 -12.52
N PRO F 72 13.03 28.12 -13.02
CA PRO F 72 14.36 27.70 -12.59
C PRO F 72 14.61 28.09 -11.14
N ALA F 73 15.35 27.24 -10.42
CA ALA F 73 15.63 27.49 -9.02
C ALA F 73 16.75 28.51 -8.92
N GLN F 74 16.54 29.53 -8.09
CA GLN F 74 17.56 30.55 -7.83
C GLN F 74 17.80 30.61 -6.33
N PRO F 75 19.02 31.01 -5.92
CA PRO F 75 19.33 31.11 -4.49
C PRO F 75 18.36 32.01 -3.74
N GLY F 76 17.91 31.54 -2.58
CA GLY F 76 16.97 32.29 -1.75
C GLY F 76 15.57 32.47 -2.32
N LEU F 77 15.28 31.86 -3.48
CA LEU F 77 13.95 31.97 -4.10
C LEU F 77 12.88 31.44 -3.16
N GLN F 78 11.81 32.22 -3.02
CA GLN F 78 10.73 31.91 -2.08
C GLN F 78 9.55 31.30 -2.81
N VAL F 79 9.35 30.00 -2.64
CA VAL F 79 8.30 29.27 -3.37
C VAL F 79 7.28 28.72 -2.40
N VAL F 80 6.00 28.93 -2.72
CA VAL F 80 4.90 28.27 -2.01
C VAL F 80 4.21 27.31 -2.97
N SER F 81 4.17 26.04 -2.60
CA SER F 81 3.48 25.02 -3.37
C SER F 81 2.19 24.54 -2.69
N LYS F 82 1.97 24.95 -1.44
CA LYS F 82 0.78 24.54 -0.71
C LYS F 82 0.02 25.77 -0.22
N SER F 83 -1.21 25.92 -0.67
CA SER F 83 -2.09 26.97 -0.20
C SER F 83 -3.52 26.61 -0.57
N GLU F 84 -4.48 27.38 -0.08
CA GLU F 84 -5.88 27.15 -0.39
C GLU F 84 -6.13 27.41 -1.87
N THR F 85 -5.53 28.48 -2.39
CA THR F 85 -5.65 28.85 -3.79
C THR F 85 -5.13 27.74 -4.71
N LEU F 86 -3.91 27.28 -4.44
CA LEU F 86 -3.27 26.27 -5.27
C LEU F 86 -3.99 24.93 -5.24
N THR F 87 -4.51 24.55 -4.07
CA THR F 87 -5.30 23.35 -3.95
C THR F 87 -6.54 23.44 -4.84
N ARG F 88 -7.20 24.59 -4.82
CA ARG F 88 -8.41 24.78 -5.59
C ARG F 88 -8.11 24.82 -7.09
N VAL F 89 -7.03 25.48 -7.47
CA VAL F 89 -6.64 25.53 -8.88
C VAL F 89 -6.31 24.11 -9.39
N ARG F 90 -5.55 23.35 -8.61
CA ARG F 90 -5.24 21.98 -8.98
C ARG F 90 -6.50 21.10 -9.06
N ARG F 91 -7.42 21.23 -8.10
CA ARG F 91 -8.71 20.53 -8.18
C ARG F 91 -9.43 20.87 -9.49
N THR F 92 -9.49 22.14 -9.81
CA THR F 92 -10.19 22.59 -11.01
C THR F 92 -9.55 21.96 -12.26
N LEU F 93 -8.22 21.97 -12.32
CA LEU F 93 -7.48 21.41 -13.45
C LEU F 93 -7.75 19.93 -13.64
N LEU F 94 -7.86 19.20 -12.53
CA LEU F 94 -8.20 17.79 -12.60
C LEU F 94 -9.65 17.60 -13.08
N GLU F 95 -10.55 18.42 -12.56
CA GLU F 95 -11.96 18.35 -12.97
C GLU F 95 -12.13 18.65 -14.45
N MET F 96 -11.23 19.47 -15.00
CA MET F 96 -11.24 19.81 -16.40
C MET F 96 -10.76 18.65 -17.28
N LEU F 97 -9.76 17.93 -16.79
CA LEU F 97 -9.24 16.77 -17.50
C LEU F 97 -10.31 15.68 -17.55
N PHE F 98 -11.03 15.52 -16.43
CA PHE F 98 -12.17 14.58 -16.39
C PHE F 98 -13.26 14.99 -17.35
N ALA F 99 -13.56 16.29 -17.39
CA ALA F 99 -14.63 16.83 -18.21
C ALA F 99 -14.41 16.67 -19.71
N GLU F 100 -13.17 16.85 -20.15
CA GLU F 100 -12.90 16.91 -21.59
C GLU F 100 -12.86 15.54 -22.22
N GLY F 101 -12.48 14.54 -21.45
CA GLY F 101 -12.47 13.18 -21.93
C GLY F 101 -13.66 12.37 -21.44
N ASN F 102 -13.68 11.10 -21.84
CA ASN F 102 -14.63 10.17 -21.33
C ASN F 102 -13.97 9.31 -20.26
N HIS F 103 -13.81 9.89 -19.07
CA HIS F 103 -13.17 9.22 -17.98
C HIS F 103 -14.20 8.50 -17.10
N PHE F 104 -14.70 7.40 -17.64
CA PHE F 104 -15.64 6.53 -16.96
C PHE F 104 -14.84 5.37 -16.35
N CYS F 105 -14.35 5.61 -15.13
CA CYS F 105 -13.43 4.69 -14.46
C CYS F 105 -13.97 3.28 -14.27
N PRO F 106 -15.26 3.14 -13.93
CA PRO F 106 -15.80 1.80 -13.71
C PRO F 106 -15.60 0.86 -14.91
N GLY F 107 -15.64 1.40 -16.12
CA GLY F 107 -15.35 0.62 -17.32
C GLY F 107 -13.92 0.69 -17.85
N CYS F 108 -12.99 1.21 -17.05
CA CYS F 108 -11.62 1.46 -17.50
C CYS F 108 -10.65 0.49 -16.83
N GLU F 109 -9.80 -0.13 -17.63
CA GLU F 109 -8.85 -1.10 -17.10
C GLU F 109 -7.65 -0.49 -16.37
N LYS F 110 -7.44 0.82 -16.52
CA LYS F 110 -6.36 1.48 -15.81
C LYS F 110 -6.71 1.89 -14.39
N SER F 111 -7.97 1.73 -14.00
CA SER F 111 -8.43 2.10 -12.67
C SER F 111 -7.55 1.45 -11.60
N GLY F 112 -7.05 2.29 -10.69
CA GLY F 112 -6.14 1.86 -9.64
C GLY F 112 -4.70 1.90 -10.09
N ASP F 113 -4.48 2.17 -11.37
CA ASP F 113 -3.15 2.16 -11.97
C ASP F 113 -2.99 3.45 -12.78
N CYS F 114 -3.78 4.48 -12.43
CA CYS F 114 -3.93 5.69 -13.21
C CYS F 114 -3.53 6.91 -12.37
N LEU F 115 -2.57 7.68 -12.88
CA LEU F 115 -2.06 8.84 -12.18
C LEU F 115 -3.10 9.97 -12.09
N LEU F 116 -3.85 10.19 -13.17
CA LEU F 116 -4.96 11.16 -13.15
C LEU F 116 -5.97 10.80 -12.06
N GLN F 117 -6.43 9.56 -12.06
CA GLN F 117 -7.38 9.10 -11.05
C GLN F 117 -6.81 9.27 -9.66
N ALA F 118 -5.56 8.86 -9.48
CA ALA F 118 -4.92 8.91 -8.17
C ALA F 118 -4.82 10.35 -7.67
N LEU F 119 -4.41 11.26 -8.55
CA LEU F 119 -4.31 12.67 -8.18
C LEU F 119 -5.67 13.26 -7.82
N ALA F 120 -6.72 12.85 -8.52
CA ALA F 120 -8.07 13.31 -8.15
C ALA F 120 -8.46 12.81 -6.78
N TYR F 121 -8.19 11.53 -6.50
CA TYR F 121 -8.43 11.00 -5.15
C TYR F 121 -7.72 11.85 -4.10
N ALA F 122 -6.44 12.12 -4.33
CA ALA F 122 -5.61 12.89 -3.39
C ALA F 122 -6.04 14.33 -3.20
N HIS F 123 -6.77 14.90 -4.16
CA HIS F 123 -7.31 16.26 -4.03
C HIS F 123 -8.76 16.28 -3.57
N GLY F 124 -9.22 15.16 -2.99
CA GLY F 124 -10.58 15.05 -2.48
C GLY F 124 -11.66 15.29 -3.49
N MET F 125 -11.39 14.96 -4.76
CA MET F 125 -12.34 15.25 -5.83
C MET F 125 -13.50 14.29 -5.71
N THR F 126 -14.54 14.77 -5.05
CA THR F 126 -15.72 13.96 -4.77
C THR F 126 -16.69 13.97 -5.96
N ALA F 127 -16.59 15.02 -6.78
CA ALA F 127 -17.40 15.17 -8.00
C ALA F 127 -16.84 16.30 -8.87
N SER F 128 -16.76 16.04 -10.19
CA SER F 128 -16.41 17.07 -11.16
C SER F 128 -17.64 17.94 -11.35
N HIS F 129 -17.51 19.23 -11.08
CA HIS F 129 -18.65 20.15 -11.22
C HIS F 129 -18.86 20.68 -12.63
N PHE F 130 -18.01 20.29 -13.58
CA PHE F 130 -18.18 20.69 -14.97
C PHE F 130 -19.01 19.71 -15.78
N ASP F 131 -19.81 20.25 -16.69
CA ASP F 131 -20.62 19.45 -17.59
C ASP F 131 -19.67 18.74 -18.59
N PRO F 132 -19.68 17.40 -18.62
CA PRO F 132 -18.70 16.71 -19.46
C PRO F 132 -18.99 16.84 -20.96
N PHE F 133 -17.96 16.63 -21.77
CA PHE F 133 -18.02 16.93 -23.20
C PHE F 133 -18.52 15.77 -24.02
N TYR F 134 -18.36 14.55 -23.50
CA TYR F 134 -18.72 13.33 -24.25
C TYR F 134 -18.21 13.38 -25.70
N PRO F 135 -16.88 13.46 -25.87
CA PRO F 135 -16.29 13.39 -27.19
C PRO F 135 -16.52 12.03 -27.84
N GLN F 136 -16.43 11.99 -29.17
CA GLN F 136 -16.83 10.81 -29.94
C GLN F 136 -15.71 10.24 -30.79
N ARG F 137 -14.46 10.39 -30.35
CA ARG F 137 -13.33 9.86 -31.10
C ARG F 137 -13.28 8.36 -30.98
N ARG F 138 -12.74 7.70 -32.00
CA ARG F 138 -12.72 6.26 -32.02
C ARG F 138 -11.33 5.75 -31.70
N ILE F 139 -11.30 4.56 -31.10
CA ILE F 139 -10.05 3.91 -30.75
C ILE F 139 -9.25 3.63 -32.01
N ASP F 140 -7.96 3.91 -31.96
CA ASP F 140 -7.03 3.40 -32.96
C ASP F 140 -6.53 2.03 -32.47
N ALA F 141 -7.08 0.97 -33.06
CA ALA F 141 -6.66 -0.40 -32.76
C ALA F 141 -5.98 -1.05 -33.96
N SER F 142 -5.47 -0.25 -34.89
CA SER F 142 -4.80 -0.76 -36.08
C SER F 142 -3.53 -1.55 -35.78
N HIS F 143 -2.84 -1.21 -34.68
CA HIS F 143 -1.62 -1.89 -34.32
C HIS F 143 -1.94 -3.26 -33.73
N PRO F 144 -1.17 -4.30 -34.09
CA PRO F 144 -1.53 -5.65 -33.64
C PRO F 144 -1.33 -5.93 -32.14
N ASP F 145 -0.54 -5.12 -31.46
CA ASP F 145 -0.26 -5.29 -30.04
C ASP F 145 -0.69 -4.13 -29.14
N LEU F 146 -1.15 -3.02 -29.74
CA LEU F 146 -1.36 -1.79 -28.99
C LEU F 146 -2.64 -1.15 -29.44
N TRP F 147 -3.24 -0.37 -28.53
CA TRP F 147 -4.39 0.46 -28.88
C TRP F 147 -4.37 1.80 -28.17
N LEU F 148 -5.04 2.77 -28.79
CA LEU F 148 -5.07 4.13 -28.31
C LEU F 148 -6.52 4.58 -28.18
N ASP F 149 -6.89 5.00 -26.98
CA ASP F 149 -8.19 5.63 -26.73
C ASP F 149 -7.97 7.13 -26.54
N PRO F 150 -8.26 7.92 -27.59
CA PRO F 150 -8.00 9.35 -27.46
C PRO F 150 -8.89 10.05 -26.44
N ASN F 151 -10.05 9.48 -26.12
CA ASN F 151 -10.96 10.09 -25.16
C ASN F 151 -10.50 9.95 -23.71
N ARG F 152 -9.43 9.20 -23.48
CA ARG F 152 -8.79 9.15 -22.15
C ARG F 152 -7.46 9.90 -22.11
N CYS F 153 -6.97 10.34 -23.27
CA CYS F 153 -5.68 10.99 -23.38
C CYS F 153 -5.71 12.38 -22.75
N ILE F 154 -4.73 12.69 -21.92
CA ILE F 154 -4.61 14.01 -21.29
C ILE F 154 -3.55 14.89 -21.97
N LEU F 155 -3.08 14.46 -23.13
CA LEU F 155 -2.19 15.27 -23.97
C LEU F 155 -0.95 15.72 -23.19
N CYS F 156 -0.34 14.77 -22.49
CA CYS F 156 0.83 15.03 -21.65
C CYS F 156 2.13 14.99 -22.43
N GLY F 157 2.10 14.46 -23.65
CA GLY F 157 3.25 14.49 -24.54
C GLY F 157 4.31 13.41 -24.28
N LEU F 158 4.16 12.64 -23.22
CA LEU F 158 5.23 11.73 -22.81
C LEU F 158 5.49 10.64 -23.84
N CYS F 159 4.44 10.07 -24.41
CA CYS F 159 4.61 9.05 -25.44
C CYS F 159 5.37 9.60 -26.67
N VAL F 160 5.05 10.83 -27.05
CA VAL F 160 5.64 11.46 -28.22
C VAL F 160 7.14 11.62 -28.00
N ARG F 161 7.49 12.14 -26.82
CA ARG F 161 8.90 12.31 -26.43
C ARG F 161 9.68 10.99 -26.35
N ALA F 162 9.08 9.96 -25.77
CA ALA F 162 9.72 8.65 -25.69
C ALA F 162 10.03 8.10 -27.08
N SER F 163 9.07 8.25 -27.98
CA SER F 163 9.21 7.74 -29.34
C SER F 163 10.25 8.53 -30.11
N LEU F 164 10.35 9.83 -29.83
CA LEU F 164 11.39 10.67 -30.43
C LEU F 164 12.76 10.32 -29.91
N ALA F 165 12.88 10.19 -28.60
CA ALA F 165 14.16 9.87 -27.96
C ALA F 165 14.72 8.51 -28.38
N GLU F 166 13.85 7.54 -28.65
CA GLU F 166 14.30 6.22 -29.08
C GLU F 166 14.36 6.10 -30.61
N GLY F 167 14.01 7.18 -31.32
CA GLY F 167 14.24 7.28 -32.76
C GLY F 167 13.20 6.66 -33.68
N LYS F 168 12.00 6.38 -33.17
CA LYS F 168 10.92 5.81 -33.99
C LYS F 168 10.03 6.88 -34.60
N GLU F 169 9.97 8.06 -33.96
CA GLU F 169 9.14 9.21 -34.40
C GLU F 169 7.73 8.81 -34.88
N ALA F 170 7.09 7.90 -34.13
CA ALA F 170 5.81 7.32 -34.54
C ALA F 170 4.57 8.14 -34.13
N LEU F 171 4.75 9.15 -33.29
CA LEU F 171 3.64 9.84 -32.67
C LEU F 171 3.78 11.35 -32.75
N VAL F 172 2.64 12.04 -32.78
CA VAL F 172 2.60 13.49 -32.79
C VAL F 172 1.24 13.96 -32.24
N ILE F 173 1.25 15.05 -31.49
CA ILE F 173 0.01 15.70 -31.08
C ILE F 173 -0.34 16.78 -32.13
N GLY F 174 -1.49 16.64 -32.77
CA GLY F 174 -1.92 17.59 -33.80
C GLY F 174 -3.29 18.17 -33.53
N GLY F 175 -3.64 19.18 -34.32
CA GLY F 175 -4.92 19.87 -34.16
C GLY F 175 -4.80 21.06 -33.22
N ARG F 176 -5.77 21.96 -33.31
CA ARG F 176 -5.78 23.16 -32.48
C ARG F 176 -6.90 23.06 -31.47
N GLY F 177 -6.74 23.73 -30.33
CA GLY F 177 -7.75 23.77 -29.30
C GLY F 177 -8.27 22.40 -28.93
N ILE F 178 -9.59 22.27 -28.89
CA ILE F 178 -10.20 21.02 -28.45
C ILE F 178 -10.04 19.93 -29.51
N ALA F 179 -9.66 20.31 -30.73
CA ALA F 179 -9.37 19.32 -31.77
C ALA F 179 -8.04 18.60 -31.54
N SER F 180 -7.24 19.10 -30.61
CA SER F 180 -5.95 18.50 -30.31
C SER F 180 -6.06 17.03 -29.95
N ARG F 181 -5.24 16.19 -30.57
CA ARG F 181 -5.21 14.77 -30.21
C ARG F 181 -3.92 14.10 -30.67
N LEU F 182 -3.66 12.95 -30.07
CA LEU F 182 -2.51 12.14 -30.43
C LEU F 182 -2.80 11.40 -31.73
N LEU F 183 -1.81 11.43 -32.63
CA LEU F 183 -1.95 10.83 -33.95
C LEU F 183 -0.68 10.09 -34.31
N ALA F 184 -0.80 9.17 -35.24
CA ALA F 184 0.35 8.51 -35.80
C ALA F 184 1.01 9.43 -36.84
N THR F 185 2.32 9.30 -37.04
CA THR F 185 3.06 10.10 -38.02
C THR F 185 3.11 9.45 -39.39
N SER F 186 2.44 8.31 -39.51
CA SER F 186 2.22 7.70 -40.81
C SER F 186 1.35 8.62 -41.67
N ALA F 187 1.28 8.34 -42.95
CA ALA F 187 0.45 9.14 -43.86
C ALA F 187 -1.02 8.88 -43.59
N SER F 188 -1.35 7.63 -43.25
CA SER F 188 -2.74 7.24 -42.92
C SER F 188 -3.17 7.75 -41.56
N GLY F 189 -2.21 8.05 -40.69
CA GLY F 189 -2.49 8.48 -39.32
C GLY F 189 -2.76 7.31 -38.37
N ARG F 190 -2.54 6.09 -38.84
CA ARG F 190 -2.84 4.90 -38.07
C ARG F 190 -1.57 4.35 -37.47
N LEU F 191 -1.68 3.90 -36.22
CA LEU F 191 -0.53 3.43 -35.50
C LEU F 191 0.10 2.20 -36.12
N GLY F 192 -0.74 1.32 -36.66
CA GLY F 192 -0.26 0.12 -37.34
C GLY F 192 0.62 0.38 -38.55
N ASP F 193 0.51 1.57 -39.13
CA ASP F 193 1.32 1.95 -40.28
C ASP F 193 2.62 2.64 -39.90
N THR F 194 2.93 2.77 -38.61
CA THR F 194 4.18 3.37 -38.14
C THR F 194 5.18 2.27 -37.76
N ALA F 195 6.35 2.69 -37.28
CA ALA F 195 7.38 1.77 -36.75
C ALA F 195 7.23 1.52 -35.24
N LEU F 196 6.14 2.01 -34.63
CA LEU F 196 5.88 1.78 -33.21
C LEU F 196 5.79 0.29 -32.94
N ALA F 197 6.33 -0.14 -31.81
CA ALA F 197 6.34 -1.55 -31.47
C ALA F 197 6.09 -1.72 -29.98
N ALA F 198 5.54 -2.87 -29.63
CA ALA F 198 5.16 -3.19 -28.25
C ALA F 198 6.32 -3.11 -27.26
N THR F 199 7.55 -3.20 -27.76
CA THR F 199 8.75 -3.10 -26.93
C THR F 199 9.26 -1.67 -26.74
N ASP F 200 8.72 -0.72 -27.51
CA ASP F 200 9.12 0.67 -27.38
C ASP F 200 8.83 1.29 -26.00
N ARG F 201 9.70 2.18 -25.57
CA ARG F 201 9.50 2.99 -24.37
C ARG F 201 8.13 3.68 -24.40
N ALA F 202 7.80 4.25 -25.54
CA ALA F 202 6.56 5.00 -25.72
C ALA F 202 5.30 4.15 -25.50
N ALA F 203 5.40 2.86 -25.80
CA ALA F 203 4.28 1.94 -25.65
C ALA F 203 3.87 1.68 -24.20
N ARG F 204 4.73 2.03 -23.24
CA ARG F 204 4.45 1.75 -21.84
C ARG F 204 4.59 2.95 -20.89
N ILE F 205 4.74 4.16 -21.43
CA ILE F 205 4.99 5.35 -20.60
C ILE F 205 3.71 6.10 -20.17
N CYS F 206 2.58 5.77 -20.80
CA CYS F 206 1.36 6.55 -20.59
C CYS F 206 0.86 6.45 -19.14
N PRO F 207 0.69 7.61 -18.46
CA PRO F 207 0.29 7.63 -17.05
C PRO F 207 -1.19 7.39 -16.82
N VAL F 208 -1.98 7.38 -17.90
CA VAL F 208 -3.42 7.17 -17.81
C VAL F 208 -3.82 5.96 -18.66
N GLY F 209 -5.10 5.82 -19.00
CA GLY F 209 -5.57 4.66 -19.77
C GLY F 209 -5.70 4.86 -21.27
N ALA F 210 -4.80 5.66 -21.86
CA ALA F 210 -4.97 6.11 -23.23
C ALA F 210 -4.22 5.24 -24.22
N LEU F 211 -2.89 5.13 -24.06
CA LEU F 211 -2.07 4.27 -24.94
C LEU F 211 -1.70 2.98 -24.20
N ASN F 212 -2.34 1.88 -24.60
CA ASN F 212 -2.34 0.64 -23.82
C ASN F 212 -1.87 -0.55 -24.64
N PHE F 213 -1.45 -1.61 -23.96
CA PHE F 213 -1.28 -2.92 -24.57
C PHE F 213 -2.64 -3.57 -24.81
N LYS F 214 -2.74 -4.41 -25.85
CA LYS F 214 -3.95 -5.17 -26.09
C LYS F 214 -3.97 -6.44 -25.26
N ALA F 215 -5.16 -6.83 -24.82
CA ALA F 215 -5.39 -8.10 -24.13
C ALA F 215 -4.44 -8.30 -22.95
N ALA F 216 -4.29 -7.25 -22.16
CA ALA F 216 -3.49 -7.30 -20.94
C ALA F 216 -4.24 -6.64 -19.78
N GLY F 217 -5.57 -6.58 -19.86
CA GLY F 217 -6.38 -5.82 -18.91
C GLY F 217 -6.96 -6.63 -17.76
N PHE F 218 -7.16 -5.98 -16.62
CA PHE F 218 -7.75 -6.60 -15.44
C PHE F 218 -7.00 -7.85 -15.01
N THR F 219 -5.68 -7.75 -14.94
CA THR F 219 -4.83 -8.82 -14.45
C THR F 219 -4.48 -8.66 -12.97
N THR F 220 -4.62 -7.44 -12.43
CA THR F 220 -4.25 -7.19 -11.03
C THR F 220 -5.48 -7.10 -10.17
N PRO F 221 -5.57 -7.94 -9.11
CA PRO F 221 -6.76 -7.89 -8.27
C PRO F 221 -6.97 -6.57 -7.57
N ILE F 222 -8.23 -6.27 -7.25
CA ILE F 222 -8.56 -5.10 -6.45
C ILE F 222 -7.91 -5.24 -5.09
N GLY F 223 -7.35 -4.13 -4.60
CA GLY F 223 -6.55 -4.15 -3.39
C GLY F 223 -5.06 -4.35 -3.62
N LYS F 224 -4.65 -4.63 -4.86
CA LYS F 224 -3.23 -4.82 -5.17
C LYS F 224 -2.75 -3.99 -6.36
N ARG F 225 -3.52 -2.98 -6.70
CA ARG F 225 -3.22 -2.14 -7.84
C ARG F 225 -2.35 -0.99 -7.34
N ARG F 226 -1.61 -0.40 -8.27
CA ARG F 226 -0.53 0.50 -7.93
C ARG F 226 -0.90 1.66 -6.97
N PHE F 227 -2.08 2.23 -7.12
CA PHE F 227 -2.50 3.39 -6.32
C PHE F 227 -3.56 3.04 -5.28
N ASP F 228 -3.78 1.75 -5.04
CA ASP F 228 -4.83 1.31 -4.10
C ASP F 228 -4.57 1.70 -2.66
N HIS F 229 -3.30 1.76 -2.27
CA HIS F 229 -2.98 1.96 -0.86
C HIS F 229 -2.35 3.31 -0.54
N ARG F 230 -1.33 3.69 -1.29
CA ARG F 230 -0.69 5.00 -1.12
C ARG F 230 -1.06 5.92 -2.27
N PRO F 231 -1.07 7.24 -2.00
CA PRO F 231 -1.20 8.25 -3.05
C PRO F 231 0.15 8.56 -3.71
N PRO F 232 0.14 9.31 -4.82
CA PRO F 232 1.36 9.69 -5.52
C PRO F 232 2.44 10.34 -4.64
N GLU F 233 2.01 11.19 -3.70
CA GLU F 233 2.92 11.84 -2.73
C GLU F 233 3.88 10.84 -2.08
N ALA F 234 3.33 9.70 -1.65
CA ALA F 234 4.06 8.75 -0.83
C ALA F 234 4.66 7.57 -1.60
N MET F 235 4.97 7.75 -2.88
CA MET F 235 5.47 6.67 -3.71
C MET F 235 6.89 6.93 -4.21
N SER F 236 7.64 5.85 -4.42
CA SER F 236 8.98 5.95 -4.95
C SER F 236 8.90 6.28 -6.43
N ASP F 237 10.05 6.56 -7.04
CA ASP F 237 10.09 6.81 -8.48
C ASP F 237 9.90 5.52 -9.28
N LYS F 238 10.34 4.39 -8.72
CA LYS F 238 10.09 3.07 -9.33
C LYS F 238 8.60 2.86 -9.62
N GLU F 239 7.75 3.32 -8.70
CA GLU F 239 6.32 3.03 -8.75
C GLU F 239 5.47 4.17 -9.31
N ARG F 240 5.91 5.42 -9.20
CA ARG F 240 5.08 6.55 -9.62
C ARG F 240 5.11 6.76 -11.13
N TYR F 241 6.22 6.37 -11.77
CA TYR F 241 6.39 6.59 -13.18
C TYR F 241 6.50 5.26 -13.87
N THR F 242 6.12 5.23 -15.14
CA THR F 242 6.12 3.98 -15.90
C THR F 242 7.00 4.11 -17.16
N ARG G 12 -38.82 11.95 18.61
CA ARG G 12 -38.94 11.70 17.13
C ARG G 12 -37.65 11.07 16.58
N LYS G 13 -37.82 10.19 15.60
CA LYS G 13 -36.70 9.53 14.93
C LYS G 13 -36.36 10.24 13.63
N ILE G 14 -35.11 10.13 13.19
CA ILE G 14 -34.67 10.75 11.94
C ILE G 14 -35.25 9.95 10.77
N ARG G 15 -35.73 10.66 9.75
CA ARG G 15 -36.46 10.04 8.67
C ARG G 15 -35.67 10.09 7.35
N ILE G 16 -35.54 8.94 6.70
CA ILE G 16 -34.73 8.82 5.49
C ILE G 16 -35.55 8.27 4.34
N ALA G 17 -35.46 8.93 3.19
CA ALA G 17 -36.03 8.41 1.94
C ALA G 17 -34.89 8.04 1.00
N THR G 18 -35.16 7.13 0.07
CA THR G 18 -34.18 6.76 -0.94
C THR G 18 -34.85 6.61 -2.29
N ALA G 19 -34.14 7.00 -3.35
CA ALA G 19 -34.63 6.82 -4.71
C ALA G 19 -33.58 6.10 -5.54
N SER G 20 -34.03 5.27 -6.47
CA SER G 20 -33.15 4.67 -7.47
C SER G 20 -33.70 5.21 -8.77
N LEU G 21 -32.99 6.18 -9.34
CA LEU G 21 -33.41 6.79 -10.60
C LEU G 21 -32.79 6.06 -11.80
N ALA G 22 -31.86 6.68 -12.52
CA ALA G 22 -31.17 5.99 -13.61
C ALA G 22 -29.91 5.31 -13.05
N GLY G 23 -30.14 4.23 -12.33
CA GLY G 23 -29.07 3.46 -11.68
C GLY G 23 -29.31 1.99 -11.87
N CYS G 24 -28.40 1.16 -11.36
CA CYS G 24 -28.50 -0.29 -11.54
C CYS G 24 -29.09 -1.00 -10.32
N PHE G 25 -29.34 -0.24 -9.23
CA PHE G 25 -29.82 -0.75 -7.93
C PHE G 25 -28.66 -1.16 -7.02
N GLY G 26 -27.43 -1.04 -7.52
CA GLY G 26 -26.24 -1.53 -6.83
C GLY G 26 -25.80 -0.67 -5.66
N CYS G 27 -26.12 0.62 -5.71
CA CYS G 27 -25.84 1.49 -4.56
C CYS G 27 -26.78 1.16 -3.38
N HIS G 28 -27.99 0.72 -3.70
CA HIS G 28 -28.89 0.24 -2.67
C HIS G 28 -28.45 -1.08 -2.06
N MET G 29 -27.88 -1.95 -2.88
CA MET G 29 -27.38 -3.23 -2.35
C MET G 29 -26.10 -3.05 -1.54
N SER G 30 -25.31 -2.03 -1.86
CA SER G 30 -24.13 -1.69 -1.05
C SER G 30 -24.56 -1.11 0.29
N PHE G 31 -25.61 -0.31 0.27
CA PHE G 31 -26.27 0.13 1.49
C PHE G 31 -26.70 -1.10 2.31
N ALA G 32 -27.36 -2.07 1.69
CA ALA G 32 -27.70 -3.33 2.35
C ALA G 32 -26.48 -4.14 2.82
N ASP G 33 -25.33 -3.94 2.19
CA ASP G 33 -24.08 -4.61 2.61
C ASP G 33 -23.52 -4.15 3.97
N ILE G 34 -24.19 -3.21 4.64
CA ILE G 34 -23.92 -2.97 6.06
C ILE G 34 -24.36 -4.16 6.91
N ASP G 35 -25.18 -5.04 6.34
CA ASP G 35 -25.51 -6.33 6.93
C ASP G 35 -26.36 -6.14 8.17
N THR G 36 -25.99 -6.71 9.32
CA THR G 36 -26.86 -6.63 10.51
C THR G 36 -26.85 -5.24 11.12
N ARG G 37 -25.95 -4.35 10.69
CA ARG G 37 -26.01 -2.95 11.09
C ARG G 37 -27.28 -2.26 10.60
N LEU G 38 -27.98 -2.88 9.66
CA LEU G 38 -29.28 -2.38 9.22
C LEU G 38 -30.32 -2.49 10.35
N LEU G 39 -30.20 -3.53 11.19
CA LEU G 39 -31.07 -3.69 12.35
C LEU G 39 -30.84 -2.55 13.35
N ALA G 40 -29.58 -2.21 13.59
CA ALA G 40 -29.24 -1.07 14.45
C ALA G 40 -29.74 0.25 13.85
N LEU G 41 -29.63 0.38 12.54
CA LEU G 41 -30.08 1.59 11.86
C LEU G 41 -31.60 1.73 11.99
N ALA G 42 -32.32 0.62 11.86
CA ALA G 42 -33.78 0.61 11.95
C ALA G 42 -34.33 1.02 13.33
N GLU G 43 -33.48 1.04 14.36
CA GLU G 43 -33.85 1.57 15.67
C GLU G 43 -33.77 3.09 15.70
N TRP G 44 -32.81 3.66 14.96
CA TRP G 44 -32.59 5.11 14.97
C TRP G 44 -33.43 5.85 13.93
N VAL G 45 -33.90 5.14 12.92
CA VAL G 45 -34.48 5.79 11.74
C VAL G 45 -35.77 5.13 11.26
N THR G 46 -36.63 5.97 10.67
CA THR G 46 -37.83 5.49 9.99
C THR G 46 -37.65 5.77 8.50
N PHE G 47 -38.10 4.85 7.67
CA PHE G 47 -37.87 4.98 6.23
C PHE G 47 -39.11 5.48 5.52
N ASP G 48 -38.93 6.46 4.65
CA ASP G 48 -40.03 7.03 3.88
C ASP G 48 -40.13 6.26 2.56
N ARG G 49 -40.44 6.94 1.46
CA ARG G 49 -40.42 6.28 0.15
C ARG G 49 -39.04 5.70 -0.11
N SER G 50 -39.03 4.52 -0.73
CA SER G 50 -37.81 3.75 -0.95
C SER G 50 -38.18 2.53 -1.77
N PRO G 51 -37.21 1.95 -2.50
CA PRO G 51 -37.54 0.68 -3.15
C PRO G 51 -37.79 -0.44 -2.12
N LEU G 52 -37.35 -0.25 -0.89
CA LEU G 52 -37.56 -1.22 0.20
C LEU G 52 -38.90 -1.06 0.93
N THR G 53 -39.57 0.09 0.78
CA THR G 53 -40.87 0.31 1.38
C THR G 53 -41.94 0.41 0.30
N ASP G 54 -43.20 0.53 0.72
CA ASP G 54 -44.33 0.53 -0.22
C ASP G 54 -44.95 1.90 -0.44
N TRP G 55 -44.38 2.93 0.18
CA TRP G 55 -44.85 4.30 -0.04
C TRP G 55 -44.61 4.73 -1.48
N LYS G 56 -45.69 4.92 -2.24
CA LYS G 56 -45.58 5.33 -3.65
C LYS G 56 -45.20 6.80 -3.85
N THR G 57 -45.28 7.60 -2.79
CA THR G 57 -45.05 9.05 -2.89
C THR G 57 -44.26 9.54 -1.68
N VAL G 58 -43.35 10.48 -1.92
CA VAL G 58 -42.37 10.87 -0.90
C VAL G 58 -42.88 12.00 0.00
N GLY G 59 -42.72 11.84 1.31
CA GLY G 59 -43.15 12.82 2.30
C GLY G 59 -41.97 13.56 2.89
N GLU G 60 -42.27 14.54 3.73
CA GLU G 60 -41.25 15.32 4.43
C GLU G 60 -40.23 14.38 5.11
N CYS G 61 -38.94 14.58 4.86
CA CYS G 61 -37.89 13.75 5.49
C CYS G 61 -36.63 14.55 5.73
N ASP G 62 -35.70 13.94 6.45
CA ASP G 62 -34.45 14.60 6.84
C ASP G 62 -33.33 14.36 5.84
N ILE G 63 -33.14 13.10 5.46
CA ILE G 63 -32.11 12.71 4.52
C ILE G 63 -32.73 11.96 3.34
N ALA G 64 -32.35 12.36 2.13
CA ALA G 64 -32.73 11.63 0.92
C ALA G 64 -31.47 11.09 0.25
N LEU G 65 -31.43 9.77 0.06
CA LEU G 65 -30.31 9.11 -0.62
C LEU G 65 -30.68 8.79 -2.05
N ILE G 66 -30.07 9.52 -2.99
CA ILE G 66 -30.40 9.36 -4.40
C ILE G 66 -29.34 8.55 -5.14
N GLU G 67 -29.74 7.37 -5.59
CA GLU G 67 -28.95 6.57 -6.53
C GLU G 67 -29.44 6.89 -7.94
N GLY G 68 -28.53 6.92 -8.90
CA GLY G 68 -28.87 7.10 -10.32
C GLY G 68 -28.97 8.55 -10.74
N GLY G 69 -28.80 8.79 -12.04
CA GLY G 69 -28.98 10.12 -12.61
C GLY G 69 -30.39 10.27 -13.15
N VAL G 70 -30.56 11.14 -14.15
CA VAL G 70 -31.85 11.33 -14.79
C VAL G 70 -31.78 11.06 -16.29
N CYS G 71 -32.61 10.15 -16.78
CA CYS G 71 -32.65 9.75 -18.18
C CYS G 71 -34.00 10.01 -18.86
N ASN G 72 -35.01 10.42 -18.09
CA ASN G 72 -36.34 10.72 -18.63
C ASN G 72 -37.06 11.73 -17.74
N ALA G 73 -38.21 12.21 -18.20
CA ALA G 73 -38.94 13.29 -17.50
C ALA G 73 -39.51 12.87 -16.14
N GLU G 74 -39.84 11.59 -15.99
CA GLU G 74 -40.37 11.07 -14.72
C GLU G 74 -39.30 11.10 -13.65
N ASN G 75 -38.11 10.59 -14.00
CA ASN G 75 -36.95 10.65 -13.10
C ASN G 75 -36.70 12.06 -12.59
N VAL G 76 -36.89 13.05 -13.46
CA VAL G 76 -36.70 14.46 -13.10
C VAL G 76 -37.76 14.93 -12.10
N GLU G 77 -39.02 14.55 -12.32
CA GLU G 77 -40.09 14.86 -11.39
C GLU G 77 -39.78 14.30 -10.01
N VAL G 78 -39.47 13.00 -9.97
CA VAL G 78 -39.20 12.31 -8.70
C VAL G 78 -38.05 13.01 -8.01
N LEU G 79 -36.97 13.26 -8.74
CA LEU G 79 -35.79 13.93 -8.17
C LEU G 79 -36.13 15.29 -7.55
N ARG G 80 -36.89 16.11 -8.29
CA ARG G 80 -37.33 17.42 -7.79
C ARG G 80 -38.25 17.26 -6.57
N ALA G 81 -39.15 16.29 -6.61
CA ALA G 81 -40.00 15.96 -5.46
C ALA G 81 -39.17 15.62 -4.22
N TYR G 82 -38.21 14.73 -4.41
CA TYR G 82 -37.29 14.34 -3.33
C TYR G 82 -36.52 15.53 -2.75
N ARG G 83 -36.12 16.47 -3.60
CA ARG G 83 -35.41 17.67 -3.12
C ARG G 83 -36.30 18.51 -2.21
N ARG G 84 -37.51 18.83 -2.68
CA ARG G 84 -38.49 19.56 -1.88
C ARG G 84 -38.65 18.91 -0.51
N ALA G 85 -38.95 17.61 -0.53
CA ALA G 85 -39.26 16.86 0.68
C ALA G 85 -38.10 16.76 1.66
N ALA G 86 -36.87 16.65 1.15
CA ALA G 86 -35.73 16.31 2.00
C ALA G 86 -34.94 17.53 2.43
N ARG G 87 -34.54 17.56 3.69
CA ARG G 87 -33.65 18.62 4.19
C ARG G 87 -32.25 18.47 3.59
N ILE G 88 -31.70 17.26 3.71
CA ILE G 88 -30.40 16.92 3.13
C ILE G 88 -30.58 15.93 1.99
N LEU G 89 -30.01 16.26 0.83
CA LEU G 89 -30.06 15.37 -0.33
C LEU G 89 -28.64 14.94 -0.70
N VAL G 90 -28.46 13.63 -0.84
CA VAL G 90 -27.14 13.03 -1.06
C VAL G 90 -27.11 12.32 -2.39
N ALA G 91 -26.11 12.66 -3.21
CA ALA G 91 -25.86 11.95 -4.46
C ALA G 91 -24.99 10.74 -4.13
N VAL G 92 -25.58 9.56 -4.24
CA VAL G 92 -24.89 8.32 -3.90
C VAL G 92 -24.51 7.58 -5.19
N GLY G 93 -23.21 7.45 -5.42
CA GLY G 93 -22.73 6.62 -6.52
C GLY G 93 -22.47 7.39 -7.81
N ALA G 94 -21.68 6.75 -8.68
CA ALA G 94 -21.20 7.38 -9.91
C ALA G 94 -22.33 7.89 -10.82
N CYS G 95 -23.41 7.10 -10.93
CA CYS G 95 -24.51 7.44 -11.80
C CYS G 95 -25.14 8.78 -11.40
N ALA G 96 -25.44 8.93 -10.12
CA ALA G 96 -26.01 10.17 -9.62
C ALA G 96 -25.00 11.31 -9.68
N ILE G 97 -23.75 11.00 -9.38
CA ILE G 97 -22.71 12.03 -9.30
C ILE G 97 -22.27 12.53 -10.67
N ASN G 98 -22.04 11.62 -11.62
CA ASN G 98 -21.52 11.99 -12.94
C ASN G 98 -22.22 11.39 -14.16
N GLY G 99 -23.31 10.66 -13.94
CA GLY G 99 -24.03 10.02 -15.05
C GLY G 99 -23.74 8.54 -15.17
N GLY G 100 -22.52 8.11 -14.84
CA GLY G 100 -22.18 6.68 -14.81
C GLY G 100 -22.39 5.96 -16.14
N LEU G 101 -22.77 4.69 -16.06
CA LEU G 101 -22.95 3.84 -17.25
C LEU G 101 -24.09 4.33 -18.14
N PRO G 102 -25.22 4.74 -17.54
CA PRO G 102 -26.28 5.20 -18.43
C PRO G 102 -25.83 6.35 -19.32
N ALA G 103 -25.03 7.26 -18.78
CA ALA G 103 -24.55 8.42 -19.54
C ALA G 103 -23.55 8.06 -20.63
N GLN G 104 -23.16 6.79 -20.73
CA GLN G 104 -22.31 6.38 -21.82
C GLN G 104 -23.08 6.42 -23.15
N ARG G 105 -24.41 6.52 -23.10
CA ARG G 105 -25.19 6.71 -24.33
C ARG G 105 -25.09 8.14 -24.86
N ASN G 106 -24.64 9.08 -24.04
CA ASN G 106 -24.55 10.49 -24.45
C ASN G 106 -23.57 10.77 -25.59
N GLN G 107 -22.69 9.81 -25.88
CA GLN G 107 -21.82 9.91 -27.05
C GLN G 107 -22.60 9.68 -28.35
N HIS G 108 -23.83 9.16 -28.25
CA HIS G 108 -24.62 8.81 -29.43
C HIS G 108 -25.97 9.51 -29.38
N ARG G 109 -26.65 9.52 -30.52
CA ARG G 109 -28.03 9.96 -30.58
C ARG G 109 -28.92 8.80 -30.14
N VAL G 110 -29.76 9.05 -29.14
CA VAL G 110 -30.61 8.00 -28.55
C VAL G 110 -31.57 7.36 -29.56
N GLU G 111 -31.98 8.13 -30.56
CA GLU G 111 -32.86 7.63 -31.62
C GLU G 111 -32.25 6.45 -32.34
N ARG G 112 -30.97 6.59 -32.73
CA ARG G 112 -30.27 5.51 -33.43
C ARG G 112 -30.12 4.26 -32.55
N LEU G 113 -29.89 4.46 -31.26
CA LEU G 113 -29.74 3.36 -30.34
C LEU G 113 -31.05 2.56 -30.26
N LEU G 114 -32.18 3.26 -30.16
CA LEU G 114 -33.49 2.59 -30.16
C LEU G 114 -33.69 1.77 -31.45
N THR G 115 -33.49 2.42 -32.60
CA THR G 115 -33.64 1.77 -33.89
C THR G 115 -32.77 0.54 -33.97
N GLN G 116 -31.56 0.66 -33.45
CA GLN G 116 -30.61 -0.44 -33.46
C GLN G 116 -31.13 -1.63 -32.64
N VAL G 117 -31.64 -1.34 -31.45
CA VAL G 117 -32.06 -2.38 -30.52
C VAL G 117 -33.45 -2.95 -30.88
N PHE G 118 -34.37 -2.11 -31.35
CA PHE G 118 -35.78 -2.54 -31.51
C PHE G 118 -36.27 -2.78 -32.95
N GLU G 119 -35.51 -2.34 -33.95
CA GLU G 119 -35.86 -2.58 -35.37
C GLU G 119 -34.78 -3.35 -36.12
N ALA G 120 -33.54 -2.89 -36.05
CA ALA G 120 -32.46 -3.44 -36.85
C ALA G 120 -31.90 -4.80 -36.39
N ASP G 121 -31.99 -5.09 -35.09
CA ASP G 121 -31.29 -6.26 -34.55
C ASP G 121 -31.77 -7.57 -35.17
N ARG G 122 -30.83 -8.44 -35.49
CA ARG G 122 -31.10 -9.64 -36.29
C ARG G 122 -31.92 -10.75 -35.59
N HIS G 123 -32.10 -10.67 -34.28
CA HIS G 123 -32.87 -11.68 -33.54
C HIS G 123 -34.28 -11.19 -33.19
N LEU G 124 -34.65 -10.02 -33.71
CA LEU G 124 -36.00 -9.51 -33.47
C LEU G 124 -37.06 -10.31 -34.23
N ALA G 125 -38.28 -10.20 -33.76
CA ALA G 125 -39.43 -10.79 -34.43
C ALA G 125 -39.67 -10.02 -35.72
N PRO G 126 -40.21 -10.69 -36.73
CA PRO G 126 -40.55 -9.97 -37.95
C PRO G 126 -41.51 -8.81 -37.67
N GLY G 127 -41.25 -7.67 -38.33
CA GLY G 127 -42.07 -6.47 -38.18
C GLY G 127 -41.98 -5.83 -36.82
N SER G 128 -40.78 -5.88 -36.22
CA SER G 128 -40.54 -5.28 -34.90
C SER G 128 -40.28 -3.77 -35.02
N ARG G 129 -40.83 -3.00 -34.07
CA ARG G 129 -40.77 -1.54 -34.11
C ARG G 129 -40.32 -0.94 -32.79
N VAL G 130 -39.61 0.18 -32.86
CA VAL G 130 -39.26 0.97 -31.68
C VAL G 130 -40.53 1.20 -30.89
N PRO G 131 -40.55 0.82 -29.61
CA PRO G 131 -41.73 1.12 -28.81
C PRO G 131 -41.93 2.62 -28.62
N ASN G 132 -43.18 3.07 -28.77
CA ASN G 132 -43.58 4.40 -28.33
C ASN G 132 -45.07 4.40 -27.98
N ASP G 133 -45.33 4.57 -26.70
CA ASP G 133 -46.67 4.51 -26.15
C ASP G 133 -46.74 5.58 -25.09
N PRO G 134 -47.94 6.15 -24.86
CA PRO G 134 -48.15 7.04 -23.72
C PRO G 134 -47.56 6.52 -22.39
N GLU G 135 -47.51 5.21 -22.21
CA GLU G 135 -46.98 4.61 -21.00
C GLU G 135 -45.45 4.77 -20.84
N LEU G 136 -44.74 4.82 -21.96
CA LEU G 136 -43.29 5.04 -21.94
C LEU G 136 -42.99 6.53 -21.93
N PRO G 137 -42.34 7.02 -20.85
CA PRO G 137 -42.13 8.45 -20.73
C PRO G 137 -41.03 9.04 -21.64
N LEU G 138 -41.05 10.37 -21.73
CA LEU G 138 -40.17 11.10 -22.63
C LEU G 138 -38.70 10.93 -22.26
N LEU G 139 -37.91 10.45 -23.21
CA LEU G 139 -36.47 10.34 -23.03
C LEU G 139 -35.79 11.69 -23.14
N LEU G 140 -34.85 11.94 -22.24
CA LEU G 140 -33.98 13.11 -22.34
C LEU G 140 -32.99 12.86 -23.46
N GLU G 141 -32.53 13.94 -24.08
CA GLU G 141 -31.47 13.87 -25.08
C GLU G 141 -30.19 13.28 -24.47
N HIS G 142 -29.79 13.81 -23.31
CA HIS G 142 -28.64 13.30 -22.58
C HIS G 142 -28.98 12.94 -21.15
N VAL G 143 -28.46 11.80 -20.70
CA VAL G 143 -28.55 11.42 -19.29
C VAL G 143 -27.74 12.44 -18.50
N HIS G 144 -28.30 12.94 -17.41
CA HIS G 144 -27.64 13.96 -16.59
C HIS G 144 -27.44 13.48 -15.16
N PRO G 145 -26.35 13.91 -14.52
CA PRO G 145 -26.20 13.70 -13.09
C PRO G 145 -27.19 14.58 -12.33
N ILE G 146 -27.58 14.17 -11.13
CA ILE G 146 -28.69 14.83 -10.44
C ILE G 146 -28.40 16.30 -10.13
N HIS G 147 -27.15 16.66 -9.85
CA HIS G 147 -26.85 18.07 -9.53
C HIS G 147 -27.07 19.06 -10.68
N GLU G 148 -27.40 18.54 -11.86
CA GLU G 148 -27.74 19.36 -13.02
C GLU G 148 -29.15 19.92 -12.86
N ILE G 149 -29.98 19.19 -12.11
CA ILE G 149 -31.37 19.55 -11.87
C ILE G 149 -31.52 20.29 -10.54
N VAL G 150 -31.01 19.68 -9.47
CA VAL G 150 -31.27 20.14 -8.09
C VAL G 150 -29.97 20.34 -7.34
N ARG G 151 -30.08 20.96 -6.16
CA ARG G 151 -28.93 21.16 -5.29
C ARG G 151 -28.57 19.85 -4.61
N VAL G 152 -27.27 19.56 -4.53
CA VAL G 152 -26.77 18.38 -3.84
C VAL G 152 -25.91 18.81 -2.67
N ASP G 153 -26.23 18.28 -1.48
CA ASP G 153 -25.55 18.66 -0.25
C ASP G 153 -24.30 17.85 0.00
N TYR G 154 -24.33 16.57 -0.38
CA TYR G 154 -23.20 15.67 -0.20
C TYR G 154 -23.10 14.69 -1.35
N TYR G 155 -21.87 14.41 -1.78
CA TYR G 155 -21.61 13.43 -2.82
C TYR G 155 -20.87 12.25 -2.20
N LEU G 156 -21.33 11.03 -2.52
CA LEU G 156 -20.80 9.80 -1.93
C LEU G 156 -20.24 8.90 -3.04
N PRO G 157 -18.95 9.06 -3.39
CA PRO G 157 -18.37 8.48 -4.62
C PRO G 157 -18.21 6.96 -4.62
N GLY G 158 -18.28 6.36 -5.81
CA GLY G 158 -18.06 4.93 -5.97
C GLY G 158 -19.03 4.28 -6.92
N CYS G 159 -18.73 3.05 -7.32
CA CYS G 159 -19.60 2.28 -8.21
C CYS G 159 -19.55 0.81 -7.85
N PRO G 160 -20.17 0.44 -6.73
CA PRO G 160 -20.79 1.36 -5.78
C PRO G 160 -19.81 1.83 -4.70
N PRO G 161 -20.15 2.91 -3.95
CA PRO G 161 -19.44 3.16 -2.71
C PRO G 161 -19.58 1.96 -1.79
N THR G 162 -18.53 1.62 -1.05
CA THR G 162 -18.55 0.43 -0.20
C THR G 162 -19.48 0.60 0.99
N ALA G 163 -19.89 -0.52 1.57
CA ALA G 163 -20.78 -0.50 2.74
C ALA G 163 -20.16 0.34 3.84
N GLU G 164 -18.85 0.20 4.04
CA GLU G 164 -18.14 0.93 5.08
C GLU G 164 -18.12 2.45 4.84
N VAL G 165 -18.02 2.86 3.59
CA VAL G 165 -18.11 4.28 3.27
C VAL G 165 -19.53 4.78 3.52
N ILE G 166 -20.53 3.99 3.17
CA ILE G 166 -21.92 4.37 3.40
C ILE G 166 -22.21 4.43 4.90
N TRP G 167 -21.74 3.43 5.64
CA TRP G 167 -21.94 3.40 7.08
C TRP G 167 -21.28 4.57 7.80
N THR G 168 -20.02 4.85 7.47
CA THR G 168 -19.26 5.96 8.07
C THR G 168 -19.96 7.28 7.81
N PHE G 169 -20.36 7.47 6.56
CA PHE G 169 -21.02 8.69 6.11
C PHE G 169 -22.32 8.96 6.88
N LEU G 170 -23.19 7.96 6.91
CA LEU G 170 -24.53 8.11 7.41
C LEU G 170 -24.57 8.15 8.94
N THR G 171 -23.58 7.52 9.57
CA THR G 171 -23.36 7.71 11.02
C THR G 171 -22.86 9.14 11.30
N ASP G 172 -22.00 9.68 10.43
CA ASP G 172 -21.55 11.08 10.56
C ASP G 172 -22.72 12.08 10.54
N LEU G 173 -23.65 11.91 9.59
CA LEU G 173 -24.82 12.81 9.51
C LEU G 173 -25.72 12.67 10.73
N LEU G 174 -25.95 11.44 11.16
CA LEU G 174 -26.78 11.15 12.32
C LEU G 174 -26.30 11.82 13.62
N VAL G 175 -24.99 12.07 13.74
CA VAL G 175 -24.46 12.78 14.92
C VAL G 175 -23.92 14.17 14.57
N GLY G 176 -24.45 14.76 13.51
CA GLY G 176 -24.10 16.13 13.11
C GLY G 176 -22.63 16.36 12.75
N ARG G 177 -21.91 15.28 12.50
CA ARG G 177 -20.48 15.35 12.19
C ARG G 177 -20.30 15.53 10.68
N GLU G 178 -19.32 16.35 10.28
CA GLU G 178 -19.08 16.64 8.86
C GLU G 178 -18.39 15.46 8.18
N PRO G 179 -19.01 14.86 7.13
CA PRO G 179 -18.38 13.76 6.40
C PRO G 179 -17.03 14.10 5.78
N HIS G 180 -16.09 13.17 5.84
CA HIS G 180 -14.75 13.35 5.30
C HIS G 180 -14.43 12.18 4.36
N PHE G 181 -13.65 12.45 3.31
CA PHE G 181 -13.30 11.44 2.29
C PHE G 181 -11.79 11.29 2.12
N PRO G 182 -11.13 10.59 3.06
CA PRO G 182 -9.69 10.40 2.98
C PRO G 182 -9.27 9.48 1.83
N TYR G 183 -8.07 9.70 1.31
CA TYR G 183 -7.60 9.02 0.10
C TYR G 183 -7.98 7.53 -0.01
N PRO G 184 -7.62 6.71 1.00
CA PRO G 184 -7.79 5.26 0.80
C PRO G 184 -9.24 4.78 0.58
N THR G 185 -10.22 5.46 1.17
CA THR G 185 -11.63 5.07 1.04
C THR G 185 -12.31 5.68 -0.20
N LEU G 186 -11.62 6.61 -0.85
CA LEU G 186 -12.22 7.37 -1.97
C LEU G 186 -11.97 6.65 -3.30
N ARG G 187 -13.05 6.16 -3.93
CA ARG G 187 -12.97 5.36 -5.16
C ARG G 187 -14.03 5.78 -6.19
N TYR G 188 -13.70 5.69 -7.48
CA TYR G 188 -14.68 5.97 -8.56
C TYR G 188 -15.22 4.71 -9.24
N ASP G 189 -14.65 3.56 -8.87
CA ASP G 189 -15.09 2.28 -9.41
C ASP G 189 -15.60 1.37 -8.28
N LEU H 15 -52.63 0.36 -26.29
CA LEU H 15 -53.99 0.74 -26.78
C LEU H 15 -55.04 -0.38 -26.53
N PRO H 16 -54.83 -1.58 -27.12
CA PRO H 16 -55.98 -2.46 -27.38
C PRO H 16 -56.69 -3.06 -26.15
N ALA H 17 -57.97 -2.71 -26.02
CA ALA H 17 -58.92 -3.41 -25.15
C ALA H 17 -60.30 -2.77 -25.33
N ASN H 18 -61.34 -3.31 -24.69
CA ASN H 18 -62.61 -2.58 -24.50
C ASN H 18 -62.62 -1.97 -23.10
N ALA H 19 -61.53 -1.24 -22.86
CA ALA H 19 -61.10 -0.82 -21.55
C ALA H 19 -61.33 0.67 -21.39
N THR H 20 -62.05 1.06 -20.36
CA THR H 20 -62.52 2.42 -20.22
C THR H 20 -61.88 3.19 -19.05
N ARG H 21 -61.17 2.48 -18.15
CA ARG H 21 -60.53 3.13 -17.00
C ARG H 21 -59.13 2.56 -16.73
N ARG H 22 -58.20 3.47 -16.39
CA ARG H 22 -56.78 3.14 -16.20
C ARG H 22 -56.32 3.36 -14.77
N VAL H 23 -55.85 2.30 -14.12
CA VAL H 23 -55.23 2.43 -12.79
C VAL H 23 -53.78 1.90 -12.86
N ALA H 24 -52.87 2.62 -12.20
CA ALA H 24 -51.44 2.35 -12.30
C ALA H 24 -50.80 2.16 -10.95
N ILE H 25 -49.97 1.11 -10.85
CA ILE H 25 -49.06 0.94 -9.73
C ILE H 25 -47.67 1.31 -10.25
N ASP H 26 -47.20 2.48 -9.83
CA ASP H 26 -45.99 3.09 -10.35
C ASP H 26 -45.41 4.02 -9.28
N PRO H 27 -44.24 3.70 -8.73
CA PRO H 27 -43.43 2.56 -9.11
C PRO H 27 -43.80 1.30 -8.36
N LEU H 28 -43.39 0.14 -8.88
CA LEU H 28 -43.46 -1.10 -8.10
C LEU H 28 -42.49 -0.98 -6.93
N SER H 29 -42.89 -1.52 -5.78
CA SER H 29 -42.09 -1.48 -4.57
C SER H 29 -41.55 -2.87 -4.25
N ARG H 30 -40.47 -2.90 -3.49
CA ARG H 30 -39.80 -4.15 -3.13
C ARG H 30 -39.58 -5.03 -4.36
N VAL H 31 -38.97 -4.43 -5.38
CA VAL H 31 -38.47 -5.14 -6.55
C VAL H 31 -37.11 -4.56 -6.97
N GLU H 32 -36.35 -5.35 -7.74
CA GLU H 32 -35.08 -4.87 -8.26
C GLU H 32 -35.36 -3.92 -9.43
N GLY H 33 -35.03 -2.64 -9.26
CA GLY H 33 -35.14 -1.67 -10.35
C GLY H 33 -36.52 -1.08 -10.57
N HIS H 34 -36.71 -0.47 -11.74
CA HIS H 34 -37.89 0.33 -12.03
C HIS H 34 -38.90 -0.37 -12.94
N GLY H 35 -40.11 -0.57 -12.43
CA GLY H 35 -41.22 -1.12 -13.20
C GLY H 35 -42.54 -0.46 -12.87
N LYS H 36 -43.50 -0.64 -13.77
CA LYS H 36 -44.85 -0.10 -13.61
C LYS H 36 -45.85 -1.15 -14.07
N VAL H 37 -46.93 -1.29 -13.32
CA VAL H 37 -48.07 -2.10 -13.75
C VAL H 37 -49.30 -1.21 -13.90
N THR H 38 -50.03 -1.40 -15.00
CA THR H 38 -51.30 -0.74 -15.23
C THR H 38 -52.42 -1.78 -15.33
N ILE H 39 -53.55 -1.48 -14.68
CA ILE H 39 -54.73 -2.34 -14.75
C ILE H 39 -55.82 -1.63 -15.55
N TRP H 40 -56.45 -2.37 -16.46
CA TRP H 40 -57.49 -1.83 -17.34
C TRP H 40 -58.87 -2.41 -17.03
N LEU H 41 -59.81 -1.52 -16.73
CA LEU H 41 -61.17 -1.88 -16.34
C LEU H 41 -62.19 -1.32 -17.33
N ASP H 42 -63.26 -2.08 -17.55
CA ASP H 42 -64.41 -1.59 -18.34
C ASP H 42 -65.34 -0.74 -17.45
N ASP H 43 -66.45 -0.27 -18.02
CA ASP H 43 -67.39 0.60 -17.32
C ASP H 43 -67.96 -0.04 -16.05
N ASP H 44 -68.24 -1.34 -16.11
CA ASP H 44 -68.73 -2.08 -14.93
C ASP H 44 -67.73 -2.00 -13.77
N GLY H 45 -66.44 -2.09 -14.09
CA GLY H 45 -65.37 -2.16 -13.10
C GLY H 45 -64.83 -3.57 -12.95
N GLN H 46 -64.77 -4.30 -14.07
CA GLN H 46 -64.13 -5.60 -14.12
C GLN H 46 -62.91 -5.55 -15.04
N VAL H 47 -61.83 -6.19 -14.62
CA VAL H 47 -60.57 -6.09 -15.32
C VAL H 47 -60.62 -6.76 -16.69
N VAL H 48 -60.29 -6.00 -17.72
CA VAL H 48 -60.15 -6.54 -19.07
C VAL H 48 -58.75 -7.14 -19.20
N GLU H 49 -57.76 -6.34 -18.83
CA GLU H 49 -56.36 -6.72 -18.94
C GLU H 49 -55.51 -5.97 -17.92
N ALA H 50 -54.35 -6.55 -17.61
CA ALA H 50 -53.32 -5.88 -16.81
C ALA H 50 -51.95 -6.08 -17.46
N ARG H 51 -51.07 -5.09 -17.29
CA ARG H 51 -49.78 -5.08 -17.99
C ARG H 51 -48.60 -4.66 -17.10
N LEU H 52 -47.48 -5.36 -17.28
CA LEU H 52 -46.21 -4.98 -16.65
C LEU H 52 -45.34 -4.22 -17.67
N HIS H 53 -44.94 -3.01 -17.31
CA HIS H 53 -44.17 -2.13 -18.18
C HIS H 53 -42.74 -1.93 -17.71
N ILE H 54 -41.77 -2.14 -18.60
CA ILE H 54 -40.40 -1.68 -18.39
C ILE H 54 -40.23 -0.36 -19.12
N VAL H 55 -40.00 0.70 -18.36
CA VAL H 55 -40.17 2.07 -18.83
C VAL H 55 -38.87 2.81 -19.18
N GLU H 56 -37.72 2.24 -18.82
CA GLU H 56 -36.43 2.93 -19.01
C GLU H 56 -35.56 2.19 -20.03
N PHE H 57 -34.61 2.91 -20.64
CA PHE H 57 -33.80 2.37 -21.73
C PHE H 57 -32.37 2.85 -21.64
N ARG H 58 -31.40 1.93 -21.77
CA ARG H 58 -29.97 2.27 -21.72
C ARG H 58 -29.27 2.26 -23.08
N GLY H 59 -29.48 1.20 -23.85
CA GLY H 59 -28.86 1.08 -25.18
C GLY H 59 -27.48 0.45 -25.18
N PHE H 60 -27.16 -0.29 -24.10
CA PHE H 60 -25.83 -0.89 -23.92
C PHE H 60 -25.40 -1.73 -25.12
N GLU H 61 -26.29 -2.58 -25.61
CA GLU H 61 -26.01 -3.44 -26.76
C GLU H 61 -25.46 -2.66 -27.96
N ALA H 62 -25.92 -1.42 -28.10
CA ALA H 62 -25.50 -0.57 -29.21
C ALA H 62 -24.33 0.35 -28.84
N PHE H 63 -24.32 0.92 -27.64
CA PHE H 63 -23.22 1.85 -27.28
C PHE H 63 -21.91 1.16 -26.88
N ILE H 64 -21.96 -0.13 -26.55
CA ILE H 64 -20.75 -0.88 -26.18
C ILE H 64 -19.91 -1.27 -27.41
N VAL H 65 -20.52 -1.17 -28.58
CA VAL H 65 -19.83 -1.42 -29.86
C VAL H 65 -18.67 -0.44 -30.02
N GLY H 66 -17.51 -0.95 -30.39
CA GLY H 66 -16.30 -0.12 -30.50
C GLY H 66 -15.35 -0.19 -29.33
N ARG H 67 -15.78 -0.80 -28.22
CA ARG H 67 -14.92 -0.97 -27.05
C ARG H 67 -14.16 -2.30 -27.17
N PRO H 68 -12.96 -2.39 -26.57
CA PRO H 68 -12.20 -3.64 -26.59
C PRO H 68 -12.94 -4.72 -25.84
N TYR H 69 -12.87 -5.96 -26.33
CA TYR H 69 -13.65 -7.04 -25.75
C TYR H 69 -13.37 -7.30 -24.26
N TRP H 70 -12.13 -7.11 -23.81
CA TRP H 70 -11.77 -7.42 -22.42
C TRP H 70 -12.41 -6.46 -21.39
N GLU H 71 -12.93 -5.33 -21.86
CA GLU H 71 -13.69 -4.43 -21.00
C GLU H 71 -15.07 -4.97 -20.64
N ALA H 72 -15.63 -5.83 -21.48
CA ALA H 72 -17.05 -6.22 -21.37
C ALA H 72 -17.46 -6.78 -20.00
N PRO H 73 -16.74 -7.77 -19.48
CA PRO H 73 -17.22 -8.34 -18.22
C PRO H 73 -17.25 -7.35 -17.05
N VAL H 74 -16.39 -6.34 -17.09
CA VAL H 74 -16.29 -5.40 -16.00
C VAL H 74 -17.36 -4.32 -16.12
N VAL H 75 -17.66 -3.93 -17.34
CA VAL H 75 -18.55 -2.80 -17.58
C VAL H 75 -20.01 -3.24 -17.73
N VAL H 76 -20.24 -4.42 -18.31
CA VAL H 76 -21.59 -4.90 -18.54
C VAL H 76 -22.34 -5.13 -17.24
N GLN H 77 -21.61 -5.48 -16.18
CA GLN H 77 -22.22 -5.79 -14.89
C GLN H 77 -22.81 -4.57 -14.20
N ARG H 78 -22.45 -3.36 -14.65
CA ARG H 78 -23.11 -2.15 -14.16
C ARG H 78 -24.59 -1.98 -14.60
N LEU H 79 -25.14 -2.94 -15.33
CA LEU H 79 -26.57 -2.96 -15.61
C LEU H 79 -27.42 -3.44 -14.43
N CYS H 80 -26.81 -4.11 -13.46
CA CYS H 80 -27.53 -4.53 -12.27
C CYS H 80 -26.65 -4.74 -11.07
N GLY H 81 -27.22 -4.35 -9.94
CA GLY H 81 -26.58 -4.42 -8.65
C GLY H 81 -26.87 -5.65 -7.81
N ILE H 82 -27.88 -6.47 -8.16
CA ILE H 82 -28.02 -7.73 -7.47
C ILE H 82 -27.34 -8.80 -8.31
N CYS H 83 -27.37 -8.64 -9.62
CA CYS H 83 -26.93 -9.65 -10.56
C CYS H 83 -25.71 -9.15 -11.36
N PRO H 84 -24.70 -8.55 -10.71
CA PRO H 84 -23.49 -8.31 -11.52
C PRO H 84 -22.63 -9.55 -11.75
N VAL H 85 -22.53 -10.44 -10.77
CA VAL H 85 -21.79 -11.69 -10.93
C VAL H 85 -22.30 -12.48 -12.14
N SER H 86 -23.62 -12.54 -12.31
CA SER H 86 -24.21 -13.30 -13.42
C SER H 86 -23.77 -12.73 -14.75
N HIS H 87 -23.83 -11.41 -14.88
CA HIS H 87 -23.37 -10.73 -16.08
C HIS H 87 -21.86 -10.91 -16.27
N HIS H 88 -21.12 -10.70 -15.18
CA HIS H 88 -19.68 -10.84 -15.17
C HIS H 88 -19.26 -12.20 -15.72
N LEU H 89 -19.87 -13.26 -15.20
CA LEU H 89 -19.54 -14.63 -15.59
C LEU H 89 -20.07 -15.01 -16.97
N ALA H 90 -21.25 -14.50 -17.34
CA ALA H 90 -21.80 -14.75 -18.67
C ALA H 90 -20.89 -14.13 -19.75
N ALA H 91 -20.52 -12.86 -19.54
CA ALA H 91 -19.61 -12.16 -20.45
C ALA H 91 -18.26 -12.84 -20.50
N ALA H 92 -17.75 -13.26 -19.34
CA ALA H 92 -16.48 -13.98 -19.28
C ALA H 92 -16.56 -15.30 -20.06
N LYS H 93 -17.68 -16.00 -19.94
CA LYS H 93 -17.90 -17.27 -20.65
C LYS H 93 -17.97 -17.07 -22.17
N ALA H 94 -18.68 -16.03 -22.61
CA ALA H 94 -18.66 -15.66 -24.02
C ALA H 94 -17.24 -15.38 -24.47
N LEU H 95 -16.47 -14.68 -23.65
CA LEU H 95 -15.09 -14.32 -24.01
C LEU H 95 -14.11 -15.49 -23.91
N ASP H 96 -14.43 -16.49 -23.09
CA ASP H 96 -13.66 -17.75 -23.09
C ASP H 96 -13.71 -18.37 -24.49
N ARG H 97 -14.92 -18.44 -25.04
CA ARG H 97 -15.11 -19.01 -26.36
C ARG H 97 -14.47 -18.17 -27.44
N LEU H 98 -14.55 -16.85 -27.31
CA LEU H 98 -13.87 -15.94 -28.23
C LEU H 98 -12.37 -16.22 -28.35
N VAL H 99 -11.74 -16.53 -27.23
CA VAL H 99 -10.30 -16.82 -27.18
C VAL H 99 -9.97 -18.31 -27.26
N GLY H 100 -10.97 -19.14 -27.60
CA GLY H 100 -10.75 -20.55 -27.89
C GLY H 100 -10.69 -21.47 -26.70
N VAL H 101 -11.34 -21.08 -25.61
CA VAL H 101 -11.38 -21.90 -24.41
C VAL H 101 -12.83 -22.29 -24.16
N THR H 102 -13.07 -23.57 -23.92
CA THR H 102 -14.39 -24.05 -23.51
C THR H 102 -14.31 -24.56 -22.08
N GLN H 103 -13.61 -25.67 -21.88
CA GLN H 103 -13.36 -26.20 -20.54
C GLN H 103 -12.31 -25.33 -19.83
N LEU H 104 -12.67 -24.83 -18.65
CA LEU H 104 -11.73 -24.03 -17.84
C LEU H 104 -10.82 -24.93 -17.04
N PRO H 105 -9.61 -24.44 -16.72
CA PRO H 105 -8.78 -25.17 -15.77
C PRO H 105 -9.43 -25.13 -14.37
N PRO H 106 -9.10 -26.11 -13.49
CA PRO H 106 -9.80 -26.33 -12.22
C PRO H 106 -9.93 -25.13 -11.26
N THR H 107 -8.87 -24.35 -11.09
CA THR H 107 -8.94 -23.23 -10.16
C THR H 107 -9.92 -22.20 -10.70
N ALA H 108 -9.80 -21.88 -11.98
CA ALA H 108 -10.71 -20.94 -12.63
C ALA H 108 -12.16 -21.37 -12.52
N GLU H 109 -12.44 -22.64 -12.84
CA GLU H 109 -13.81 -23.14 -12.80
C GLU H 109 -14.39 -23.04 -11.40
N LYS H 110 -13.61 -23.47 -10.41
CA LYS H 110 -14.07 -23.52 -9.03
C LYS H 110 -14.21 -22.14 -8.37
N MET H 111 -13.32 -21.21 -8.71
CA MET H 111 -13.48 -19.82 -8.30
C MET H 111 -14.78 -19.24 -8.85
N ARG H 112 -15.04 -19.43 -10.14
CA ARG H 112 -16.26 -18.92 -10.77
C ARG H 112 -17.51 -19.57 -10.20
N ARG H 113 -17.44 -20.87 -9.91
CA ARG H 113 -18.59 -21.56 -9.33
C ARG H 113 -18.88 -21.01 -7.94
N LEU H 114 -17.84 -20.89 -7.13
CA LEU H 114 -17.97 -20.29 -5.80
C LEU H 114 -18.55 -18.88 -5.89
N MET H 115 -18.10 -18.13 -6.87
CA MET H 115 -18.60 -16.78 -7.08
C MET H 115 -20.09 -16.82 -7.40
N HIS H 116 -20.47 -17.72 -8.31
CA HIS H 116 -21.84 -17.81 -8.79
C HIS H 116 -22.80 -18.40 -7.74
N TYR H 117 -22.37 -19.44 -7.06
CA TYR H 117 -23.20 -20.02 -5.98
C TYR H 117 -23.46 -18.97 -4.89
N GLY H 118 -22.43 -18.18 -4.57
CA GLY H 118 -22.55 -17.12 -3.57
C GLY H 118 -23.51 -16.03 -3.99
N GLN H 119 -23.51 -15.74 -5.29
CA GLN H 119 -24.47 -14.80 -5.86
C GLN H 119 -25.92 -15.29 -5.76
N VAL H 120 -26.17 -16.54 -6.17
CA VAL H 120 -27.52 -17.05 -6.17
C VAL H 120 -28.02 -17.11 -4.74
N LEU H 121 -27.15 -17.53 -3.82
CA LEU H 121 -27.49 -17.57 -2.41
C LEU H 121 -27.92 -16.21 -1.93
N GLN H 122 -27.12 -15.19 -2.24
CA GLN H 122 -27.35 -13.86 -1.70
C GLN H 122 -28.50 -13.16 -2.36
N SER H 123 -28.73 -13.41 -3.65
CA SER H 123 -29.86 -12.79 -4.34
C SER H 123 -31.19 -13.38 -3.81
N HIS H 124 -31.20 -14.68 -3.60
CA HIS H 124 -32.36 -15.37 -3.05
C HIS H 124 -32.65 -14.94 -1.63
N ALA H 125 -31.61 -14.86 -0.80
CA ALA H 125 -31.77 -14.34 0.54
C ALA H 125 -32.27 -12.90 0.50
N LEU H 126 -31.75 -12.09 -0.41
CA LEU H 126 -32.17 -10.67 -0.51
C LEU H 126 -33.65 -10.60 -0.81
N HIS H 127 -34.07 -11.35 -1.81
CA HIS H 127 -35.46 -11.30 -2.23
C HIS H 127 -36.40 -11.80 -1.14
N PHE H 128 -36.17 -13.02 -0.65
CA PHE H 128 -37.10 -13.57 0.32
C PHE H 128 -37.18 -12.68 1.57
N PHE H 129 -36.06 -12.43 2.23
CA PHE H 129 -36.09 -11.77 3.53
C PHE H 129 -36.34 -10.26 3.48
N TYR H 130 -35.78 -9.56 2.51
CA TYR H 130 -35.93 -8.10 2.43
C TYR H 130 -37.14 -7.69 1.59
N LEU H 131 -37.51 -8.50 0.59
CA LEU H 131 -38.49 -8.07 -0.42
C LEU H 131 -39.83 -8.81 -0.35
N ALA H 132 -39.80 -10.14 -0.32
CA ALA H 132 -41.02 -10.95 -0.41
C ALA H 132 -41.66 -11.28 0.92
N ALA H 133 -40.87 -11.61 1.93
CA ALA H 133 -41.41 -12.14 3.20
C ALA H 133 -42.14 -11.12 4.05
N PRO H 134 -41.94 -9.82 3.80
CA PRO H 134 -42.83 -8.90 4.51
C PRO H 134 -44.31 -9.13 4.17
N ASP H 135 -44.62 -9.45 2.90
CA ASP H 135 -45.98 -9.84 2.54
C ASP H 135 -46.34 -11.18 3.19
N LEU H 136 -45.52 -12.19 2.91
CA LEU H 136 -45.82 -13.56 3.29
C LEU H 136 -45.87 -13.83 4.80
N LEU H 137 -45.24 -12.99 5.61
CA LEU H 137 -45.17 -13.23 7.06
C LEU H 137 -45.85 -12.16 7.92
N LEU H 138 -46.18 -10.99 7.35
CA LEU H 138 -46.95 -9.98 8.08
C LEU H 138 -48.37 -9.78 7.54
N GLY H 139 -48.69 -10.45 6.43
CA GLY H 139 -50.01 -10.37 5.83
C GLY H 139 -50.03 -9.43 4.63
N PHE H 140 -50.69 -9.88 3.56
CA PHE H 140 -50.78 -9.14 2.30
C PHE H 140 -51.48 -7.78 2.46
N SER H 141 -52.30 -7.64 3.49
CA SER H 141 -53.06 -6.42 3.72
C SER H 141 -52.58 -5.67 4.96
N ALA H 142 -51.34 -5.92 5.38
CA ALA H 142 -50.78 -5.26 6.56
C ALA H 142 -50.45 -3.81 6.24
N ASP H 143 -50.34 -2.99 7.28
CA ASP H 143 -50.11 -1.56 7.10
C ASP H 143 -48.80 -1.32 6.34
N PRO H 144 -48.82 -0.41 5.34
CA PRO H 144 -47.61 -0.05 4.57
C PRO H 144 -46.37 0.32 5.40
N ALA H 145 -46.57 0.97 6.54
CA ALA H 145 -45.46 1.38 7.42
C ALA H 145 -44.68 0.20 8.01
N GLN H 146 -45.33 -0.95 8.13
CA GLN H 146 -44.72 -2.16 8.68
C GLN H 146 -44.46 -3.28 7.65
N ARG H 147 -45.00 -3.13 6.45
CA ARG H 147 -44.93 -4.17 5.44
C ARG H 147 -43.63 -4.04 4.60
N ASN H 148 -42.52 -4.33 5.27
CA ASN H 148 -41.18 -4.16 4.73
C ASN H 148 -40.17 -4.83 5.66
N VAL H 149 -38.90 -4.83 5.28
CA VAL H 149 -37.88 -5.52 6.08
C VAL H 149 -37.76 -4.99 7.51
N PHE H 150 -38.11 -3.72 7.71
CA PHE H 150 -37.95 -3.06 9.02
C PHE H 150 -39.04 -3.46 10.01
N GLY H 151 -40.26 -3.66 9.50
CA GLY H 151 -41.35 -4.21 10.31
C GLY H 151 -41.16 -5.70 10.59
N LEU H 152 -40.53 -6.40 9.66
CA LEU H 152 -40.21 -7.80 9.85
C LEU H 152 -39.17 -7.95 10.94
N ALA H 153 -38.20 -7.03 10.94
CA ALA H 153 -37.13 -7.02 11.93
C ALA H 153 -37.63 -6.63 13.31
N ALA H 154 -38.69 -5.82 13.35
CA ALA H 154 -39.33 -5.43 14.62
C ALA H 154 -40.10 -6.59 15.27
N GLN H 155 -40.70 -7.46 14.45
CA GLN H 155 -41.55 -8.52 14.96
C GLN H 155 -40.90 -9.91 14.92
N LYS H 156 -40.32 -10.28 13.79
CA LYS H 156 -39.63 -11.56 13.65
C LYS H 156 -38.11 -11.36 13.51
N ARG H 157 -37.51 -10.67 14.49
CA ARG H 157 -36.11 -10.23 14.45
C ARG H 157 -35.10 -11.33 14.17
N GLU H 158 -35.20 -12.45 14.88
CA GLU H 158 -34.25 -13.53 14.68
C GLU H 158 -34.30 -14.07 13.26
N LEU H 159 -35.48 -14.10 12.67
CA LEU H 159 -35.61 -14.57 11.29
C LEU H 159 -34.93 -13.60 10.33
N ALA H 160 -35.21 -12.31 10.50
CA ALA H 160 -34.58 -11.27 9.69
C ALA H 160 -33.06 -11.33 9.85
N ARG H 161 -32.60 -11.47 11.09
CA ARG H 161 -31.18 -11.52 11.38
C ARG H 161 -30.49 -12.67 10.64
N GLN H 162 -31.12 -13.84 10.63
CA GLN H 162 -30.53 -14.99 9.95
C GLN H 162 -30.46 -14.76 8.44
N GLY H 163 -31.54 -14.24 7.88
CA GLY H 163 -31.61 -13.94 6.46
C GLY H 163 -30.60 -12.90 6.02
N ILE H 164 -30.40 -11.88 6.86
CA ILE H 164 -29.37 -10.88 6.61
C ILE H 164 -27.99 -11.55 6.53
N LEU H 165 -27.72 -12.46 7.46
CA LEU H 165 -26.44 -13.15 7.50
C LEU H 165 -26.26 -14.18 6.38
N VAL H 166 -27.35 -14.74 5.85
CA VAL H 166 -27.26 -15.67 4.73
C VAL H 166 -26.86 -14.87 3.49
N ARG H 167 -27.44 -13.67 3.35
CA ARG H 167 -27.08 -12.77 2.26
C ARG H 167 -25.62 -12.32 2.38
N GLN H 168 -25.24 -11.89 3.58
CA GLN H 168 -23.87 -11.44 3.85
C GLN H 168 -22.86 -12.51 3.45
N PHE H 169 -23.13 -13.76 3.83
CA PHE H 169 -22.21 -14.84 3.54
C PHE H 169 -22.03 -15.04 2.04
N GLY H 170 -23.14 -14.99 1.30
CA GLY H 170 -23.11 -15.09 -0.15
C GLY H 170 -22.29 -13.98 -0.74
N GLN H 171 -22.46 -12.76 -0.23
CA GLN H 171 -21.72 -11.58 -0.71
C GLN H 171 -20.23 -11.70 -0.37
N GLU H 172 -19.92 -12.30 0.76
CA GLU H 172 -18.52 -12.47 1.16
C GLU H 172 -17.80 -13.57 0.37
N CYS H 173 -18.56 -14.53 -0.15
CA CYS H 173 -18.03 -15.49 -1.13
C CYS H 173 -17.67 -14.76 -2.43
N ILE H 174 -18.48 -13.79 -2.81
CA ILE H 174 -18.25 -13.01 -4.02
C ILE H 174 -17.03 -12.07 -3.86
N GLU H 175 -16.98 -11.36 -2.75
CA GLU H 175 -15.83 -10.48 -2.45
C GLU H 175 -14.50 -11.23 -2.52
N ALA H 176 -14.45 -12.40 -1.90
CA ALA H 176 -13.26 -13.24 -1.91
C ALA H 176 -12.85 -13.67 -3.32
N THR H 177 -13.82 -13.92 -4.20
CA THR H 177 -13.54 -14.44 -5.53
C THR H 177 -13.43 -13.36 -6.61
N ALA H 178 -14.25 -12.32 -6.49
CA ALA H 178 -14.32 -11.25 -7.49
C ALA H 178 -13.50 -10.00 -7.16
N GLY H 179 -13.16 -9.81 -5.89
CA GLY H 179 -12.41 -8.64 -5.46
C GLY H 179 -13.22 -7.69 -4.60
N LYS H 180 -14.50 -7.51 -4.92
CA LYS H 180 -15.44 -6.83 -4.02
C LYS H 180 -16.86 -7.36 -4.18
N ARG H 181 -17.75 -6.98 -3.27
CA ARG H 181 -19.09 -7.56 -3.22
C ARG H 181 -19.87 -7.26 -4.48
N ILE H 182 -19.73 -6.02 -4.97
CA ILE H 182 -20.51 -5.55 -6.12
C ILE H 182 -19.59 -4.94 -7.16
N HIS H 183 -19.60 -5.54 -8.35
CA HIS H 183 -18.77 -5.12 -9.50
C HIS H 183 -17.26 -5.41 -9.34
N GLY H 184 -16.93 -6.68 -9.24
CA GLY H 184 -15.55 -7.14 -9.19
C GLY H 184 -14.99 -7.32 -10.60
N THR H 185 -13.83 -7.97 -10.70
CA THR H 185 -13.06 -7.97 -11.94
C THR H 185 -12.32 -9.27 -12.25
N SER H 186 -12.46 -10.30 -11.43
CA SER H 186 -11.54 -11.44 -11.48
C SER H 186 -11.77 -12.42 -12.63
N ALA H 187 -13.00 -12.55 -13.08
CA ALA H 187 -13.31 -13.42 -14.22
C ALA H 187 -12.81 -12.79 -15.51
N VAL H 188 -11.82 -13.45 -16.11
CA VAL H 188 -11.17 -12.94 -17.32
C VAL H 188 -11.23 -14.00 -18.42
N PRO H 189 -11.09 -13.59 -19.69
CA PRO H 189 -11.18 -14.55 -20.80
C PRO H 189 -10.14 -15.65 -20.69
N GLY H 190 -10.61 -16.90 -20.59
CA GLY H 190 -9.76 -18.05 -20.38
C GLY H 190 -9.59 -18.48 -18.93
N GLY H 191 -10.16 -17.74 -17.96
CA GLY H 191 -10.14 -18.17 -16.56
C GLY H 191 -10.46 -17.14 -15.48
N ILE H 192 -9.55 -17.02 -14.51
CA ILE H 192 -9.71 -16.17 -13.32
C ILE H 192 -8.36 -15.52 -13.02
N HIS H 193 -8.34 -14.29 -12.49
CA HIS H 193 -7.05 -13.61 -12.22
C HIS H 193 -6.50 -13.79 -10.81
N LYS H 194 -7.17 -14.58 -9.98
CA LYS H 194 -6.68 -14.83 -8.63
C LYS H 194 -7.22 -16.15 -8.10
N ASN H 195 -6.73 -16.53 -6.93
CA ASN H 195 -7.26 -17.68 -6.22
C ASN H 195 -7.59 -17.26 -4.77
N LEU H 196 -7.88 -18.23 -3.91
CA LEU H 196 -8.13 -17.95 -2.50
C LEU H 196 -6.90 -18.21 -1.65
N SER H 197 -6.73 -17.42 -0.61
CA SER H 197 -5.78 -17.75 0.45
C SER H 197 -6.38 -18.84 1.35
N ARG H 198 -5.51 -19.48 2.12
CA ARG H 198 -5.92 -20.49 3.08
C ARG H 198 -6.86 -19.89 4.11
N ARG H 199 -6.51 -18.72 4.64
CA ARG H 199 -7.34 -18.11 5.70
C ARG H 199 -8.70 -17.65 5.18
N GLU H 200 -8.78 -17.17 3.94
CA GLU H 200 -10.07 -16.83 3.35
C GLU H 200 -10.95 -18.08 3.25
N ARG H 201 -10.39 -19.14 2.71
CA ARG H 201 -11.15 -20.36 2.48
C ARG H 201 -11.62 -20.96 3.80
N MET H 202 -10.73 -20.98 4.79
CA MET H 202 -11.07 -21.49 6.10
C MET H 202 -12.11 -20.63 6.79
N ALA H 203 -12.02 -19.31 6.61
CA ALA H 203 -12.98 -18.40 7.23
C ALA H 203 -14.40 -18.64 6.70
N LEU H 204 -14.50 -18.79 5.39
CA LEU H 204 -15.78 -19.04 4.75
C LEU H 204 -16.28 -20.42 5.09
N LEU H 205 -15.40 -21.41 5.05
CA LEU H 205 -15.78 -22.79 5.36
C LEU H 205 -16.29 -22.91 6.79
N SER H 206 -15.72 -22.14 7.70
CA SER H 206 -16.11 -22.23 9.11
C SER H 206 -17.56 -21.81 9.28
N ARG H 207 -18.00 -20.86 8.44
CA ARG H 207 -19.35 -20.33 8.53
C ARG H 207 -20.39 -21.12 7.74
N ALA H 208 -19.96 -21.91 6.76
CA ALA H 208 -20.89 -22.49 5.77
C ALA H 208 -21.97 -23.42 6.37
N PRO H 209 -21.60 -24.31 7.32
CA PRO H 209 -22.61 -25.20 7.89
C PRO H 209 -23.76 -24.48 8.60
N GLU H 210 -23.46 -23.42 9.35
CA GLU H 210 -24.50 -22.69 10.04
C GLU H 210 -25.44 -21.99 9.05
N ILE H 211 -24.87 -21.42 7.98
CA ILE H 211 -25.67 -20.77 6.94
C ILE H 211 -26.58 -21.78 6.23
N ARG H 212 -26.06 -22.98 5.98
CA ARG H 212 -26.85 -24.03 5.36
C ARG H 212 -28.00 -24.47 6.26
N SER H 213 -27.76 -24.54 7.56
CA SER H 213 -28.82 -24.95 8.48
C SER H 213 -29.93 -23.91 8.51
N TRP H 214 -29.57 -22.63 8.45
CA TRP H 214 -30.57 -21.56 8.38
C TRP H 214 -31.39 -21.59 7.09
N CYS H 215 -30.81 -22.13 6.03
CA CYS H 215 -31.53 -22.33 4.78
C CYS H 215 -32.48 -23.52 4.93
N GLU H 216 -32.04 -24.59 5.58
CA GLU H 216 -32.94 -25.69 5.93
C GLU H 216 -34.19 -25.16 6.62
N ALA H 217 -33.99 -24.34 7.65
CA ALA H 217 -35.08 -23.74 8.42
C ALA H 217 -36.01 -22.90 7.57
N ALA H 218 -35.44 -22.18 6.61
CA ALA H 218 -36.24 -21.34 5.72
C ALA H 218 -37.08 -22.16 4.76
N VAL H 219 -36.56 -23.30 4.33
CA VAL H 219 -37.33 -24.23 3.52
C VAL H 219 -38.44 -24.87 4.35
N ALA H 220 -38.14 -25.20 5.60
CA ALA H 220 -39.16 -25.71 6.52
C ALA H 220 -40.25 -24.66 6.76
N LEU H 221 -39.86 -23.40 6.88
CA LEU H 221 -40.80 -22.31 7.12
C LEU H 221 -41.77 -22.14 5.95
N ILE H 222 -41.26 -22.22 4.73
CA ILE H 222 -42.09 -22.00 3.54
C ILE H 222 -43.03 -23.18 3.27
N GLU H 223 -42.66 -24.38 3.72
CA GLU H 223 -43.59 -25.51 3.63
C GLU H 223 -44.78 -25.25 4.53
N ARG H 224 -44.51 -24.99 5.80
CA ARG H 224 -45.58 -24.67 6.76
C ARG H 224 -46.51 -23.58 6.26
N LEU H 225 -45.95 -22.57 5.57
CA LEU H 225 -46.73 -21.45 5.06
C LEU H 225 -47.64 -21.85 3.89
N PHE H 226 -47.26 -22.87 3.12
CA PHE H 226 -48.11 -23.36 2.05
C PHE H 226 -49.17 -24.32 2.57
N THR H 227 -48.78 -25.24 3.44
CA THR H 227 -49.75 -26.12 4.11
C THR H 227 -50.92 -25.31 4.67
N GLU H 228 -50.61 -24.23 5.38
CA GLU H 228 -51.64 -23.37 5.95
C GLU H 228 -52.47 -22.60 4.89
N HIS H 229 -51.83 -22.04 3.88
CA HIS H 229 -52.48 -21.12 2.94
C HIS H 229 -52.54 -21.54 1.47
N ALA H 230 -52.27 -22.82 1.17
CA ALA H 230 -52.25 -23.32 -0.23
C ALA H 230 -53.48 -22.96 -1.07
N PRO H 231 -54.70 -23.11 -0.51
CA PRO H 231 -55.90 -22.71 -1.27
C PRO H 231 -55.98 -21.20 -1.56
N PHE H 232 -55.68 -20.37 -0.55
CA PHE H 232 -55.63 -18.91 -0.74
C PHE H 232 -54.61 -18.51 -1.80
N PHE H 233 -53.43 -19.14 -1.75
CA PHE H 233 -52.36 -18.87 -2.71
C PHE H 233 -52.70 -19.33 -4.14
N ALA H 234 -53.53 -20.36 -4.27
CA ALA H 234 -53.95 -20.86 -5.57
C ALA H 234 -54.75 -19.83 -6.38
N GLN H 235 -55.27 -18.80 -5.71
CA GLN H 235 -55.98 -17.72 -6.39
C GLN H 235 -55.11 -16.92 -7.36
N PHE H 236 -53.80 -16.88 -7.10
CA PHE H 236 -52.86 -16.10 -7.91
C PHE H 236 -52.52 -16.72 -9.28
N GLY H 237 -52.92 -17.97 -9.48
CA GLY H 237 -52.91 -18.58 -10.80
C GLY H 237 -51.94 -19.73 -10.91
N SER H 238 -52.17 -20.55 -11.93
CA SER H 238 -51.24 -21.59 -12.35
C SER H 238 -50.66 -21.18 -13.71
N PHE H 239 -49.80 -22.03 -14.28
CA PHE H 239 -49.29 -21.81 -15.61
C PHE H 239 -49.46 -23.10 -16.39
N GLN H 240 -49.85 -22.96 -17.65
CA GLN H 240 -49.86 -24.08 -18.58
C GLN H 240 -48.88 -23.74 -19.70
N THR H 241 -47.68 -23.34 -19.30
CA THR H 241 -46.66 -22.89 -20.23
C THR H 241 -45.42 -23.78 -20.13
N LYS H 242 -44.62 -23.75 -21.18
CA LYS H 242 -43.36 -24.50 -21.22
C LYS H 242 -42.39 -23.95 -20.19
N THR H 243 -41.48 -24.81 -19.73
CA THR H 243 -40.43 -24.41 -18.79
C THR H 243 -39.06 -24.50 -19.46
N PHE H 244 -38.34 -23.37 -19.43
CA PHE H 244 -37.06 -23.20 -20.12
C PHE H 244 -35.94 -23.06 -19.07
N SER H 245 -34.88 -23.86 -19.21
CA SER H 245 -33.72 -23.76 -18.32
C SER H 245 -32.48 -24.44 -18.92
N LEU H 246 -31.34 -24.28 -18.23
CA LEU H 246 -30.15 -25.06 -18.54
C LEU H 246 -30.16 -26.34 -17.72
N VAL H 247 -29.57 -27.39 -18.27
CA VAL H 247 -29.33 -28.62 -17.54
C VAL H 247 -27.95 -29.09 -17.91
N ALA H 248 -27.26 -29.71 -16.96
CA ALA H 248 -26.00 -30.37 -17.24
C ALA H 248 -26.23 -31.47 -18.26
N ALA H 249 -25.16 -32.16 -18.66
CA ALA H 249 -25.31 -33.29 -19.57
C ALA H 249 -26.12 -34.45 -18.97
N ASP H 250 -26.17 -34.54 -17.64
CA ASP H 250 -26.52 -35.79 -16.96
C ASP H 250 -27.94 -36.08 -16.42
N GLY H 251 -28.98 -35.26 -16.63
CA GLY H 251 -28.93 -33.84 -16.87
C GLY H 251 -29.57 -33.24 -15.64
N SER H 252 -28.76 -33.13 -14.58
CA SER H 252 -29.16 -32.49 -13.32
C SER H 252 -29.02 -30.98 -13.45
N LEU H 253 -29.49 -30.25 -12.45
CA LEU H 253 -29.37 -28.80 -12.44
C LEU H 253 -27.91 -28.40 -12.20
N ASP H 254 -27.42 -27.49 -13.03
CA ASP H 254 -26.11 -26.90 -12.81
C ASP H 254 -26.23 -25.41 -13.14
N LEU H 255 -26.19 -24.59 -12.10
CA LEU H 255 -26.48 -23.17 -12.22
C LEU H 255 -25.43 -22.42 -13.02
N TYR H 256 -24.20 -22.91 -13.00
CA TYR H 256 -23.10 -22.24 -13.68
C TYR H 256 -23.02 -22.55 -15.19
N ASP H 257 -23.32 -23.78 -15.60
CA ASP H 257 -23.11 -24.18 -17.00
C ASP H 257 -23.99 -25.33 -17.45
N GLY H 258 -24.41 -25.29 -18.72
CA GLY H 258 -25.13 -26.38 -19.34
C GLY H 258 -25.63 -26.07 -20.74
N THR H 259 -26.59 -26.87 -21.19
CA THR H 259 -27.21 -26.72 -22.50
C THR H 259 -28.71 -26.58 -22.28
N PHE H 260 -29.42 -26.03 -23.27
CA PHE H 260 -30.85 -25.72 -23.12
C PHE H 260 -31.75 -26.96 -23.01
N ARG H 261 -32.73 -26.88 -22.12
CA ARG H 261 -33.81 -27.86 -22.03
C ARG H 261 -35.15 -27.17 -21.91
N VAL H 262 -36.11 -27.62 -22.71
CA VAL H 262 -37.49 -27.13 -22.62
C VAL H 262 -38.44 -28.30 -22.44
N LYS H 263 -39.40 -28.14 -21.54
CA LYS H 263 -40.48 -29.12 -21.34
C LYS H 263 -41.82 -28.43 -21.53
N GLU H 264 -42.85 -29.20 -21.88
CA GLU H 264 -44.22 -28.66 -21.94
C GLU H 264 -44.80 -28.55 -20.52
N ALA H 265 -45.99 -27.97 -20.40
CA ALA H 265 -46.65 -27.79 -19.10
C ALA H 265 -46.94 -29.11 -18.40
N ASN H 266 -47.14 -30.17 -19.19
CA ASN H 266 -47.31 -31.51 -18.63
C ASN H 266 -45.97 -32.17 -18.28
N GLY H 267 -44.85 -31.45 -18.41
CA GLY H 267 -43.55 -31.97 -18.02
C GLY H 267 -42.97 -33.00 -18.98
N ALA H 268 -43.19 -32.77 -20.26
CA ALA H 268 -42.75 -33.67 -21.33
C ALA H 268 -41.68 -32.95 -22.11
N ILE H 269 -40.52 -33.57 -22.30
CA ILE H 269 -39.36 -32.89 -22.91
C ILE H 269 -39.53 -32.67 -24.42
N LEU H 270 -39.72 -31.41 -24.81
CA LEU H 270 -39.68 -31.00 -26.22
C LEU H 270 -38.25 -30.96 -26.77
N ILE H 271 -37.41 -30.17 -26.11
CA ILE H 271 -36.06 -29.88 -26.58
C ILE H 271 -35.04 -30.21 -25.49
N ASP H 272 -33.90 -30.75 -25.91
CA ASP H 272 -32.83 -31.25 -25.04
C ASP H 272 -31.75 -31.67 -26.07
N HIS H 273 -30.45 -31.74 -25.80
CA HIS H 273 -29.66 -30.82 -25.01
C HIS H 273 -29.17 -29.78 -26.03
N TYR H 274 -29.85 -28.64 -26.14
CA TYR H 274 -29.63 -27.71 -27.25
C TYR H 274 -28.44 -26.78 -27.02
N ASP H 275 -27.51 -26.75 -27.97
CA ASP H 275 -26.31 -25.92 -27.90
C ASP H 275 -26.68 -24.44 -27.84
N PRO H 276 -26.31 -23.74 -26.73
CA PRO H 276 -26.68 -22.33 -26.62
C PRO H 276 -25.90 -21.41 -27.54
N ASN H 277 -24.81 -21.90 -28.11
CA ASN H 277 -24.11 -21.17 -29.15
C ASN H 277 -25.01 -20.92 -30.37
N ASP H 278 -26.08 -21.69 -30.49
CA ASP H 278 -27.09 -21.52 -31.53
C ASP H 278 -28.42 -21.01 -30.98
N TYR H 279 -28.38 -20.22 -29.90
CA TYR H 279 -29.60 -19.66 -29.31
C TYR H 279 -30.38 -18.86 -30.35
N ASP H 280 -29.67 -18.29 -31.32
CA ASP H 280 -30.27 -17.48 -32.39
C ASP H 280 -31.20 -18.30 -33.31
N GLN H 281 -30.88 -19.58 -33.51
CA GLN H 281 -31.75 -20.50 -34.24
C GLN H 281 -33.01 -20.76 -33.44
N LEU H 282 -32.82 -21.05 -32.16
CA LEU H 282 -33.88 -21.50 -31.27
C LEU H 282 -34.85 -20.40 -30.79
N LEU H 283 -34.38 -19.16 -30.66
CA LEU H 283 -35.19 -18.08 -30.08
C LEU H 283 -35.28 -16.86 -30.97
N VAL H 284 -36.32 -16.07 -30.74
CA VAL H 284 -36.58 -14.82 -31.46
C VAL H 284 -37.24 -13.85 -30.49
N GLU H 285 -36.91 -12.56 -30.59
CA GLU H 285 -37.42 -11.54 -29.68
C GLU H 285 -38.50 -10.67 -30.33
N ALA H 286 -39.69 -10.64 -29.73
CA ALA H 286 -40.77 -9.78 -30.18
C ALA H 286 -40.81 -8.51 -29.35
N VAL H 287 -41.42 -7.46 -29.90
CA VAL H 287 -41.50 -6.16 -29.24
C VAL H 287 -42.94 -5.68 -29.23
N ARG H 288 -43.37 -5.12 -28.11
CA ARG H 288 -44.65 -4.43 -28.01
C ARG H 288 -44.40 -2.93 -27.84
N PRO H 289 -45.37 -2.09 -28.26
CA PRO H 289 -45.20 -0.63 -28.12
C PRO H 289 -45.14 -0.09 -26.68
N TRP H 290 -45.64 -0.86 -25.71
CA TRP H 290 -45.89 -0.36 -24.34
C TRP H 290 -44.82 -0.77 -23.32
N SER H 291 -43.77 -1.46 -23.77
CA SER H 291 -42.67 -1.88 -22.90
C SER H 291 -41.35 -1.88 -23.67
N TYR H 292 -40.27 -1.47 -22.99
CA TYR H 292 -38.92 -1.63 -23.56
C TYR H 292 -38.40 -3.05 -23.41
N MET H 293 -39.07 -3.86 -22.60
CA MET H 293 -38.68 -5.26 -22.43
C MET H 293 -39.30 -6.09 -23.54
N LYS H 294 -38.49 -6.92 -24.16
CA LYS H 294 -38.92 -7.73 -25.29
C LYS H 294 -39.60 -9.02 -24.84
N PHE H 295 -40.13 -9.77 -25.81
CA PHE H 295 -40.86 -11.01 -25.55
C PHE H 295 -40.23 -12.11 -26.40
N PRO H 296 -39.35 -12.92 -25.80
CA PRO H 296 -38.75 -13.99 -26.57
C PRO H 296 -39.66 -15.21 -26.65
N TYR H 297 -39.60 -15.93 -27.76
CA TYR H 297 -40.37 -17.15 -27.92
C TYR H 297 -39.58 -18.10 -28.79
N LEU H 298 -39.93 -19.37 -28.74
CA LEU H 298 -39.28 -20.39 -29.55
C LEU H 298 -39.70 -20.21 -31.01
N LYS H 299 -38.72 -19.94 -31.87
CA LYS H 299 -38.95 -19.62 -33.28
C LYS H 299 -39.87 -20.63 -33.96
N ALA H 300 -39.55 -21.90 -33.81
CA ALA H 300 -40.28 -22.98 -34.48
C ALA H 300 -41.77 -23.08 -34.10
N TYR H 301 -42.15 -22.55 -32.93
CA TYR H 301 -43.54 -22.61 -32.46
C TYR H 301 -44.30 -21.28 -32.57
N GLY H 302 -43.61 -20.19 -32.85
CA GLY H 302 -44.25 -18.87 -32.95
C GLY H 302 -44.89 -18.42 -31.64
N GLU H 303 -45.41 -17.19 -31.61
CA GLU H 303 -46.08 -16.67 -30.43
C GLU H 303 -47.60 -16.83 -30.59
N PRO H 304 -48.33 -17.15 -29.52
CA PRO H 304 -47.82 -17.35 -28.17
C PRO H 304 -47.56 -18.80 -27.79
N ASP H 305 -47.70 -19.74 -28.73
CA ASP H 305 -47.45 -21.16 -28.45
C ASP H 305 -46.02 -21.40 -28.00
N GLY H 306 -45.09 -20.63 -28.55
CA GLY H 306 -43.67 -20.77 -28.25
C GLY H 306 -43.13 -19.91 -27.11
N PHE H 307 -44.02 -19.28 -26.34
CA PHE H 307 -43.58 -18.61 -25.12
C PHE H 307 -43.17 -19.65 -24.10
N TYR H 308 -42.44 -19.20 -23.08
CA TYR H 308 -41.93 -20.11 -22.06
C TYR H 308 -41.71 -19.37 -20.74
N ARG H 309 -41.17 -20.09 -19.77
CA ARG H 309 -41.03 -19.60 -18.42
C ARG H 309 -39.68 -20.03 -17.88
N VAL H 310 -39.03 -19.13 -17.13
CA VAL H 310 -37.71 -19.39 -16.53
C VAL H 310 -37.74 -19.06 -15.05
N GLY H 311 -36.66 -19.40 -14.33
CA GLY H 311 -36.55 -19.07 -12.92
C GLY H 311 -36.56 -20.30 -12.02
N PRO H 312 -36.52 -20.09 -10.69
CA PRO H 312 -36.45 -21.17 -9.72
C PRO H 312 -37.32 -22.39 -10.01
N SER H 313 -38.63 -22.18 -10.17
CA SER H 313 -39.56 -23.33 -10.33
C SER H 313 -39.38 -24.05 -11.67
N ALA H 314 -39.10 -23.29 -12.73
CA ALA H 314 -38.79 -23.89 -14.03
C ALA H 314 -37.62 -24.86 -13.94
N ARG H 315 -36.57 -24.48 -13.20
CA ARG H 315 -35.36 -25.31 -13.04
C ARG H 315 -35.66 -26.57 -12.27
N LEU H 316 -36.42 -26.45 -11.19
CA LEU H 316 -36.76 -27.60 -10.37
C LEU H 316 -37.59 -28.63 -11.14
N ILE H 317 -38.50 -28.12 -11.96
CA ILE H 317 -39.28 -28.96 -12.86
C ILE H 317 -38.45 -29.57 -13.99
N ASN H 318 -37.55 -28.77 -14.58
CA ASN H 318 -36.75 -29.20 -15.74
C ASN H 318 -35.67 -30.25 -15.45
N CYS H 319 -35.06 -30.18 -14.27
CA CYS H 319 -33.92 -31.06 -14.01
C CYS H 319 -34.38 -32.45 -13.60
N ASP H 320 -33.53 -33.43 -13.83
CA ASP H 320 -33.77 -34.79 -13.35
C ASP H 320 -33.46 -34.86 -11.87
N ARG H 321 -32.55 -34.01 -11.41
CA ARG H 321 -32.03 -34.09 -10.05
C ARG H 321 -31.36 -32.77 -9.63
N LEU H 322 -31.30 -32.53 -8.32
CA LEU H 322 -30.37 -31.56 -7.75
C LEU H 322 -29.23 -32.35 -7.13
N THR H 323 -27.99 -31.91 -7.36
CA THR H 323 -26.81 -32.67 -6.96
C THR H 323 -26.52 -32.64 -5.45
N THR H 324 -27.28 -31.90 -4.65
CA THR H 324 -27.13 -31.97 -3.18
C THR H 324 -28.36 -32.59 -2.54
N ALA H 325 -28.12 -33.33 -1.46
CA ALA H 325 -29.10 -34.26 -0.90
C ALA H 325 -30.32 -33.61 -0.27
N ARG H 326 -30.10 -32.64 0.62
CA ARG H 326 -31.20 -31.98 1.31
C ARG H 326 -32.06 -31.13 0.37
N ALA H 327 -31.43 -30.53 -0.64
CA ALA H 327 -32.15 -29.75 -1.62
C ALA H 327 -32.95 -30.68 -2.52
N GLU H 328 -32.41 -31.87 -2.79
CA GLU H 328 -33.12 -32.86 -3.58
C GLU H 328 -34.38 -33.39 -2.87
N ALA H 329 -34.23 -33.78 -1.61
CA ALA H 329 -35.36 -34.21 -0.79
C ALA H 329 -36.42 -33.11 -0.65
N ALA H 330 -35.99 -31.86 -0.57
CA ALA H 330 -36.91 -30.73 -0.47
C ALA H 330 -37.67 -30.52 -1.78
N ARG H 331 -36.96 -30.69 -2.89
CA ARG H 331 -37.53 -30.53 -4.21
C ARG H 331 -38.62 -31.56 -4.50
N GLN H 332 -38.41 -32.78 -4.01
CA GLN H 332 -39.36 -33.86 -4.21
C GLN H 332 -40.67 -33.50 -3.54
N ARG H 333 -40.59 -33.09 -2.28
CA ARG H 333 -41.77 -32.66 -1.52
C ARG H 333 -42.51 -31.51 -2.22
N PHE H 334 -41.75 -30.59 -2.81
CA PHE H 334 -42.30 -29.42 -3.53
C PHE H 334 -43.04 -29.82 -4.81
N LEU H 335 -42.53 -30.83 -5.51
CA LEU H 335 -43.16 -31.30 -6.75
C LEU H 335 -44.41 -32.14 -6.49
N THR H 336 -44.39 -32.93 -5.43
CA THR H 336 -45.53 -33.76 -5.01
C THR H 336 -46.72 -32.92 -4.53
N PHE H 337 -46.43 -31.97 -3.66
CA PHE H 337 -47.43 -31.20 -2.91
C PHE H 337 -48.68 -30.77 -3.68
N ASP H 338 -49.81 -31.35 -3.29
CA ASP H 338 -51.13 -30.70 -3.39
C ASP H 338 -51.54 -30.11 -4.76
N GLN H 339 -51.46 -30.86 -5.86
CA GLN H 339 -50.83 -32.16 -5.98
C GLN H 339 -50.03 -32.12 -7.28
N GLY H 340 -48.99 -31.29 -7.28
CA GLY H 340 -48.32 -30.87 -8.51
C GLY H 340 -48.78 -29.49 -8.96
N THR H 341 -49.73 -28.92 -8.22
CA THR H 341 -50.34 -27.63 -8.56
C THR H 341 -49.37 -26.49 -8.26
N VAL H 342 -48.82 -26.52 -7.06
CA VAL H 342 -47.96 -25.45 -6.55
C VAL H 342 -46.72 -25.22 -7.41
N ALA H 343 -46.17 -26.30 -7.97
CA ALA H 343 -44.99 -26.22 -8.82
C ALA H 343 -45.18 -25.31 -10.01
N HIS H 344 -46.41 -25.27 -10.53
CA HIS H 344 -46.75 -24.44 -11.68
C HIS H 344 -47.50 -23.18 -11.29
N SER H 345 -47.44 -22.79 -10.02
CA SER H 345 -48.20 -21.65 -9.52
C SER H 345 -47.31 -20.42 -9.36
N THR H 346 -47.94 -19.25 -9.44
CA THR H 346 -47.22 -17.98 -9.35
C THR H 346 -46.42 -17.88 -8.06
N LEU H 347 -47.10 -18.11 -6.94
CA LEU H 347 -46.49 -18.00 -5.62
C LEU H 347 -45.60 -19.20 -5.26
N GLY H 348 -45.71 -20.28 -6.04
CA GLY H 348 -44.82 -21.42 -5.88
C GLY H 348 -43.35 -21.14 -6.17
N TYR H 349 -43.07 -20.02 -6.85
CA TYR H 349 -41.69 -19.58 -7.05
C TYR H 349 -40.94 -19.38 -5.75
N HIS H 350 -41.61 -18.82 -4.74
CA HIS H 350 -40.98 -18.60 -3.43
C HIS H 350 -40.43 -19.90 -2.85
N TRP H 351 -41.24 -20.95 -2.89
CA TRP H 351 -40.83 -22.26 -2.39
C TRP H 351 -39.64 -22.78 -3.19
N ALA H 352 -39.74 -22.77 -4.52
CA ALA H 352 -38.64 -23.20 -5.37
C ALA H 352 -37.36 -22.38 -5.14
N ARG H 353 -37.53 -21.08 -4.92
CA ARG H 353 -36.41 -20.18 -4.70
C ARG H 353 -35.65 -20.53 -3.45
N LEU H 354 -36.37 -20.82 -2.36
CA LEU H 354 -35.72 -21.20 -1.10
C LEU H 354 -35.07 -22.59 -1.13
N ILE H 355 -35.52 -23.45 -2.03
CA ILE H 355 -34.88 -24.75 -2.26
C ILE H 355 -33.54 -24.55 -2.97
N GLU H 356 -33.50 -23.61 -3.91
CA GLU H 356 -32.25 -23.23 -4.57
C GLU H 356 -31.27 -22.57 -3.61
N MET H 357 -31.78 -21.71 -2.74
CA MET H 357 -30.94 -21.12 -1.70
C MET H 357 -30.22 -22.22 -0.92
N LEU H 358 -30.97 -23.21 -0.44
CA LEU H 358 -30.39 -24.33 0.30
C LEU H 358 -29.39 -25.11 -0.55
N HIS H 359 -29.74 -25.31 -1.82
CA HIS H 359 -28.86 -26.01 -2.77
C HIS H 359 -27.51 -25.30 -2.89
N CYS H 360 -27.56 -23.97 -3.02
CA CYS H 360 -26.35 -23.18 -3.11
C CYS H 360 -25.50 -23.29 -1.84
N ALA H 361 -26.18 -23.25 -0.69
CA ALA H 361 -25.52 -23.38 0.59
C ALA H 361 -24.83 -24.74 0.73
N GLU H 362 -25.49 -25.79 0.25
CA GLU H 362 -24.90 -27.13 0.22
C GLU H 362 -23.74 -27.23 -0.76
N LEU H 363 -23.89 -26.59 -1.92
CA LEU H 363 -22.83 -26.60 -2.92
C LEU H 363 -21.57 -25.93 -2.38
N ILE H 364 -21.77 -24.77 -1.73
CA ILE H 364 -20.66 -23.95 -1.23
C ILE H 364 -19.96 -24.68 -0.10
N GLU H 365 -20.74 -25.27 0.79
CA GLU H 365 -20.22 -26.03 1.92
C GLU H 365 -19.26 -27.15 1.48
N ALA H 366 -19.57 -27.78 0.36
CA ALA H 366 -18.71 -28.82 -0.21
C ALA H 366 -17.55 -28.21 -0.99
N LEU H 367 -17.85 -27.21 -1.81
CA LEU H 367 -16.83 -26.57 -2.64
C LEU H 367 -15.70 -25.97 -1.84
N LEU H 368 -16.01 -25.39 -0.68
CA LEU H 368 -15.00 -24.75 0.18
C LEU H 368 -13.98 -25.71 0.81
N THR H 369 -14.23 -27.02 0.75
CA THR H 369 -13.27 -28.03 1.18
C THR H 369 -12.30 -28.40 0.07
N ASP H 370 -12.48 -27.83 -1.12
CA ASP H 370 -11.68 -28.16 -2.30
C ASP H 370 -10.44 -27.26 -2.39
N ALA H 371 -9.27 -27.87 -2.29
CA ALA H 371 -8.02 -27.11 -2.26
C ALA H 371 -7.63 -26.55 -3.63
N ASP H 372 -8.29 -26.99 -4.70
CA ASP H 372 -8.09 -26.36 -6.01
C ASP H 372 -8.42 -24.87 -5.99
N LEU H 373 -9.27 -24.45 -5.06
CA LEU H 373 -9.55 -23.03 -4.86
C LEU H 373 -8.30 -22.22 -4.53
N GLU H 374 -7.31 -22.89 -3.92
CA GLU H 374 -6.00 -22.29 -3.65
C GLU H 374 -4.92 -22.62 -4.70
N GLY H 375 -5.30 -23.26 -5.80
CA GLY H 375 -4.33 -23.75 -6.78
C GLY H 375 -3.80 -22.68 -7.70
N GLY H 376 -3.02 -23.12 -8.69
CA GLY H 376 -2.43 -22.22 -9.66
C GLY H 376 -2.74 -22.64 -11.08
N GLU H 377 -3.91 -23.23 -11.28
CA GLU H 377 -4.41 -23.54 -12.62
C GLU H 377 -5.47 -22.51 -12.96
N LEU H 378 -5.00 -21.28 -13.21
CA LEU H 378 -5.82 -20.08 -13.24
C LEU H 378 -6.42 -19.73 -14.59
N ARG H 379 -5.67 -19.98 -15.65
CA ARG H 379 -6.06 -19.46 -16.96
C ARG H 379 -5.59 -20.35 -18.11
N ALA H 380 -6.30 -20.29 -19.23
CA ALA H 380 -6.00 -21.11 -20.40
C ALA H 380 -6.06 -20.29 -21.67
N ARG H 381 -5.29 -20.75 -22.66
CA ARG H 381 -5.16 -20.08 -23.97
C ARG H 381 -5.79 -20.98 -25.00
N GLY H 382 -6.20 -20.40 -26.12
CA GLY H 382 -6.78 -21.18 -27.20
C GLY H 382 -6.74 -20.44 -28.51
N GLN H 383 -7.50 -20.95 -29.48
CA GLN H 383 -7.55 -20.36 -30.81
C GLN H 383 -8.59 -19.26 -30.90
N ARG H 384 -8.13 -18.07 -31.27
CA ARG H 384 -9.00 -16.90 -31.42
C ARG H 384 -10.08 -17.09 -32.48
N GLN H 385 -11.29 -16.65 -32.16
CA GLN H 385 -12.39 -16.61 -33.12
C GLN H 385 -13.16 -15.29 -32.95
N HIS H 386 -14.16 -15.05 -33.80
CA HIS H 386 -14.85 -13.76 -33.84
C HIS H 386 -16.16 -13.74 -33.07
N ARG H 387 -16.69 -14.89 -32.70
CA ARG H 387 -18.00 -14.98 -32.06
C ARG H 387 -17.92 -15.69 -30.71
N GLY H 388 -18.63 -15.16 -29.72
CA GLY H 388 -18.67 -15.75 -28.38
C GLY H 388 -20.03 -15.64 -27.71
N VAL H 389 -20.52 -16.76 -27.18
CA VAL H 389 -21.81 -16.81 -26.48
C VAL H 389 -21.64 -17.43 -25.10
N GLY H 390 -22.18 -16.73 -24.11
CA GLY H 390 -22.08 -17.15 -22.73
C GLY H 390 -23.45 -17.23 -22.14
N VAL H 391 -23.76 -18.39 -21.57
CA VAL H 391 -25.06 -18.65 -21.00
C VAL H 391 -24.87 -19.18 -19.58
N ILE H 392 -25.74 -18.74 -18.68
CA ILE H 392 -25.65 -19.13 -17.28
C ILE H 392 -27.05 -19.01 -16.64
N GLU H 393 -27.30 -19.75 -15.57
CA GLU H 393 -28.55 -19.58 -14.84
C GLU H 393 -28.35 -18.52 -13.78
N ALA H 394 -28.84 -17.32 -14.06
CA ALA H 394 -28.80 -16.22 -13.09
C ALA H 394 -29.88 -16.52 -12.08
N PRO H 395 -29.92 -15.78 -10.96
CA PRO H 395 -30.87 -16.14 -9.91
C PRO H 395 -32.33 -16.25 -10.36
N ARG H 396 -32.69 -15.53 -11.41
CA ARG H 396 -34.07 -15.40 -11.85
C ARG H 396 -34.39 -16.11 -13.17
N GLY H 397 -33.40 -16.71 -13.81
CA GLY H 397 -33.63 -17.50 -15.01
C GLY H 397 -32.41 -17.45 -15.91
N THR H 398 -32.50 -18.20 -17.00
CA THR H 398 -31.42 -18.26 -17.99
C THR H 398 -30.98 -16.89 -18.48
N LEU H 399 -29.67 -16.68 -18.59
CA LEU H 399 -29.12 -15.41 -19.07
C LEU H 399 -28.24 -15.70 -20.27
N ILE H 400 -28.38 -14.89 -21.31
CA ILE H 400 -27.63 -15.07 -22.55
C ILE H 400 -26.85 -13.80 -22.95
N HIS H 401 -25.53 -13.95 -23.10
CA HIS H 401 -24.65 -12.90 -23.62
C HIS H 401 -24.06 -13.33 -24.94
N HIS H 402 -24.13 -12.45 -25.93
CA HIS H 402 -23.59 -12.71 -27.25
C HIS H 402 -22.73 -11.51 -27.62
N TYR H 403 -21.45 -11.75 -27.92
CA TYR H 403 -20.55 -10.70 -28.41
C TYR H 403 -19.86 -11.15 -29.68
N GLU H 404 -19.61 -10.22 -30.58
CA GLU H 404 -18.77 -10.46 -31.75
C GLU H 404 -17.67 -9.42 -31.82
N VAL H 405 -16.47 -9.85 -32.21
CA VAL H 405 -15.29 -9.00 -32.15
C VAL H 405 -14.45 -9.10 -33.41
N GLY H 406 -14.00 -7.95 -33.91
CA GLY H 406 -13.19 -7.90 -35.11
C GLY H 406 -11.74 -8.28 -34.86
N ASP H 407 -10.99 -8.32 -35.95
CA ASP H 407 -9.56 -8.60 -35.91
C ASP H 407 -8.85 -7.61 -34.99
N ASP H 408 -9.33 -6.37 -34.97
CA ASP H 408 -8.76 -5.34 -34.11
C ASP H 408 -9.07 -5.42 -32.59
N ASP H 409 -9.88 -6.40 -32.15
CA ASP H 409 -10.22 -6.62 -30.72
C ASP H 409 -11.37 -5.74 -30.20
N LEU H 410 -11.97 -4.96 -31.09
CA LEU H 410 -13.09 -4.10 -30.76
C LEU H 410 -14.40 -4.82 -31.04
N ILE H 411 -15.36 -4.66 -30.13
CA ILE H 411 -16.64 -5.30 -30.22
C ILE H 411 -17.37 -4.72 -31.43
N THR H 412 -17.83 -5.60 -32.30
CA THR H 412 -18.64 -5.20 -33.45
C THR H 412 -20.11 -5.41 -33.21
N TYR H 413 -20.46 -6.35 -32.32
CA TYR H 413 -21.86 -6.68 -32.05
C TYR H 413 -22.04 -7.19 -30.64
N CYS H 414 -23.13 -6.79 -30.01
CA CYS H 414 -23.49 -7.31 -28.69
C CYS H 414 -24.99 -7.53 -28.61
N ASN H 415 -25.41 -8.68 -28.08
CA ASN H 415 -26.81 -8.93 -27.74
C ASN H 415 -26.95 -9.56 -26.35
N LEU H 416 -27.83 -8.99 -25.53
CA LEU H 416 -28.10 -9.51 -24.20
C LEU H 416 -29.56 -9.89 -24.09
N ILE H 417 -29.84 -11.14 -23.79
CA ILE H 417 -31.20 -11.58 -23.46
C ILE H 417 -31.17 -11.97 -22.00
N VAL H 418 -31.92 -11.25 -21.19
CA VAL H 418 -31.81 -11.40 -19.74
C VAL H 418 -32.98 -12.22 -19.20
N SER H 419 -32.77 -12.77 -18.01
CA SER H 419 -33.71 -13.72 -17.43
C SER H 419 -35.15 -13.19 -17.36
N THR H 420 -35.28 -11.93 -17.00
CA THR H 420 -36.60 -11.34 -16.80
C THR H 420 -37.33 -11.18 -18.13
N THR H 421 -36.58 -10.92 -19.21
CA THR H 421 -37.13 -10.83 -20.56
C THR H 421 -37.85 -12.13 -20.93
N HIS H 422 -37.24 -13.25 -20.57
CA HIS H 422 -37.82 -14.56 -20.82
C HIS H 422 -39.19 -14.73 -20.18
N ASN H 423 -39.36 -14.14 -19.00
CA ASN H 423 -40.61 -14.25 -18.23
C ASN H 423 -41.59 -13.10 -18.48
N ASN H 424 -41.39 -12.34 -19.55
CA ASN H 424 -42.23 -11.17 -19.81
C ASN H 424 -43.71 -11.55 -20.03
N ALA H 425 -43.94 -12.52 -20.92
CA ALA H 425 -45.31 -12.94 -21.23
C ALA H 425 -46.02 -13.42 -19.97
N VAL H 426 -45.41 -14.38 -19.31
CA VAL H 426 -46.05 -15.06 -18.19
C VAL H 426 -46.23 -14.16 -16.97
N MET H 427 -45.45 -13.09 -16.87
CA MET H 427 -45.64 -12.11 -15.78
C MET H 427 -46.86 -11.24 -16.03
N ASN H 428 -47.08 -10.89 -17.30
CA ASN H 428 -48.28 -10.16 -17.69
C ASN H 428 -49.52 -11.01 -17.44
N GLN H 429 -49.47 -12.25 -17.92
CA GLN H 429 -50.49 -13.25 -17.66
C GLN H 429 -50.81 -13.38 -16.16
N ALA H 430 -49.77 -13.43 -15.34
CA ALA H 430 -49.93 -13.62 -13.89
C ALA H 430 -50.42 -12.36 -13.17
N VAL H 431 -50.09 -11.19 -13.72
CA VAL H 431 -50.62 -9.94 -13.19
C VAL H 431 -52.10 -9.78 -13.60
N THR H 432 -52.42 -10.22 -14.81
CA THR H 432 -53.80 -10.28 -15.29
C THR H 432 -54.64 -11.15 -14.35
N THR H 433 -54.23 -12.41 -14.20
CA THR H 433 -54.91 -13.35 -13.32
C THR H 433 -55.17 -12.77 -11.92
N ALA H 434 -54.17 -12.11 -11.37
CA ALA H 434 -54.26 -11.56 -10.01
C ALA H 434 -55.10 -10.27 -9.97
N ALA H 435 -55.17 -9.57 -11.10
CA ALA H 435 -55.96 -8.35 -11.19
C ALA H 435 -57.46 -8.67 -11.13
N LYS H 436 -57.88 -9.66 -11.90
CA LYS H 436 -59.29 -10.08 -11.89
C LYS H 436 -59.66 -10.92 -10.67
N ALA H 437 -58.70 -11.59 -10.06
CA ALA H 437 -58.97 -12.33 -8.83
C ALA H 437 -59.23 -11.40 -7.63
N PHE H 438 -58.64 -10.20 -7.64
CA PHE H 438 -58.72 -9.29 -6.49
C PHE H 438 -59.21 -7.87 -6.78
N LEU H 439 -59.40 -7.50 -8.05
CA LEU H 439 -59.86 -6.14 -8.39
C LEU H 439 -61.14 -6.07 -9.26
N SER H 440 -61.47 -7.13 -9.99
CA SER H 440 -62.80 -7.23 -10.64
C SER H 440 -63.89 -7.01 -9.57
N GLY H 441 -63.60 -7.48 -8.36
CA GLY H 441 -64.31 -7.03 -7.17
C GLY H 441 -63.75 -5.70 -6.68
N VAL H 442 -64.07 -4.64 -7.44
CA VAL H 442 -63.86 -3.26 -6.98
C VAL H 442 -64.55 -3.13 -5.61
N THR H 443 -64.29 -2.09 -4.82
CA THR H 443 -63.45 -0.94 -5.18
C THR H 443 -62.01 -1.18 -4.76
N LEU H 444 -61.14 -0.25 -5.16
CA LEU H 444 -59.70 -0.38 -5.00
C LEU H 444 -59.24 0.12 -3.63
N THR H 445 -58.32 -0.63 -3.02
CA THR H 445 -57.69 -0.25 -1.75
C THR H 445 -56.20 -0.51 -1.87
N GLU H 446 -55.43 0.22 -1.07
CA GLU H 446 -53.97 0.06 -1.00
C GLU H 446 -53.61 -1.43 -0.86
N ALA H 447 -54.21 -2.08 0.13
CA ALA H 447 -54.00 -3.50 0.39
C ALA H 447 -54.33 -4.42 -0.79
N LEU H 448 -55.39 -4.11 -1.52
CA LEU H 448 -55.80 -4.95 -2.66
C LEU H 448 -54.88 -4.79 -3.86
N LEU H 449 -54.36 -3.58 -4.04
CA LEU H 449 -53.35 -3.35 -5.09
C LEU H 449 -52.04 -4.06 -4.76
N ASN H 450 -51.67 -4.06 -3.48
CA ASN H 450 -50.51 -4.83 -3.00
C ASN H 450 -50.56 -6.31 -3.39
N HIS H 451 -51.78 -6.88 -3.51
CA HIS H 451 -51.95 -8.26 -3.97
C HIS H 451 -51.45 -8.44 -5.40
N ILE H 452 -51.57 -7.39 -6.21
CA ILE H 452 -51.05 -7.43 -7.59
C ILE H 452 -49.53 -7.40 -7.53
N GLU H 453 -48.99 -6.56 -6.64
CA GLU H 453 -47.55 -6.49 -6.44
C GLU H 453 -47.00 -7.81 -5.91
N VAL H 454 -47.75 -8.48 -5.03
CA VAL H 454 -47.38 -9.80 -4.55
C VAL H 454 -47.20 -10.78 -5.70
N ALA H 455 -48.07 -10.70 -6.70
CA ALA H 455 -47.96 -11.59 -7.88
C ALA H 455 -46.67 -11.32 -8.66
N VAL H 456 -46.29 -10.05 -8.76
CA VAL H 456 -45.09 -9.62 -9.46
C VAL H 456 -43.84 -10.07 -8.70
N ARG H 457 -43.80 -9.72 -7.41
CA ARG H 457 -42.70 -10.10 -6.52
C ARG H 457 -42.43 -11.60 -6.55
N ALA H 458 -43.47 -12.41 -6.72
CA ALA H 458 -43.31 -13.85 -6.81
C ALA H 458 -42.24 -14.25 -7.80
N PHE H 459 -42.15 -13.51 -8.90
CA PHE H 459 -41.16 -13.80 -9.94
C PHE H 459 -39.79 -13.23 -9.61
N ASP H 460 -39.75 -12.25 -8.70
CA ASP H 460 -38.51 -11.55 -8.36
C ASP H 460 -37.90 -11.04 -9.66
N PRO H 461 -38.56 -10.07 -10.30
CA PRO H 461 -38.11 -9.66 -11.62
C PRO H 461 -36.87 -8.77 -11.57
N CYS H 462 -35.90 -9.04 -12.45
CA CYS H 462 -34.73 -8.17 -12.61
C CYS H 462 -35.06 -7.02 -13.52
N LEU H 463 -35.60 -5.96 -12.95
CA LEU H 463 -36.00 -4.84 -13.77
C LEU H 463 -34.77 -4.01 -14.13
N SER H 464 -33.76 -4.00 -13.28
CA SER H 464 -32.48 -3.36 -13.64
C SER H 464 -31.84 -4.05 -14.86
N CYS H 465 -31.68 -5.37 -14.80
CA CYS H 465 -31.11 -6.13 -15.91
C CYS H 465 -31.91 -5.97 -17.19
N ALA H 466 -33.23 -5.89 -17.06
CA ALA H 466 -34.12 -5.72 -18.21
C ALA H 466 -33.96 -4.34 -18.83
N THR H 467 -33.62 -3.36 -17.99
CA THR H 467 -33.34 -2.00 -18.43
C THR H 467 -31.90 -1.90 -18.98
N HIS H 468 -31.69 -2.24 -20.24
CA HIS H 468 -30.35 -2.21 -20.81
C HIS H 468 -30.28 -1.63 -22.23
#